data_7XD9
#
_entry.id   7XD9
#
_cell.length_a   139.430
_cell.length_b   154.580
_cell.length_c   172.351
_cell.angle_alpha   90.000
_cell.angle_beta   94.680
_cell.angle_gamma   90.000
#
_symmetry.space_group_name_H-M   'P 1 21 1'
#
loop_
_entity.id
_entity.type
_entity.pdbx_description
1 polymer NS5
2 polymer 'RNA (30-mer)'
3 polymer 'RNA (9-mer)'
4 non-polymer 'MAGNESIUM ION'
5 non-polymer 'ZINC ION'
6 non-polymer GLYCEROL
7 non-polymer "CYTIDINE-5'-TRIPHOSPHATE"
8 water water
#
loop_
_entity_poly.entity_id
_entity_poly.type
_entity_poly.pdbx_seq_one_letter_code
_entity_poly.pdbx_strand_id
1 'polypeptide(L)'
;NIGIESETPNLDIIGKRIEKIKQEHETSWHYDQDHPYKTWAYHGSYETKQTGSASSMVNGVVRLLTKPWDIIPMVTQMAM
TDTTPFGQQRVFKEKVDTRTQEPKEGTKKLMKITAEWLWKELGKKKTPRMCTREEFTRKVRSNAALGAIFTDENKWKSAR
EAVEDSGFWELVDKERNLHLEGKCETCVYNMMGKREKKLGEFGKAKGSRAIWYMWLGARFLEFEALGFLNEDHWFSRENS
LSGVEGEGLHKLGYILRDVSKKEGGAMYADDTAGWDTRITLEDLKNEEMVTNHMEGEHKKLAEAIFKLTYQNKVVRVQRP
TPRGTVMDIISRRDQRGSGQVVTYGLNTFTNMEAQLIRQMEGEGVFKSIQHLTVTEEIAVKNWLVRVGRERLSRMAISGD
DCVVKPLDDRFASALTALNDMGKVRKDIQQWEPSRGWNDWTQVPFCSHHFHELIMKDGRVLVVPCRNQDELIGRARISQG
AGWSLRETACLGKSYAQMWSLMYFHRRDLRLAANAICSAVPSHWVPTSRTTWSIHATHEWMTTEDMLTVWNRVWIQENPW
MEDKTPVESWEEIPYLGKREDQWCGSLIGLTSRATWAKNIQTAINQVRSLIGNEEYTDYMPSMKRFRREEEEAGVLWGSS
SHHHHHH
;
A,D,G,J,M,P
2 'polyribonucleotide' GGGAGAUGAAAAUCUCCAACGAUUAUAUCC B,E,H,K,N,Q
3 'polyribonucleotide' GGAUAUAAU C,F,I,L,O,R
#
# COMPACT_ATOMS: atom_id res chain seq x y z
N ILE A 4 -0.54 1.06 -3.82
CA ILE A 4 0.35 0.74 -2.69
C ILE A 4 0.66 2.00 -1.90
N GLU A 5 0.88 3.11 -2.61
CA GLU A 5 1.35 4.34 -1.99
C GLU A 5 0.26 5.38 -1.75
N SER A 6 -0.98 5.09 -2.11
CA SER A 6 -2.02 6.10 -2.01
C SER A 6 -2.32 6.44 -0.55
N GLU A 7 -2.82 7.66 -0.35
CA GLU A 7 -3.12 8.16 0.98
C GLU A 7 -4.52 7.76 1.41
N THR A 8 -4.64 7.27 2.64
CA THR A 8 -5.90 6.91 3.32
C THR A 8 -6.34 7.99 4.32
N PRO A 9 -7.16 8.95 3.92
CA PRO A 9 -7.59 9.99 4.88
C PRO A 9 -8.43 9.42 6.01
N ASN A 10 -8.36 10.10 7.17
CA ASN A 10 -9.24 9.86 8.30
C ASN A 10 -10.29 10.97 8.26
N LEU A 11 -11.44 10.68 7.65
CA LEU A 11 -12.41 11.75 7.47
C LEU A 11 -13.20 12.04 8.75
N ASP A 12 -13.14 11.16 9.74
CA ASP A 12 -13.73 11.52 11.02
C ASP A 12 -12.94 12.64 11.70
N ILE A 13 -11.73 12.93 11.24
CA ILE A 13 -10.87 13.94 11.84
C ILE A 13 -10.72 15.18 10.97
N ILE A 14 -10.50 15.00 9.67
CA ILE A 14 -10.35 16.11 8.75
C ILE A 14 -11.64 16.46 8.04
N GLY A 15 -12.74 15.80 8.38
CA GLY A 15 -13.94 15.88 7.56
C GLY A 15 -14.62 17.23 7.66
N LYS A 16 -14.79 17.73 8.90
CA LYS A 16 -15.46 19.02 9.08
C LYS A 16 -14.69 20.15 8.38
N ARG A 17 -13.34 20.14 8.46
CA ARG A 17 -12.56 21.19 7.79
C ARG A 17 -12.87 21.26 6.31
N ILE A 18 -12.82 20.10 5.62
CA ILE A 18 -13.06 20.10 4.19
C ILE A 18 -14.45 20.59 3.87
N GLU A 19 -15.44 20.15 4.65
CA GLU A 19 -16.79 20.62 4.41
C GLU A 19 -16.90 22.13 4.58
N LYS A 20 -16.23 22.68 5.60
CA LYS A 20 -16.27 24.13 5.82
C LYS A 20 -15.66 24.88 4.65
N ILE A 21 -14.54 24.39 4.12
CA ILE A 21 -13.94 25.05 2.97
C ILE A 21 -14.91 24.99 1.79
N LYS A 22 -15.43 23.78 1.53
CA LYS A 22 -16.42 23.57 0.47
C LYS A 22 -17.58 24.55 0.59
N GLN A 23 -18.16 24.64 1.80
CA GLN A 23 -19.32 25.49 2.03
C GLN A 23 -19.07 26.92 1.58
N GLU A 24 -17.87 27.43 1.83
CA GLU A 24 -17.58 28.79 1.43
C GLU A 24 -17.28 28.90 -0.05
N HIS A 25 -17.28 27.79 -0.78
CA HIS A 25 -16.89 27.85 -2.18
C HIS A 25 -17.79 26.96 -3.04
N GLU A 26 -19.09 26.91 -2.72
CA GLU A 26 -20.00 26.03 -3.46
C GLU A 26 -20.12 26.44 -4.93
N THR A 27 -19.97 27.73 -5.23
CA THR A 27 -20.11 28.20 -6.60
C THR A 27 -19.12 27.53 -7.54
N SER A 28 -17.93 27.19 -7.07
CA SER A 28 -16.90 26.64 -7.93
C SER A 28 -16.38 25.28 -7.51
N TRP A 29 -16.87 24.73 -6.40
CA TRP A 29 -16.37 23.46 -5.91
C TRP A 29 -16.71 22.34 -6.88
N HIS A 30 -15.68 21.64 -7.35
CA HIS A 30 -15.85 20.46 -8.17
C HIS A 30 -14.92 19.37 -7.68
N TYR A 31 -14.89 18.24 -8.39
CA TYR A 31 -13.96 17.16 -8.10
C TYR A 31 -13.27 16.81 -9.40
N ASP A 32 -12.32 17.65 -9.80
CA ASP A 32 -11.42 17.34 -10.90
C ASP A 32 -10.93 15.90 -10.83
N GLN A 33 -11.16 15.14 -11.90
CA GLN A 33 -10.58 13.81 -11.98
C GLN A 33 -9.23 13.81 -12.70
N ASP A 34 -8.77 14.98 -13.18
CA ASP A 34 -7.45 15.19 -13.74
C ASP A 34 -6.45 15.77 -12.73
N HIS A 35 -6.68 15.56 -11.44
CA HIS A 35 -5.77 16.09 -10.43
C HIS A 35 -4.48 15.27 -10.41
N PRO A 36 -3.32 15.90 -10.28
CA PRO A 36 -2.04 15.18 -10.38
C PRO A 36 -1.63 14.46 -9.11
N TYR A 37 -2.38 14.57 -8.04
CA TYR A 37 -1.90 14.07 -6.76
C TYR A 37 -1.87 12.55 -6.77
N LYS A 38 -0.67 11.98 -6.68
CA LYS A 38 -0.48 10.53 -6.58
C LYS A 38 -0.35 10.02 -5.14
N THR A 39 0.25 10.75 -4.21
CA THR A 39 0.42 10.24 -2.85
C THR A 39 -0.38 10.99 -1.83
N TRP A 40 -1.11 12.03 -2.24
CA TRP A 40 -1.94 12.81 -1.33
C TRP A 40 -3.42 12.51 -1.58
N ALA A 41 -4.20 12.39 -0.53
CA ALA A 41 -5.65 12.41 -0.70
C ALA A 41 -6.07 13.74 -1.31
N TYR A 42 -6.92 13.69 -2.32
CA TYR A 42 -7.47 14.87 -2.96
C TYR A 42 -8.95 14.94 -2.67
N HIS A 43 -9.48 16.14 -2.43
CA HIS A 43 -10.84 16.29 -1.97
C HIS A 43 -11.70 17.19 -2.84
N GLY A 44 -11.12 18.04 -3.66
CA GLY A 44 -11.88 18.93 -4.51
C GLY A 44 -11.04 20.12 -4.91
N SER A 45 -11.65 20.98 -5.74
CA SER A 45 -11.01 22.20 -6.19
C SER A 45 -12.05 23.30 -6.31
N TYR A 46 -11.57 24.52 -6.54
CA TYR A 46 -12.44 25.67 -6.79
C TYR A 46 -11.59 26.77 -7.41
N GLU A 47 -12.26 27.75 -8.02
CA GLU A 47 -11.54 28.81 -8.70
C GLU A 47 -10.78 29.66 -7.69
N THR A 48 -9.66 30.22 -8.13
CA THR A 48 -8.84 31.09 -7.30
C THR A 48 -8.03 32.00 -8.22
N LYS A 49 -7.24 32.90 -7.63
CA LYS A 49 -6.40 33.76 -8.45
C LYS A 49 -4.94 33.50 -8.16
N GLN A 50 -4.13 33.65 -9.20
CA GLN A 50 -2.72 33.33 -9.17
C GLN A 50 -1.96 34.22 -8.17
N THR A 51 -1.26 33.60 -7.22
CA THR A 51 -0.30 34.29 -6.39
C THR A 51 1.10 33.75 -6.66
N GLY A 52 2.09 34.57 -6.35
CA GLY A 52 3.46 34.17 -6.48
C GLY A 52 4.16 34.97 -7.58
N SER A 53 5.45 34.72 -7.69
CA SER A 53 6.26 35.41 -8.68
C SER A 53 7.36 34.47 -9.16
N ALA A 54 7.92 34.80 -10.33
CA ALA A 54 9.09 34.10 -10.84
C ALA A 54 10.12 35.07 -11.40
N SER A 55 9.95 36.36 -11.20
CA SER A 55 10.89 37.32 -11.74
C SER A 55 12.03 37.60 -10.76
N SER A 56 13.03 38.31 -11.27
CA SER A 56 14.23 38.69 -10.54
C SER A 56 14.58 40.11 -10.93
N MET A 57 15.05 40.88 -9.97
CA MET A 57 15.61 42.19 -10.25
C MET A 57 17.13 42.13 -10.18
N VAL A 58 17.79 42.83 -11.12
CA VAL A 58 19.24 42.98 -11.12
C VAL A 58 19.61 44.10 -10.19
N ASN A 59 20.68 43.91 -9.41
CA ASN A 59 21.22 44.91 -8.50
C ASN A 59 22.37 45.59 -9.24
N GLY A 60 22.04 46.70 -9.90
CA GLY A 60 22.97 47.32 -10.83
C GLY A 60 24.31 47.63 -10.20
N VAL A 61 24.30 48.14 -8.99
CA VAL A 61 25.56 48.60 -8.39
C VAL A 61 26.51 47.42 -8.23
N VAL A 62 26.00 46.27 -7.78
CA VAL A 62 26.88 45.12 -7.57
C VAL A 62 27.30 44.49 -8.90
N ARG A 63 26.37 44.36 -9.85
CA ARG A 63 26.77 43.85 -11.17
C ARG A 63 27.82 44.74 -11.81
N LEU A 64 27.62 46.05 -11.78
CA LEU A 64 28.61 46.93 -12.38
C LEU A 64 29.96 46.82 -11.70
N LEU A 65 30.01 46.42 -10.43
CA LEU A 65 31.28 46.41 -9.73
C LEU A 65 31.91 45.02 -9.65
N THR A 66 31.32 44.01 -10.29
CA THR A 66 31.85 42.65 -10.24
C THR A 66 31.99 42.10 -11.66
N LYS A 67 32.62 42.87 -12.55
CA LYS A 67 32.66 42.49 -13.96
C LYS A 67 33.35 41.16 -14.25
N PRO A 68 34.52 40.84 -13.65
CA PRO A 68 35.12 39.53 -13.93
C PRO A 68 34.19 38.33 -13.76
N TRP A 69 33.14 38.47 -12.94
CA TRP A 69 32.18 37.40 -12.67
C TRP A 69 31.04 37.36 -13.69
N ASP A 70 30.97 38.34 -14.60
CA ASP A 70 29.98 38.26 -15.67
C ASP A 70 30.13 37.02 -16.53
N ILE A 71 31.34 36.45 -16.59
CA ILE A 71 31.65 35.35 -17.50
C ILE A 71 31.63 34.01 -16.77
N ILE A 72 31.07 33.96 -15.56
CA ILE A 72 31.06 32.79 -14.69
C ILE A 72 29.62 32.36 -14.45
N PRO A 73 29.17 31.24 -15.03
CA PRO A 73 27.75 30.87 -14.92
C PRO A 73 27.32 30.51 -13.51
N MET A 74 28.24 30.15 -12.63
CA MET A 74 27.82 29.90 -11.25
C MET A 74 27.40 31.19 -10.56
N VAL A 75 27.76 32.33 -11.12
CA VAL A 75 27.29 33.63 -10.66
C VAL A 75 26.04 34.01 -11.44
N THR A 76 26.17 34.06 -12.77
CA THR A 76 25.20 34.77 -13.59
C THR A 76 23.91 34.02 -13.79
N GLN A 77 23.86 32.73 -13.46
CA GLN A 77 22.63 31.96 -13.51
C GLN A 77 21.79 32.04 -12.22
N MET A 78 22.24 32.82 -11.23
CA MET A 78 21.49 32.98 -9.99
C MET A 78 20.18 33.73 -10.27
N ALA A 79 19.09 33.24 -9.67
CA ALA A 79 17.79 33.87 -9.85
C ALA A 79 16.92 33.71 -8.60
N MET A 80 15.88 34.53 -8.53
CA MET A 80 14.84 34.28 -7.56
C MET A 80 14.09 33.00 -7.92
N THR A 81 13.62 32.29 -6.91
CA THR A 81 12.85 31.09 -7.20
C THR A 81 11.52 31.44 -7.84
N ASP A 82 10.84 30.41 -8.35
CA ASP A 82 9.55 30.52 -9.01
C ASP A 82 8.49 30.12 -7.99
N THR A 83 7.75 31.10 -7.49
CA THR A 83 6.73 30.81 -6.49
C THR A 83 5.33 30.84 -7.04
N THR A 84 5.19 31.00 -8.37
CA THR A 84 3.92 30.83 -9.04
C THR A 84 3.40 29.41 -8.82
N PRO A 85 2.11 29.16 -9.07
CA PRO A 85 1.63 27.78 -8.93
C PRO A 85 2.35 26.80 -9.86
N PHE A 86 2.71 27.24 -11.07
CA PHE A 86 3.57 26.43 -11.92
C PHE A 86 4.83 26.00 -11.16
N GLY A 87 5.60 26.98 -10.67
CA GLY A 87 6.75 26.68 -9.83
C GLY A 87 6.43 25.78 -8.65
N GLN A 88 5.25 25.97 -8.03
CA GLN A 88 4.92 25.17 -6.85
C GLN A 88 4.57 23.74 -7.23
N GLN A 89 3.84 23.56 -8.33
CA GLN A 89 3.44 22.22 -8.71
C GLN A 89 4.64 21.39 -9.16
N ARG A 90 5.61 22.04 -9.79
CA ARG A 90 6.89 21.39 -10.06
C ARG A 90 7.50 20.81 -8.79
N VAL A 91 7.71 21.66 -7.78
CA VAL A 91 8.27 21.20 -6.52
C VAL A 91 7.37 20.14 -5.91
N PHE A 92 6.07 20.31 -6.06
CA PHE A 92 5.14 19.35 -5.49
C PHE A 92 5.29 17.98 -6.14
N LYS A 93 5.39 17.93 -7.48
CA LYS A 93 5.54 16.64 -8.15
C LYS A 93 6.92 16.06 -7.90
N GLU A 94 7.94 16.92 -7.81
CA GLU A 94 9.30 16.45 -7.60
C GLU A 94 9.48 15.89 -6.19
N LYS A 95 9.07 16.63 -5.15
CA LYS A 95 9.42 16.17 -3.80
C LYS A 95 8.26 16.02 -2.81
N VAL A 96 7.22 16.86 -2.88
CA VAL A 96 6.15 16.76 -1.89
C VAL A 96 5.23 15.58 -2.19
N ASP A 97 4.97 15.32 -3.47
CA ASP A 97 4.08 14.22 -3.86
C ASP A 97 4.87 12.93 -4.02
N THR A 98 5.38 12.44 -2.91
CA THR A 98 6.14 11.21 -2.86
C THR A 98 5.73 10.48 -1.59
N ARG A 99 6.09 9.21 -1.48
CA ARG A 99 5.73 8.43 -0.32
C ARG A 99 6.95 7.69 0.19
N THR A 100 7.12 7.68 1.50
CA THR A 100 8.15 6.89 2.15
C THR A 100 7.53 5.59 2.63
N GLN A 101 8.25 4.49 2.44
CA GLN A 101 7.79 3.18 2.88
C GLN A 101 7.78 3.11 4.40
N GLU A 102 6.79 2.44 4.96
CA GLU A 102 6.76 2.29 6.41
C GLU A 102 8.00 1.54 6.87
N PRO A 103 8.72 2.03 7.88
CA PRO A 103 9.93 1.33 8.29
C PRO A 103 9.63 -0.05 8.87
N LYS A 104 10.66 -0.86 8.95
CA LYS A 104 10.49 -2.24 9.40
C LYS A 104 10.38 -2.28 10.92
N GLU A 105 9.90 -3.41 11.44
CA GLU A 105 9.57 -3.45 12.86
C GLU A 105 10.79 -3.25 13.74
N GLY A 106 11.95 -3.78 13.32
CA GLY A 106 13.17 -3.48 14.05
C GLY A 106 13.52 -2.00 14.06
N THR A 107 13.25 -1.32 12.95
CA THR A 107 13.55 0.11 12.89
C THR A 107 12.68 0.89 13.86
N LYS A 108 11.39 0.57 13.88
CA LYS A 108 10.45 1.28 14.75
C LYS A 108 10.81 1.08 16.21
N LYS A 109 11.11 -0.16 16.61
CA LYS A 109 11.57 -0.38 17.98
C LYS A 109 12.81 0.45 18.27
N LEU A 110 13.71 0.58 17.29
CA LEU A 110 14.93 1.35 17.51
C LEU A 110 14.61 2.84 17.67
N MET A 111 13.72 3.35 16.81
CA MET A 111 13.32 4.75 16.90
C MET A 111 12.58 5.04 18.21
N LYS A 112 11.61 4.20 18.57
CA LYS A 112 10.82 4.46 19.77
C LYS A 112 11.71 4.44 21.02
N ILE A 113 12.58 3.43 21.15
CA ILE A 113 13.52 3.38 22.26
C ILE A 113 14.36 4.64 22.30
N THR A 114 14.93 5.02 21.16
CA THR A 114 15.79 6.20 21.13
C THR A 114 15.01 7.48 21.42
N ALA A 115 13.82 7.63 20.83
CA ALA A 115 13.05 8.85 21.08
C ALA A 115 12.69 8.98 22.57
N GLU A 116 12.27 7.89 23.20
CA GLU A 116 11.96 7.92 24.63
C GLU A 116 13.16 8.33 25.46
N TRP A 117 14.34 7.82 25.10
CA TRP A 117 15.54 8.17 25.85
C TRP A 117 15.92 9.62 25.60
N LEU A 118 15.61 10.12 24.41
CA LEU A 118 15.96 11.49 24.06
C LEU A 118 15.07 12.47 24.78
N TRP A 119 13.75 12.24 24.73
CA TRP A 119 12.84 13.11 25.46
C TRP A 119 13.21 13.16 26.93
N LYS A 120 13.53 12.02 27.51
CA LYS A 120 13.98 12.03 28.90
C LYS A 120 15.26 12.84 29.08
N GLU A 121 16.25 12.68 28.18
CA GLU A 121 17.47 13.48 28.35
C GLU A 121 17.22 14.97 28.10
N LEU A 122 16.40 15.31 27.12
CA LEU A 122 16.08 16.70 26.89
C LEU A 122 15.33 17.30 28.07
N GLY A 123 14.55 16.48 28.77
CA GLY A 123 13.68 16.94 29.83
C GLY A 123 14.28 16.93 31.22
N LYS A 124 15.52 16.45 31.35
CA LYS A 124 16.17 16.41 32.66
C LYS A 124 16.18 17.78 33.33
N LYS A 125 16.40 18.82 32.54
CA LYS A 125 16.55 20.17 33.07
C LYS A 125 15.55 21.13 32.45
N LYS A 126 14.48 20.61 31.88
CA LYS A 126 13.44 21.45 31.33
C LYS A 126 12.11 20.78 31.59
N THR A 127 11.05 21.58 31.52
CA THR A 127 9.74 21.06 31.83
C THR A 127 8.75 21.60 30.80
N PRO A 128 8.03 20.73 30.12
CA PRO A 128 7.02 21.21 29.18
C PRO A 128 6.08 22.15 29.89
N ARG A 129 5.66 23.19 29.19
CA ARG A 129 4.76 24.17 29.78
C ARG A 129 3.97 24.82 28.66
N MET A 130 2.86 25.42 29.02
CA MET A 130 2.07 26.17 28.07
C MET A 130 2.68 27.54 27.86
N CYS A 131 2.43 28.10 26.69
CA CYS A 131 2.75 29.49 26.40
C CYS A 131 1.46 30.30 26.41
N THR A 132 1.59 31.59 26.67
CA THR A 132 0.44 32.47 26.91
C THR A 132 0.11 33.31 25.70
N ARG A 133 -1.11 33.86 25.71
CA ARG A 133 -1.50 34.81 24.68
C ARG A 133 -0.65 36.07 24.74
N GLU A 134 -0.23 36.47 25.94
CA GLU A 134 0.64 37.64 26.05
C GLU A 134 2.01 37.36 25.43
N GLU A 135 2.56 36.18 25.70
CA GLU A 135 3.80 35.76 25.05
C GLU A 135 3.66 35.77 23.53
N PHE A 136 2.53 35.24 23.03
CA PHE A 136 2.30 35.24 21.58
C PHE A 136 2.19 36.66 21.05
N THR A 137 1.46 37.53 21.77
CA THR A 137 1.28 38.89 21.29
C THR A 137 2.59 39.66 21.24
N ARG A 138 3.50 39.38 22.17
CA ARG A 138 4.81 40.03 22.11
C ARG A 138 5.71 39.41 21.06
N LYS A 139 5.50 38.13 20.68
CA LYS A 139 6.44 37.53 19.76
C LYS A 139 6.06 37.70 18.29
N VAL A 140 4.78 37.63 17.96
CA VAL A 140 4.42 37.61 16.55
C VAL A 140 4.80 38.96 15.92
N ARG A 141 5.44 38.90 14.76
CA ARG A 141 5.64 40.11 13.97
C ARG A 141 4.31 40.76 13.64
N SER A 142 4.32 42.09 13.63
CA SER A 142 3.11 42.85 13.36
C SER A 142 2.53 42.49 12.00
N ASN A 143 3.38 42.23 11.01
CA ASN A 143 2.97 41.94 9.64
C ASN A 143 3.03 40.44 9.31
N ALA A 144 3.08 39.60 10.33
CA ALA A 144 2.99 38.17 10.10
C ALA A 144 1.69 37.85 9.37
N ALA A 145 1.77 36.88 8.46
CA ALA A 145 0.62 36.49 7.65
C ALA A 145 -0.54 36.10 8.55
N LEU A 146 -1.70 36.68 8.26
CA LEU A 146 -2.92 36.18 8.85
C LEU A 146 -3.25 34.79 8.33
N GLY A 147 -3.05 34.58 7.03
CA GLY A 147 -3.34 33.29 6.43
C GLY A 147 -4.78 32.88 6.62
N ALA A 148 -5.71 33.81 6.42
CA ALA A 148 -7.11 33.53 6.73
C ALA A 148 -7.66 32.52 5.73
N ILE A 149 -8.14 31.39 6.23
CA ILE A 149 -8.74 30.37 5.40
C ILE A 149 -10.23 30.64 5.15
N PHE A 150 -10.99 30.86 6.23
CA PHE A 150 -12.41 31.11 6.16
C PHE A 150 -12.74 32.59 6.35
N THR A 151 -13.96 32.97 5.97
CA THR A 151 -14.31 34.39 5.89
C THR A 151 -14.41 35.04 7.27
N ASP A 152 -14.90 34.28 8.26
CA ASP A 152 -14.88 34.77 9.63
C ASP A 152 -13.50 35.24 10.07
N GLU A 153 -12.44 34.73 9.45
CA GLU A 153 -11.07 35.07 9.84
C GLU A 153 -10.48 36.19 9.01
N ASN A 154 -11.17 36.68 7.99
CA ASN A 154 -10.59 37.69 7.11
C ASN A 154 -10.96 39.12 7.51
N LYS A 155 -10.98 39.40 8.81
CA LYS A 155 -11.45 40.70 9.28
C LYS A 155 -10.34 41.74 9.44
N TRP A 156 -9.10 41.30 9.64
CA TRP A 156 -8.02 42.18 10.08
C TRP A 156 -7.02 42.45 8.95
N LYS A 157 -6.32 43.57 9.06
CA LYS A 157 -5.34 43.97 8.05
C LYS A 157 -3.91 43.64 8.42
N SER A 158 -3.66 43.22 9.66
CA SER A 158 -2.33 42.87 10.13
C SER A 158 -2.47 41.96 11.33
N ALA A 159 -1.42 41.21 11.63
CA ALA A 159 -1.46 40.37 12.81
C ALA A 159 -1.56 41.22 14.07
N ARG A 160 -0.91 42.40 14.05
CA ARG A 160 -0.97 43.32 15.18
C ARG A 160 -2.42 43.74 15.47
N GLU A 161 -3.13 44.16 14.44
CA GLU A 161 -4.53 44.52 14.63
C GLU A 161 -5.35 43.32 15.09
N ALA A 162 -5.10 42.16 14.48
CA ALA A 162 -5.83 40.95 14.86
C ALA A 162 -5.62 40.62 16.34
N VAL A 163 -4.38 40.63 16.82
CA VAL A 163 -4.14 40.18 18.18
C VAL A 163 -4.66 41.16 19.22
N GLU A 164 -5.01 42.39 18.83
CA GLU A 164 -5.55 43.37 19.77
C GLU A 164 -7.07 43.45 19.70
N ASP A 165 -7.72 42.63 18.89
CA ASP A 165 -9.17 42.56 18.82
C ASP A 165 -9.61 41.34 19.61
N SER A 166 -10.56 41.55 20.52
CA SER A 166 -11.07 40.43 21.31
C SER A 166 -11.85 39.44 20.45
N GLY A 167 -12.32 39.88 19.28
CA GLY A 167 -13.01 38.98 18.37
C GLY A 167 -12.07 37.96 17.75
N PHE A 168 -10.84 38.37 17.44
CA PHE A 168 -9.85 37.37 17.05
C PHE A 168 -9.69 36.30 18.13
N TRP A 169 -9.65 36.70 19.41
CA TRP A 169 -9.47 35.70 20.45
C TRP A 169 -10.75 34.90 20.70
N GLU A 170 -11.88 35.36 20.20
CA GLU A 170 -13.09 34.56 20.30
C GLU A 170 -13.04 33.39 19.33
N LEU A 171 -12.57 33.63 18.10
CA LEU A 171 -12.33 32.53 17.16
C LEU A 171 -11.37 31.51 17.75
N VAL A 172 -10.28 31.98 18.35
CA VAL A 172 -9.34 31.07 18.99
C VAL A 172 -10.03 30.26 20.07
N ASP A 173 -10.83 30.91 20.90
CA ASP A 173 -11.52 30.21 21.99
C ASP A 173 -12.49 29.16 21.46
N LYS A 174 -13.23 29.46 20.39
CA LYS A 174 -14.13 28.45 19.81
C LYS A 174 -13.36 27.20 19.46
N GLU A 175 -12.21 27.38 18.82
CA GLU A 175 -11.45 26.25 18.32
C GLU A 175 -10.60 25.62 19.41
N ARG A 176 -10.09 26.42 20.33
CA ARG A 176 -9.41 25.83 21.48
C ARG A 176 -10.35 24.92 22.26
N ASN A 177 -11.65 25.21 22.27
CA ASN A 177 -12.58 24.37 23.00
C ASN A 177 -12.82 23.07 22.25
N LEU A 178 -12.91 23.13 20.92
CA LEU A 178 -12.96 21.91 20.12
C LEU A 178 -11.75 21.02 20.39
N HIS A 179 -10.54 21.60 20.37
CA HIS A 179 -9.33 20.81 20.63
C HIS A 179 -9.41 20.10 21.96
N LEU A 180 -9.95 20.78 22.97
CA LEU A 180 -10.03 20.17 24.29
C LEU A 180 -11.02 19.00 24.33
N GLU A 181 -12.00 18.96 23.41
CA GLU A 181 -12.87 17.82 23.21
C GLU A 181 -12.30 16.78 22.26
N GLY A 182 -11.19 17.08 21.59
CA GLY A 182 -10.61 16.15 20.66
C GLY A 182 -11.05 16.33 19.24
N LYS A 183 -11.62 17.48 18.89
CA LYS A 183 -12.09 17.76 17.55
C LYS A 183 -11.43 19.03 17.03
N CYS A 184 -11.39 19.16 15.71
CA CYS A 184 -10.72 20.26 15.04
C CYS A 184 -11.53 20.65 13.83
N GLU A 185 -11.80 21.94 13.67
CA GLU A 185 -12.64 22.39 12.59
C GLU A 185 -12.07 23.51 11.75
N THR A 186 -11.01 24.20 12.18
CA THR A 186 -10.54 25.35 11.42
C THR A 186 -9.05 25.35 11.10
N CYS A 187 -8.28 24.38 11.61
CA CYS A 187 -6.82 24.39 11.43
C CYS A 187 -6.45 23.81 10.06
N VAL A 188 -6.30 24.70 9.09
CA VAL A 188 -6.00 24.35 7.69
C VAL A 188 -4.72 25.08 7.28
N TYR A 189 -3.91 24.42 6.43
CA TYR A 189 -2.66 25.00 5.95
C TYR A 189 -2.85 25.78 4.67
N ASN A 190 -2.31 26.99 4.62
CA ASN A 190 -2.02 27.62 3.36
C ASN A 190 -0.74 27.00 2.81
N MET A 191 -0.48 27.25 1.54
CA MET A 191 0.76 26.78 0.93
C MET A 191 1.28 27.85 -0.01
N MET A 192 2.57 28.07 0.06
CA MET A 192 3.21 29.02 -0.82
C MET A 192 4.61 28.49 -1.08
N GLY A 193 5.23 28.99 -2.13
CA GLY A 193 6.60 28.61 -2.41
C GLY A 193 7.57 29.54 -1.71
N LYS A 194 8.68 28.95 -1.27
CA LYS A 194 9.76 29.70 -0.66
C LYS A 194 10.40 30.64 -1.67
N ARG A 195 10.39 31.94 -1.38
CA ARG A 195 11.09 32.91 -2.22
C ARG A 195 12.54 32.97 -1.75
N GLU A 196 13.47 32.46 -2.57
CA GLU A 196 14.88 32.57 -2.24
C GLU A 196 15.67 32.60 -3.55
N LYS A 197 16.98 32.61 -3.40
CA LYS A 197 17.91 32.72 -4.52
C LYS A 197 18.43 31.33 -4.86
N LYS A 198 18.25 30.93 -6.11
CA LYS A 198 18.58 29.57 -6.54
C LYS A 198 19.09 29.66 -7.97
N LEU A 199 20.08 28.83 -8.31
CA LEU A 199 20.60 28.77 -9.67
C LEU A 199 19.53 28.34 -10.65
N GLY A 200 19.27 29.17 -11.67
CA GLY A 200 18.39 28.75 -12.74
C GLY A 200 19.05 27.74 -13.66
N GLU A 201 18.24 27.10 -14.51
CA GLU A 201 18.74 26.21 -15.54
C GLU A 201 17.90 26.38 -16.79
N PHE A 202 18.56 26.28 -17.94
CA PHE A 202 17.88 26.38 -19.24
C PHE A 202 17.04 27.64 -19.34
N GLY A 203 17.57 28.76 -18.85
CA GLY A 203 16.84 30.01 -18.92
C GLY A 203 15.57 30.09 -18.08
N LYS A 204 15.35 29.16 -17.15
CA LYS A 204 14.17 29.17 -16.32
C LYS A 204 14.59 29.24 -14.85
N ALA A 205 13.86 30.06 -14.08
CA ALA A 205 14.00 30.06 -12.64
C ALA A 205 13.29 28.84 -12.06
N LYS A 206 13.87 28.27 -11.02
CA LYS A 206 13.36 27.02 -10.46
C LYS A 206 12.54 27.29 -9.21
N GLY A 207 11.56 26.43 -8.95
CA GLY A 207 10.98 26.41 -7.62
C GLY A 207 11.98 25.87 -6.62
N SER A 208 11.66 25.99 -5.35
CA SER A 208 12.61 25.51 -4.35
C SER A 208 11.95 24.58 -3.33
N ARG A 209 10.95 25.06 -2.62
CA ARG A 209 10.31 24.24 -1.60
C ARG A 209 8.93 24.79 -1.27
N ALA A 210 8.17 23.95 -0.62
CA ALA A 210 6.86 24.27 -0.08
C ALA A 210 6.99 24.91 1.32
N ILE A 211 6.27 26.02 1.52
CA ILE A 211 6.03 26.60 2.85
C ILE A 211 4.55 26.42 3.18
N TRP A 212 4.27 25.79 4.32
CA TRP A 212 2.92 25.54 4.82
C TRP A 212 2.64 26.41 6.05
N TYR A 213 1.58 27.20 6.03
CA TYR A 213 1.23 27.90 7.27
C TYR A 213 -0.28 27.94 7.50
N MET A 214 -0.67 27.64 8.73
CA MET A 214 -2.06 27.75 9.15
C MET A 214 -2.37 29.21 9.43
N TRP A 215 -3.63 29.51 9.71
CA TRP A 215 -3.98 30.90 9.96
C TRP A 215 -3.48 31.32 11.35
N LEU A 216 -3.48 32.64 11.59
CA LEU A 216 -2.92 33.18 12.83
C LEU A 216 -3.48 32.53 14.08
N GLY A 217 -4.80 32.30 14.14
CA GLY A 217 -5.39 31.69 15.32
C GLY A 217 -4.87 30.28 15.55
N ALA A 218 -4.68 29.51 14.48
CA ALA A 218 -4.15 28.15 14.61
C ALA A 218 -2.68 28.18 14.98
N ARG A 219 -1.96 29.17 14.47
CA ARG A 219 -0.56 29.30 14.85
C ARG A 219 -0.42 29.66 16.33
N PHE A 220 -1.32 30.50 16.87
CA PHE A 220 -1.31 30.67 18.32
C PHE A 220 -1.49 29.32 19.00
N LEU A 221 -2.47 28.53 18.53
CA LEU A 221 -2.78 27.27 19.21
C LEU A 221 -1.59 26.32 19.18
N GLU A 222 -0.84 26.32 18.07
CA GLU A 222 0.42 25.60 17.99
C GLU A 222 1.38 26.10 19.05
N PHE A 223 1.65 27.41 19.01
CA PHE A 223 2.52 28.06 19.98
C PHE A 223 2.10 27.75 21.42
N GLU A 224 0.81 27.88 21.71
CA GLU A 224 0.38 27.67 23.09
C GLU A 224 0.83 26.29 23.57
N ALA A 225 0.60 25.26 22.75
CA ALA A 225 0.88 23.89 23.18
C ALA A 225 2.34 23.50 23.05
N LEU A 226 3.04 23.98 22.03
CA LEU A 226 4.35 23.42 21.72
C LEU A 226 5.45 24.45 21.67
N GLY A 227 5.13 25.75 21.65
CA GLY A 227 6.14 26.79 21.63
C GLY A 227 7.23 26.60 22.65
N PHE A 228 6.95 25.89 23.73
CA PHE A 228 7.95 25.75 24.77
C PHE A 228 9.23 25.12 24.24
N LEU A 229 9.13 24.22 23.26
CA LEU A 229 10.35 23.68 22.66
C LEU A 229 11.30 24.79 22.22
N ASN A 230 10.76 25.87 21.65
CA ASN A 230 11.59 26.99 21.26
C ASN A 230 11.81 28.00 22.37
N GLU A 231 10.72 28.46 23.00
CA GLU A 231 10.82 29.56 23.96
C GLU A 231 11.69 29.18 25.16
N ASP A 232 11.74 27.91 25.53
CA ASP A 232 12.63 27.49 26.60
C ASP A 232 13.89 26.81 26.09
N HIS A 233 14.14 26.88 24.77
CA HIS A 233 15.42 26.50 24.18
C HIS A 233 15.80 25.07 24.51
N TRP A 234 14.91 24.15 24.15
CA TRP A 234 15.16 22.73 24.37
C TRP A 234 16.34 22.21 23.56
N PHE A 235 16.59 22.79 22.39
CA PHE A 235 17.59 22.23 21.48
C PHE A 235 18.85 23.10 21.40
N SER A 236 19.08 23.91 22.44
CA SER A 236 20.38 24.53 22.64
C SER A 236 21.44 23.46 22.83
N ARG A 237 22.69 23.83 22.52
CA ARG A 237 23.77 22.88 22.70
C ARG A 237 23.92 22.49 24.16
N GLU A 238 23.68 23.44 25.08
CA GLU A 238 23.77 23.14 26.50
C GLU A 238 22.77 22.06 26.89
N ASN A 239 21.52 22.21 26.44
CA ASN A 239 20.50 21.23 26.81
C ASN A 239 20.60 19.93 26.02
N SER A 240 20.85 19.98 24.71
CA SER A 240 20.69 18.83 23.84
C SER A 240 22.00 18.18 23.44
N LEU A 241 23.14 18.81 23.71
CA LEU A 241 24.46 18.28 23.41
C LEU A 241 24.75 18.30 21.90
N SER A 242 23.75 17.99 21.08
CA SER A 242 23.91 17.98 19.63
C SER A 242 23.46 19.27 18.95
N GLY A 243 22.47 19.96 19.48
CA GLY A 243 21.95 21.14 18.85
C GLY A 243 22.92 22.32 18.85
N VAL A 244 22.49 23.38 18.18
CA VAL A 244 23.27 24.60 18.04
C VAL A 244 22.26 25.73 18.02
N GLU A 245 21.09 25.48 18.56
CA GLU A 245 20.08 26.52 18.54
C GLU A 245 20.60 27.75 19.30
N GLY A 246 20.37 28.91 18.70
CA GLY A 246 20.83 30.15 19.26
C GLY A 246 22.24 30.57 18.91
N GLU A 247 23.08 29.67 18.37
CA GLU A 247 24.42 30.06 17.96
C GLU A 247 24.37 30.67 16.59
N GLY A 248 24.93 31.85 16.43
CA GLY A 248 24.95 32.44 15.11
C GLY A 248 25.75 31.60 14.13
N LEU A 249 25.46 31.80 12.84
CA LEU A 249 26.24 31.09 11.81
C LEU A 249 27.74 31.24 12.01
N HIS A 250 28.20 32.47 12.27
CA HIS A 250 29.65 32.70 12.27
C HIS A 250 30.37 31.96 13.41
N LYS A 251 29.67 31.65 14.50
CA LYS A 251 30.30 30.92 15.59
C LYS A 251 30.24 29.42 15.41
N LEU A 252 29.49 28.92 14.42
CA LEU A 252 29.36 27.47 14.24
C LEU A 252 30.68 26.78 13.99
N GLY A 253 31.65 27.47 13.37
CA GLY A 253 32.95 26.83 13.14
C GLY A 253 33.64 26.43 14.43
N TYR A 254 33.47 27.26 15.47
CA TYR A 254 34.03 26.93 16.78
C TYR A 254 33.45 25.63 17.32
N ILE A 255 32.18 25.36 17.05
CA ILE A 255 31.60 24.10 17.50
C ILE A 255 32.18 22.94 16.70
N LEU A 256 32.42 23.16 15.41
CA LEU A 256 32.96 22.07 14.61
C LEU A 256 34.37 21.72 15.06
N ARG A 257 35.17 22.74 15.39
CA ARG A 257 36.53 22.49 15.88
C ARG A 257 36.50 21.67 17.16
N ASP A 258 35.55 21.94 18.06
CA ASP A 258 35.46 21.15 19.30
C ASP A 258 35.01 19.72 19.02
N VAL A 259 34.00 19.53 18.17
CA VAL A 259 33.62 18.16 17.80
C VAL A 259 34.82 17.42 17.21
N SER A 260 35.66 18.12 16.44
CA SER A 260 36.82 17.45 15.84
C SER A 260 37.88 17.09 16.87
N LYS A 261 37.89 17.74 18.04
CA LYS A 261 38.82 17.34 19.10
C LYS A 261 38.57 15.92 19.59
N LYS A 262 37.40 15.34 19.33
CA LYS A 262 37.10 13.99 19.79
C LYS A 262 37.87 12.95 18.98
N GLU A 263 38.05 11.79 19.60
CA GLU A 263 38.68 10.66 18.92
C GLU A 263 37.60 9.95 18.14
N GLY A 264 37.82 9.77 16.86
CA GLY A 264 36.87 9.06 16.04
C GLY A 264 37.35 9.00 14.61
N GLY A 265 36.41 8.76 13.71
CA GLY A 265 36.68 8.67 12.29
C GLY A 265 36.59 10.00 11.57
N ALA A 266 36.23 9.94 10.30
CA ALA A 266 36.10 11.17 9.54
C ALA A 266 34.92 11.98 10.06
N MET A 267 34.75 13.17 9.52
CA MET A 267 33.60 13.98 9.85
C MET A 267 32.63 13.93 8.68
N TYR A 268 31.43 13.43 8.95
CA TYR A 268 30.40 13.18 7.96
C TYR A 268 29.29 14.22 8.09
N ALA A 269 28.79 14.66 6.95
CA ALA A 269 27.79 15.72 6.90
C ALA A 269 26.84 15.41 5.76
N ASP A 270 26.21 14.24 5.83
CA ASP A 270 25.30 13.80 4.78
C ASP A 270 24.01 14.61 4.82
N ASP A 271 23.72 15.32 3.75
CA ASP A 271 22.44 16.00 3.65
C ASP A 271 21.34 15.00 3.28
N THR A 272 20.14 15.25 3.80
CA THR A 272 18.96 14.46 3.42
C THR A 272 18.21 15.16 2.31
N ALA A 273 17.65 14.38 1.40
CA ALA A 273 16.96 14.94 0.25
C ALA A 273 15.50 15.18 0.61
N GLY A 274 15.11 16.45 0.71
CA GLY A 274 13.73 16.80 1.05
C GLY A 274 13.36 16.24 2.41
N TRP A 275 14.09 16.67 3.45
CA TRP A 275 13.90 16.11 4.78
C TRP A 275 12.46 16.15 5.22
N ASP A 276 11.76 17.26 5.00
CA ASP A 276 10.42 17.40 5.55
C ASP A 276 9.45 16.41 4.90
N THR A 277 9.64 16.14 3.60
CA THR A 277 8.82 15.14 2.93
C THR A 277 9.14 13.72 3.35
N ARG A 278 10.24 13.47 4.06
CA ARG A 278 10.63 12.13 4.44
C ARG A 278 10.33 11.84 5.91
N ILE A 279 9.60 12.72 6.56
CA ILE A 279 9.16 12.48 7.93
C ILE A 279 7.97 11.51 7.88
N THR A 280 8.13 10.38 8.56
CA THR A 280 7.10 9.36 8.56
C THR A 280 6.15 9.55 9.73
N LEU A 281 5.00 8.89 9.61
CA LEU A 281 4.08 8.85 10.74
C LEU A 281 4.76 8.25 11.97
N GLU A 282 5.70 7.33 11.77
CA GLU A 282 6.47 6.86 12.92
C GLU A 282 7.28 7.99 13.53
N ASP A 283 7.91 8.81 12.69
CA ASP A 283 8.61 9.98 13.19
C ASP A 283 7.68 10.88 13.99
N LEU A 284 6.53 11.26 13.39
CA LEU A 284 5.57 12.13 14.08
C LEU A 284 5.10 11.50 15.39
N LYS A 285 4.87 10.20 15.41
CA LYS A 285 4.37 9.62 16.64
C LYS A 285 5.45 9.56 17.70
N ASN A 286 6.70 9.44 17.29
CA ASN A 286 7.78 9.52 18.28
C ASN A 286 7.98 10.96 18.76
N GLU A 287 7.74 11.94 17.90
CA GLU A 287 7.85 13.31 18.35
C GLU A 287 6.79 13.61 19.40
N GLU A 288 5.57 13.16 19.14
CA GLU A 288 4.45 13.35 20.05
C GLU A 288 4.71 12.82 21.45
N MET A 289 5.63 11.87 21.62
CA MET A 289 5.92 11.32 22.95
C MET A 289 6.30 12.39 23.99
N VAL A 290 6.54 13.63 23.57
CA VAL A 290 6.77 14.70 24.53
C VAL A 290 5.53 14.94 25.38
N THR A 291 4.34 14.63 24.86
CA THR A 291 3.11 14.72 25.63
C THR A 291 3.10 13.80 26.84
N ASN A 292 3.93 12.75 26.86
CA ASN A 292 4.02 11.92 28.06
C ASN A 292 4.63 12.66 29.23
N HIS A 293 5.30 13.78 28.98
CA HIS A 293 5.88 14.60 30.04
C HIS A 293 5.00 15.82 30.34
N MET A 294 3.76 15.80 29.90
CA MET A 294 2.79 16.86 30.09
C MET A 294 1.70 16.39 31.03
N GLU A 295 0.87 17.35 31.45
CA GLU A 295 -0.22 17.07 32.37
C GLU A 295 -1.44 17.89 31.98
N GLY A 296 -2.61 17.39 32.35
CA GLY A 296 -3.81 18.21 32.44
C GLY A 296 -4.26 18.84 31.14
N GLU A 297 -4.65 20.10 31.25
CA GLU A 297 -5.12 20.84 30.08
C GLU A 297 -4.05 20.89 29.00
N HIS A 298 -2.78 21.05 29.39
CA HIS A 298 -1.70 21.14 28.43
C HIS A 298 -1.60 19.88 27.58
N LYS A 299 -1.51 18.72 28.26
CA LYS A 299 -1.44 17.45 27.56
C LYS A 299 -2.55 17.33 26.51
N LYS A 300 -3.74 17.85 26.80
CA LYS A 300 -4.83 17.71 25.83
C LYS A 300 -4.65 18.63 24.64
N LEU A 301 -4.12 19.84 24.86
CA LEU A 301 -3.96 20.77 23.75
C LEU A 301 -2.82 20.37 22.84
N ALA A 302 -1.74 19.87 23.43
CA ALA A 302 -0.63 19.36 22.64
C ALA A 302 -1.10 18.18 21.78
N GLU A 303 -1.73 17.20 22.43
CA GLU A 303 -2.24 16.03 21.71
C GLU A 303 -3.21 16.44 20.61
N ALA A 304 -4.06 17.42 20.87
CA ALA A 304 -4.90 17.95 19.80
C ALA A 304 -4.05 18.45 18.64
N ILE A 305 -2.92 19.12 18.93
CA ILE A 305 -2.11 19.67 17.84
C ILE A 305 -1.42 18.54 17.08
N PHE A 306 -0.76 17.64 17.79
CA PHE A 306 -0.03 16.54 17.16
C PHE A 306 -0.96 15.67 16.31
N LYS A 307 -2.07 15.18 16.91
CA LYS A 307 -2.98 14.27 16.21
C LYS A 307 -3.80 14.99 15.15
N LEU A 308 -4.46 16.08 15.50
CA LEU A 308 -5.49 16.61 14.61
C LEU A 308 -4.95 17.57 13.58
N THR A 309 -3.80 18.19 13.82
CA THR A 309 -3.22 19.15 12.88
C THR A 309 -1.86 18.75 12.34
N TYR A 310 -1.11 17.87 13.01
CA TYR A 310 0.20 17.49 12.48
C TYR A 310 0.18 16.11 11.81
N GLN A 311 -0.63 15.20 12.32
CA GLN A 311 -0.75 13.86 11.78
C GLN A 311 -1.96 13.72 10.86
N ASN A 312 -2.61 14.84 10.55
CA ASN A 312 -3.83 14.88 9.74
C ASN A 312 -3.90 16.33 9.25
N LYS A 313 -3.30 16.59 8.11
CA LYS A 313 -3.16 17.96 7.65
C LYS A 313 -4.07 18.17 6.45
N VAL A 314 -4.86 19.21 6.47
CA VAL A 314 -5.61 19.62 5.29
C VAL A 314 -4.88 20.80 4.69
N VAL A 315 -4.59 20.73 3.41
CA VAL A 315 -3.77 21.73 2.75
C VAL A 315 -4.54 22.31 1.59
N ARG A 316 -4.23 23.54 1.27
CA ARG A 316 -4.92 24.33 0.27
C ARG A 316 -3.81 24.86 -0.63
N VAL A 317 -3.69 24.31 -1.84
CA VAL A 317 -2.56 24.61 -2.71
C VAL A 317 -3.05 24.97 -4.11
N GLN A 318 -2.35 25.90 -4.74
CA GLN A 318 -2.73 26.33 -6.08
C GLN A 318 -2.15 25.38 -7.13
N ARG A 319 -2.76 25.43 -8.31
CA ARG A 319 -2.51 24.50 -9.40
C ARG A 319 -2.98 25.15 -10.69
N PRO A 320 -2.10 25.40 -11.64
CA PRO A 320 -2.59 25.89 -12.94
C PRO A 320 -3.35 24.78 -13.65
N THR A 321 -4.44 25.17 -14.30
CA THR A 321 -5.27 24.33 -15.13
C THR A 321 -5.75 25.19 -16.29
N PRO A 322 -5.98 24.61 -17.47
CA PRO A 322 -6.23 25.42 -18.67
C PRO A 322 -7.33 26.46 -18.53
N ARG A 323 -8.26 26.21 -17.60
CA ARG A 323 -9.34 27.14 -17.27
C ARG A 323 -8.95 28.17 -16.20
N GLY A 324 -7.66 28.53 -16.11
CA GLY A 324 -7.16 29.42 -15.08
C GLY A 324 -6.77 28.69 -13.80
N THR A 325 -6.17 29.42 -12.86
CA THR A 325 -5.69 28.80 -11.63
C THR A 325 -6.84 28.26 -10.79
N VAL A 326 -6.66 27.07 -10.20
CA VAL A 326 -7.60 26.52 -9.22
C VAL A 326 -6.92 26.38 -7.86
N MET A 327 -7.66 25.88 -6.88
CA MET A 327 -7.10 25.62 -5.57
C MET A 327 -7.52 24.23 -5.14
N ASP A 328 -6.56 23.37 -4.86
CA ASP A 328 -6.87 21.99 -4.51
C ASP A 328 -6.94 21.86 -3.01
N ILE A 329 -7.86 21.04 -2.53
CA ILE A 329 -7.96 20.75 -1.11
C ILE A 329 -7.48 19.32 -0.93
N ILE A 330 -6.25 19.15 -0.46
CA ILE A 330 -5.62 17.84 -0.37
C ILE A 330 -5.33 17.57 1.09
N SER A 331 -4.84 16.36 1.37
CA SER A 331 -4.56 16.00 2.74
C SER A 331 -3.46 14.95 2.80
N ARG A 332 -2.74 14.94 3.91
CA ARG A 332 -1.58 14.09 4.05
C ARG A 332 -1.36 13.81 5.53
N ARG A 333 -1.29 12.55 5.89
CA ARG A 333 -1.18 12.26 7.31
C ARG A 333 0.25 12.37 7.82
N ASP A 334 1.25 12.03 7.02
CA ASP A 334 2.62 12.22 7.46
C ASP A 334 3.25 13.41 6.74
N GLN A 335 4.58 13.48 6.80
CA GLN A 335 5.41 14.63 6.44
C GLN A 335 5.43 15.66 7.58
N ARG A 336 6.50 16.46 7.60
CA ARG A 336 6.57 17.69 8.35
C ARG A 336 5.96 18.83 7.54
N GLY A 337 5.01 19.54 8.11
CA GLY A 337 4.53 20.77 7.51
C GLY A 337 5.46 21.95 7.77
N SER A 338 6.43 22.15 6.87
CA SER A 338 7.40 23.23 6.99
C SER A 338 6.73 24.58 7.18
N GLY A 339 6.68 25.02 8.44
CA GLY A 339 5.98 26.24 8.81
C GLY A 339 5.28 26.10 10.14
N GLN A 340 5.20 24.87 10.60
CA GLN A 340 4.70 24.57 11.92
C GLN A 340 5.67 25.13 12.97
N VAL A 341 5.13 25.50 14.13
CA VAL A 341 5.98 26.02 15.18
C VAL A 341 7.09 25.05 15.54
N VAL A 342 6.88 23.74 15.32
CA VAL A 342 7.88 22.77 15.74
C VAL A 342 8.94 22.52 14.69
N THR A 343 8.88 23.17 13.53
CA THR A 343 9.68 22.76 12.38
C THR A 343 11.15 22.60 12.74
N TYR A 344 11.79 23.69 13.15
CA TYR A 344 13.20 23.61 13.46
C TYR A 344 13.44 22.62 14.59
N GLY A 345 12.67 22.76 15.67
CA GLY A 345 12.99 22.00 16.86
C GLY A 345 12.80 20.51 16.67
N LEU A 346 11.66 20.11 16.08
CA LEU A 346 11.43 18.69 15.95
C LEU A 346 12.25 18.10 14.80
N ASN A 347 12.55 18.87 13.76
CA ASN A 347 13.57 18.42 12.80
C ASN A 347 14.88 18.08 13.51
N THR A 348 15.36 18.98 14.38
CA THR A 348 16.55 18.69 15.16
C THR A 348 16.37 17.44 16.02
N PHE A 349 15.19 17.27 16.61
CA PHE A 349 14.96 16.11 17.48
C PHE A 349 15.11 14.81 16.69
N THR A 350 14.29 14.64 15.65
CA THR A 350 14.32 13.44 14.85
C THR A 350 15.67 13.23 14.18
N ASN A 351 16.33 14.31 13.74
CA ASN A 351 17.66 14.13 13.17
C ASN A 351 18.69 13.74 14.21
N MET A 352 18.53 14.15 15.47
CA MET A 352 19.40 13.60 16.51
C MET A 352 19.12 12.13 16.68
N GLU A 353 17.84 11.75 16.62
CA GLU A 353 17.44 10.36 16.82
C GLU A 353 17.99 9.49 15.69
N ALA A 354 17.91 9.98 14.45
CA ALA A 354 18.37 9.19 13.32
C ALA A 354 19.89 9.02 13.34
N GLN A 355 20.63 10.08 13.65
CA GLN A 355 22.08 9.98 13.66
C GLN A 355 22.58 9.08 14.78
N LEU A 356 21.94 9.13 15.96
CA LEU A 356 22.28 8.20 17.04
C LEU A 356 22.12 6.76 16.57
N ILE A 357 21.01 6.48 15.89
CA ILE A 357 20.77 5.13 15.40
C ILE A 357 21.84 4.75 14.38
N ARG A 358 22.11 5.64 13.41
CA ARG A 358 23.16 5.35 12.46
C ARG A 358 24.48 5.07 13.18
N GLN A 359 24.80 5.85 14.21
CA GLN A 359 25.99 5.53 14.97
C GLN A 359 25.88 4.13 15.57
N MET A 360 24.68 3.75 16.00
CA MET A 360 24.48 2.44 16.61
C MET A 360 24.78 1.33 15.60
N GLU A 361 24.21 1.47 14.40
CA GLU A 361 24.51 0.55 13.31
C GLU A 361 26.02 0.46 13.05
N GLY A 362 26.69 1.61 13.00
CA GLY A 362 28.13 1.58 12.78
C GLY A 362 28.87 0.75 13.80
N GLU A 363 28.45 0.82 15.07
CA GLU A 363 29.09 0.09 16.14
C GLU A 363 28.55 -1.33 16.33
N GLY A 364 27.57 -1.75 15.54
CA GLY A 364 27.04 -3.10 15.65
C GLY A 364 26.23 -3.40 16.89
N VAL A 365 25.58 -2.39 17.48
CA VAL A 365 24.70 -2.61 18.63
C VAL A 365 23.55 -3.51 18.24
N PHE A 366 22.87 -3.18 17.16
CA PHE A 366 21.94 -4.08 16.51
C PHE A 366 22.54 -4.45 15.17
N LYS A 367 22.03 -5.53 14.59
CA LYS A 367 22.53 -6.01 13.31
C LYS A 367 21.49 -6.03 12.20
N SER A 368 20.21 -6.06 12.53
CA SER A 368 19.17 -6.11 11.50
C SER A 368 18.01 -5.21 11.84
N ILE A 369 17.52 -4.50 10.82
CA ILE A 369 16.37 -3.64 10.98
C ILE A 369 15.05 -4.38 10.83
N GLN A 370 15.07 -5.65 10.46
CA GLN A 370 13.79 -6.32 10.31
C GLN A 370 13.17 -6.67 11.65
N HIS A 371 14.00 -6.96 12.63
CA HIS A 371 13.52 -7.28 13.97
C HIS A 371 14.65 -6.99 14.96
N LEU A 372 14.28 -6.49 16.12
CA LEU A 372 15.22 -6.31 17.20
C LEU A 372 15.04 -7.47 18.17
N THR A 373 16.11 -8.22 18.42
CA THR A 373 15.99 -9.26 19.42
C THR A 373 15.93 -8.62 20.81
N VAL A 374 15.44 -9.39 21.78
CA VAL A 374 15.42 -8.89 23.15
C VAL A 374 16.83 -8.48 23.58
N THR A 375 17.83 -9.29 23.22
CA THR A 375 19.18 -9.00 23.67
C THR A 375 19.74 -7.76 22.99
N GLU A 376 19.23 -7.44 21.80
CA GLU A 376 19.62 -6.21 21.11
C GLU A 376 18.92 -5.01 21.71
N GLU A 377 17.62 -5.12 22.02
CA GLU A 377 16.95 -4.06 22.77
C GLU A 377 17.68 -3.77 24.07
N ILE A 378 18.15 -4.80 24.75
CA ILE A 378 18.91 -4.58 25.97
C ILE A 378 20.23 -3.90 25.64
N ALA A 379 20.93 -4.37 24.61
CA ALA A 379 22.18 -3.74 24.19
C ALA A 379 21.97 -2.27 23.81
N VAL A 380 20.89 -1.96 23.10
CA VAL A 380 20.60 -0.58 22.71
C VAL A 380 20.41 0.30 23.94
N LYS A 381 19.49 -0.10 24.84
CA LYS A 381 19.22 0.69 26.03
C LYS A 381 20.48 0.86 26.86
N ASN A 382 21.25 -0.21 27.03
CA ASN A 382 22.49 -0.12 27.79
C ASN A 382 23.52 0.75 27.08
N TRP A 383 23.49 0.77 25.75
CA TRP A 383 24.38 1.63 24.98
C TRP A 383 24.03 3.10 25.20
N LEU A 384 22.75 3.45 25.08
CA LEU A 384 22.31 4.80 25.40
C LEU A 384 22.71 5.20 26.82
N VAL A 385 22.44 4.32 27.79
CA VAL A 385 22.83 4.59 29.17
C VAL A 385 24.32 4.80 29.25
N ARG A 386 25.09 3.96 28.58
CA ARG A 386 26.54 4.02 28.73
C ARG A 386 27.14 5.17 27.90
N VAL A 387 26.78 5.31 26.63
CA VAL A 387 27.52 6.25 25.80
C VAL A 387 26.64 7.27 25.10
N GLY A 388 25.31 7.12 25.20
CA GLY A 388 24.41 7.98 24.45
C GLY A 388 24.73 9.46 24.56
N ARG A 389 25.06 9.95 25.75
CA ARG A 389 25.31 11.37 25.90
C ARG A 389 26.61 11.78 25.21
N GLU A 390 27.59 10.88 25.19
CA GLU A 390 28.84 11.17 24.51
C GLU A 390 28.65 11.12 22.99
N ARG A 391 27.90 10.11 22.50
CA ARG A 391 27.59 10.06 21.08
C ARG A 391 26.84 11.28 20.63
N LEU A 392 25.98 11.83 21.50
CA LEU A 392 25.28 13.05 21.13
C LEU A 392 26.26 14.20 20.96
N SER A 393 27.30 14.27 21.80
CA SER A 393 28.21 15.41 21.69
C SER A 393 29.16 15.32 20.51
N ARG A 394 29.27 14.16 19.86
CA ARG A 394 29.99 14.03 18.61
C ARG A 394 29.23 14.60 17.41
N MET A 395 28.14 15.35 17.64
CA MET A 395 27.32 15.85 16.54
C MET A 395 27.06 17.34 16.71
N ALA A 396 26.83 17.99 15.58
CA ALA A 396 26.28 19.34 15.52
C ALA A 396 25.09 19.22 14.57
N ILE A 397 23.90 19.57 15.03
CA ILE A 397 22.69 19.28 14.29
C ILE A 397 21.77 20.48 14.32
N SER A 398 21.54 21.10 13.16
CA SER A 398 20.67 22.26 12.98
C SER A 398 19.54 21.78 12.08
N GLY A 399 18.46 21.28 12.66
CA GLY A 399 17.41 20.64 11.87
C GLY A 399 17.95 19.50 11.01
N ASP A 400 17.79 19.61 9.69
CA ASP A 400 18.26 18.54 8.78
C ASP A 400 19.78 18.54 8.65
N ASP A 401 20.41 19.71 8.64
CA ASP A 401 21.87 19.80 8.57
C ASP A 401 22.50 19.11 9.78
N CYS A 402 23.51 18.29 9.54
CA CYS A 402 24.17 17.59 10.63
C CYS A 402 25.64 17.35 10.27
N VAL A 403 26.49 17.35 11.29
CA VAL A 403 27.89 16.91 11.19
C VAL A 403 28.07 15.88 12.30
N VAL A 404 28.55 14.70 11.95
CA VAL A 404 28.73 13.62 12.91
C VAL A 404 30.18 13.19 12.85
N LYS A 405 30.85 13.12 14.00
CA LYS A 405 32.18 12.51 14.06
C LYS A 405 32.05 11.18 14.79
N PRO A 406 31.78 10.10 14.08
CA PRO A 406 31.49 8.83 14.76
C PRO A 406 32.72 8.21 15.41
N LEU A 407 32.50 7.15 16.17
CA LEU A 407 33.59 6.42 16.79
C LEU A 407 34.60 5.95 15.75
N ASP A 408 34.13 5.35 14.66
CA ASP A 408 35.08 4.96 13.64
C ASP A 408 34.34 4.98 12.29
N ASP A 409 35.01 4.60 11.20
CA ASP A 409 34.40 4.87 9.89
C ASP A 409 33.49 3.75 9.41
N ARG A 410 33.14 2.79 10.28
CA ARG A 410 32.06 1.88 9.95
C ARG A 410 30.76 2.62 9.64
N PHE A 411 30.62 3.83 10.21
CA PHE A 411 29.48 4.71 9.98
C PHE A 411 29.19 4.91 8.49
N ALA A 412 30.23 5.15 7.70
CA ALA A 412 30.09 5.53 6.29
C ALA A 412 29.30 4.49 5.49
N SER A 413 29.31 3.23 5.92
CA SER A 413 28.60 2.16 5.23
C SER A 413 27.46 1.58 6.06
N ALA A 414 27.13 2.21 7.19
CA ALA A 414 26.00 1.81 8.03
C ALA A 414 24.76 2.54 7.56
N LEU A 415 24.04 1.95 6.60
CA LEU A 415 23.00 2.67 5.88
C LEU A 415 21.65 2.00 5.92
N THR A 416 21.52 0.85 6.56
CA THR A 416 20.24 0.16 6.49
C THR A 416 19.18 0.81 7.38
N ALA A 417 19.55 1.24 8.59
CA ALA A 417 18.59 1.99 9.39
C ALA A 417 18.31 3.36 8.78
N LEU A 418 19.35 4.07 8.36
CA LEU A 418 19.13 5.39 7.76
C LEU A 418 18.13 5.31 6.60
N ASN A 419 18.31 4.34 5.70
CA ASN A 419 17.44 4.30 4.52
C ASN A 419 16.04 3.85 4.87
N ASP A 420 15.91 2.88 5.78
CA ASP A 420 14.61 2.39 6.19
C ASP A 420 13.81 3.44 6.98
N MET A 421 14.47 4.39 7.66
CA MET A 421 13.70 5.46 8.30
C MET A 421 13.24 6.52 7.32
N GLY A 422 13.63 6.42 6.05
CA GLY A 422 13.25 7.37 5.04
C GLY A 422 14.29 8.44 4.78
N LYS A 423 15.33 8.50 5.60
CA LYS A 423 16.27 9.62 5.59
C LYS A 423 17.37 9.34 4.57
N VAL A 424 16.93 9.31 3.31
CA VAL A 424 17.77 8.96 2.17
C VAL A 424 18.68 10.14 1.82
N ARG A 425 19.97 9.87 1.66
CA ARG A 425 20.91 10.95 1.45
C ARG A 425 20.77 11.56 0.07
N LYS A 426 21.03 12.86 0.00
CA LYS A 426 21.11 13.60 -1.26
C LYS A 426 22.39 13.26 -2.02
N ASP A 427 22.27 13.21 -3.36
CA ASP A 427 23.43 13.13 -4.28
C ASP A 427 24.37 11.97 -3.98
N ILE A 428 23.81 10.78 -3.86
CA ILE A 428 24.58 9.58 -3.58
C ILE A 428 23.63 8.41 -3.69
N GLN A 429 24.12 7.25 -4.07
CA GLN A 429 23.21 6.11 -4.19
C GLN A 429 22.77 5.63 -2.82
N GLN A 430 21.64 4.93 -2.80
CA GLN A 430 21.12 4.40 -1.55
C GLN A 430 22.19 3.67 -0.75
N TRP A 431 23.02 2.84 -1.41
CA TRP A 431 23.98 1.99 -0.69
C TRP A 431 25.43 2.37 -0.97
N GLU A 432 25.66 3.47 -1.65
CA GLU A 432 27.01 3.98 -1.82
C GLU A 432 27.54 4.49 -0.47
N PRO A 433 28.74 4.09 -0.03
CA PRO A 433 29.24 4.58 1.28
C PRO A 433 29.41 6.10 1.28
N SER A 434 29.26 6.69 2.45
CA SER A 434 29.30 8.14 2.57
C SER A 434 30.71 8.68 2.34
N ARG A 435 30.77 9.98 2.00
CA ARG A 435 32.02 10.70 1.83
C ARG A 435 32.31 11.47 3.11
N GLY A 436 33.47 11.21 3.70
CA GLY A 436 33.83 11.81 4.99
C GLY A 436 35.03 12.71 4.88
N TRP A 437 34.96 13.85 5.58
CA TRP A 437 36.06 14.79 5.66
C TRP A 437 36.98 14.44 6.81
N ASN A 438 38.29 14.41 6.53
CA ASN A 438 39.29 14.21 7.55
C ASN A 438 39.97 15.51 7.92
N ASP A 439 39.35 16.64 7.57
CA ASP A 439 39.81 17.97 7.95
C ASP A 439 38.56 18.76 8.28
N TRP A 440 38.43 19.20 9.53
CA TRP A 440 37.17 19.83 9.91
C TRP A 440 36.97 21.19 9.26
N THR A 441 38.04 21.79 8.76
CA THR A 441 37.84 23.07 8.07
C THR A 441 37.22 22.90 6.70
N GLN A 442 36.99 21.68 6.23
CA GLN A 442 36.38 21.49 4.93
C GLN A 442 34.96 20.96 5.03
N VAL A 443 34.48 20.75 6.25
CA VAL A 443 33.15 20.19 6.48
C VAL A 443 32.09 21.24 6.19
N PRO A 444 31.09 20.95 5.38
CA PRO A 444 30.00 21.89 5.18
C PRO A 444 29.02 21.78 6.34
N PHE A 445 28.51 22.92 6.76
CA PHE A 445 27.49 22.92 7.81
C PHE A 445 26.74 24.24 7.66
N CYS A 446 25.42 24.16 7.45
CA CYS A 446 24.61 25.33 7.20
C CYS A 446 25.20 26.14 6.05
N SER A 447 25.51 25.43 4.95
CA SER A 447 25.95 26.02 3.69
C SER A 447 27.27 26.76 3.82
N HIS A 448 28.06 26.43 4.82
CA HIS A 448 29.36 27.05 4.99
C HIS A 448 30.34 26.00 5.43
N HIS A 449 31.62 26.34 5.30
CA HIS A 449 32.68 25.69 6.03
C HIS A 449 33.44 26.77 6.80
N PHE A 450 34.48 26.35 7.53
CA PHE A 450 35.10 27.26 8.48
C PHE A 450 36.62 27.12 8.48
N HIS A 451 37.31 28.26 8.44
CA HIS A 451 38.77 28.28 8.39
C HIS A 451 39.32 28.75 9.73
N GLU A 452 40.47 28.18 10.11
CA GLU A 452 41.25 28.69 11.23
C GLU A 452 42.17 29.79 10.71
N LEU A 453 41.89 31.02 11.09
CA LEU A 453 42.57 32.19 10.57
C LEU A 453 43.48 32.74 11.67
N ILE A 454 44.79 32.69 11.43
CA ILE A 454 45.74 33.29 12.38
C ILE A 454 45.85 34.78 12.07
N MET A 455 45.70 35.61 13.11
CA MET A 455 45.82 37.06 12.95
C MET A 455 47.29 37.47 13.06
N LYS A 456 47.55 38.77 12.87
CA LYS A 456 48.92 39.27 12.97
C LYS A 456 49.42 39.26 14.41
N ASP A 457 48.52 39.42 15.39
CA ASP A 457 48.86 39.24 16.81
C ASP A 457 49.25 37.80 17.11
N GLY A 458 48.91 36.86 16.26
CA GLY A 458 49.01 35.46 16.59
C GLY A 458 47.75 34.88 17.19
N ARG A 459 46.73 35.70 17.46
CA ARG A 459 45.46 35.16 17.92
C ARG A 459 44.78 34.41 16.78
N VAL A 460 43.80 33.59 17.13
CA VAL A 460 43.17 32.70 16.16
C VAL A 460 41.68 32.97 16.12
N LEU A 461 41.19 33.27 14.92
CA LEU A 461 39.76 33.28 14.64
C LEU A 461 39.38 31.99 13.92
N VAL A 462 38.13 31.57 14.10
CA VAL A 462 37.48 30.61 13.22
C VAL A 462 36.37 31.36 12.50
N VAL A 463 36.43 31.37 11.17
CA VAL A 463 35.64 32.29 10.35
C VAL A 463 34.83 31.51 9.32
N PRO A 464 33.67 32.02 8.94
CA PRO A 464 32.83 31.30 7.97
C PRO A 464 33.22 31.64 6.54
N CYS A 465 33.06 30.65 5.69
CA CYS A 465 33.56 30.76 4.33
C CYS A 465 32.72 29.85 3.45
N ARG A 466 32.47 30.29 2.22
CA ARG A 466 31.79 29.44 1.25
C ARG A 466 32.33 29.79 -0.13
N ASN A 467 31.92 29.00 -1.11
CA ASN A 467 32.40 29.26 -2.46
C ASN A 467 32.03 30.67 -2.90
N GLN A 468 33.06 31.45 -3.25
CA GLN A 468 32.88 32.87 -3.51
C GLN A 468 31.82 33.15 -4.58
N ASP A 469 31.60 32.24 -5.53
CA ASP A 469 30.61 32.52 -6.56
C ASP A 469 29.19 32.53 -6.01
N GLU A 470 28.90 31.74 -4.98
CA GLU A 470 27.57 31.78 -4.40
C GLU A 470 27.29 33.15 -3.81
N LEU A 471 28.31 33.76 -3.19
CA LEU A 471 28.10 35.03 -2.52
C LEU A 471 27.90 36.13 -3.54
N ILE A 472 28.75 36.18 -4.57
CA ILE A 472 28.64 37.22 -5.58
C ILE A 472 27.35 37.05 -6.37
N GLY A 473 26.96 35.80 -6.63
CA GLY A 473 25.72 35.57 -7.33
C GLY A 473 24.53 36.15 -6.58
N ARG A 474 24.42 35.80 -5.30
CA ARG A 474 23.31 36.29 -4.50
C ARG A 474 23.30 37.81 -4.41
N ALA A 475 24.47 38.45 -4.25
CA ALA A 475 24.48 39.90 -4.11
C ALA A 475 24.01 40.62 -5.38
N ARG A 476 24.03 39.97 -6.54
CA ARG A 476 23.73 40.65 -7.79
C ARG A 476 22.26 40.61 -8.18
N ILE A 477 21.39 40.04 -7.35
CA ILE A 477 19.97 39.94 -7.67
C ILE A 477 19.16 40.20 -6.41
N SER A 478 17.87 40.48 -6.60
CA SER A 478 16.98 40.64 -5.47
C SER A 478 15.56 40.39 -5.94
N GLN A 479 14.66 40.31 -4.97
CA GLN A 479 13.23 40.28 -5.26
C GLN A 479 12.87 41.44 -6.18
N GLY A 480 11.80 41.26 -6.96
CA GLY A 480 11.41 42.29 -7.89
C GLY A 480 11.62 41.93 -9.35
N ALA A 481 11.84 42.94 -10.17
CA ALA A 481 11.78 42.69 -11.60
C ALA A 481 12.56 43.76 -12.33
N GLY A 482 13.08 43.38 -13.49
CA GLY A 482 13.81 44.34 -14.30
C GLY A 482 15.15 44.64 -13.66
N TRP A 483 15.64 45.84 -13.96
CA TRP A 483 16.95 46.30 -13.54
C TRP A 483 16.76 47.46 -12.57
N SER A 484 17.76 47.70 -11.73
CA SER A 484 17.71 48.83 -10.83
C SER A 484 19.12 49.24 -10.47
N LEU A 485 19.29 50.51 -10.15
CA LEU A 485 20.58 51.03 -9.72
C LEU A 485 20.40 51.82 -8.41
N ARG A 486 19.81 53.02 -8.48
CA ARG A 486 19.62 53.78 -7.25
C ARG A 486 18.81 53.00 -6.23
N GLU A 487 17.69 52.42 -6.66
CA GLU A 487 16.77 51.78 -5.72
C GLU A 487 17.39 50.61 -4.96
N THR A 488 18.51 50.04 -5.44
CA THR A 488 19.17 48.95 -4.71
C THR A 488 20.61 49.27 -4.36
N ALA A 489 21.02 50.54 -4.43
CA ALA A 489 22.36 50.90 -3.99
C ALA A 489 22.56 50.57 -2.51
N CYS A 490 21.62 50.95 -1.66
CA CYS A 490 21.81 50.68 -0.22
C CYS A 490 21.78 49.19 0.04
N LEU A 491 20.92 48.45 -0.66
CA LEU A 491 20.98 46.99 -0.61
C LEU A 491 22.37 46.49 -0.96
N GLY A 492 23.01 47.06 -1.99
CA GLY A 492 24.36 46.62 -2.33
C GLY A 492 25.36 46.93 -1.22
N LYS A 493 25.20 48.08 -0.58
CA LYS A 493 26.00 48.42 0.59
C LYS A 493 25.73 47.47 1.75
N SER A 494 24.47 47.06 1.94
CA SER A 494 24.18 46.06 2.96
C SER A 494 24.96 44.79 2.69
N TYR A 495 24.98 44.33 1.44
CA TYR A 495 25.73 43.13 1.10
C TYR A 495 27.21 43.35 1.39
N ALA A 496 27.74 44.51 1.02
CA ALA A 496 29.16 44.78 1.27
C ALA A 496 29.46 44.75 2.76
N GLN A 497 28.55 45.30 3.58
CA GLN A 497 28.74 45.25 5.03
C GLN A 497 28.78 43.82 5.52
N MET A 498 27.87 42.98 5.01
CA MET A 498 27.98 41.56 5.37
C MET A 498 29.32 40.99 4.95
N TRP A 499 29.81 41.38 3.77
CA TRP A 499 31.04 40.78 3.27
C TRP A 499 32.22 41.16 4.14
N SER A 500 32.33 42.44 4.52
CA SER A 500 33.47 42.84 5.34
C SER A 500 33.39 42.26 6.74
N LEU A 501 32.19 41.96 7.24
CA LEU A 501 32.11 41.41 8.59
C LEU A 501 32.31 39.90 8.64
N MET A 502 31.73 39.16 7.69
CA MET A 502 31.77 37.70 7.72
C MET A 502 32.80 37.08 6.79
N TYR A 503 33.12 37.75 5.68
CA TYR A 503 34.05 37.21 4.68
C TYR A 503 35.16 38.21 4.35
N PHE A 504 35.48 39.12 5.28
CA PHE A 504 36.62 40.01 5.18
C PHE A 504 37.89 39.29 4.75
N HIS A 505 37.96 38.00 4.98
CA HIS A 505 39.18 37.26 4.76
C HIS A 505 39.33 36.77 3.33
N ARG A 506 38.37 37.11 2.44
CA ARG A 506 38.48 36.84 0.99
C ARG A 506 38.85 38.13 0.29
N ARG A 507 39.98 38.12 -0.42
CA ARG A 507 40.48 39.33 -1.08
C ARG A 507 39.45 39.93 -2.03
N ASP A 508 38.87 39.11 -2.89
CA ASP A 508 37.93 39.65 -3.87
C ASP A 508 36.76 40.32 -3.18
N LEU A 509 36.26 39.68 -2.11
CA LEU A 509 35.09 40.23 -1.43
C LEU A 509 35.43 41.51 -0.67
N ARG A 510 36.61 41.57 -0.07
CA ARG A 510 36.95 42.80 0.64
C ARG A 510 37.20 43.96 -0.32
N LEU A 511 37.85 43.68 -1.46
CA LEU A 511 37.98 44.70 -2.51
C LEU A 511 36.61 45.11 -3.03
N ALA A 512 35.80 44.12 -3.43
CA ALA A 512 34.48 44.43 -3.99
C ALA A 512 33.62 45.21 -3.01
N ALA A 513 33.70 44.88 -1.70
CA ALA A 513 32.86 45.56 -0.71
C ALA A 513 33.25 47.02 -0.57
N ASN A 514 34.55 47.30 -0.48
CA ASN A 514 34.99 48.69 -0.40
C ASN A 514 34.59 49.45 -1.66
N ALA A 515 34.75 48.82 -2.82
CA ALA A 515 34.31 49.44 -4.07
C ALA A 515 32.83 49.79 -4.04
N ILE A 516 31.98 48.86 -3.61
CA ILE A 516 30.54 49.11 -3.56
C ILE A 516 30.22 50.25 -2.60
N CYS A 517 30.85 50.24 -1.41
CA CYS A 517 30.67 51.34 -0.47
C CYS A 517 31.17 52.65 -1.06
N SER A 518 32.27 52.62 -1.81
CA SER A 518 32.79 53.84 -2.42
C SER A 518 31.85 54.38 -3.49
N ALA A 519 30.96 53.55 -4.03
CA ALA A 519 30.11 53.95 -5.15
C ALA A 519 28.71 54.33 -4.72
N VAL A 520 28.31 53.93 -3.51
CA VAL A 520 26.94 54.16 -3.04
C VAL A 520 26.96 55.47 -2.27
N PRO A 521 25.99 56.36 -2.48
CA PRO A 521 26.01 57.66 -1.80
C PRO A 521 26.05 57.48 -0.28
N SER A 522 27.04 58.12 0.36
CA SER A 522 27.47 57.79 1.71
C SER A 522 26.50 58.29 2.79
N HIS A 523 25.54 59.13 2.45
CA HIS A 523 24.61 59.66 3.44
C HIS A 523 23.25 59.01 3.30
N TRP A 524 23.10 58.03 2.42
CA TRP A 524 21.84 57.30 2.31
C TRP A 524 21.74 56.23 3.39
N VAL A 525 20.53 56.01 3.88
CA VAL A 525 20.27 54.99 4.90
C VAL A 525 19.05 54.17 4.48
N PRO A 526 19.17 52.85 4.39
CA PRO A 526 18.04 52.01 3.95
C PRO A 526 16.86 52.06 4.92
N THR A 527 15.68 52.29 4.36
CA THR A 527 14.43 52.13 5.09
C THR A 527 13.60 50.94 4.64
N SER A 528 14.02 50.29 3.56
CA SER A 528 13.45 49.05 3.03
C SER A 528 14.38 48.64 1.90
N ARG A 529 14.04 47.56 1.21
CA ARG A 529 14.90 47.06 0.15
C ARG A 529 15.06 48.07 -0.98
N THR A 530 14.05 48.90 -1.20
CA THR A 530 14.05 49.80 -2.33
C THR A 530 13.87 51.27 -1.95
N THR A 531 13.84 51.60 -0.65
CA THR A 531 13.64 52.98 -0.21
C THR A 531 14.74 53.38 0.77
N TRP A 532 15.00 54.68 0.80
CA TRP A 532 16.02 55.20 1.70
C TRP A 532 15.70 56.64 2.06
N SER A 533 16.30 57.09 3.14
CA SER A 533 16.27 58.47 3.59
C SER A 533 17.68 59.02 3.56
N ILE A 534 17.82 60.34 3.62
CA ILE A 534 19.13 60.98 3.60
C ILE A 534 19.38 61.71 4.90
N HIS A 535 20.36 61.22 5.68
CA HIS A 535 20.89 61.90 6.86
C HIS A 535 21.82 63.00 6.38
N ALA A 536 21.38 64.26 6.44
CA ALA A 536 22.15 65.36 5.82
C ALA A 536 23.53 65.55 6.45
N THR A 537 23.76 65.05 7.65
CA THR A 537 25.01 65.32 8.34
C THR A 537 25.71 64.08 8.87
N HIS A 538 25.14 62.89 8.73
CA HIS A 538 25.79 61.68 9.15
C HIS A 538 26.07 60.79 7.94
N GLU A 539 27.27 60.23 7.88
CA GLU A 539 27.58 59.18 6.93
C GLU A 539 27.16 57.83 7.49
N TRP A 540 26.54 57.01 6.65
CA TRP A 540 26.05 55.69 7.06
C TRP A 540 27.15 54.66 6.91
N MET A 541 27.62 54.14 8.03
CA MET A 541 28.49 52.96 8.04
C MET A 541 29.80 53.24 7.32
N THR A 542 30.52 54.24 7.81
CA THR A 542 31.86 54.52 7.32
C THR A 542 32.79 53.34 7.55
N THR A 543 33.99 53.44 6.97
CA THR A 543 35.06 52.51 7.27
C THR A 543 35.23 52.29 8.76
N GLU A 544 35.24 53.38 9.54
CA GLU A 544 35.64 53.27 10.93
C GLU A 544 34.58 52.54 11.75
N ASP A 545 33.30 52.85 11.53
CA ASP A 545 32.31 52.11 12.29
C ASP A 545 32.03 50.73 11.70
N MET A 546 32.47 50.45 10.47
CA MET A 546 32.56 49.05 10.03
C MET A 546 33.61 48.31 10.83
N LEU A 547 34.74 48.96 11.07
CA LEU A 547 35.76 48.33 11.88
C LEU A 547 35.32 48.20 13.33
N THR A 548 34.49 49.14 13.81
CA THR A 548 33.87 48.98 15.12
C THR A 548 33.02 47.71 15.17
N VAL A 549 32.21 47.48 14.13
CA VAL A 549 31.38 46.28 14.10
C VAL A 549 32.25 45.03 14.08
N TRP A 550 33.34 45.07 13.31
CA TRP A 550 34.23 43.90 13.22
C TRP A 550 34.81 43.55 14.58
N ASN A 551 35.33 44.55 15.30
CA ASN A 551 35.87 44.33 16.64
C ASN A 551 34.77 43.89 17.61
N ARG A 552 33.57 44.47 17.51
CA ARG A 552 32.47 44.06 18.38
C ARG A 552 32.17 42.57 18.22
N VAL A 553 32.10 42.08 16.99
CA VAL A 553 31.64 40.71 16.74
C VAL A 553 32.76 39.71 16.99
N TRP A 554 33.93 39.95 16.40
CA TRP A 554 35.00 38.96 16.39
C TRP A 554 35.91 39.03 17.61
N ILE A 555 35.89 40.14 18.34
CA ILE A 555 36.75 40.29 19.51
C ILE A 555 35.87 40.44 20.75
N GLN A 556 35.19 41.58 20.86
CA GLN A 556 34.48 41.93 22.09
C GLN A 556 33.51 40.84 22.49
N GLU A 557 32.57 40.49 21.60
CA GLU A 557 31.52 39.54 21.90
C GLU A 557 31.86 38.11 21.52
N ASN A 558 33.10 37.83 21.15
CA ASN A 558 33.46 36.48 20.75
C ASN A 558 33.90 35.69 21.97
N PRO A 559 33.07 34.79 22.49
CA PRO A 559 33.48 33.98 23.65
C PRO A 559 34.79 33.25 23.45
N TRP A 560 35.15 32.91 22.20
CA TRP A 560 36.38 32.17 21.99
C TRP A 560 37.59 33.07 21.79
N MET A 561 37.44 34.37 21.96
CA MET A 561 38.56 35.30 21.93
C MET A 561 38.83 35.81 23.34
N GLU A 562 39.87 35.28 23.98
CA GLU A 562 40.20 35.68 25.35
C GLU A 562 40.76 37.09 25.40
N ASP A 563 41.84 37.34 24.66
CA ASP A 563 42.39 38.69 24.60
C ASP A 563 41.44 39.61 23.86
N LYS A 564 40.84 40.57 24.58
CA LYS A 564 39.85 41.48 24.02
C LYS A 564 40.48 42.71 23.38
N THR A 565 41.79 42.69 23.11
CA THR A 565 42.47 43.81 22.48
C THR A 565 41.87 44.11 21.11
N PRO A 566 41.36 45.33 20.87
CA PRO A 566 40.80 45.64 19.56
C PRO A 566 41.86 45.57 18.48
N VAL A 567 41.39 45.57 17.24
CA VAL A 567 42.26 45.71 16.08
C VAL A 567 42.13 47.15 15.61
N GLU A 568 43.27 47.78 15.33
CA GLU A 568 43.29 49.23 15.16
C GLU A 568 43.01 49.67 13.75
N SER A 569 43.14 48.78 12.78
CA SER A 569 43.24 49.13 11.37
C SER A 569 42.70 47.98 10.52
N TRP A 570 41.94 48.32 9.49
CA TRP A 570 41.52 47.30 8.54
C TRP A 570 42.70 46.51 7.98
N GLU A 571 43.86 47.15 7.79
CA GLU A 571 45.02 46.45 7.26
C GLU A 571 45.58 45.40 8.22
N GLU A 572 45.25 45.46 9.51
CA GLU A 572 45.68 44.44 10.45
C GLU A 572 44.87 43.15 10.32
N ILE A 573 43.66 43.26 9.78
CA ILE A 573 42.73 42.15 9.67
C ILE A 573 43.19 41.29 8.50
N PRO A 574 43.60 40.06 8.74
CA PRO A 574 44.26 39.25 7.70
C PRO A 574 43.27 38.58 6.76
N TYR A 575 43.83 38.04 5.68
CA TYR A 575 43.15 37.21 4.70
C TYR A 575 43.51 35.75 4.89
N LEU A 576 42.72 34.87 4.29
CA LEU A 576 43.18 33.52 4.06
C LEU A 576 44.49 33.54 3.26
N GLY A 577 45.23 32.45 3.35
CA GLY A 577 46.32 32.22 2.42
C GLY A 577 45.82 32.16 0.99
N LYS A 578 46.66 32.65 0.07
CA LYS A 578 46.25 32.74 -1.33
C LYS A 578 45.71 31.41 -1.85
N ARG A 579 46.46 30.31 -1.64
CA ARG A 579 45.96 29.01 -2.11
C ARG A 579 44.59 28.71 -1.52
N GLU A 580 44.38 29.01 -0.24
CA GLU A 580 43.07 28.71 0.33
C GLU A 580 42.00 29.64 -0.25
N ASP A 581 42.30 30.93 -0.38
CA ASP A 581 41.37 31.83 -1.05
C ASP A 581 41.02 31.30 -2.44
N GLN A 582 42.03 30.83 -3.17
CA GLN A 582 41.78 30.33 -4.52
C GLN A 582 40.94 29.07 -4.47
N TRP A 583 41.32 28.13 -3.60
CA TRP A 583 40.57 26.89 -3.49
C TRP A 583 39.10 27.16 -3.21
N CYS A 584 38.78 28.32 -2.60
CA CYS A 584 37.40 28.68 -2.29
C CYS A 584 36.83 29.67 -3.29
N GLY A 585 37.37 29.68 -4.51
CA GLY A 585 36.77 30.38 -5.62
C GLY A 585 37.33 31.75 -5.88
N SER A 586 38.45 32.11 -5.26
CA SER A 586 39.00 33.44 -5.50
C SER A 586 39.49 33.58 -6.94
N LEU A 587 39.31 34.77 -7.49
CA LEU A 587 39.80 35.04 -8.83
C LEU A 587 41.19 35.62 -8.84
N ILE A 588 41.86 35.77 -7.68
CA ILE A 588 43.23 36.28 -7.73
C ILE A 588 44.04 35.33 -8.60
N GLY A 589 44.94 35.90 -9.38
CA GLY A 589 45.70 35.16 -10.36
C GLY A 589 45.14 35.19 -11.76
N LEU A 590 43.85 35.41 -11.92
CA LEU A 590 43.27 35.61 -13.24
C LEU A 590 43.55 37.03 -13.70
N THR A 591 43.81 37.17 -15.01
CA THR A 591 44.11 38.48 -15.54
C THR A 591 42.87 39.38 -15.52
N SER A 592 41.68 38.81 -15.71
CA SER A 592 40.46 39.62 -15.63
C SER A 592 40.33 40.30 -14.26
N ARG A 593 40.81 39.64 -13.22
CA ARG A 593 40.74 40.19 -11.87
C ARG A 593 41.82 41.22 -11.63
N ALA A 594 43.05 40.97 -12.09
CA ALA A 594 44.09 42.00 -11.96
C ALA A 594 43.67 43.28 -12.68
N THR A 595 43.01 43.15 -13.83
CA THR A 595 42.52 44.33 -14.53
C THR A 595 41.45 45.05 -13.72
N TRP A 596 40.39 44.31 -13.36
CA TRP A 596 39.31 44.84 -12.52
C TRP A 596 39.85 45.63 -11.34
N ALA A 597 40.77 45.02 -10.61
CA ALA A 597 41.38 45.67 -9.45
C ALA A 597 42.11 46.94 -9.84
N LYS A 598 43.07 46.83 -10.78
CA LYS A 598 43.89 47.99 -11.15
C LYS A 598 43.03 49.19 -11.54
N ASN A 599 41.88 48.96 -12.18
CA ASN A 599 41.03 50.04 -12.67
C ASN A 599 39.76 50.22 -11.86
N ILE A 600 39.77 49.82 -10.58
CA ILE A 600 38.53 49.77 -9.81
C ILE A 600 37.95 51.17 -9.62
N GLN A 601 38.81 52.19 -9.46
CA GLN A 601 38.31 53.55 -9.34
C GLN A 601 37.50 53.99 -10.57
N THR A 602 37.84 53.49 -11.77
CA THR A 602 37.10 53.87 -12.96
C THR A 602 35.66 53.36 -12.87
N ALA A 603 35.51 52.08 -12.53
CA ALA A 603 34.17 51.52 -12.37
C ALA A 603 33.42 52.22 -11.24
N ILE A 604 34.11 52.54 -10.13
CA ILE A 604 33.43 53.27 -9.05
C ILE A 604 32.91 54.61 -9.58
N ASN A 605 33.77 55.39 -10.24
CA ASN A 605 33.33 56.68 -10.78
C ASN A 605 32.20 56.51 -11.80
N GLN A 606 32.15 55.37 -12.50
CA GLN A 606 31.08 55.15 -13.45
C GLN A 606 29.75 54.96 -12.72
N VAL A 607 29.73 54.11 -11.70
CA VAL A 607 28.51 53.94 -10.90
C VAL A 607 28.11 55.26 -10.26
N ARG A 608 29.09 56.00 -9.70
CA ARG A 608 28.77 57.29 -9.08
C ARG A 608 28.02 58.18 -10.06
N SER A 609 28.59 58.33 -11.27
CA SER A 609 27.97 59.20 -12.28
C SER A 609 26.58 58.73 -12.63
N LEU A 610 26.37 57.41 -12.70
CA LEU A 610 25.05 56.91 -13.06
C LEU A 610 24.04 57.15 -11.95
N ILE A 611 24.47 57.14 -10.70
CA ILE A 611 23.56 57.36 -9.59
C ILE A 611 23.15 58.83 -9.55
N GLY A 612 24.09 59.72 -9.81
CA GLY A 612 23.80 61.13 -9.88
C GLY A 612 24.71 61.91 -8.96
N ASN A 613 24.38 63.19 -8.78
CA ASN A 613 25.21 64.10 -7.99
C ASN A 613 24.81 63.96 -6.52
N GLU A 614 25.58 63.19 -5.76
CA GLU A 614 25.35 63.00 -4.34
C GLU A 614 26.69 63.01 -3.62
N GLU A 615 26.65 63.03 -2.29
CA GLU A 615 27.89 63.05 -1.54
C GLU A 615 28.44 61.62 -1.48
N TYR A 616 29.72 61.47 -1.81
CA TYR A 616 30.34 60.16 -1.90
C TYR A 616 31.62 60.15 -1.07
N THR A 617 31.92 58.98 -0.53
CA THR A 617 33.10 58.77 0.31
C THR A 617 33.87 57.61 -0.26
N ASP A 618 35.18 57.66 -0.13
CA ASP A 618 36.06 56.66 -0.70
C ASP A 618 36.50 55.72 0.41
N TYR A 619 35.93 54.51 0.42
CA TYR A 619 36.32 53.49 1.37
C TYR A 619 37.58 52.73 0.95
N MET A 620 38.13 53.02 -0.23
CA MET A 620 39.25 52.26 -0.79
C MET A 620 40.58 52.40 -0.06
N PRO A 621 40.91 53.53 0.58
CA PRO A 621 42.19 53.60 1.30
C PRO A 621 42.28 52.75 2.57
N SER A 622 41.19 52.07 2.97
CA SER A 622 41.28 51.03 4.00
C SER A 622 42.23 49.91 3.58
N MET A 623 42.54 49.80 2.29
CA MET A 623 43.53 48.89 1.74
C MET A 623 44.54 49.67 0.90
N LYS A 624 45.76 49.13 0.79
CA LYS A 624 46.82 49.78 0.02
C LYS A 624 46.63 49.57 -1.48
N GLU D 5 18.27 10.70 -12.75
CA GLU D 5 18.13 9.38 -12.16
C GLU D 5 17.21 8.49 -13.01
N SER D 6 16.08 9.06 -13.46
CA SER D 6 15.15 8.35 -14.32
C SER D 6 15.74 8.12 -15.71
N GLU D 7 15.33 7.01 -16.33
CA GLU D 7 15.88 6.60 -17.61
C GLU D 7 14.97 7.08 -18.73
N THR D 8 15.57 7.63 -19.79
CA THR D 8 14.83 8.08 -20.96
C THR D 8 15.09 7.15 -22.15
N PRO D 9 14.17 6.23 -22.45
CA PRO D 9 14.45 5.19 -23.44
C PRO D 9 14.42 5.72 -24.86
N ASN D 10 15.24 5.10 -25.73
CA ASN D 10 15.27 5.44 -27.16
C ASN D 10 14.31 4.49 -27.89
N LEU D 11 13.01 4.82 -27.80
CA LEU D 11 12.01 4.00 -28.49
C LEU D 11 12.24 3.90 -29.99
N ASP D 12 13.02 4.82 -30.57
CA ASP D 12 13.40 4.66 -31.96
C ASP D 12 14.27 3.43 -32.16
N ILE D 13 14.85 2.89 -31.08
CA ILE D 13 15.73 1.74 -31.17
C ILE D 13 15.14 0.50 -30.51
N ILE D 14 14.38 0.69 -29.43
CA ILE D 14 13.86 -0.45 -28.67
C ILE D 14 12.36 -0.60 -28.85
N GLY D 15 11.74 0.21 -29.72
CA GLY D 15 10.29 0.21 -29.81
C GLY D 15 9.71 -1.07 -30.37
N LYS D 16 10.31 -1.60 -31.43
CA LYS D 16 9.73 -2.78 -32.08
C LYS D 16 9.85 -4.00 -31.19
N ARG D 17 10.95 -4.09 -30.45
CA ARG D 17 11.10 -5.21 -29.50
C ARG D 17 9.98 -5.19 -28.47
N ILE D 18 9.71 -4.03 -27.89
CA ILE D 18 8.62 -3.96 -26.91
C ILE D 18 7.29 -4.26 -27.57
N GLU D 19 7.04 -3.69 -28.76
CA GLU D 19 5.77 -3.95 -29.46
C GLU D 19 5.59 -5.44 -29.73
N LYS D 20 6.65 -6.10 -30.21
CA LYS D 20 6.55 -7.53 -30.49
C LYS D 20 6.25 -8.34 -29.23
N ILE D 21 6.80 -7.95 -28.08
CA ILE D 21 6.53 -8.69 -26.85
C ILE D 21 5.08 -8.47 -26.42
N LYS D 22 4.62 -7.21 -26.43
CA LYS D 22 3.23 -6.90 -26.11
C LYS D 22 2.28 -7.69 -26.98
N GLN D 23 2.46 -7.58 -28.30
CA GLN D 23 1.60 -8.24 -29.27
C GLN D 23 1.50 -9.75 -29.02
N GLU D 24 2.51 -10.36 -28.40
CA GLU D 24 2.46 -11.79 -28.10
C GLU D 24 1.86 -12.11 -26.75
N HIS D 25 1.68 -11.13 -25.88
CA HIS D 25 1.06 -11.38 -24.58
C HIS D 25 -0.09 -10.42 -24.34
N GLU D 26 -0.79 -10.00 -25.39
CA GLU D 26 -1.84 -9.00 -25.23
C GLU D 26 -2.96 -9.46 -24.33
N THR D 27 -3.08 -10.78 -24.10
CA THR D 27 -4.19 -11.29 -23.30
C THR D 27 -4.11 -10.83 -21.83
N SER D 28 -2.90 -10.71 -21.26
CA SER D 28 -2.74 -10.23 -19.88
C SER D 28 -1.85 -9.00 -19.78
N TRP D 29 -1.49 -8.39 -20.90
CA TRP D 29 -0.58 -7.26 -20.86
C TRP D 29 -1.26 -6.07 -20.18
N HIS D 30 -0.52 -5.41 -19.29
CA HIS D 30 -1.06 -4.33 -18.47
C HIS D 30 0.08 -3.49 -17.93
N TYR D 31 -0.26 -2.31 -17.44
CA TYR D 31 0.72 -1.37 -16.92
C TYR D 31 0.52 -1.27 -15.41
N ASP D 32 1.53 -1.70 -14.68
CA ASP D 32 1.51 -1.74 -13.22
C ASP D 32 2.05 -0.40 -12.72
N GLN D 33 1.16 0.48 -12.28
CA GLN D 33 1.61 1.77 -11.81
C GLN D 33 2.33 1.67 -10.48
N ASP D 34 2.16 0.55 -9.76
CA ASP D 34 2.92 0.23 -8.57
C ASP D 34 4.27 -0.47 -8.86
N HIS D 35 4.79 -0.38 -10.08
CA HIS D 35 6.05 -1.03 -10.39
C HIS D 35 7.21 -0.39 -9.62
N PRO D 36 8.19 -1.19 -9.19
CA PRO D 36 9.24 -0.68 -8.28
C PRO D 36 10.38 0.04 -8.96
N TYR D 37 10.45 0.03 -10.27
CA TYR D 37 11.66 0.48 -10.94
C TYR D 37 11.80 1.99 -10.80
N LYS D 38 12.94 2.42 -10.25
CA LYS D 38 13.21 3.83 -10.04
C LYS D 38 14.21 4.43 -11.03
N THR D 39 15.12 3.64 -11.61
CA THR D 39 16.10 4.14 -12.57
C THR D 39 16.07 3.39 -13.90
N TRP D 40 15.26 2.36 -14.03
CA TRP D 40 15.02 1.67 -15.29
C TRP D 40 13.73 2.20 -15.90
N ALA D 41 13.71 2.33 -17.22
CA ALA D 41 12.45 2.58 -17.90
C ALA D 41 11.56 1.36 -17.78
N TYR D 42 10.32 1.56 -17.35
CA TYR D 42 9.35 0.47 -17.27
C TYR D 42 8.32 0.60 -18.39
N HIS D 43 8.00 -0.51 -19.03
CA HIS D 43 7.17 -0.50 -20.23
C HIS D 43 5.85 -1.26 -20.07
N GLY D 44 5.82 -2.34 -19.29
CA GLY D 44 4.60 -3.12 -19.15
C GLY D 44 4.90 -4.43 -18.44
N SER D 45 3.83 -5.22 -18.28
CA SER D 45 3.87 -6.45 -17.48
C SER D 45 2.82 -7.41 -17.99
N TYR D 46 3.05 -8.71 -17.77
CA TYR D 46 2.09 -9.72 -18.17
C TYR D 46 2.24 -10.93 -17.26
N GLU D 47 1.19 -11.75 -17.21
CA GLU D 47 1.19 -12.87 -16.28
C GLU D 47 2.22 -13.91 -16.70
N THR D 48 2.89 -14.50 -15.70
CA THR D 48 3.96 -15.46 -15.95
C THR D 48 4.03 -16.43 -14.78
N LYS D 49 4.60 -17.61 -15.05
CA LYS D 49 4.81 -18.60 -14.00
C LYS D 49 6.15 -18.35 -13.31
N GLN D 50 6.18 -18.64 -12.01
CA GLN D 50 7.40 -18.45 -11.22
C GLN D 50 8.47 -19.44 -11.65
N THR D 51 9.72 -18.97 -11.67
CA THR D 51 10.87 -19.83 -11.85
C THR D 51 11.93 -19.42 -10.84
N GLY D 52 12.95 -20.28 -10.69
CA GLY D 52 14.00 -20.05 -9.73
C GLY D 52 13.76 -20.84 -8.45
N SER D 53 14.76 -20.80 -7.59
CA SER D 53 14.70 -21.58 -6.36
C SER D 53 15.36 -20.81 -5.24
N ALA D 54 14.93 -21.14 -4.02
CA ALA D 54 15.64 -20.66 -2.84
C ALA D 54 16.17 -21.80 -1.97
N SER D 55 16.06 -23.04 -2.42
CA SER D 55 16.38 -24.18 -1.57
C SER D 55 17.82 -24.64 -1.73
N SER D 56 18.33 -25.24 -0.66
CA SER D 56 19.64 -25.87 -0.60
C SER D 56 19.47 -27.33 -0.24
N MET D 57 20.49 -28.11 -0.57
CA MET D 57 20.51 -29.51 -0.23
C MET D 57 21.75 -29.79 0.61
N VAL D 58 21.58 -30.53 1.69
CA VAL D 58 22.69 -30.88 2.56
C VAL D 58 23.48 -31.99 1.90
N ASN D 59 24.80 -31.92 1.96
CA ASN D 59 25.65 -33.00 1.48
C ASN D 59 25.98 -33.86 2.68
N GLY D 60 25.14 -34.89 2.89
CA GLY D 60 25.18 -35.63 4.14
C GLY D 60 26.56 -36.17 4.47
N VAL D 61 27.29 -36.64 3.45
CA VAL D 61 28.59 -37.25 3.69
C VAL D 61 29.57 -36.22 4.24
N VAL D 62 29.61 -35.05 3.62
CA VAL D 62 30.57 -34.04 4.03
C VAL D 62 30.16 -33.47 5.37
N ARG D 63 28.87 -33.37 5.64
CA ARG D 63 28.47 -32.82 6.93
C ARG D 63 28.75 -33.79 8.07
N LEU D 64 28.58 -35.10 7.84
CA LEU D 64 28.82 -36.07 8.90
C LEU D 64 30.31 -36.21 9.19
N LEU D 65 31.16 -35.90 8.22
CA LEU D 65 32.59 -36.01 8.40
C LEU D 65 33.24 -34.67 8.73
N THR D 66 32.44 -33.64 9.04
CA THR D 66 33.02 -32.36 9.43
C THR D 66 32.33 -31.82 10.66
N LYS D 67 32.13 -32.71 11.66
CA LYS D 67 31.42 -32.33 12.89
C LYS D 67 31.98 -31.08 13.59
N PRO D 68 33.30 -30.89 13.75
CA PRO D 68 33.78 -29.71 14.49
C PRO D 68 33.30 -28.40 13.91
N TRP D 69 32.95 -28.35 12.62
CA TRP D 69 32.41 -27.16 11.99
C TRP D 69 30.90 -27.00 12.16
N ASP D 70 30.19 -27.99 12.72
CA ASP D 70 28.75 -27.81 12.96
C ASP D 70 28.47 -26.58 13.82
N ILE D 71 29.44 -26.20 14.65
CA ILE D 71 29.24 -25.19 15.68
C ILE D 71 29.79 -23.85 15.23
N ILE D 72 30.23 -23.75 13.97
CA ILE D 72 30.87 -22.58 13.39
C ILE D 72 29.87 -21.91 12.45
N PRO D 73 29.30 -20.75 12.80
CA PRO D 73 28.28 -20.14 11.94
C PRO D 73 28.80 -19.75 10.56
N MET D 74 30.07 -19.38 10.46
CA MET D 74 30.62 -19.07 9.15
C MET D 74 30.62 -20.29 8.23
N VAL D 75 30.45 -21.50 8.77
CA VAL D 75 30.24 -22.66 7.92
C VAL D 75 28.75 -22.91 7.75
N THR D 76 28.05 -23.05 8.87
CA THR D 76 26.69 -23.54 8.85
C THR D 76 25.70 -22.53 8.29
N GLN D 77 26.07 -21.28 8.09
CA GLN D 77 25.13 -20.37 7.46
C GLN D 77 25.23 -20.39 5.94
N MET D 78 26.18 -21.16 5.39
CA MET D 78 26.32 -21.27 3.94
C MET D 78 25.06 -21.87 3.33
N ALA D 79 24.51 -21.21 2.32
CA ALA D 79 23.34 -21.71 1.62
C ALA D 79 23.42 -21.39 0.13
N MET D 80 22.53 -22.03 -0.62
CA MET D 80 22.27 -21.65 -2.01
C MET D 80 21.63 -20.27 -2.05
N THR D 81 21.87 -19.53 -3.13
CA THR D 81 21.24 -18.23 -3.25
C THR D 81 19.74 -18.37 -3.57
N ASP D 82 19.01 -17.26 -3.40
CA ASP D 82 17.58 -17.17 -3.72
C ASP D 82 17.42 -16.60 -5.12
N THR D 83 17.00 -17.43 -6.07
CA THR D 83 16.82 -16.96 -7.43
C THR D 83 15.35 -16.92 -7.85
N THR D 84 14.43 -17.12 -6.89
CA THR D 84 13.01 -16.86 -7.10
C THR D 84 12.83 -15.38 -7.45
N PRO D 85 11.65 -15.01 -7.98
CA PRO D 85 11.42 -13.58 -8.27
C PRO D 85 11.66 -12.68 -7.07
N PHE D 86 11.31 -13.13 -5.85
CA PHE D 86 11.56 -12.32 -4.66
C PHE D 86 13.06 -12.06 -4.47
N GLY D 87 13.88 -13.11 -4.59
CA GLY D 87 15.32 -12.92 -4.50
C GLY D 87 15.89 -12.09 -5.64
N GLN D 88 15.40 -12.30 -6.86
CA GLN D 88 15.82 -11.45 -7.96
C GLN D 88 15.45 -9.99 -7.70
N GLN D 89 14.26 -9.75 -7.14
CA GLN D 89 13.84 -8.37 -6.95
C GLN D 89 14.61 -7.69 -5.84
N ARG D 90 14.93 -8.42 -4.77
CA ARG D 90 15.79 -7.83 -3.74
C ARG D 90 17.11 -7.38 -4.32
N VAL D 91 17.74 -8.24 -5.14
CA VAL D 91 19.00 -7.87 -5.77
C VAL D 91 18.77 -6.73 -6.74
N PHE D 92 17.63 -6.73 -7.41
CA PHE D 92 17.34 -5.67 -8.35
C PHE D 92 17.22 -4.32 -7.65
N LYS D 93 16.37 -4.26 -6.62
CA LYS D 93 16.21 -3.03 -5.84
C LYS D 93 17.55 -2.57 -5.25
N GLU D 94 18.37 -3.50 -4.76
CA GLU D 94 19.58 -3.11 -4.05
C GLU D 94 20.72 -2.73 -5.01
N LYS D 95 20.95 -3.50 -6.07
CA LYS D 95 22.12 -3.23 -6.90
C LYS D 95 21.79 -2.82 -8.32
N VAL D 96 20.81 -3.44 -8.99
CA VAL D 96 20.62 -3.19 -10.42
C VAL D 96 19.85 -1.90 -10.67
N ASP D 97 18.87 -1.58 -9.82
CA ASP D 97 18.07 -0.37 -9.98
C ASP D 97 18.78 0.80 -9.33
N THR D 98 19.92 1.17 -9.89
CA THR D 98 20.71 2.27 -9.36
C THR D 98 21.24 3.10 -10.51
N ARG D 99 21.79 4.26 -10.17
CA ARG D 99 22.13 5.27 -11.16
C ARG D 99 23.50 5.81 -10.83
N THR D 100 24.41 5.75 -11.79
CA THR D 100 25.74 6.30 -11.66
C THR D 100 25.79 7.70 -12.27
N GLN D 101 26.32 8.67 -11.54
CA GLN D 101 26.37 10.02 -12.06
C GLN D 101 27.30 10.07 -13.28
N GLU D 102 27.02 10.98 -14.20
CA GLU D 102 27.85 11.11 -15.40
C GLU D 102 29.22 11.65 -15.01
N PRO D 103 30.30 11.08 -15.52
CA PRO D 103 31.63 11.58 -15.17
C PRO D 103 31.82 13.01 -15.64
N LYS D 104 32.71 13.73 -14.97
CA LYS D 104 33.06 15.08 -15.39
C LYS D 104 33.79 15.04 -16.75
N GLU D 105 33.90 16.22 -17.37
CA GLU D 105 34.48 16.29 -18.70
C GLU D 105 35.94 15.84 -18.69
N GLY D 106 36.73 16.35 -17.76
CA GLY D 106 38.11 15.88 -17.64
C GLY D 106 38.20 14.38 -17.56
N THR D 107 37.35 13.77 -16.72
CA THR D 107 37.33 12.32 -16.62
C THR D 107 36.99 11.68 -17.95
N LYS D 108 35.98 12.21 -18.66
CA LYS D 108 35.62 11.66 -19.97
C LYS D 108 36.80 11.68 -20.94
N LYS D 109 37.58 12.77 -20.95
CA LYS D 109 38.67 12.87 -21.91
C LYS D 109 39.80 11.90 -21.57
N LEU D 110 40.07 11.72 -20.27
CA LEU D 110 41.07 10.73 -19.85
C LEU D 110 40.66 9.34 -20.31
N MET D 111 39.39 9.01 -20.18
CA MET D 111 38.95 7.70 -20.63
C MET D 111 39.08 7.53 -22.14
N LYS D 112 38.74 8.56 -22.93
CA LYS D 112 38.84 8.42 -24.37
C LYS D 112 40.29 8.27 -24.81
N ILE D 113 41.16 9.19 -24.36
CA ILE D 113 42.58 9.05 -24.67
C ILE D 113 43.06 7.64 -24.31
N THR D 114 42.87 7.26 -23.05
CA THR D 114 43.42 6.00 -22.54
C THR D 114 42.84 4.79 -23.26
N ALA D 115 41.52 4.75 -23.45
CA ALA D 115 40.95 3.61 -24.16
C ALA D 115 41.47 3.54 -25.60
N GLU D 116 41.54 4.68 -26.28
CA GLU D 116 42.08 4.70 -27.63
C GLU D 116 43.49 4.08 -27.68
N TRP D 117 44.38 4.54 -26.81
CA TRP D 117 45.72 3.96 -26.71
C TRP D 117 45.65 2.47 -26.37
N LEU D 118 44.73 2.09 -25.46
CA LEU D 118 44.64 0.70 -25.05
C LEU D 118 44.25 -0.20 -26.20
N TRP D 119 43.23 0.20 -26.97
CA TRP D 119 42.82 -0.61 -28.11
C TRP D 119 43.94 -0.70 -29.17
N LYS D 120 44.73 0.36 -29.37
CA LYS D 120 45.86 0.22 -30.27
C LYS D 120 46.89 -0.77 -29.71
N GLU D 121 47.16 -0.72 -28.40
CA GLU D 121 48.13 -1.65 -27.84
C GLU D 121 47.65 -3.09 -27.94
N LEU D 122 46.35 -3.32 -27.70
CA LEU D 122 45.84 -4.68 -27.74
C LEU D 122 45.81 -5.21 -29.17
N GLY D 123 45.68 -4.32 -30.14
CA GLY D 123 45.60 -4.72 -31.53
C GLY D 123 46.90 -4.79 -32.28
N LYS D 124 48.01 -4.36 -31.65
CA LYS D 124 49.33 -4.42 -32.30
C LYS D 124 49.59 -5.80 -32.89
N LYS D 125 49.36 -6.86 -32.12
CA LYS D 125 49.66 -8.20 -32.57
C LYS D 125 48.40 -9.03 -32.80
N LYS D 126 47.27 -8.38 -33.09
CA LYS D 126 45.99 -9.07 -33.19
C LYS D 126 45.08 -8.30 -34.14
N THR D 127 44.09 -8.98 -34.68
CA THR D 127 43.28 -8.36 -35.71
C THR D 127 41.83 -8.80 -35.57
N PRO D 128 40.90 -7.88 -35.36
CA PRO D 128 39.50 -8.28 -35.18
C PRO D 128 39.03 -9.09 -36.36
N ARG D 129 38.11 -9.99 -36.10
CA ARG D 129 37.61 -10.84 -37.16
C ARG D 129 36.24 -11.32 -36.73
N MET D 130 35.40 -11.62 -37.70
CA MET D 130 34.14 -12.27 -37.38
C MET D 130 34.42 -13.69 -36.97
N CYS D 131 33.54 -14.25 -36.15
CA CYS D 131 33.55 -15.66 -35.85
C CYS D 131 32.45 -16.34 -36.65
N THR D 132 32.57 -17.64 -36.81
CA THR D 132 31.78 -18.35 -37.82
C THR D 132 30.74 -19.23 -37.16
N ARG D 133 29.65 -19.46 -37.90
CA ARG D 133 28.61 -20.35 -37.41
C ARG D 133 29.17 -21.71 -37.02
N GLU D 134 30.15 -22.20 -37.78
CA GLU D 134 30.77 -23.46 -37.41
C GLU D 134 31.57 -23.29 -36.13
N GLU D 135 32.31 -22.18 -36.02
CA GLU D 135 33.00 -21.82 -34.79
C GLU D 135 32.04 -21.79 -33.61
N PHE D 136 30.82 -21.27 -33.83
CA PHE D 136 29.83 -21.19 -32.76
C PHE D 136 29.35 -22.58 -32.34
N THR D 137 29.07 -23.44 -33.32
CA THR D 137 28.51 -24.75 -33.02
C THR D 137 29.46 -25.59 -32.19
N ARG D 138 30.76 -25.48 -32.43
CA ARG D 138 31.73 -26.15 -31.57
C ARG D 138 31.66 -25.61 -30.15
N LYS D 139 31.81 -24.29 -30.01
CA LYS D 139 31.87 -23.65 -28.70
C LYS D 139 30.62 -23.93 -27.87
N VAL D 140 29.44 -23.76 -28.47
CA VAL D 140 28.22 -23.82 -27.68
C VAL D 140 28.02 -25.21 -27.09
N ARG D 141 27.45 -25.25 -25.90
CA ARG D 141 27.13 -26.51 -25.23
C ARG D 141 25.80 -27.01 -25.74
N SER D 142 25.71 -28.33 -25.94
CA SER D 142 24.47 -28.92 -26.44
C SER D 142 23.28 -28.48 -25.60
N ASN D 143 23.46 -28.34 -24.28
CA ASN D 143 22.39 -28.00 -23.35
C ASN D 143 22.41 -26.54 -22.91
N ALA D 144 23.06 -25.67 -23.68
CA ALA D 144 23.00 -24.24 -23.38
C ALA D 144 21.56 -23.76 -23.50
N ALA D 145 21.31 -22.60 -22.92
CA ALA D 145 19.95 -22.11 -22.81
C ALA D 145 19.50 -21.53 -24.14
N LEU D 146 18.34 -21.96 -24.59
CA LEU D 146 17.57 -21.19 -25.55
C LEU D 146 16.92 -20.03 -24.81
N GLY D 147 17.25 -18.81 -25.20
CA GLY D 147 16.68 -17.68 -24.49
C GLY D 147 15.18 -17.60 -24.67
N ALA D 148 14.72 -17.91 -25.88
CA ALA D 148 13.30 -18.16 -26.16
C ALA D 148 12.43 -17.03 -25.59
N ILE D 149 12.52 -15.88 -26.26
CA ILE D 149 11.65 -14.75 -25.94
C ILE D 149 10.34 -14.83 -26.70
N PHE D 150 10.42 -15.00 -28.02
CA PHE D 150 9.26 -15.00 -28.89
C PHE D 150 8.95 -16.41 -29.37
N THR D 151 7.69 -16.63 -29.73
CA THR D 151 7.19 -17.97 -30.00
C THR D 151 7.95 -18.63 -31.16
N ASP D 152 8.29 -17.86 -32.19
CA ASP D 152 9.05 -18.45 -33.30
C ASP D 152 10.39 -19.01 -32.85
N GLU D 153 10.89 -18.62 -31.68
CA GLU D 153 12.15 -19.14 -31.16
C GLU D 153 11.97 -20.32 -30.24
N ASN D 154 10.73 -20.70 -29.93
CA ASN D 154 10.50 -21.78 -28.98
C ASN D 154 10.21 -23.09 -29.68
N LYS D 155 10.99 -23.42 -30.71
CA LYS D 155 10.72 -24.60 -31.52
C LYS D 155 11.72 -25.73 -31.28
N TRP D 156 12.52 -25.66 -30.22
CA TRP D 156 13.59 -26.62 -29.99
C TRP D 156 13.70 -26.97 -28.51
N LYS D 157 14.23 -28.16 -28.24
CA LYS D 157 14.36 -28.65 -26.88
C LYS D 157 15.79 -28.62 -26.38
N SER D 158 16.74 -28.18 -27.21
CA SER D 158 18.13 -28.06 -26.81
C SER D 158 18.85 -27.20 -27.84
N ALA D 159 19.98 -26.64 -27.42
CA ALA D 159 20.73 -25.80 -28.34
C ALA D 159 21.40 -26.64 -29.42
N ARG D 160 21.67 -27.93 -29.14
CA ARG D 160 22.18 -28.80 -30.20
C ARG D 160 21.14 -28.96 -31.29
N GLU D 161 19.92 -29.34 -30.90
CA GLU D 161 18.80 -29.42 -31.84
C GLU D 161 18.63 -28.12 -32.61
N ALA D 162 18.83 -26.98 -31.94
CA ALA D 162 18.63 -25.69 -32.59
C ALA D 162 19.69 -25.41 -33.64
N VAL D 163 20.97 -25.53 -33.30
CA VAL D 163 21.99 -25.16 -34.28
C VAL D 163 22.15 -26.20 -35.38
N GLU D 164 21.47 -27.34 -35.26
CA GLU D 164 21.43 -28.35 -36.32
C GLU D 164 20.17 -28.23 -37.18
N ASP D 165 19.44 -27.13 -37.08
CA ASP D 165 18.22 -26.91 -37.83
C ASP D 165 18.38 -25.65 -38.66
N SER D 166 17.97 -25.75 -39.94
CA SER D 166 18.00 -24.57 -40.79
C SER D 166 16.94 -23.55 -40.39
N GLY D 167 15.90 -23.99 -39.68
CA GLY D 167 14.95 -23.02 -39.14
C GLY D 167 15.61 -22.02 -38.22
N PHE D 168 16.41 -22.54 -37.27
CA PHE D 168 17.15 -21.65 -36.39
C PHE D 168 17.98 -20.65 -37.19
N TRP D 169 18.87 -21.15 -38.04
CA TRP D 169 19.74 -20.23 -38.77
C TRP D 169 18.98 -19.33 -39.72
N GLU D 170 17.77 -19.72 -40.13
CA GLU D 170 16.91 -18.79 -40.86
C GLU D 170 16.53 -17.60 -39.97
N LEU D 171 16.10 -17.88 -38.74
CA LEU D 171 15.78 -16.80 -37.79
C LEU D 171 16.97 -15.90 -37.54
N VAL D 172 18.17 -16.47 -37.52
CA VAL D 172 19.38 -15.67 -37.29
C VAL D 172 19.67 -14.78 -38.49
N ASP D 173 19.40 -15.26 -39.70
CA ASP D 173 19.67 -14.45 -40.89
C ASP D 173 18.73 -13.26 -40.97
N LYS D 174 17.47 -13.47 -40.62
CA LYS D 174 16.49 -12.39 -40.64
C LYS D 174 16.94 -11.23 -39.76
N GLU D 175 17.33 -11.53 -38.51
CA GLU D 175 17.80 -10.47 -37.63
C GLU D 175 19.17 -9.96 -38.07
N ARG D 176 20.08 -10.85 -38.48
CA ARG D 176 21.39 -10.42 -38.94
C ARG D 176 21.26 -9.39 -40.06
N ASN D 177 20.24 -9.51 -40.90
CA ASN D 177 20.08 -8.53 -41.97
C ASN D 177 19.54 -7.23 -41.43
N LEU D 178 18.58 -7.31 -40.50
CA LEU D 178 18.10 -6.11 -39.83
C LEU D 178 19.26 -5.36 -39.18
N HIS D 179 20.22 -6.09 -38.63
CA HIS D 179 21.37 -5.44 -38.03
C HIS D 179 22.18 -4.67 -39.06
N LEU D 180 22.34 -5.23 -40.27
CA LEU D 180 23.16 -4.55 -41.26
C LEU D 180 22.52 -3.24 -41.71
N GLU D 181 21.18 -3.17 -41.69
CA GLU D 181 20.49 -1.92 -41.91
C GLU D 181 20.52 -0.99 -40.69
N GLY D 182 21.02 -1.45 -39.55
CA GLY D 182 21.05 -0.64 -38.35
C GLY D 182 19.84 -0.77 -37.48
N LYS D 183 18.99 -1.76 -37.73
CA LYS D 183 17.76 -1.96 -36.98
C LYS D 183 17.84 -3.27 -36.21
N CYS D 184 17.00 -3.41 -35.19
CA CYS D 184 17.00 -4.58 -34.32
C CYS D 184 15.59 -4.85 -33.84
N GLU D 185 15.24 -6.14 -33.77
CA GLU D 185 13.85 -6.53 -33.55
C GLU D 185 13.62 -7.65 -32.55
N THR D 186 14.61 -8.51 -32.27
CA THR D 186 14.36 -9.68 -31.45
C THR D 186 15.36 -9.87 -30.31
N CYS D 187 16.37 -9.00 -30.20
CA CYS D 187 17.45 -9.18 -29.22
C CYS D 187 17.03 -8.60 -27.87
N VAL D 188 16.43 -9.45 -27.05
CA VAL D 188 15.88 -9.11 -25.75
C VAL D 188 16.56 -10.00 -24.71
N TYR D 189 16.77 -9.47 -23.49
CA TYR D 189 17.47 -10.20 -22.46
C TYR D 189 16.52 -10.96 -21.55
N ASN D 190 16.79 -12.24 -21.36
CA ASN D 190 16.25 -12.90 -20.19
C ASN D 190 17.03 -12.45 -18.97
N MET D 191 16.40 -12.56 -17.81
CA MET D 191 17.08 -12.23 -16.58
C MET D 191 16.74 -13.29 -15.56
N MET D 192 17.77 -13.88 -14.97
CA MET D 192 17.62 -14.84 -13.89
C MET D 192 18.60 -14.47 -12.79
N GLY D 193 18.42 -15.08 -11.62
CA GLY D 193 19.37 -14.90 -10.54
C GLY D 193 20.48 -15.93 -10.64
N LYS D 194 21.69 -15.52 -10.30
CA LYS D 194 22.80 -16.47 -10.28
C LYS D 194 22.61 -17.49 -9.16
N ARG D 195 22.52 -18.77 -9.50
CA ARG D 195 22.53 -19.81 -8.49
C ARG D 195 23.97 -20.05 -8.04
N GLU D 196 24.24 -19.81 -6.77
CA GLU D 196 25.57 -20.05 -6.24
C GLU D 196 25.47 -20.06 -4.73
N LYS D 197 26.59 -20.30 -4.08
CA LYS D 197 26.63 -20.48 -2.64
C LYS D 197 27.00 -19.18 -1.96
N LYS D 198 26.26 -18.82 -0.89
CA LYS D 198 26.45 -17.54 -0.24
C LYS D 198 25.94 -17.64 1.19
N LEU D 199 26.62 -16.96 2.11
CA LEU D 199 26.18 -16.96 3.50
C LEU D 199 24.75 -16.44 3.59
N GLY D 200 23.88 -17.21 4.20
CA GLY D 200 22.56 -16.71 4.49
C GLY D 200 22.57 -15.75 5.67
N GLU D 201 21.44 -15.10 5.89
CA GLU D 201 21.34 -14.14 6.97
C GLU D 201 20.00 -14.27 7.66
N PHE D 202 20.04 -14.32 8.99
CA PHE D 202 18.84 -14.42 9.79
C PHE D 202 17.92 -15.50 9.23
N GLY D 203 18.50 -16.65 8.87
CA GLY D 203 17.72 -17.79 8.48
C GLY D 203 17.07 -17.70 7.13
N LYS D 204 17.41 -16.67 6.35
CA LYS D 204 16.96 -16.54 4.98
C LYS D 204 18.16 -16.65 4.04
N ALA D 205 17.93 -17.27 2.89
CA ALA D 205 18.93 -17.26 1.84
C ALA D 205 18.81 -15.95 1.07
N LYS D 206 19.95 -15.45 0.61
CA LYS D 206 20.00 -14.17 -0.10
C LYS D 206 20.27 -14.40 -1.58
N GLY D 207 19.80 -13.48 -2.42
CA GLY D 207 20.26 -13.48 -3.79
C GLY D 207 21.62 -12.82 -3.92
N SER D 208 22.41 -13.21 -4.94
CA SER D 208 23.70 -12.59 -5.15
C SER D 208 23.69 -11.56 -6.26
N ARG D 209 23.19 -11.88 -7.45
CA ARG D 209 23.32 -10.96 -8.56
C ARG D 209 22.45 -11.41 -9.72
N ALA D 210 22.30 -10.51 -10.70
CA ALA D 210 21.49 -10.76 -11.89
C ALA D 210 22.38 -11.25 -13.01
N ILE D 211 21.88 -12.24 -13.73
CA ILE D 211 22.52 -12.74 -14.94
C ILE D 211 21.59 -12.41 -16.09
N TRP D 212 22.14 -11.83 -17.17
CA TRP D 212 21.34 -11.44 -18.33
C TRP D 212 21.77 -12.23 -19.54
N TYR D 213 20.80 -12.79 -20.27
CA TYR D 213 21.16 -13.53 -21.46
C TYR D 213 20.06 -13.42 -22.50
N MET D 214 20.49 -13.21 -23.74
CA MET D 214 19.60 -13.14 -24.89
C MET D 214 19.34 -14.55 -25.40
N TRP D 215 18.48 -14.68 -26.41
CA TRP D 215 18.24 -16.04 -26.89
C TRP D 215 19.44 -16.50 -27.72
N LEU D 216 19.50 -17.83 -27.94
CA LEU D 216 20.65 -18.46 -28.59
C LEU D 216 21.03 -17.74 -29.87
N GLY D 217 20.05 -17.42 -30.71
CA GLY D 217 20.35 -16.70 -31.95
C GLY D 217 21.03 -15.38 -31.68
N ALA D 218 20.47 -14.59 -30.76
CA ALA D 218 21.08 -13.31 -30.44
C ALA D 218 22.47 -13.50 -29.90
N ARG D 219 22.67 -14.55 -29.09
CA ARG D 219 24.00 -14.78 -28.55
C ARG D 219 24.96 -15.21 -29.64
N PHE D 220 24.47 -15.91 -30.68
CA PHE D 220 25.35 -16.16 -31.81
C PHE D 220 25.79 -14.85 -32.46
N LEU D 221 24.87 -13.87 -32.59
CA LEU D 221 25.24 -12.61 -33.22
C LEU D 221 26.29 -11.88 -32.41
N GLU D 222 26.19 -11.89 -31.08
CA GLU D 222 27.25 -11.31 -30.27
C GLU D 222 28.56 -12.01 -30.57
N PHE D 223 28.51 -13.34 -30.60
CA PHE D 223 29.71 -14.14 -30.78
C PHE D 223 30.31 -13.87 -32.15
N GLU D 224 29.46 -13.77 -33.17
CA GLU D 224 29.94 -13.44 -34.51
C GLU D 224 30.68 -12.12 -34.51
N ALA D 225 30.03 -11.07 -34.00
CA ALA D 225 30.60 -9.73 -34.10
C ALA D 225 31.73 -9.54 -33.11
N LEU D 226 31.63 -10.13 -31.93
CA LEU D 226 32.53 -9.75 -30.85
C LEU D 226 33.27 -10.90 -30.20
N GLY D 227 32.96 -12.15 -30.53
CA GLY D 227 33.66 -13.30 -29.96
C GLY D 227 35.17 -13.27 -30.11
N PHE D 228 35.67 -12.58 -31.13
CA PHE D 228 37.10 -12.61 -31.37
C PHE D 228 37.88 -12.13 -30.17
N LEU D 229 37.28 -11.27 -29.34
CA LEU D 229 37.98 -10.77 -28.15
C LEU D 229 38.43 -11.93 -27.28
N ASN D 230 37.62 -12.99 -27.22
CA ASN D 230 37.92 -14.21 -26.48
C ASN D 230 38.62 -15.25 -27.35
N GLU D 231 38.00 -15.66 -28.46
CA GLU D 231 38.58 -16.72 -29.29
C GLU D 231 40.02 -16.41 -29.69
N ASP D 232 40.38 -15.16 -29.95
CA ASP D 232 41.77 -14.87 -30.26
C ASP D 232 42.55 -14.36 -29.06
N HIS D 233 41.97 -14.43 -27.85
CA HIS D 233 42.69 -14.23 -26.59
C HIS D 233 43.33 -12.85 -26.46
N TRP D 234 42.51 -11.81 -26.67
CA TRP D 234 43.01 -10.44 -26.58
C TRP D 234 43.53 -10.09 -25.20
N PHE D 235 43.03 -10.73 -24.15
CA PHE D 235 43.37 -10.30 -22.80
C PHE D 235 44.26 -11.30 -22.08
N SER D 236 44.93 -12.19 -22.82
CA SER D 236 46.00 -12.98 -22.27
C SER D 236 47.07 -12.06 -21.73
N ARG D 237 47.84 -12.56 -20.78
CA ARG D 237 48.87 -11.72 -20.19
C ARG D 237 49.91 -11.35 -21.25
N GLU D 238 50.20 -12.28 -22.16
CA GLU D 238 51.11 -11.99 -23.26
C GLU D 238 50.65 -10.75 -24.04
N ASN D 239 49.37 -10.70 -24.41
CA ASN D 239 48.90 -9.59 -25.22
C ASN D 239 48.62 -8.33 -24.40
N SER D 240 48.00 -8.44 -23.22
CA SER D 240 47.58 -7.23 -22.50
C SER D 240 48.57 -6.76 -21.44
N LEU D 241 49.50 -7.63 -21.02
CA LEU D 241 50.47 -7.34 -19.96
C LEU D 241 49.80 -7.25 -18.57
N SER D 242 48.53 -6.85 -18.53
CA SER D 242 47.77 -6.75 -17.30
C SER D 242 46.82 -7.90 -17.10
N GLY D 243 46.28 -8.46 -18.18
CA GLY D 243 45.28 -9.51 -18.06
C GLY D 243 45.89 -10.78 -17.52
N VAL D 244 45.02 -11.77 -17.31
CA VAL D 244 45.40 -13.08 -16.80
C VAL D 244 44.50 -14.13 -17.43
N GLU D 245 43.76 -13.76 -18.46
CA GLU D 245 42.87 -14.71 -19.13
C GLU D 245 43.62 -15.99 -19.44
N GLY D 246 43.08 -17.12 -18.99
CA GLY D 246 43.66 -18.40 -19.30
C GLY D 246 44.68 -18.91 -18.31
N GLU D 247 45.11 -18.11 -17.34
CA GLU D 247 45.87 -18.66 -16.23
C GLU D 247 44.92 -19.24 -15.20
N GLY D 248 45.08 -20.51 -14.87
CA GLY D 248 44.23 -21.09 -13.85
C GLY D 248 44.46 -20.44 -12.49
N LEU D 249 43.48 -20.61 -11.61
CA LEU D 249 43.59 -20.00 -10.28
C LEU D 249 44.92 -20.32 -9.63
N HIS D 250 45.37 -21.58 -9.72
CA HIS D 250 46.56 -21.94 -8.95
C HIS D 250 47.80 -21.23 -9.44
N LYS D 251 47.83 -20.83 -10.71
CA LYS D 251 48.98 -20.05 -11.19
C LYS D 251 49.01 -18.60 -10.71
N LEU D 252 47.87 -18.02 -10.31
CA LEU D 252 47.81 -16.56 -10.16
C LEU D 252 48.80 -16.05 -9.11
N GLY D 253 49.07 -16.84 -8.08
CA GLY D 253 50.05 -16.42 -7.09
C GLY D 253 51.43 -16.19 -7.67
N TYR D 254 51.84 -17.04 -8.62
CA TYR D 254 53.13 -16.85 -9.28
C TYR D 254 53.18 -15.52 -10.02
N ILE D 255 52.09 -15.16 -10.71
CA ILE D 255 51.99 -13.85 -11.34
C ILE D 255 52.09 -12.74 -10.30
N LEU D 256 51.35 -12.85 -9.20
CA LEU D 256 51.46 -11.84 -8.15
C LEU D 256 52.89 -11.74 -7.66
N ARG D 257 53.57 -12.88 -7.48
CA ARG D 257 54.96 -12.84 -7.05
C ARG D 257 55.84 -12.14 -8.08
N ASP D 258 55.53 -12.32 -9.36
CA ASP D 258 56.32 -11.68 -10.39
C ASP D 258 56.08 -10.17 -10.42
N VAL D 259 54.84 -9.74 -10.24
CA VAL D 259 54.60 -8.30 -10.17
C VAL D 259 55.31 -7.71 -8.96
N SER D 260 55.34 -8.44 -7.84
CA SER D 260 55.95 -7.88 -6.64
C SER D 260 57.43 -7.62 -6.83
N LYS D 261 58.04 -8.22 -7.86
CA LYS D 261 59.45 -7.97 -8.18
C LYS D 261 59.70 -6.54 -8.65
N LYS D 262 58.67 -5.85 -9.14
CA LYS D 262 58.87 -4.50 -9.60
C LYS D 262 59.23 -3.59 -8.44
N GLU D 263 59.67 -2.39 -8.78
CA GLU D 263 59.83 -1.31 -7.81
C GLU D 263 58.52 -0.56 -7.71
N GLY D 264 58.19 -0.12 -6.51
CA GLY D 264 56.96 0.65 -6.36
C GLY D 264 56.50 0.67 -4.92
N GLY D 265 55.26 1.11 -4.76
CA GLY D 265 54.61 1.15 -3.46
C GLY D 265 54.13 -0.22 -3.05
N ALA D 266 53.19 -0.22 -2.11
CA ALA D 266 52.52 -1.46 -1.75
C ALA D 266 51.71 -1.96 -2.94
N MET D 267 51.20 -3.18 -2.84
CA MET D 267 50.25 -3.69 -3.83
C MET D 267 48.85 -3.37 -3.34
N TYR D 268 47.99 -2.93 -4.25
CA TYR D 268 46.63 -2.52 -3.94
C TYR D 268 45.67 -3.44 -4.67
N ALA D 269 44.51 -3.70 -4.02
CA ALA D 269 43.54 -4.63 -4.62
C ALA D 269 42.15 -4.17 -4.18
N ASP D 270 41.69 -3.05 -4.71
CA ASP D 270 40.43 -2.47 -4.26
C ASP D 270 39.26 -3.09 -5.02
N ASP D 271 38.22 -3.49 -4.28
CA ASP D 271 37.05 -4.12 -4.85
C ASP D 271 36.01 -3.05 -5.15
N THR D 272 35.52 -3.05 -6.39
CA THR D 272 34.41 -2.19 -6.78
C THR D 272 33.10 -2.84 -6.38
N ALA D 273 32.22 -2.06 -5.77
CA ALA D 273 30.94 -2.62 -5.39
C ALA D 273 30.06 -2.69 -6.64
N GLY D 274 29.80 -3.90 -7.11
CA GLY D 274 28.79 -4.07 -8.14
C GLY D 274 29.29 -3.51 -9.45
N TRP D 275 30.46 -3.99 -9.89
CA TRP D 275 31.12 -3.47 -11.07
C TRP D 275 30.17 -3.34 -12.26
N ASP D 276 29.49 -4.41 -12.60
CA ASP D 276 28.76 -4.43 -13.86
C ASP D 276 27.69 -3.33 -13.86
N THR D 277 27.16 -2.99 -12.68
CA THR D 277 26.14 -1.92 -12.58
C THR D 277 26.75 -0.53 -12.62
N ARG D 278 28.05 -0.39 -12.37
CA ARG D 278 28.73 0.89 -12.41
C ARG D 278 29.39 1.15 -13.76
N ILE D 279 28.96 0.44 -14.81
CA ILE D 279 29.49 0.66 -16.15
C ILE D 279 28.63 1.70 -16.85
N THR D 280 29.20 2.88 -17.06
CA THR D 280 28.53 4.02 -17.63
C THR D 280 28.42 3.90 -19.15
N LEU D 281 27.55 4.74 -19.72
CA LEU D 281 27.49 4.88 -21.17
C LEU D 281 28.83 5.39 -21.73
N GLU D 282 29.50 6.26 -21.00
CA GLU D 282 30.84 6.61 -21.41
C GLU D 282 31.74 5.38 -21.49
N ASP D 283 31.62 4.47 -20.51
CA ASP D 283 32.41 3.25 -20.55
C ASP D 283 32.09 2.42 -21.77
N LEU D 284 30.79 2.20 -22.00
CA LEU D 284 30.37 1.39 -23.13
C LEU D 284 30.80 2.03 -24.44
N LYS D 285 30.79 3.36 -24.51
CA LYS D 285 31.20 4.00 -25.74
C LYS D 285 32.70 3.84 -25.95
N ASN D 286 33.48 3.93 -24.87
CA ASN D 286 34.90 3.68 -25.00
C ASN D 286 35.19 2.23 -25.35
N GLU D 287 34.40 1.28 -24.86
CA GLU D 287 34.57 -0.11 -25.27
C GLU D 287 34.26 -0.27 -26.74
N GLU D 288 33.17 0.37 -27.21
CA GLU D 288 32.73 0.25 -28.59
C GLU D 288 33.82 0.67 -29.57
N MET D 289 34.81 1.43 -29.13
CA MET D 289 35.84 1.95 -30.03
C MET D 289 36.63 0.86 -30.73
N VAL D 290 36.54 -0.40 -30.26
CA VAL D 290 37.19 -1.49 -30.98
C VAL D 290 36.75 -1.54 -32.44
N THR D 291 35.57 -1.01 -32.78
CA THR D 291 35.07 -1.05 -34.15
C THR D 291 35.82 -0.13 -35.10
N ASN D 292 36.48 0.92 -34.58
CA ASN D 292 37.36 1.71 -35.43
C ASN D 292 38.43 0.87 -36.09
N HIS D 293 38.82 -0.22 -35.44
CA HIS D 293 39.83 -1.12 -35.96
C HIS D 293 39.22 -2.25 -36.79
N MET D 294 37.94 -2.17 -37.15
CA MET D 294 37.26 -3.15 -37.97
C MET D 294 36.93 -2.55 -39.33
N GLU D 295 36.28 -3.36 -40.16
CA GLU D 295 36.12 -3.05 -41.58
C GLU D 295 34.90 -3.78 -42.15
N GLY D 296 34.11 -3.07 -42.96
CA GLY D 296 33.09 -3.70 -43.78
C GLY D 296 31.93 -4.30 -43.01
N GLU D 297 31.45 -5.45 -43.51
CA GLU D 297 30.35 -6.14 -42.85
C GLU D 297 30.61 -6.32 -41.37
N HIS D 298 31.85 -6.60 -40.99
CA HIS D 298 32.16 -6.81 -39.59
C HIS D 298 31.87 -5.56 -38.78
N LYS D 299 32.45 -4.42 -39.18
CA LYS D 299 32.17 -3.14 -38.52
C LYS D 299 30.67 -2.92 -38.32
N LYS D 300 29.89 -3.06 -39.39
CA LYS D 300 28.46 -2.82 -39.28
C LYS D 300 27.82 -3.76 -38.26
N LEU D 301 28.25 -5.03 -38.24
CA LEU D 301 27.59 -6.05 -37.41
C LEU D 301 27.90 -5.87 -35.93
N ALA D 302 29.12 -5.43 -35.62
CA ALA D 302 29.53 -5.23 -34.25
C ALA D 302 29.00 -3.91 -33.71
N GLU D 303 29.03 -2.85 -34.55
CA GLU D 303 28.34 -1.63 -34.19
C GLU D 303 26.86 -1.88 -33.95
N ALA D 304 26.29 -2.90 -34.60
CA ALA D 304 24.91 -3.25 -34.30
C ALA D 304 24.78 -3.80 -32.88
N ILE D 305 25.61 -4.79 -32.53
CA ILE D 305 25.58 -5.35 -31.18
C ILE D 305 25.82 -4.26 -30.14
N PHE D 306 26.82 -3.41 -30.37
CA PHE D 306 27.19 -2.39 -29.39
C PHE D 306 26.06 -1.41 -29.18
N LYS D 307 25.57 -0.80 -30.27
CA LYS D 307 24.63 0.30 -30.14
C LYS D 307 23.21 -0.21 -29.87
N LEU D 308 22.81 -1.31 -30.50
CA LEU D 308 21.42 -1.74 -30.45
C LEU D 308 21.12 -2.76 -29.35
N THR D 309 22.10 -3.51 -28.88
CA THR D 309 21.84 -4.50 -27.83
C THR D 309 22.64 -4.27 -26.55
N TYR D 310 23.81 -3.63 -26.62
CA TYR D 310 24.57 -3.39 -25.40
C TYR D 310 24.25 -2.03 -24.80
N GLN D 311 24.03 -1.03 -25.64
CA GLN D 311 23.76 0.33 -25.20
C GLN D 311 22.29 0.69 -25.23
N ASN D 312 21.41 -0.28 -25.51
CA ASN D 312 19.98 -0.07 -25.51
C ASN D 312 19.32 -1.39 -25.19
N LYS D 313 19.20 -1.73 -23.92
CA LYS D 313 18.90 -3.10 -23.51
C LYS D 313 17.43 -3.22 -23.14
N VAL D 314 16.77 -4.26 -23.65
CA VAL D 314 15.39 -4.60 -23.29
C VAL D 314 15.45 -5.87 -22.47
N VAL D 315 14.80 -5.86 -21.29
CA VAL D 315 14.93 -6.96 -20.34
C VAL D 315 13.55 -7.40 -19.87
N ARG D 316 13.36 -8.72 -19.79
CA ARG D 316 12.22 -9.34 -19.14
C ARG D 316 12.69 -9.88 -17.79
N VAL D 317 12.02 -9.48 -16.71
CA VAL D 317 12.38 -9.92 -15.37
C VAL D 317 11.11 -10.18 -14.58
N GLN D 318 11.19 -11.14 -13.67
CA GLN D 318 10.05 -11.59 -12.87
C GLN D 318 9.91 -10.77 -11.59
N ARG D 319 8.67 -10.60 -11.15
CA ARG D 319 8.41 -9.81 -10.00
C ARG D 319 7.19 -10.42 -9.32
N PRO D 320 7.27 -10.69 -8.02
CA PRO D 320 6.07 -11.13 -7.30
C PRO D 320 5.12 -9.96 -7.08
N THR D 321 3.84 -10.26 -7.17
CA THR D 321 2.74 -9.34 -6.88
C THR D 321 1.69 -10.14 -6.15
N PRO D 322 0.82 -9.46 -5.39
CA PRO D 322 -0.23 -10.20 -4.67
C PRO D 322 -1.10 -11.05 -5.57
N ARG D 323 -1.32 -10.62 -6.81
CA ARG D 323 -2.10 -11.36 -7.80
C ARG D 323 -1.29 -12.46 -8.52
N GLY D 324 -0.16 -12.90 -7.98
CA GLY D 324 0.69 -13.88 -8.64
C GLY D 324 1.98 -13.27 -9.14
N THR D 325 2.67 -14.02 -10.01
CA THR D 325 3.94 -13.58 -10.56
C THR D 325 3.69 -12.90 -11.91
N VAL D 326 4.26 -11.72 -12.10
CA VAL D 326 4.23 -11.05 -13.38
C VAL D 326 5.63 -11.00 -13.95
N MET D 327 5.73 -10.52 -15.17
CA MET D 327 6.97 -10.40 -15.91
C MET D 327 7.03 -8.96 -16.39
N ASP D 328 8.11 -8.25 -16.08
CA ASP D 328 8.21 -6.83 -16.40
C ASP D 328 9.10 -6.65 -17.61
N ILE D 329 8.66 -5.77 -18.52
CA ILE D 329 9.48 -5.37 -19.65
C ILE D 329 10.09 -4.02 -19.31
N ILE D 330 11.40 -4.00 -19.07
CA ILE D 330 12.09 -2.80 -18.65
C ILE D 330 13.28 -2.61 -19.58
N SER D 331 13.87 -1.43 -19.53
CA SER D 331 14.95 -1.12 -20.46
C SER D 331 15.98 -0.23 -19.77
N ARG D 332 17.22 -0.32 -20.23
CA ARG D 332 18.30 0.40 -19.57
C ARG D 332 19.43 0.62 -20.57
N ARG D 333 19.99 1.82 -20.59
CA ARG D 333 20.93 2.08 -21.66
C ARG D 333 22.37 1.85 -21.23
N ASP D 334 22.74 2.21 -20.00
CA ASP D 334 24.08 1.91 -19.48
C ASP D 334 23.99 0.61 -18.66
N GLN D 335 25.09 0.30 -17.95
CA GLN D 335 25.33 -0.94 -17.22
C GLN D 335 25.79 -2.06 -18.16
N ARG D 336 26.58 -3.02 -17.66
CA ARG D 336 26.97 -4.19 -18.42
C ARG D 336 25.94 -5.28 -18.20
N GLY D 337 25.50 -5.91 -19.29
CA GLY D 337 24.68 -7.10 -19.15
C GLY D 337 25.53 -8.32 -18.87
N SER D 338 25.80 -8.57 -17.59
CA SER D 338 26.55 -9.76 -17.20
C SER D 338 25.91 -10.99 -17.84
N GLY D 339 26.55 -11.51 -18.88
CA GLY D 339 26.02 -12.62 -19.64
C GLY D 339 26.21 -12.38 -21.11
N GLN D 340 26.69 -11.18 -21.43
CA GLN D 340 27.10 -10.85 -22.79
C GLN D 340 28.43 -11.52 -23.10
N VAL D 341 28.65 -11.81 -24.39
CA VAL D 341 29.89 -12.45 -24.79
C VAL D 341 31.12 -11.64 -24.36
N VAL D 342 30.95 -10.33 -24.18
CA VAL D 342 32.09 -9.48 -23.83
C VAL D 342 32.28 -9.28 -22.33
N THR D 343 31.40 -9.84 -21.48
CA THR D 343 31.43 -9.55 -20.05
C THR D 343 32.85 -9.55 -19.50
N TYR D 344 33.50 -10.71 -19.47
CA TYR D 344 34.85 -10.79 -18.95
C TYR D 344 35.81 -9.88 -19.70
N GLY D 345 35.80 -9.95 -21.03
CA GLY D 345 36.81 -9.24 -21.80
C GLY D 345 36.74 -7.74 -21.60
N LEU D 346 35.53 -7.16 -21.78
CA LEU D 346 35.37 -5.73 -21.64
C LEU D 346 35.48 -5.29 -20.18
N ASN D 347 35.05 -6.13 -19.22
CA ASN D 347 35.32 -5.82 -17.82
C ASN D 347 36.82 -5.65 -17.60
N THR D 348 37.60 -6.59 -18.14
CA THR D 348 39.04 -6.48 -18.02
C THR D 348 39.54 -5.23 -18.73
N PHE D 349 38.97 -4.93 -19.89
CA PHE D 349 39.38 -3.74 -20.62
C PHE D 349 39.13 -2.49 -19.78
N THR D 350 37.87 -2.25 -19.41
CA THR D 350 37.56 -1.03 -18.70
C THR D 350 38.28 -0.95 -17.35
N ASN D 351 38.52 -2.09 -16.71
CA ASN D 351 39.31 -2.04 -15.49
C ASN D 351 40.75 -1.64 -15.79
N MET D 352 41.35 -2.16 -16.86
CA MET D 352 42.70 -1.73 -17.23
C MET D 352 42.74 -0.22 -17.44
N GLU D 353 41.78 0.30 -18.21
CA GLU D 353 41.70 1.74 -18.43
C GLU D 353 41.57 2.49 -17.11
N ALA D 354 40.63 2.08 -16.26
CA ALA D 354 40.42 2.73 -14.97
C ALA D 354 41.70 2.74 -14.13
N GLN D 355 42.38 1.59 -14.04
CA GLN D 355 43.56 1.50 -13.18
C GLN D 355 44.72 2.32 -13.73
N LEU D 356 44.88 2.40 -15.06
CA LEU D 356 45.91 3.27 -15.61
C LEU D 356 45.64 4.72 -15.26
N ILE D 357 44.41 5.17 -15.49
CA ILE D 357 44.04 6.53 -15.10
C ILE D 357 44.29 6.76 -13.63
N ARG D 358 44.03 5.76 -12.79
CA ARG D 358 44.29 6.00 -11.38
C ARG D 358 45.79 6.13 -11.14
N GLN D 359 46.61 5.28 -11.75
CA GLN D 359 48.06 5.43 -11.70
C GLN D 359 48.48 6.82 -12.19
N MET D 360 47.94 7.27 -13.34
CA MET D 360 48.12 8.65 -13.80
C MET D 360 47.83 9.66 -12.69
N GLU D 361 46.62 9.60 -12.10
CA GLU D 361 46.31 10.51 -11.00
C GLU D 361 47.37 10.45 -9.92
N GLY D 362 47.83 9.23 -9.60
CA GLY D 362 48.80 9.09 -8.53
C GLY D 362 50.12 9.75 -8.85
N GLU D 363 50.60 9.61 -10.09
CA GLU D 363 51.87 10.20 -10.49
C GLU D 363 51.75 11.70 -10.85
N GLY D 364 50.55 12.28 -10.77
CA GLY D 364 50.39 13.70 -10.99
C GLY D 364 50.32 14.13 -12.44
N VAL D 365 50.05 13.19 -13.35
CA VAL D 365 50.05 13.49 -14.76
C VAL D 365 49.05 14.59 -15.08
N PHE D 366 47.83 14.46 -14.57
CA PHE D 366 46.78 15.49 -14.66
C PHE D 366 46.39 15.89 -13.25
N LYS D 367 45.79 17.07 -13.12
CA LYS D 367 45.49 17.55 -11.77
C LYS D 367 44.02 17.81 -11.51
N SER D 368 43.12 17.57 -12.46
CA SER D 368 41.72 17.86 -12.17
C SER D 368 40.80 17.02 -13.05
N ILE D 369 39.79 16.40 -12.45
CA ILE D 369 38.79 15.73 -13.25
C ILE D 369 37.83 16.70 -13.91
N GLN D 370 37.97 18.00 -13.69
CA GLN D 370 37.07 18.97 -14.34
C GLN D 370 37.57 19.35 -15.74
N HIS D 371 38.64 20.17 -15.84
CA HIS D 371 39.26 20.48 -17.13
C HIS D 371 40.48 19.58 -17.33
N LEU D 372 40.55 18.95 -18.49
CA LEU D 372 41.84 18.51 -19.01
C LEU D 372 42.40 19.62 -19.91
N THR D 373 43.41 20.33 -19.41
CA THR D 373 44.06 21.36 -20.21
C THR D 373 44.80 20.76 -21.40
N VAL D 374 45.27 21.62 -22.30
CA VAL D 374 45.95 21.11 -23.48
C VAL D 374 47.30 20.51 -23.09
N THR D 375 48.05 21.21 -22.25
CA THR D 375 49.31 20.66 -21.75
C THR D 375 49.08 19.32 -21.06
N GLU D 376 47.96 19.20 -20.34
CA GLU D 376 47.68 17.96 -19.63
C GLU D 376 47.38 16.82 -20.59
N GLU D 377 46.57 17.09 -21.62
CA GLU D 377 46.37 16.10 -22.69
C GLU D 377 47.69 15.64 -23.29
N ILE D 378 48.63 16.56 -23.47
CA ILE D 378 49.94 16.18 -23.98
C ILE D 378 50.66 15.30 -22.95
N ALA D 379 50.74 15.78 -21.71
CA ALA D 379 51.35 15.00 -20.63
C ALA D 379 50.78 13.58 -20.55
N VAL D 380 49.47 13.44 -20.73
CA VAL D 380 48.84 12.12 -20.65
C VAL D 380 49.29 11.24 -21.82
N LYS D 381 49.13 11.75 -23.04
CA LYS D 381 49.54 11.02 -24.23
C LYS D 381 51.00 10.60 -24.14
N ASN D 382 51.88 11.49 -23.69
CA ASN D 382 53.28 11.12 -23.60
C ASN D 382 53.51 10.06 -22.55
N TRP D 383 52.91 10.25 -21.37
CA TRP D 383 52.96 9.24 -20.31
C TRP D 383 52.58 7.87 -20.86
N LEU D 384 51.40 7.77 -21.46
CA LEU D 384 50.94 6.50 -22.02
C LEU D 384 51.98 5.91 -22.96
N VAL D 385 52.55 6.75 -23.83
CA VAL D 385 53.51 6.27 -24.81
C VAL D 385 54.84 5.93 -24.14
N ARG D 386 55.27 6.71 -23.16
CA ARG D 386 56.61 6.46 -22.66
C ARG D 386 56.68 5.41 -21.55
N VAL D 387 55.62 5.22 -20.74
CA VAL D 387 55.64 4.23 -19.66
C VAL D 387 54.36 3.38 -19.58
N GLY D 388 53.35 3.71 -20.38
CA GLY D 388 52.09 2.98 -20.31
C GLY D 388 52.22 1.47 -20.29
N ARG D 389 53.04 0.91 -21.19
CA ARG D 389 53.20 -0.54 -21.21
C ARG D 389 53.80 -1.03 -19.90
N GLU D 390 54.83 -0.35 -19.39
CA GLU D 390 55.38 -0.73 -18.09
C GLU D 390 54.32 -0.64 -17.01
N ARG D 391 53.51 0.42 -17.05
CA ARG D 391 52.42 0.60 -16.09
C ARG D 391 51.41 -0.53 -16.20
N LEU D 392 51.12 -1.00 -17.42
CA LEU D 392 50.24 -2.13 -17.57
C LEU D 392 50.80 -3.38 -16.91
N SER D 393 52.12 -3.53 -16.95
CA SER D 393 52.72 -4.75 -16.42
C SER D 393 52.87 -4.72 -14.91
N ARG D 394 52.52 -3.61 -14.25
CA ARG D 394 52.42 -3.57 -12.81
C ARG D 394 51.09 -4.06 -12.30
N MET D 395 50.29 -4.74 -13.11
CA MET D 395 48.91 -5.01 -12.72
C MET D 395 48.52 -6.42 -13.12
N ALA D 396 47.62 -7.00 -12.31
CA ALA D 396 47.00 -8.28 -12.64
C ALA D 396 45.51 -8.03 -12.57
N ILE D 397 44.81 -8.19 -13.69
CA ILE D 397 43.43 -7.79 -13.81
C ILE D 397 42.62 -8.93 -14.40
N SER D 398 41.57 -9.36 -13.70
CA SER D 398 40.65 -10.40 -14.14
C SER D 398 39.26 -9.76 -14.01
N GLY D 399 38.75 -9.24 -15.12
CA GLY D 399 37.57 -8.37 -15.11
C GLY D 399 37.59 -7.38 -13.97
N ASP D 400 36.66 -7.56 -13.06
CA ASP D 400 36.53 -6.63 -11.94
C ASP D 400 37.70 -6.72 -10.95
N ASP D 401 38.33 -7.89 -10.78
CA ASP D 401 39.39 -8.09 -9.80
C ASP D 401 40.71 -7.53 -10.32
N CYS D 402 41.42 -6.78 -9.49
CA CYS D 402 42.63 -6.10 -9.93
C CYS D 402 43.62 -6.00 -8.77
N VAL D 403 44.88 -6.29 -9.07
CA VAL D 403 46.00 -6.02 -8.18
C VAL D 403 46.88 -5.03 -8.91
N VAL D 404 47.29 -3.98 -8.21
CA VAL D 404 48.07 -2.93 -8.82
C VAL D 404 49.25 -2.66 -7.92
N LYS D 405 50.46 -2.67 -8.48
CA LYS D 405 51.64 -2.21 -7.75
C LYS D 405 52.11 -0.88 -8.34
N PRO D 406 51.57 0.24 -7.91
CA PRO D 406 51.89 1.53 -8.53
C PRO D 406 53.34 1.94 -8.27
N LEU D 407 53.73 3.03 -8.93
CA LEU D 407 55.09 3.55 -8.80
C LEU D 407 55.45 3.92 -7.36
N ASP D 408 54.51 4.53 -6.65
CA ASP D 408 54.73 4.83 -5.25
C ASP D 408 53.38 4.79 -4.59
N ASP D 409 53.30 5.22 -3.34
CA ASP D 409 52.04 5.07 -2.64
C ASP D 409 51.11 6.29 -2.77
N ARG D 410 51.41 7.22 -3.69
CA ARG D 410 50.45 8.30 -3.92
C ARG D 410 49.14 7.74 -4.48
N PHE D 411 49.24 6.64 -5.24
CA PHE D 411 48.08 5.92 -5.76
C PHE D 411 47.03 5.70 -4.67
N ALA D 412 47.44 5.49 -3.43
CA ALA D 412 46.48 5.16 -2.37
C ALA D 412 45.47 6.27 -2.17
N SER D 413 45.89 7.53 -2.37
CA SER D 413 45.06 8.71 -2.17
C SER D 413 44.49 9.25 -3.46
N ALA D 414 44.79 8.61 -4.58
CA ALA D 414 44.32 9.06 -5.89
C ALA D 414 42.96 8.46 -6.17
N LEU D 415 41.92 9.15 -5.74
CA LEU D 415 40.56 8.62 -5.77
C LEU D 415 39.57 9.42 -6.58
N THR D 416 39.90 10.66 -6.97
CA THR D 416 38.88 11.52 -7.58
C THR D 416 38.42 10.97 -8.92
N ALA D 417 39.37 10.59 -9.78
CA ALA D 417 39.00 9.98 -11.05
C ALA D 417 38.30 8.64 -10.85
N LEU D 418 38.76 7.84 -9.89
CA LEU D 418 38.18 6.52 -9.69
C LEU D 418 36.74 6.64 -9.21
N ASN D 419 36.48 7.55 -8.28
CA ASN D 419 35.10 7.78 -7.86
C ASN D 419 34.28 8.42 -8.98
N ASP D 420 34.88 9.37 -9.71
CA ASP D 420 34.15 10.05 -10.79
C ASP D 420 33.85 9.12 -11.94
N MET D 421 34.71 8.13 -12.21
CA MET D 421 34.34 7.15 -13.22
C MET D 421 33.21 6.24 -12.77
N GLY D 422 32.74 6.36 -11.51
CA GLY D 422 31.73 5.50 -10.96
C GLY D 422 32.23 4.25 -10.27
N LYS D 423 33.54 4.03 -10.22
CA LYS D 423 34.08 2.77 -9.75
C LYS D 423 34.34 2.86 -8.25
N VAL D 424 33.24 3.07 -7.51
CA VAL D 424 33.36 3.37 -6.09
C VAL D 424 33.78 2.12 -5.34
N ARG D 425 34.86 2.24 -4.55
CA ARG D 425 35.35 1.14 -3.75
C ARG D 425 34.32 0.64 -2.74
N LYS D 426 34.30 -0.68 -2.54
CA LYS D 426 33.36 -1.32 -1.62
C LYS D 426 33.73 -1.05 -0.18
N ASP D 427 32.74 -0.59 0.60
CA ASP D 427 32.70 -0.52 2.06
C ASP D 427 33.44 0.66 2.68
N ILE D 428 34.61 1.02 2.17
CA ILE D 428 35.37 2.11 2.74
C ILE D 428 34.70 3.44 2.44
N GLN D 429 34.86 4.44 3.32
CA GLN D 429 34.32 5.77 2.98
C GLN D 429 35.06 6.30 1.74
N GLN D 430 34.34 7.07 0.92
CA GLN D 430 34.83 7.26 -0.43
C GLN D 430 36.15 8.01 -0.50
N TRP D 431 36.54 8.76 0.53
CA TRP D 431 37.75 9.57 0.43
C TRP D 431 38.89 9.05 1.29
N GLU D 432 38.74 7.87 1.87
CA GLU D 432 39.82 7.33 2.67
C GLU D 432 40.86 6.69 1.76
N PRO D 433 42.14 6.97 1.94
CA PRO D 433 43.16 6.32 1.13
C PRO D 433 43.06 4.82 1.27
N SER D 434 43.39 4.14 0.18
CA SER D 434 43.27 2.67 0.11
C SER D 434 44.35 1.99 0.93
N ARG D 435 44.02 0.82 1.46
CA ARG D 435 44.98 0.02 2.18
C ARG D 435 45.73 -0.84 1.19
N GLY D 436 47.05 -0.82 1.27
CA GLY D 436 47.88 -1.68 0.46
C GLY D 436 48.53 -2.75 1.31
N TRP D 437 49.06 -3.74 0.63
CA TRP D 437 49.85 -4.78 1.25
C TRP D 437 51.29 -4.69 0.76
N ASN D 438 52.23 -4.64 1.69
CA ASN D 438 53.64 -4.71 1.32
C ASN D 438 54.16 -6.13 1.22
N ASP D 439 53.29 -7.12 1.37
CA ASP D 439 53.66 -8.52 1.31
C ASP D 439 52.68 -9.15 0.33
N TRP D 440 53.19 -9.55 -0.85
CA TRP D 440 52.30 -10.05 -1.89
C TRP D 440 51.59 -11.34 -1.47
N THR D 441 52.11 -12.05 -0.46
CA THR D 441 51.38 -13.23 0.00
C THR D 441 50.10 -12.89 0.74
N GLN D 442 49.88 -11.62 1.09
CA GLN D 442 48.63 -11.20 1.74
C GLN D 442 47.64 -10.56 0.79
N VAL D 443 48.00 -10.37 -0.48
CA VAL D 443 47.14 -9.63 -1.39
C VAL D 443 45.98 -10.53 -1.81
N PRO D 444 44.73 -10.09 -1.67
CA PRO D 444 43.61 -10.89 -2.17
C PRO D 444 43.44 -10.73 -3.66
N PHE D 445 43.25 -11.84 -4.36
CA PHE D 445 43.00 -11.81 -5.78
C PHE D 445 42.16 -13.04 -6.12
N CYS D 446 41.06 -12.85 -6.86
CA CYS D 446 40.15 -13.95 -7.18
C CYS D 446 39.77 -14.75 -5.94
N SER D 447 39.47 -14.05 -4.86
CA SER D 447 38.99 -14.66 -3.62
C SER D 447 40.04 -15.52 -2.94
N HIS D 448 41.31 -15.32 -3.25
CA HIS D 448 42.38 -16.09 -2.64
C HIS D 448 43.53 -15.17 -2.28
N HIS D 449 44.41 -15.67 -1.43
CA HIS D 449 45.76 -15.13 -1.32
C HIS D 449 46.70 -16.30 -1.63
N PHE D 450 47.99 -16.07 -1.52
CA PHE D 450 48.94 -17.06 -2.03
C PHE D 450 50.16 -17.14 -1.13
N HIS D 451 50.43 -18.33 -0.60
CA HIS D 451 51.59 -18.56 0.24
C HIS D 451 52.71 -19.18 -0.58
N GLU D 452 53.93 -18.87 -0.18
CA GLU D 452 55.08 -19.64 -0.64
C GLU D 452 55.24 -20.82 0.30
N LEU D 453 55.46 -21.99 -0.27
CA LEU D 453 55.48 -23.25 0.47
C LEU D 453 56.72 -24.04 0.07
N ILE D 454 57.66 -24.19 0.99
CA ILE D 454 58.87 -24.95 0.72
C ILE D 454 58.60 -26.43 0.87
N MET D 455 58.91 -27.19 -0.18
CA MET D 455 58.80 -28.64 -0.13
C MET D 455 60.02 -29.23 0.57
N LYS D 456 59.95 -30.52 0.89
CA LYS D 456 61.11 -31.17 1.48
C LYS D 456 62.29 -31.17 0.51
N ASP D 457 62.01 -31.20 -0.81
CA ASP D 457 63.03 -31.02 -1.85
C ASP D 457 63.86 -29.77 -1.66
N GLY D 458 63.30 -28.74 -1.02
CA GLY D 458 63.81 -27.40 -1.15
C GLY D 458 63.15 -26.60 -2.25
N ARG D 459 62.47 -27.27 -3.18
CA ARG D 459 61.67 -26.57 -4.16
C ARG D 459 60.54 -25.82 -3.50
N VAL D 460 60.19 -24.68 -4.09
CA VAL D 460 59.26 -23.72 -3.53
C VAL D 460 58.05 -23.65 -4.43
N LEU D 461 56.88 -23.91 -3.88
CA LEU D 461 55.59 -23.78 -4.54
C LEU D 461 54.95 -22.46 -4.14
N VAL D 462 54.01 -21.99 -4.97
CA VAL D 462 53.17 -20.85 -4.61
C VAL D 462 51.73 -21.34 -4.74
N VAL D 463 51.02 -21.38 -3.61
CA VAL D 463 49.76 -22.13 -3.53
C VAL D 463 48.59 -21.24 -3.15
N PRO D 464 47.40 -21.53 -3.68
CA PRO D 464 46.23 -20.72 -3.33
C PRO D 464 45.69 -21.08 -1.95
N CYS D 465 45.14 -20.06 -1.30
CA CYS D 465 44.69 -20.24 0.06
C CYS D 465 43.56 -19.25 0.32
N ARG D 466 42.59 -19.67 1.12
CA ARG D 466 41.53 -18.76 1.55
C ARG D 466 41.09 -19.22 2.92
N ASN D 467 40.24 -18.42 3.58
CA ASN D 467 39.77 -18.81 4.90
C ASN D 467 39.04 -20.13 4.81
N GLN D 468 39.42 -21.07 5.68
CA GLN D 468 38.98 -22.45 5.51
C GLN D 468 37.47 -22.62 5.71
N ASP D 469 36.83 -21.82 6.59
CA ASP D 469 35.39 -21.96 6.78
C ASP D 469 34.65 -21.78 5.47
N GLU D 470 35.20 -20.98 4.55
CA GLU D 470 34.56 -20.77 3.26
C GLU D 470 34.50 -22.07 2.49
N LEU D 471 35.55 -22.87 2.58
CA LEU D 471 35.62 -24.08 1.78
C LEU D 471 34.74 -25.18 2.37
N ILE D 472 34.83 -25.39 3.69
CA ILE D 472 34.02 -26.40 4.36
C ILE D 472 32.54 -26.12 4.18
N GLY D 473 32.12 -24.86 4.34
CA GLY D 473 30.72 -24.52 4.13
C GLY D 473 30.24 -24.79 2.72
N ARG D 474 31.03 -24.43 1.71
CA ARG D 474 30.59 -24.72 0.36
C ARG D 474 30.52 -26.22 0.10
N ALA D 475 31.38 -27.01 0.75
CA ALA D 475 31.37 -28.43 0.45
C ALA D 475 30.17 -29.15 1.05
N ARG D 476 29.44 -28.53 1.96
CA ARG D 476 28.36 -29.19 2.67
C ARG D 476 27.00 -28.95 2.06
N ILE D 477 26.88 -28.10 1.05
CA ILE D 477 25.59 -27.84 0.44
C ILE D 477 25.77 -27.91 -1.07
N SER D 478 24.64 -28.10 -1.76
CA SER D 478 24.64 -28.17 -3.21
C SER D 478 23.26 -27.74 -3.68
N GLN D 479 23.13 -27.54 -4.99
CA GLN D 479 21.82 -27.30 -5.56
C GLN D 479 20.90 -28.44 -5.19
N GLY D 480 19.61 -28.16 -5.14
CA GLY D 480 18.63 -29.16 -4.78
C GLY D 480 17.86 -28.77 -3.53
N ALA D 481 17.20 -29.76 -2.95
CA ALA D 481 16.39 -29.55 -1.77
C ALA D 481 16.60 -30.71 -0.81
N GLY D 482 16.35 -30.44 0.47
CA GLY D 482 16.39 -31.50 1.46
C GLY D 482 17.78 -32.01 1.78
N TRP D 483 17.86 -33.29 2.04
CA TRP D 483 19.04 -33.93 2.57
C TRP D 483 19.36 -35.08 1.64
N SER D 484 20.65 -35.33 1.40
CA SER D 484 21.00 -36.47 0.59
C SER D 484 22.24 -37.10 1.20
N LEU D 485 22.37 -38.40 1.01
CA LEU D 485 23.59 -39.05 1.42
C LEU D 485 24.20 -39.75 0.22
N ARG D 486 23.51 -40.75 -0.36
CA ARG D 486 24.10 -41.50 -1.46
C ARG D 486 24.19 -40.65 -2.72
N GLU D 487 23.12 -39.91 -3.02
CA GLU D 487 23.04 -39.09 -4.23
C GLU D 487 24.20 -38.11 -4.36
N THR D 488 24.85 -37.74 -3.24
CA THR D 488 25.90 -36.74 -3.29
C THR D 488 27.19 -37.24 -2.65
N ALA D 489 27.29 -38.55 -2.39
CA ALA D 489 28.58 -39.13 -2.04
C ALA D 489 29.66 -38.75 -3.06
N CYS D 490 29.39 -38.92 -4.36
CA CYS D 490 30.43 -38.63 -5.34
C CYS D 490 30.76 -37.16 -5.36
N LEU D 491 29.73 -36.30 -5.30
CA LEU D 491 29.95 -34.87 -5.16
C LEU D 491 30.91 -34.57 -4.02
N GLY D 492 30.69 -35.24 -2.88
CA GLY D 492 31.58 -35.06 -1.75
C GLY D 492 33.00 -35.44 -2.09
N LYS D 493 33.18 -36.56 -2.78
CA LYS D 493 34.50 -36.97 -3.25
C LYS D 493 35.12 -35.94 -4.21
N SER D 494 34.31 -35.33 -5.09
CA SER D 494 34.85 -34.31 -5.98
C SER D 494 35.40 -33.13 -5.19
N TYR D 495 34.66 -32.68 -4.16
CA TYR D 495 35.18 -31.64 -3.27
C TYR D 495 36.49 -32.08 -2.64
N ALA D 496 36.57 -33.34 -2.23
CA ALA D 496 37.81 -33.81 -1.63
C ALA D 496 38.95 -33.79 -2.64
N GLN D 497 38.67 -34.05 -3.90
CA GLN D 497 39.74 -34.00 -4.89
C GLN D 497 40.22 -32.58 -5.09
N MET D 498 39.32 -31.59 -5.05
CA MET D 498 39.80 -30.22 -5.19
C MET D 498 40.63 -29.83 -3.98
N TRP D 499 40.20 -30.21 -2.79
CA TRP D 499 40.99 -29.90 -1.61
C TRP D 499 42.37 -30.51 -1.71
N SER D 500 42.45 -31.76 -2.16
CA SER D 500 43.76 -32.40 -2.18
C SER D 500 44.65 -31.79 -3.26
N LEU D 501 44.07 -31.25 -4.34
CA LEU D 501 44.85 -30.59 -5.39
C LEU D 501 45.21 -29.13 -5.06
N MET D 502 44.23 -28.30 -4.70
CA MET D 502 44.47 -26.88 -4.40
C MET D 502 44.78 -26.57 -2.95
N TYR D 503 44.20 -27.31 -1.99
CA TYR D 503 44.30 -26.94 -0.58
C TYR D 503 44.96 -28.04 0.24
N PHE D 504 45.80 -28.85 -0.41
CA PHE D 504 46.50 -29.93 0.26
C PHE D 504 47.32 -29.44 1.43
N HIS D 505 47.65 -28.15 1.45
CA HIS D 505 48.53 -27.56 2.45
C HIS D 505 47.76 -27.16 3.73
N ARG D 506 46.44 -27.34 3.74
CA ARG D 506 45.60 -27.07 4.91
C ARG D 506 45.37 -28.38 5.65
N ARG D 507 45.82 -28.46 6.90
CA ARG D 507 45.77 -29.72 7.63
C ARG D 507 44.35 -30.27 7.71
N ASP D 508 43.38 -29.44 8.06
CA ASP D 508 42.03 -29.97 8.21
C ASP D 508 41.46 -30.46 6.88
N LEU D 509 41.83 -29.82 5.77
CA LEU D 509 41.23 -30.22 4.52
C LEU D 509 41.84 -31.51 4.01
N ARG D 510 43.15 -31.69 4.17
CA ARG D 510 43.72 -32.97 3.77
C ARG D 510 43.12 -34.10 4.58
N LEU D 511 43.03 -33.94 5.90
CA LEU D 511 42.45 -34.99 6.73
C LEU D 511 40.99 -35.24 6.36
N ALA D 512 40.20 -34.18 6.22
CA ALA D 512 38.80 -34.36 5.82
C ALA D 512 38.66 -34.87 4.38
N ALA D 513 39.57 -34.50 3.49
CA ALA D 513 39.48 -35.01 2.13
C ALA D 513 39.67 -36.51 2.13
N ASN D 514 40.65 -37.00 2.88
CA ASN D 514 40.92 -38.42 2.92
C ASN D 514 39.83 -39.17 3.68
N ALA D 515 39.15 -38.51 4.61
CA ALA D 515 38.05 -39.17 5.31
C ALA D 515 36.85 -39.30 4.38
N ILE D 516 36.56 -38.25 3.60
CA ILE D 516 35.46 -38.33 2.64
C ILE D 516 35.73 -39.43 1.62
N CYS D 517 36.95 -39.48 1.10
CA CYS D 517 37.27 -40.52 0.14
C CYS D 517 37.17 -41.92 0.76
N SER D 518 37.41 -42.06 2.06
CA SER D 518 37.33 -43.38 2.68
C SER D 518 35.89 -43.81 2.89
N ALA D 519 34.96 -42.88 2.77
CA ALA D 519 33.60 -43.15 3.15
C ALA D 519 32.71 -43.31 1.96
N VAL D 520 33.18 -42.88 0.79
CA VAL D 520 32.40 -42.92 -0.44
C VAL D 520 32.74 -44.21 -1.18
N PRO D 521 31.72 -45.00 -1.62
CA PRO D 521 32.01 -46.24 -2.35
C PRO D 521 33.05 -45.98 -3.43
N SER D 522 34.15 -46.71 -3.38
CA SER D 522 35.33 -46.40 -4.17
C SER D 522 35.24 -46.84 -5.62
N HIS D 523 34.19 -47.54 -6.02
CA HIS D 523 33.98 -47.91 -7.41
C HIS D 523 32.93 -47.03 -8.08
N TRP D 524 32.28 -46.14 -7.33
CA TRP D 524 31.29 -45.23 -7.87
C TRP D 524 31.97 -44.15 -8.68
N VAL D 525 31.34 -43.76 -9.78
CA VAL D 525 31.93 -42.78 -10.69
C VAL D 525 30.84 -41.80 -11.08
N PRO D 526 30.97 -40.53 -10.71
CA PRO D 526 29.90 -39.54 -10.96
C PRO D 526 29.62 -39.39 -12.44
N THR D 527 28.32 -39.39 -12.78
CA THR D 527 27.88 -39.02 -14.12
C THR D 527 27.15 -37.69 -14.17
N SER D 528 26.62 -37.24 -13.04
CA SER D 528 26.13 -35.89 -12.89
C SER D 528 26.29 -35.56 -11.42
N ARG D 529 25.60 -34.52 -10.94
CA ARG D 529 25.73 -34.18 -9.53
C ARG D 529 25.08 -35.22 -8.64
N THR D 530 24.07 -35.93 -9.15
CA THR D 530 23.33 -36.87 -8.30
C THR D 530 23.16 -38.25 -8.93
N THR D 531 23.97 -38.63 -9.93
CA THR D 531 23.91 -39.96 -10.53
C THR D 531 25.31 -40.49 -10.77
N TRP D 532 25.44 -41.80 -10.69
CA TRP D 532 26.75 -42.43 -10.86
C TRP D 532 26.60 -43.77 -11.58
N SER D 533 27.74 -44.34 -11.93
CA SER D 533 27.81 -45.68 -12.48
C SER D 533 28.86 -46.44 -11.69
N ILE D 534 28.73 -47.77 -11.61
CA ILE D 534 29.63 -48.57 -10.80
C ILE D 534 30.56 -49.34 -11.73
N HIS D 535 31.85 -48.99 -11.69
CA HIS D 535 32.91 -49.67 -12.44
C HIS D 535 33.43 -50.78 -11.55
N ALA D 536 32.93 -52.01 -11.74
CA ALA D 536 33.29 -53.13 -10.86
C ALA D 536 34.77 -53.50 -10.95
N THR D 537 35.46 -53.10 -12.01
CA THR D 537 36.85 -53.50 -12.14
C THR D 537 37.78 -52.55 -11.41
N HIS D 538 37.60 -51.24 -11.58
CA HIS D 538 38.56 -50.25 -11.13
C HIS D 538 37.94 -49.30 -10.11
N GLU D 539 38.77 -48.79 -9.21
CA GLU D 539 38.35 -47.79 -8.26
C GLU D 539 38.60 -46.40 -8.85
N TRP D 540 37.76 -45.45 -8.49
CA TRP D 540 37.80 -44.10 -9.01
C TRP D 540 38.70 -43.22 -8.14
N MET D 541 39.73 -42.65 -8.75
CA MET D 541 40.62 -41.71 -8.06
C MET D 541 41.10 -42.28 -6.73
N THR D 542 41.90 -43.31 -6.85
CA THR D 542 42.64 -43.72 -5.68
C THR D 542 43.60 -42.62 -5.25
N THR D 543 44.15 -42.77 -4.03
CA THR D 543 45.16 -41.83 -3.55
C THR D 543 46.30 -41.71 -4.54
N GLU D 544 46.65 -42.80 -5.23
CA GLU D 544 47.71 -42.75 -6.23
C GLU D 544 47.28 -41.94 -7.45
N ASP D 545 46.04 -42.13 -7.91
CA ASP D 545 45.51 -41.27 -8.96
C ASP D 545 45.57 -39.81 -8.55
N MET D 546 45.26 -39.52 -7.29
CA MET D 546 45.28 -38.14 -6.82
C MET D 546 46.70 -37.62 -6.75
N LEU D 547 47.64 -38.46 -6.32
CA LEU D 547 49.04 -38.04 -6.37
C LEU D 547 49.46 -37.79 -7.80
N THR D 548 48.89 -38.53 -8.75
CA THR D 548 49.26 -38.32 -10.14
C THR D 548 48.79 -36.96 -10.61
N VAL D 549 47.53 -36.63 -10.32
CA VAL D 549 47.00 -35.33 -10.67
C VAL D 549 47.84 -34.23 -10.02
N TRP D 550 48.23 -34.44 -8.76
CA TRP D 550 49.00 -33.42 -8.06
C TRP D 550 50.33 -33.17 -8.76
N ASN D 551 51.03 -34.25 -9.12
CA ASN D 551 52.33 -34.11 -9.76
C ASN D 551 52.18 -33.44 -11.12
N ARG D 552 51.12 -33.79 -11.85
CA ARG D 552 50.89 -33.20 -13.16
C ARG D 552 50.66 -31.69 -13.06
N VAL D 553 49.82 -31.27 -12.11
CA VAL D 553 49.49 -29.85 -12.00
C VAL D 553 50.65 -29.06 -11.42
N TRP D 554 51.25 -29.54 -10.35
CA TRP D 554 52.21 -28.73 -9.61
C TRP D 554 53.65 -28.91 -10.05
N ILE D 555 53.99 -30.00 -10.75
CA ILE D 555 55.38 -30.21 -11.16
C ILE D 555 55.49 -30.18 -12.67
N GLN D 556 54.98 -31.22 -13.33
CA GLN D 556 55.06 -31.39 -14.79
C GLN D 556 54.66 -30.11 -15.52
N GLU D 557 53.38 -29.77 -15.44
CA GLU D 557 52.77 -28.67 -16.17
C GLU D 557 52.95 -27.31 -15.50
N ASN D 558 53.76 -27.18 -14.45
CA ASN D 558 53.86 -25.91 -13.73
C ASN D 558 55.05 -25.11 -14.27
N PRO D 559 54.82 -24.05 -15.04
CA PRO D 559 55.93 -23.32 -15.65
C PRO D 559 56.89 -22.73 -14.65
N TRP D 560 56.52 -22.61 -13.38
CA TRP D 560 57.43 -22.04 -12.39
C TRP D 560 58.12 -23.12 -11.57
N MET D 561 57.99 -24.37 -11.98
CA MET D 561 58.68 -25.50 -11.37
C MET D 561 59.71 -26.00 -12.36
N GLU D 562 60.98 -25.63 -12.14
CA GLU D 562 62.06 -25.92 -13.09
C GLU D 562 62.48 -27.39 -13.03
N ASP D 563 62.79 -27.88 -11.84
CA ASP D 563 63.14 -29.27 -11.61
C ASP D 563 61.85 -30.10 -11.66
N LYS D 564 61.77 -31.08 -12.56
CA LYS D 564 60.52 -31.83 -12.73
C LYS D 564 60.50 -33.17 -11.99
N THR D 565 61.42 -33.38 -11.04
CA THR D 565 61.36 -34.57 -10.20
C THR D 565 59.97 -34.72 -9.59
N PRO D 566 59.26 -35.80 -9.86
CA PRO D 566 57.96 -36.00 -9.21
C PRO D 566 58.12 -36.28 -7.72
N VAL D 567 57.03 -36.03 -6.98
CA VAL D 567 56.95 -36.37 -5.56
C VAL D 567 56.44 -37.79 -5.44
N GLU D 568 57.10 -38.59 -4.59
CA GLU D 568 56.82 -40.02 -4.54
C GLU D 568 55.64 -40.39 -3.64
N SER D 569 55.29 -39.57 -2.66
CA SER D 569 54.15 -39.88 -1.82
C SER D 569 53.56 -38.61 -1.23
N TRP D 570 52.31 -38.71 -0.81
CA TRP D 570 51.64 -37.58 -0.17
C TRP D 570 52.37 -37.10 1.07
N GLU D 571 53.11 -37.98 1.76
CA GLU D 571 53.81 -37.53 2.97
C GLU D 571 54.92 -36.52 2.65
N GLU D 572 55.47 -36.56 1.44
CA GLU D 572 56.47 -35.57 1.04
C GLU D 572 55.85 -34.24 0.66
N ILE D 573 54.53 -34.14 0.64
CA ILE D 573 53.85 -32.93 0.20
C ILE D 573 53.54 -32.10 1.44
N PRO D 574 54.11 -30.90 1.58
CA PRO D 574 54.10 -30.20 2.86
C PRO D 574 52.76 -29.54 3.13
N TYR D 575 52.61 -29.07 4.38
CA TYR D 575 51.52 -28.20 4.81
C TYR D 575 52.05 -26.79 5.05
N LEU D 576 51.14 -25.82 5.12
CA LEU D 576 51.52 -24.52 5.65
C LEU D 576 52.11 -24.68 7.04
N GLY D 577 52.97 -23.75 7.43
CA GLY D 577 53.31 -23.62 8.84
C GLY D 577 52.06 -23.54 9.69
N LYS D 578 52.14 -24.12 10.90
CA LYS D 578 50.98 -24.13 11.78
C LYS D 578 50.44 -22.73 11.99
N ARG D 579 51.34 -21.75 12.08
CA ARG D 579 50.89 -20.38 12.34
C ARG D 579 49.96 -19.88 11.26
N GLU D 580 50.33 -20.12 10.01
CA GLU D 580 49.50 -19.63 8.90
C GLU D 580 48.25 -20.48 8.73
N ASP D 581 48.40 -21.79 8.88
CA ASP D 581 47.22 -22.66 8.83
C ASP D 581 46.17 -22.16 9.80
N GLN D 582 46.59 -21.86 11.03
CA GLN D 582 45.67 -21.32 12.02
C GLN D 582 45.14 -19.95 11.62
N TRP D 583 46.04 -19.04 11.27
CA TRP D 583 45.59 -17.72 10.88
C TRP D 583 44.59 -17.75 9.74
N CYS D 584 44.58 -18.81 8.93
CA CYS D 584 43.62 -18.94 7.83
C CYS D 584 42.49 -19.89 8.15
N GLY D 585 42.18 -20.09 9.43
CA GLY D 585 40.96 -20.77 9.81
C GLY D 585 41.07 -22.23 10.23
N SER D 586 42.27 -22.78 10.34
CA SER D 586 42.40 -24.16 10.79
C SER D 586 41.90 -24.31 12.22
N LEU D 587 41.25 -25.43 12.50
CA LEU D 587 40.83 -25.71 13.87
C LEU D 587 41.89 -26.46 14.69
N ILE D 588 43.08 -26.69 14.14
CA ILE D 588 44.09 -27.37 14.93
C ILE D 588 44.29 -26.59 16.23
N GLY D 589 44.33 -27.30 17.35
CA GLY D 589 44.42 -26.60 18.63
C GLY D 589 43.15 -26.77 19.45
N LEU D 590 41.99 -26.59 18.82
CA LEU D 590 40.74 -26.94 19.46
C LEU D 590 40.70 -28.42 19.80
N THR D 591 40.15 -28.73 20.99
CA THR D 591 39.95 -30.13 21.38
C THR D 591 38.90 -30.79 20.52
N SER D 592 37.88 -30.05 20.10
CA SER D 592 36.89 -30.66 19.22
C SER D 592 37.54 -31.22 17.97
N ARG D 593 38.60 -30.57 17.48
CA ARG D 593 39.30 -31.07 16.30
C ARG D 593 40.21 -32.24 16.63
N ALA D 594 40.81 -32.24 17.83
CA ALA D 594 41.63 -33.38 18.24
C ALA D 594 40.80 -34.64 18.32
N THR D 595 39.63 -34.55 18.98
CA THR D 595 38.71 -35.69 19.08
C THR D 595 38.23 -36.14 17.70
N TRP D 596 37.78 -35.21 16.88
CA TRP D 596 37.41 -35.51 15.50
C TRP D 596 38.50 -36.30 14.81
N ALA D 597 39.74 -35.81 14.91
CA ALA D 597 40.85 -36.45 14.22
C ALA D 597 41.09 -37.85 14.76
N LYS D 598 41.20 -37.97 16.10
CA LYS D 598 41.46 -39.28 16.69
C LYS D 598 40.44 -40.34 16.26
N ASN D 599 39.14 -39.98 16.22
CA ASN D 599 38.06 -40.93 16.01
C ASN D 599 37.52 -40.90 14.59
N ILE D 600 38.29 -40.37 13.63
CA ILE D 600 37.76 -40.16 12.30
C ILE D 600 37.22 -41.46 11.72
N GLN D 601 37.89 -42.58 12.02
CA GLN D 601 37.47 -43.88 11.48
C GLN D 601 36.08 -44.25 11.95
N THR D 602 35.71 -43.90 13.18
CA THR D 602 34.33 -44.14 13.62
C THR D 602 33.35 -43.38 12.73
N ALA D 603 33.60 -42.09 12.51
CA ALA D 603 32.69 -41.32 11.66
C ALA D 603 32.63 -41.90 10.25
N ILE D 604 33.79 -42.35 9.73
CA ILE D 604 33.81 -42.94 8.39
C ILE D 604 32.92 -44.19 8.34
N ASN D 605 33.11 -45.12 9.29
CA ASN D 605 32.30 -46.32 9.32
C ASN D 605 30.82 -46.00 9.51
N GLN D 606 30.50 -44.98 10.27
CA GLN D 606 29.10 -44.60 10.36
C GLN D 606 28.55 -44.26 8.98
N VAL D 607 29.33 -43.52 8.19
CA VAL D 607 28.85 -43.10 6.88
C VAL D 607 28.77 -44.28 5.91
N ARG D 608 29.78 -45.15 5.91
CA ARG D 608 29.70 -46.39 5.12
C ARG D 608 28.43 -47.15 5.46
N SER D 609 28.19 -47.36 6.76
CA SER D 609 27.02 -48.10 7.22
C SER D 609 25.73 -47.48 6.72
N LEU D 610 25.62 -46.15 6.76
CA LEU D 610 24.42 -45.52 6.23
C LEU D 610 24.30 -45.71 4.72
N ILE D 611 25.42 -45.61 4.01
CA ILE D 611 25.36 -45.69 2.54
C ILE D 611 24.96 -47.10 2.12
N GLY D 612 25.52 -48.11 2.78
CA GLY D 612 25.15 -49.49 2.56
C GLY D 612 26.35 -50.36 2.26
N ASN D 613 26.05 -51.62 1.95
CA ASN D 613 27.09 -52.60 1.61
C ASN D 613 27.66 -52.30 0.24
N GLU D 614 28.82 -51.65 0.22
CA GLU D 614 29.49 -51.33 -1.01
C GLU D 614 30.97 -51.65 -0.81
N GLU D 615 31.75 -51.45 -1.87
CA GLU D 615 33.19 -51.59 -1.78
C GLU D 615 33.80 -50.25 -1.36
N TYR D 616 34.60 -50.29 -0.30
CA TYR D 616 35.25 -49.09 0.21
C TYR D 616 36.75 -49.31 0.27
N THR D 617 37.49 -48.22 0.11
CA THR D 617 38.93 -48.21 0.23
C THR D 617 39.29 -47.22 1.31
N ASP D 618 40.33 -47.52 2.08
CA ASP D 618 40.77 -46.63 3.14
C ASP D 618 41.88 -45.75 2.58
N TYR D 619 41.62 -44.44 2.50
CA TYR D 619 42.61 -43.46 2.08
C TYR D 619 43.40 -42.89 3.22
N MET D 620 43.00 -43.14 4.46
CA MET D 620 43.64 -42.50 5.61
C MET D 620 45.15 -42.75 5.71
N PRO D 621 45.68 -43.95 5.45
CA PRO D 621 47.13 -44.16 5.64
C PRO D 621 48.02 -43.44 4.64
N SER D 622 47.48 -42.74 3.65
CA SER D 622 48.32 -41.79 2.92
C SER D 622 48.87 -40.70 3.82
N MET D 623 48.26 -40.47 4.98
CA MET D 623 48.70 -39.47 5.95
C MET D 623 49.57 -40.14 7.00
N LYS D 624 50.73 -39.54 7.29
CA LYS D 624 51.64 -40.04 8.31
C LYS D 624 50.90 -40.51 9.56
N ARG D 625 49.93 -39.73 10.04
CA ARG D 625 49.27 -40.08 11.29
C ARG D 625 48.60 -41.44 11.25
N PHE D 626 48.15 -41.89 10.06
CA PHE D 626 47.38 -43.13 9.97
C PHE D 626 48.11 -44.24 9.20
N ILE G 4 -12.90 1.42 -9.76
CA ILE G 4 -13.27 0.21 -10.48
C ILE G 4 -14.72 0.32 -10.93
N GLU G 5 -15.63 0.44 -9.96
CA GLU G 5 -17.03 0.67 -10.28
C GLU G 5 -17.33 2.15 -10.56
N SER G 6 -16.46 3.07 -10.12
CA SER G 6 -16.72 4.50 -10.19
C SER G 6 -16.74 5.00 -11.63
N GLU G 7 -17.66 5.94 -11.91
CA GLU G 7 -17.90 6.44 -13.25
C GLU G 7 -16.95 7.57 -13.58
N THR G 8 -16.49 7.61 -14.82
CA THR G 8 -15.57 8.64 -15.30
C THR G 8 -16.24 9.45 -16.39
N PRO G 9 -16.78 10.62 -16.07
CA PRO G 9 -17.58 11.37 -17.05
C PRO G 9 -16.69 12.06 -18.08
N ASN G 10 -17.10 11.97 -19.34
CA ASN G 10 -16.43 12.71 -20.41
C ASN G 10 -16.95 14.15 -20.39
N LEU G 11 -16.30 14.98 -19.57
CA LEU G 11 -16.74 16.36 -19.38
C LEU G 11 -16.62 17.20 -20.64
N ASP G 12 -15.85 16.76 -21.63
CA ASP G 12 -15.84 17.52 -22.88
C ASP G 12 -17.20 17.43 -23.59
N ILE G 13 -18.02 16.45 -23.26
CA ILE G 13 -19.31 16.27 -23.91
C ILE G 13 -20.47 16.72 -23.03
N ILE G 14 -20.42 16.47 -21.72
CA ILE G 14 -21.54 16.82 -20.85
C ILE G 14 -21.28 18.08 -20.04
N GLY G 15 -20.10 18.69 -20.19
CA GLY G 15 -19.77 19.81 -19.32
C GLY G 15 -20.71 21.00 -19.46
N LYS G 16 -20.94 21.43 -20.71
CA LYS G 16 -21.73 22.66 -20.89
C LYS G 16 -23.16 22.49 -20.36
N ARG G 17 -23.72 21.26 -20.44
CA ARG G 17 -25.02 21.02 -19.85
C ARG G 17 -24.99 21.20 -18.34
N ILE G 18 -24.02 20.57 -17.68
CA ILE G 18 -23.92 20.72 -16.22
C ILE G 18 -23.72 22.18 -15.83
N GLU G 19 -22.95 22.92 -16.63
CA GLU G 19 -22.77 24.34 -16.35
C GLU G 19 -24.10 25.07 -16.47
N LYS G 20 -24.81 24.84 -17.57
CA LYS G 20 -26.08 25.52 -17.80
C LYS G 20 -27.05 25.27 -16.67
N ILE G 21 -27.07 24.04 -16.13
CA ILE G 21 -27.94 23.75 -15.01
C ILE G 21 -27.50 24.52 -13.77
N LYS G 22 -26.20 24.45 -13.44
CA LYS G 22 -25.71 25.11 -12.23
C LYS G 22 -25.96 26.61 -12.28
N GLN G 23 -25.86 27.21 -13.46
CA GLN G 23 -26.08 28.65 -13.55
C GLN G 23 -27.52 29.01 -13.20
N GLU G 24 -28.49 28.20 -13.62
CA GLU G 24 -29.87 28.54 -13.31
C GLU G 24 -30.25 28.27 -11.87
N HIS G 25 -29.38 27.64 -11.08
CA HIS G 25 -29.72 27.38 -9.68
C HIS G 25 -28.59 27.79 -8.76
N GLU G 26 -27.87 28.86 -9.13
CA GLU G 26 -26.69 29.25 -8.38
C GLU G 26 -26.99 29.55 -6.91
N THR G 27 -28.22 29.94 -6.57
CA THR G 27 -28.52 30.30 -5.18
C THR G 27 -28.38 29.12 -4.25
N SER G 28 -28.99 27.97 -4.58
CA SER G 28 -29.03 26.81 -3.71
C SER G 28 -28.04 25.73 -4.11
N TRP G 29 -27.32 25.92 -5.22
CA TRP G 29 -26.34 24.94 -5.65
C TRP G 29 -25.31 24.68 -4.55
N HIS G 30 -25.01 23.41 -4.34
CA HIS G 30 -23.98 22.99 -3.43
C HIS G 30 -23.44 21.66 -3.91
N TYR G 31 -22.50 21.11 -3.16
CA TYR G 31 -21.91 19.82 -3.48
C TYR G 31 -22.05 18.98 -2.23
N ASP G 32 -22.99 18.04 -2.27
CA ASP G 32 -23.31 17.18 -1.13
C ASP G 32 -22.30 16.06 -1.06
N GLN G 33 -21.44 16.10 -0.03
CA GLN G 33 -20.40 15.07 0.09
C GLN G 33 -20.99 13.75 0.51
N ASP G 34 -22.14 13.77 1.20
CA ASP G 34 -22.88 12.59 1.60
C ASP G 34 -23.80 12.06 0.51
N HIS G 35 -23.58 12.42 -0.75
CA HIS G 35 -24.39 11.86 -1.81
C HIS G 35 -24.16 10.36 -1.90
N PRO G 36 -25.18 9.59 -2.27
CA PRO G 36 -25.08 8.12 -2.18
C PRO G 36 -24.61 7.43 -3.45
N TYR G 37 -24.29 8.16 -4.51
CA TYR G 37 -24.03 7.55 -5.81
C TYR G 37 -22.66 6.89 -5.85
N LYS G 38 -22.64 5.56 -5.89
CA LYS G 38 -21.40 4.81 -5.96
C LYS G 38 -20.93 4.57 -7.41
N THR G 39 -21.83 4.36 -8.37
CA THR G 39 -21.41 4.07 -9.74
C THR G 39 -21.81 5.15 -10.72
N TRP G 40 -22.31 6.28 -10.23
CA TRP G 40 -22.66 7.41 -11.08
C TRP G 40 -21.77 8.60 -10.76
N ALA G 41 -21.41 9.34 -11.80
CA ALA G 41 -20.70 10.60 -11.62
C ALA G 41 -21.63 11.60 -10.96
N TYR G 42 -21.21 12.15 -9.83
CA TYR G 42 -21.99 13.15 -9.11
C TYR G 42 -21.41 14.54 -9.34
N HIS G 43 -22.28 15.47 -9.73
CA HIS G 43 -21.88 16.84 -10.03
C HIS G 43 -22.42 17.91 -9.08
N GLY G 44 -23.37 17.58 -8.22
CA GLY G 44 -23.86 18.63 -7.36
C GLY G 44 -25.37 18.62 -7.23
N SER G 45 -25.91 19.49 -6.38
CA SER G 45 -27.30 19.47 -5.99
C SER G 45 -27.84 20.89 -5.83
N TYR G 46 -29.16 21.01 -5.86
CA TYR G 46 -29.83 22.25 -5.45
C TYR G 46 -31.16 21.90 -4.81
N GLU G 47 -31.70 22.85 -4.05
CA GLU G 47 -32.98 22.64 -3.38
C GLU G 47 -34.11 22.51 -4.41
N THR G 48 -35.14 21.77 -4.03
CA THR G 48 -36.25 21.49 -4.94
C THR G 48 -37.44 20.98 -4.14
N LYS G 49 -38.60 21.00 -4.79
CA LYS G 49 -39.85 20.56 -4.16
C LYS G 49 -40.10 19.08 -4.45
N GLN G 50 -40.54 18.35 -3.42
CA GLN G 50 -40.88 16.94 -3.54
C GLN G 50 -41.97 16.71 -4.59
N THR G 51 -41.74 15.76 -5.48
CA THR G 51 -42.74 15.24 -6.39
C THR G 51 -42.93 13.75 -6.12
N GLY G 52 -43.91 13.15 -6.79
CA GLY G 52 -44.17 11.74 -6.62
C GLY G 52 -45.11 11.49 -5.46
N SER G 53 -45.45 10.21 -5.29
CA SER G 53 -46.44 9.80 -4.31
C SER G 53 -46.18 8.37 -3.88
N ALA G 54 -46.69 8.03 -2.68
CA ALA G 54 -46.58 6.68 -2.14
C ALA G 54 -47.93 6.11 -1.71
N SER G 55 -49.02 6.80 -2.03
CA SER G 55 -50.33 6.43 -1.54
C SER G 55 -51.12 5.60 -2.57
N SER G 56 -52.19 4.97 -2.09
CA SER G 56 -53.08 4.17 -2.91
C SER G 56 -54.50 4.52 -2.55
N MET G 57 -55.41 4.37 -3.50
CA MET G 57 -56.83 4.53 -3.25
C MET G 57 -57.51 3.18 -3.32
N VAL G 58 -58.34 2.88 -2.32
CA VAL G 58 -59.15 1.68 -2.37
C VAL G 58 -60.26 1.88 -3.39
N ASN G 59 -60.40 0.93 -4.31
CA ASN G 59 -61.60 0.89 -5.14
C ASN G 59 -62.71 0.20 -4.35
N GLY G 60 -63.53 1.01 -3.67
CA GLY G 60 -64.51 0.47 -2.75
C GLY G 60 -65.47 -0.49 -3.42
N VAL G 61 -65.92 -0.16 -4.63
CA VAL G 61 -66.86 -1.06 -5.30
C VAL G 61 -66.23 -2.44 -5.47
N VAL G 62 -64.98 -2.51 -5.93
CA VAL G 62 -64.40 -3.81 -6.19
C VAL G 62 -64.12 -4.55 -4.87
N ARG G 63 -63.60 -3.85 -3.88
CA ARG G 63 -63.31 -4.51 -2.61
C ARG G 63 -64.59 -5.04 -1.95
N LEU G 64 -65.64 -4.22 -1.95
CA LEU G 64 -66.91 -4.67 -1.37
C LEU G 64 -67.50 -5.84 -2.13
N LEU G 65 -67.11 -6.08 -3.37
CA LEU G 65 -67.69 -7.18 -4.13
C LEU G 65 -66.76 -8.37 -4.22
N THR G 66 -65.62 -8.34 -3.53
CA THR G 66 -64.68 -9.44 -3.62
C THR G 66 -64.24 -9.85 -2.24
N LYS G 67 -65.21 -9.98 -1.34
CA LYS G 67 -64.92 -10.27 0.06
C LYS G 67 -64.10 -11.54 0.31
N PRO G 68 -64.28 -12.66 -0.38
CA PRO G 68 -63.44 -13.83 -0.08
C PRO G 68 -61.95 -13.55 -0.27
N TRP G 69 -61.57 -12.56 -1.09
CA TRP G 69 -60.16 -12.25 -1.26
C TRP G 69 -59.64 -11.31 -0.18
N ASP G 70 -60.47 -10.98 0.81
CA ASP G 70 -60.01 -10.09 1.88
C ASP G 70 -58.96 -10.75 2.76
N ILE G 71 -58.98 -12.08 2.87
CA ILE G 71 -58.04 -12.79 3.73
C ILE G 71 -56.91 -13.40 2.93
N ILE G 72 -56.73 -12.96 1.70
CA ILE G 72 -55.68 -13.51 0.83
C ILE G 72 -54.62 -12.44 0.63
N PRO G 73 -53.45 -12.58 1.26
CA PRO G 73 -52.45 -11.51 1.24
C PRO G 73 -51.90 -11.18 -0.15
N MET G 74 -51.86 -12.14 -1.06
CA MET G 74 -51.37 -11.82 -2.40
C MET G 74 -52.32 -10.90 -3.14
N VAL G 75 -53.55 -10.77 -2.67
CA VAL G 75 -54.46 -9.73 -3.11
C VAL G 75 -54.25 -8.46 -2.31
N THR G 76 -54.36 -8.57 -0.98
CA THR G 76 -54.54 -7.39 -0.14
C THR G 76 -53.27 -6.61 0.11
N GLN G 77 -52.09 -7.20 -0.13
CA GLN G 77 -50.86 -6.42 -0.07
C GLN G 77 -50.55 -5.65 -1.35
N MET G 78 -51.41 -5.73 -2.36
CA MET G 78 -51.16 -4.97 -3.59
C MET G 78 -51.29 -3.48 -3.29
N ALA G 79 -50.39 -2.70 -3.87
CA ALA G 79 -50.36 -1.27 -3.58
C ALA G 79 -49.78 -0.51 -4.76
N MET G 80 -50.01 0.79 -4.78
CA MET G 80 -49.30 1.64 -5.73
C MET G 80 -47.81 1.62 -5.41
N THR G 81 -47.00 1.83 -6.43
CA THR G 81 -45.57 1.95 -6.14
C THR G 81 -45.28 3.29 -5.47
N ASP G 82 -44.08 3.38 -4.88
CA ASP G 82 -43.64 4.59 -4.20
C ASP G 82 -42.75 5.37 -5.14
N THR G 83 -43.27 6.50 -5.64
CA THR G 83 -42.52 7.35 -6.57
C THR G 83 -42.00 8.62 -5.93
N THR G 84 -42.10 8.74 -4.61
CA THR G 84 -41.48 9.84 -3.90
C THR G 84 -39.96 9.77 -4.06
N PRO G 85 -39.19 10.78 -3.65
CA PRO G 85 -37.74 10.62 -3.73
C PRO G 85 -37.23 9.46 -2.89
N PHE G 86 -37.89 9.11 -1.78
CA PHE G 86 -37.48 7.91 -1.06
C PHE G 86 -37.56 6.69 -1.97
N GLY G 87 -38.72 6.52 -2.62
CA GLY G 87 -38.90 5.38 -3.50
C GLY G 87 -37.88 5.34 -4.62
N GLN G 88 -37.75 6.44 -5.37
CA GLN G 88 -36.78 6.44 -6.47
C GLN G 88 -35.38 6.12 -5.99
N GLN G 89 -35.04 6.58 -4.78
CA GLN G 89 -33.68 6.35 -4.29
C GLN G 89 -33.49 4.90 -3.85
N ARG G 90 -34.55 4.22 -3.41
CA ARG G 90 -34.40 2.80 -3.15
C ARG G 90 -34.17 2.03 -4.44
N VAL G 91 -34.95 2.34 -5.47
CA VAL G 91 -34.72 1.69 -6.75
C VAL G 91 -33.32 2.02 -7.21
N PHE G 92 -32.84 3.23 -6.89
CA PHE G 92 -31.50 3.62 -7.29
C PHE G 92 -30.44 2.77 -6.59
N LYS G 93 -30.55 2.64 -5.26
CA LYS G 93 -29.56 1.85 -4.54
C LYS G 93 -29.53 0.42 -5.05
N GLU G 94 -30.69 -0.14 -5.42
CA GLU G 94 -30.79 -1.57 -5.68
C GLU G 94 -30.50 -1.93 -7.13
N LYS G 95 -30.84 -1.09 -8.11
CA LYS G 95 -30.67 -1.46 -9.52
C LYS G 95 -29.86 -0.44 -10.31
N VAL G 96 -30.22 0.84 -10.22
CA VAL G 96 -29.64 1.79 -11.16
C VAL G 96 -28.22 2.13 -10.77
N ASP G 97 -27.95 2.27 -9.47
CA ASP G 97 -26.59 2.50 -9.00
C ASP G 97 -25.85 1.17 -8.85
N THR G 98 -25.60 0.53 -9.99
CA THR G 98 -24.81 -0.70 -10.04
C THR G 98 -23.90 -0.63 -11.25
N ARG G 99 -22.90 -1.51 -11.29
CA ARG G 99 -21.98 -1.57 -12.41
C ARG G 99 -21.96 -2.98 -12.98
N THR G 100 -21.95 -3.07 -14.31
CA THR G 100 -21.77 -4.33 -15.03
C THR G 100 -20.34 -4.36 -15.58
N GLN G 101 -19.56 -5.37 -15.19
CA GLN G 101 -18.18 -5.45 -15.66
C GLN G 101 -18.12 -5.57 -17.17
N GLU G 102 -17.04 -5.03 -17.75
CA GLU G 102 -16.88 -5.06 -19.19
C GLU G 102 -16.81 -6.49 -19.69
N PRO G 103 -17.50 -6.82 -20.79
CA PRO G 103 -17.42 -8.19 -21.32
C PRO G 103 -16.05 -8.46 -21.92
N LYS G 104 -15.70 -9.76 -21.96
CA LYS G 104 -14.40 -10.19 -22.48
C LYS G 104 -14.34 -9.98 -23.99
N GLU G 105 -13.10 -10.00 -24.52
CA GLU G 105 -12.89 -9.70 -25.94
C GLU G 105 -13.58 -10.72 -26.85
N GLY G 106 -13.70 -11.97 -26.40
CA GLY G 106 -14.43 -12.94 -27.21
C GLY G 106 -15.90 -12.63 -27.25
N THR G 107 -16.47 -12.23 -26.11
CA THR G 107 -17.85 -11.80 -26.07
C THR G 107 -18.07 -10.62 -27.01
N LYS G 108 -17.20 -9.61 -26.93
CA LYS G 108 -17.33 -8.42 -27.76
C LYS G 108 -17.28 -8.75 -29.24
N LYS G 109 -16.44 -9.71 -29.63
CA LYS G 109 -16.39 -10.10 -31.04
C LYS G 109 -17.71 -10.74 -31.46
N LEU G 110 -18.25 -11.62 -30.60
CA LEU G 110 -19.55 -12.26 -30.87
C LEU G 110 -20.66 -11.24 -31.02
N MET G 111 -20.71 -10.27 -30.11
CA MET G 111 -21.76 -9.26 -30.17
C MET G 111 -21.64 -8.40 -31.42
N LYS G 112 -20.43 -7.87 -31.67
CA LYS G 112 -20.22 -7.08 -32.88
C LYS G 112 -20.56 -7.87 -34.13
N ILE G 113 -20.13 -9.14 -34.21
CA ILE G 113 -20.44 -9.94 -35.40
C ILE G 113 -21.94 -10.07 -35.57
N THR G 114 -22.65 -10.53 -34.52
CA THR G 114 -24.09 -10.76 -34.62
C THR G 114 -24.84 -9.47 -34.84
N ALA G 115 -24.42 -8.38 -34.17
CA ALA G 115 -25.12 -7.11 -34.34
C ALA G 115 -25.02 -6.62 -35.78
N GLU G 116 -23.86 -6.81 -36.41
CA GLU G 116 -23.68 -6.40 -37.79
C GLU G 116 -24.59 -7.21 -38.70
N TRP G 117 -24.62 -8.52 -38.51
CA TRP G 117 -25.54 -9.37 -39.26
C TRP G 117 -26.99 -9.02 -38.95
N LEU G 118 -27.32 -8.82 -37.68
CA LEU G 118 -28.69 -8.47 -37.30
C LEU G 118 -29.14 -7.15 -37.93
N TRP G 119 -28.26 -6.15 -37.95
CA TRP G 119 -28.66 -4.89 -38.58
C TRP G 119 -28.85 -5.05 -40.09
N LYS G 120 -28.19 -6.02 -40.71
CA LYS G 120 -28.41 -6.20 -42.15
C LYS G 120 -29.69 -6.98 -42.42
N GLU G 121 -29.99 -8.00 -41.60
CA GLU G 121 -31.26 -8.71 -41.72
C GLU G 121 -32.45 -7.78 -41.55
N LEU G 122 -32.43 -6.96 -40.49
CA LEU G 122 -33.53 -6.04 -40.26
C LEU G 122 -33.61 -4.99 -41.36
N GLY G 123 -32.48 -4.68 -42.00
CA GLY G 123 -32.40 -3.67 -43.03
C GLY G 123 -32.66 -4.14 -44.44
N LYS G 124 -32.89 -5.44 -44.65
CA LYS G 124 -33.12 -5.94 -46.00
C LYS G 124 -34.35 -5.31 -46.63
N LYS G 125 -35.49 -5.39 -45.93
CA LYS G 125 -36.74 -4.88 -46.47
C LYS G 125 -37.09 -3.49 -45.93
N LYS G 126 -36.17 -2.81 -45.26
CA LYS G 126 -36.44 -1.49 -44.69
C LYS G 126 -35.19 -0.63 -44.81
N THR G 127 -35.39 0.68 -44.71
CA THR G 127 -34.30 1.60 -44.95
C THR G 127 -34.42 2.80 -44.01
N PRO G 128 -33.38 3.08 -43.21
CA PRO G 128 -33.48 4.15 -42.21
C PRO G 128 -33.86 5.49 -42.84
N ARG G 129 -34.44 6.35 -42.02
CA ARG G 129 -34.94 7.60 -42.57
C ARG G 129 -35.34 8.50 -41.42
N MET G 130 -35.19 9.80 -41.64
CA MET G 130 -35.59 10.78 -40.65
C MET G 130 -37.10 10.86 -40.56
N CYS G 131 -37.58 11.46 -39.48
CA CYS G 131 -39.00 11.72 -39.27
C CYS G 131 -39.20 13.22 -39.20
N THR G 132 -40.31 13.70 -39.75
CA THR G 132 -40.53 15.14 -39.88
C THR G 132 -41.11 15.72 -38.61
N ARG G 133 -41.17 17.06 -38.57
CA ARG G 133 -41.84 17.75 -37.47
C ARG G 133 -43.35 17.58 -37.53
N GLU G 134 -43.91 17.29 -38.72
CA GLU G 134 -45.34 17.02 -38.79
C GLU G 134 -45.64 15.67 -38.19
N GLU G 135 -44.81 14.67 -38.50
CA GLU G 135 -44.95 13.36 -37.90
C GLU G 135 -44.93 13.44 -36.37
N PHE G 136 -43.98 14.17 -35.82
CA PHE G 136 -43.93 14.35 -34.37
C PHE G 136 -45.16 15.06 -33.85
N THR G 137 -45.57 16.13 -34.53
CA THR G 137 -46.74 16.89 -34.07
C THR G 137 -48.00 16.02 -34.04
N ARG G 138 -48.13 15.12 -35.01
CA ARG G 138 -49.30 14.26 -35.09
C ARG G 138 -49.21 13.04 -34.17
N LYS G 139 -48.05 12.77 -33.59
CA LYS G 139 -47.86 11.60 -32.75
C LYS G 139 -47.87 11.93 -31.27
N VAL G 140 -47.18 13.02 -30.90
CA VAL G 140 -47.08 13.39 -29.50
C VAL G 140 -48.48 13.58 -28.93
N ARG G 141 -48.69 13.11 -27.71
CA ARG G 141 -49.94 13.38 -27.03
C ARG G 141 -49.98 14.84 -26.59
N SER G 142 -51.17 15.42 -26.63
CA SER G 142 -51.27 16.84 -26.35
C SER G 142 -50.78 17.16 -24.93
N ASN G 143 -50.96 16.23 -23.99
CA ASN G 143 -50.61 16.45 -22.59
C ASN G 143 -49.29 15.79 -22.21
N ALA G 144 -48.49 15.36 -23.19
CA ALA G 144 -47.21 14.74 -22.93
C ALA G 144 -46.33 15.70 -22.13
N ALA G 145 -45.47 15.12 -21.29
CA ALA G 145 -44.61 15.93 -20.44
C ALA G 145 -43.72 16.82 -21.28
N LEU G 146 -43.74 18.11 -20.94
CA LEU G 146 -42.75 19.05 -21.46
C LEU G 146 -41.36 18.73 -20.93
N GLY G 147 -41.27 18.37 -19.66
CA GLY G 147 -40.00 18.06 -19.04
C GLY G 147 -38.98 19.18 -19.16
N ALA G 148 -39.41 20.42 -18.92
CA ALA G 148 -38.53 21.58 -19.10
C ALA G 148 -37.43 21.57 -18.03
N ILE G 149 -36.19 21.44 -18.49
CA ILE G 149 -35.02 21.52 -17.61
C ILE G 149 -34.64 22.97 -17.36
N PHE G 150 -34.47 23.73 -18.44
CA PHE G 150 -33.97 25.10 -18.41
C PHE G 150 -35.12 26.09 -18.61
N THR G 151 -34.96 27.28 -18.03
CA THR G 151 -36.08 28.21 -17.98
C THR G 151 -36.51 28.66 -19.37
N ASP G 152 -35.59 28.70 -20.34
CA ASP G 152 -36.00 29.01 -21.70
C ASP G 152 -37.02 28.02 -22.25
N GLU G 153 -37.10 26.82 -21.68
CA GLU G 153 -38.04 25.80 -22.14
C GLU G 153 -39.34 25.80 -21.36
N ASN G 154 -39.39 26.43 -20.19
CA ASN G 154 -40.58 26.44 -19.36
C ASN G 154 -41.54 27.55 -19.80
N LYS G 155 -41.88 27.59 -21.09
CA LYS G 155 -42.69 28.65 -21.67
C LYS G 155 -44.09 28.20 -22.11
N TRP G 156 -44.49 26.95 -21.83
CA TRP G 156 -45.70 26.40 -22.41
C TRP G 156 -46.46 25.57 -21.40
N LYS G 157 -47.79 25.52 -21.59
CA LYS G 157 -48.67 24.84 -20.66
C LYS G 157 -48.87 23.38 -20.99
N SER G 158 -48.65 22.99 -22.25
CA SER G 158 -48.79 21.60 -22.64
C SER G 158 -47.99 21.36 -23.90
N ALA G 159 -47.72 20.08 -24.18
CA ALA G 159 -46.97 19.73 -25.38
C ALA G 159 -47.64 20.29 -26.63
N ARG G 160 -48.97 20.24 -26.68
CA ARG G 160 -49.72 20.76 -27.83
C ARG G 160 -49.46 22.24 -28.02
N GLU G 161 -49.54 23.01 -26.93
CA GLU G 161 -49.21 24.43 -27.00
C GLU G 161 -47.79 24.63 -27.54
N ALA G 162 -46.89 23.70 -27.26
CA ALA G 162 -45.50 23.86 -27.64
C ALA G 162 -45.27 23.60 -29.13
N VAL G 163 -45.77 22.49 -29.64
CA VAL G 163 -45.48 22.10 -31.02
C VAL G 163 -46.18 23.03 -32.00
N GLU G 164 -47.00 23.95 -31.49
CA GLU G 164 -47.67 24.96 -32.30
C GLU G 164 -47.07 26.36 -32.13
N ASP G 165 -46.00 26.49 -31.36
CA ASP G 165 -45.31 27.76 -31.15
C ASP G 165 -44.02 27.77 -31.96
N SER G 166 -43.71 28.91 -32.56
CA SER G 166 -42.45 29.03 -33.29
C SER G 166 -41.26 29.09 -32.32
N GLY G 167 -41.47 29.71 -31.15
CA GLY G 167 -40.42 29.74 -30.13
C GLY G 167 -39.93 28.35 -29.75
N PHE G 168 -40.84 27.38 -29.70
CA PHE G 168 -40.44 26.02 -29.40
C PHE G 168 -39.50 25.48 -30.47
N TRP G 169 -39.92 25.52 -31.73
CA TRP G 169 -39.10 24.96 -32.78
C TRP G 169 -37.81 25.74 -33.01
N GLU G 170 -37.74 27.00 -32.59
CA GLU G 170 -36.47 27.71 -32.64
C GLU G 170 -35.46 27.10 -31.68
N LEU G 171 -35.92 26.76 -30.46
CA LEU G 171 -35.06 26.07 -29.50
C LEU G 171 -34.55 24.77 -30.10
N VAL G 172 -35.42 24.01 -30.76
CA VAL G 172 -35.00 22.76 -31.39
C VAL G 172 -33.92 23.03 -32.42
N ASP G 173 -34.11 24.04 -33.26
CA ASP G 173 -33.16 24.36 -34.31
C ASP G 173 -31.78 24.65 -33.74
N LYS G 174 -31.71 25.43 -32.66
CA LYS G 174 -30.44 25.71 -32.01
C LYS G 174 -29.73 24.42 -31.64
N GLU G 175 -30.38 23.61 -30.79
CA GLU G 175 -29.81 22.32 -30.40
C GLU G 175 -29.48 21.47 -31.62
N ARG G 176 -30.39 21.44 -32.58
CA ARG G 176 -30.15 20.66 -33.79
C ARG G 176 -28.90 21.13 -34.51
N ASN G 177 -28.67 22.46 -34.57
CA ASN G 177 -27.45 22.97 -35.19
C ASN G 177 -26.22 22.58 -34.39
N LEU G 178 -26.35 22.52 -33.06
CA LEU G 178 -25.24 22.05 -32.25
C LEU G 178 -24.97 20.57 -32.49
N HIS G 179 -26.01 19.78 -32.76
CA HIS G 179 -25.79 18.35 -33.00
C HIS G 179 -25.05 18.11 -34.31
N LEU G 180 -25.44 18.83 -35.36
CA LEU G 180 -24.77 18.66 -36.64
C LEU G 180 -23.31 19.06 -36.54
N GLU G 181 -22.96 19.96 -35.62
CA GLU G 181 -21.59 20.30 -35.32
C GLU G 181 -20.98 19.38 -34.26
N GLY G 182 -21.73 18.41 -33.75
CA GLY G 182 -21.19 17.42 -32.85
C GLY G 182 -21.17 17.79 -31.39
N LYS G 183 -22.01 18.74 -30.97
CA LYS G 183 -22.03 19.23 -29.60
C LYS G 183 -23.45 19.15 -29.08
N CYS G 184 -23.60 19.03 -27.75
CA CYS G 184 -24.91 18.95 -27.14
C CYS G 184 -24.97 19.87 -25.93
N GLU G 185 -25.91 20.80 -25.95
CA GLU G 185 -25.97 21.81 -24.90
C GLU G 185 -27.16 21.68 -23.98
N THR G 186 -28.28 21.08 -24.40
CA THR G 186 -29.48 21.08 -23.57
C THR G 186 -30.15 19.73 -23.33
N CYS G 187 -29.62 18.63 -23.88
CA CYS G 187 -30.28 17.33 -23.75
C CYS G 187 -29.96 16.69 -22.40
N VAL G 188 -30.91 16.82 -21.46
CA VAL G 188 -30.79 16.38 -20.08
C VAL G 188 -32.04 15.59 -19.73
N TYR G 189 -31.87 14.50 -18.97
CA TYR G 189 -32.98 13.64 -18.60
C TYR G 189 -33.63 14.11 -17.30
N ASN G 190 -34.95 14.21 -17.30
CA ASN G 190 -35.73 14.15 -16.09
C ASN G 190 -35.80 12.71 -15.62
N MET G 191 -36.13 12.52 -14.34
CA MET G 191 -36.25 11.18 -13.80
C MET G 191 -37.38 11.12 -12.78
N MET G 192 -38.29 10.17 -12.97
CA MET G 192 -39.41 9.93 -12.09
C MET G 192 -39.52 8.44 -11.86
N GLY G 193 -40.23 8.06 -10.80
CA GLY G 193 -40.60 6.66 -10.64
C GLY G 193 -41.81 6.29 -11.49
N LYS G 194 -41.80 5.06 -11.98
CA LYS G 194 -42.98 4.47 -12.64
C LYS G 194 -44.09 4.23 -11.61
N ARG G 195 -45.22 4.93 -11.78
CA ARG G 195 -46.44 4.63 -11.02
C ARG G 195 -47.07 3.35 -11.57
N GLU G 196 -47.05 2.29 -10.79
CA GLU G 196 -47.73 1.09 -11.20
C GLU G 196 -48.11 0.33 -9.94
N LYS G 197 -48.64 -0.86 -10.10
CA LYS G 197 -49.19 -1.63 -9.00
C LYS G 197 -48.23 -2.76 -8.67
N LYS G 198 -47.75 -2.77 -7.45
CA LYS G 198 -46.75 -3.73 -7.00
C LYS G 198 -47.18 -4.22 -5.64
N LEU G 199 -46.71 -5.41 -5.27
CA LEU G 199 -47.03 -5.96 -3.95
C LEU G 199 -46.15 -5.27 -2.94
N GLY G 200 -46.73 -4.81 -1.85
CA GLY G 200 -45.94 -4.21 -0.80
C GLY G 200 -45.38 -5.25 0.15
N GLU G 201 -44.48 -4.80 1.02
CA GLU G 201 -43.91 -5.71 2.00
C GLU G 201 -43.72 -4.97 3.32
N PHE G 202 -44.02 -5.67 4.41
CA PHE G 202 -43.83 -5.11 5.74
C PHE G 202 -44.55 -3.78 5.88
N GLY G 203 -45.76 -3.71 5.31
CA GLY G 203 -46.58 -2.51 5.40
C GLY G 203 -46.09 -1.30 4.61
N LYS G 204 -45.21 -1.49 3.63
CA LYS G 204 -44.62 -0.35 2.92
C LYS G 204 -44.73 -0.56 1.41
N ALA G 205 -45.16 0.48 0.70
CA ALA G 205 -45.15 0.39 -0.74
C ALA G 205 -43.70 0.44 -1.22
N LYS G 206 -43.43 -0.22 -2.33
CA LYS G 206 -42.08 -0.30 -2.86
C LYS G 206 -42.02 0.44 -4.19
N GLY G 207 -40.88 1.08 -4.46
CA GLY G 207 -40.61 1.55 -5.80
C GLY G 207 -40.36 0.39 -6.76
N SER G 208 -40.46 0.66 -8.03
CA SER G 208 -40.19 -0.48 -8.91
C SER G 208 -39.23 -0.19 -10.06
N ARG G 209 -39.23 1.01 -10.63
CA ARG G 209 -38.33 1.25 -11.75
C ARG G 209 -38.18 2.74 -12.00
N ALA G 210 -37.17 3.10 -12.79
CA ALA G 210 -36.85 4.50 -13.05
C ALA G 210 -37.27 4.86 -14.46
N ILE G 211 -37.89 6.02 -14.60
CA ILE G 211 -38.29 6.51 -15.92
C ILE G 211 -37.46 7.74 -16.24
N TRP G 212 -36.80 7.72 -17.38
CA TRP G 212 -35.93 8.82 -17.80
C TRP G 212 -36.50 9.46 -19.05
N TYR G 213 -36.71 10.76 -19.00
CA TYR G 213 -37.22 11.42 -20.19
C TYR G 213 -36.57 12.78 -20.36
N MET G 214 -36.16 13.08 -21.59
CA MET G 214 -35.67 14.40 -21.88
C MET G 214 -36.83 15.35 -22.13
N TRP G 215 -36.51 16.64 -22.24
CA TRP G 215 -37.55 17.62 -22.49
C TRP G 215 -38.10 17.44 -23.91
N LEU G 216 -39.28 18.04 -24.14
CA LEU G 216 -40.01 17.76 -25.37
C LEU G 216 -39.14 17.96 -26.61
N GLY G 217 -38.36 19.05 -26.64
CA GLY G 217 -37.54 19.34 -27.80
C GLY G 217 -36.50 18.27 -28.05
N ALA G 218 -35.77 17.90 -27.01
CA ALA G 218 -34.83 16.78 -27.13
C ALA G 218 -35.54 15.52 -27.58
N ARG G 219 -36.75 15.26 -27.07
CA ARG G 219 -37.45 14.04 -27.46
C ARG G 219 -37.81 14.09 -28.95
N PHE G 220 -38.14 15.26 -29.48
CA PHE G 220 -38.28 15.36 -30.93
C PHE G 220 -36.98 14.97 -31.63
N LEU G 221 -35.85 15.44 -31.13
CA LEU G 221 -34.58 15.12 -31.78
C LEU G 221 -34.31 13.62 -31.76
N GLU G 222 -34.58 12.97 -30.63
CA GLU G 222 -34.57 11.50 -30.61
C GLU G 222 -35.42 10.95 -31.74
N PHE G 223 -36.66 11.43 -31.81
CA PHE G 223 -37.64 10.94 -32.77
C PHE G 223 -37.17 11.19 -34.20
N GLU G 224 -36.75 12.43 -34.49
CA GLU G 224 -36.29 12.76 -35.85
C GLU G 224 -35.20 11.82 -36.33
N ALA G 225 -34.24 11.52 -35.45
CA ALA G 225 -33.13 10.66 -35.86
C ALA G 225 -33.47 9.18 -35.77
N LEU G 226 -34.15 8.74 -34.71
CA LEU G 226 -34.28 7.31 -34.48
C LEU G 226 -35.69 6.77 -34.52
N GLY G 227 -36.72 7.61 -34.55
CA GLY G 227 -38.10 7.17 -34.61
C GLY G 227 -38.46 6.16 -35.71
N PHE G 228 -37.68 6.13 -36.81
CA PHE G 228 -37.98 5.19 -37.89
C PHE G 228 -37.96 3.74 -37.42
N LEU G 229 -37.26 3.44 -36.34
CA LEU G 229 -37.29 2.08 -35.80
C LEU G 229 -38.70 1.72 -35.33
N ASN G 230 -39.40 2.67 -34.71
CA ASN G 230 -40.79 2.41 -34.37
C ASN G 230 -41.71 2.68 -35.55
N GLU G 231 -41.62 3.88 -36.12
CA GLU G 231 -42.58 4.30 -37.12
C GLU G 231 -42.62 3.36 -38.31
N ASP G 232 -41.50 2.74 -38.66
CA ASP G 232 -41.45 1.79 -39.77
C ASP G 232 -41.49 0.36 -39.29
N HIS G 233 -41.76 0.12 -38.01
CA HIS G 233 -42.04 -1.20 -37.48
C HIS G 233 -40.92 -2.19 -37.80
N TRP G 234 -39.69 -1.76 -37.52
CA TRP G 234 -38.56 -2.63 -37.77
C TRP G 234 -38.62 -3.92 -36.98
N PHE G 235 -39.35 -3.96 -35.86
CA PHE G 235 -39.36 -5.13 -35.00
C PHE G 235 -40.70 -5.85 -35.03
N SER G 236 -41.53 -5.57 -36.02
CA SER G 236 -42.65 -6.44 -36.36
C SER G 236 -42.15 -7.87 -36.55
N ARG G 237 -43.04 -8.84 -36.29
CA ARG G 237 -42.65 -10.23 -36.51
C ARG G 237 -42.34 -10.48 -37.98
N GLU G 238 -43.03 -9.79 -38.89
CA GLU G 238 -42.75 -9.94 -40.31
C GLU G 238 -41.29 -9.65 -40.63
N ASN G 239 -40.77 -8.52 -40.13
CA ASN G 239 -39.41 -8.11 -40.44
C ASN G 239 -38.36 -8.77 -39.55
N SER G 240 -38.60 -8.90 -38.24
CA SER G 240 -37.55 -9.32 -37.31
C SER G 240 -37.56 -10.81 -37.00
N LEU G 241 -38.62 -11.53 -37.38
CA LEU G 241 -38.80 -12.96 -37.14
C LEU G 241 -38.97 -13.26 -35.65
N SER G 242 -38.16 -12.65 -34.79
CA SER G 242 -38.27 -12.81 -33.35
C SER G 242 -39.20 -11.79 -32.70
N GLY G 243 -39.45 -10.67 -33.35
CA GLY G 243 -40.24 -9.63 -32.73
C GLY G 243 -41.69 -10.02 -32.57
N VAL G 244 -42.41 -9.21 -31.80
CA VAL G 244 -43.85 -9.37 -31.63
C VAL G 244 -44.46 -7.98 -31.59
N GLU G 245 -43.68 -6.99 -31.99
CA GLU G 245 -44.14 -5.60 -31.97
C GLU G 245 -45.42 -5.46 -32.79
N GLY G 246 -46.42 -4.86 -32.17
CA GLY G 246 -47.72 -4.69 -32.78
C GLY G 246 -48.73 -5.77 -32.45
N GLU G 247 -48.29 -6.97 -32.05
CA GLU G 247 -49.26 -8.00 -31.64
C GLU G 247 -49.89 -7.64 -30.31
N GLY G 248 -51.20 -7.83 -30.19
CA GLY G 248 -51.83 -7.63 -28.91
C GLY G 248 -51.40 -8.68 -27.90
N LEU G 249 -51.62 -8.37 -26.61
CA LEU G 249 -51.30 -9.35 -25.57
C LEU G 249 -52.06 -10.64 -25.79
N HIS G 250 -53.32 -10.54 -26.20
CA HIS G 250 -54.15 -11.74 -26.34
C HIS G 250 -53.72 -12.63 -27.50
N LYS G 251 -52.98 -12.10 -28.48
CA LYS G 251 -52.54 -12.94 -29.60
C LYS G 251 -51.20 -13.62 -29.36
N LEU G 252 -50.53 -13.34 -28.24
CA LEU G 252 -49.18 -13.86 -28.08
C LEU G 252 -49.19 -15.37 -27.84
N GLY G 253 -50.24 -15.89 -27.21
CA GLY G 253 -50.35 -17.33 -27.07
C GLY G 253 -50.32 -18.06 -28.41
N TYR G 254 -50.96 -17.49 -29.43
CA TYR G 254 -50.91 -18.08 -30.76
C TYR G 254 -49.47 -18.14 -31.29
N ILE G 255 -48.71 -17.06 -31.08
CA ILE G 255 -47.31 -17.08 -31.50
C ILE G 255 -46.53 -18.12 -30.72
N LEU G 256 -46.79 -18.26 -29.42
CA LEU G 256 -46.10 -19.30 -28.66
C LEU G 256 -46.46 -20.68 -29.18
N ARG G 257 -47.74 -20.91 -29.49
CA ARG G 257 -48.15 -22.21 -30.02
C ARG G 257 -47.46 -22.51 -31.35
N ASP G 258 -47.36 -21.50 -32.24
CA ASP G 258 -46.63 -21.68 -33.49
C ASP G 258 -45.17 -22.01 -33.22
N VAL G 259 -44.49 -21.18 -32.43
CA VAL G 259 -43.07 -21.44 -32.15
C VAL G 259 -42.89 -22.86 -31.61
N SER G 260 -43.84 -23.34 -30.82
CA SER G 260 -43.73 -24.69 -30.26
C SER G 260 -43.73 -25.75 -31.36
N LYS G 261 -44.24 -25.41 -32.56
CA LYS G 261 -44.26 -26.35 -33.68
C LYS G 261 -42.89 -26.70 -34.20
N LYS G 262 -41.85 -25.93 -33.85
CA LYS G 262 -40.50 -26.25 -34.30
C LYS G 262 -39.96 -27.41 -33.50
N GLU G 263 -39.29 -28.33 -34.18
CA GLU G 263 -38.63 -29.39 -33.43
C GLU G 263 -37.54 -28.78 -32.56
N GLY G 264 -37.25 -29.42 -31.45
CA GLY G 264 -36.16 -28.98 -30.58
C GLY G 264 -36.47 -29.23 -29.11
N GLY G 265 -35.70 -28.54 -28.27
CA GLY G 265 -35.79 -28.72 -26.83
C GLY G 265 -37.00 -28.05 -26.21
N ALA G 266 -36.91 -27.84 -24.90
CA ALA G 266 -37.96 -27.11 -24.19
C ALA G 266 -37.99 -25.66 -24.65
N MET G 267 -39.09 -24.97 -24.34
CA MET G 267 -39.12 -23.52 -24.46
C MET G 267 -38.59 -22.92 -23.17
N TYR G 268 -37.72 -21.91 -23.32
CA TYR G 268 -37.12 -21.22 -22.19
C TYR G 268 -37.62 -19.78 -22.15
N ALA G 269 -37.71 -19.23 -20.94
CA ALA G 269 -38.16 -17.83 -20.83
C ALA G 269 -37.54 -17.18 -19.59
N ASP G 270 -36.23 -16.96 -19.66
CA ASP G 270 -35.49 -16.36 -18.57
C ASP G 270 -35.67 -14.85 -18.57
N ASP G 271 -35.99 -14.29 -17.41
CA ASP G 271 -36.08 -12.85 -17.24
C ASP G 271 -34.73 -12.30 -16.80
N THR G 272 -34.29 -11.19 -17.43
CA THR G 272 -33.12 -10.48 -16.92
C THR G 272 -33.51 -9.57 -15.76
N ALA G 273 -32.72 -9.61 -14.68
CA ALA G 273 -32.91 -8.66 -13.59
C ALA G 273 -32.47 -7.26 -14.04
N GLY G 274 -33.43 -6.33 -14.10
CA GLY G 274 -33.15 -4.95 -14.44
C GLY G 274 -32.46 -4.77 -15.77
N TRP G 275 -33.14 -5.18 -16.85
CA TRP G 275 -32.50 -5.21 -18.16
C TRP G 275 -31.79 -3.90 -18.48
N ASP G 276 -32.49 -2.77 -18.34
CA ASP G 276 -31.95 -1.48 -18.74
C ASP G 276 -30.73 -1.05 -17.90
N THR G 277 -30.59 -1.56 -16.67
CA THR G 277 -29.37 -1.30 -15.92
C THR G 277 -28.21 -2.18 -16.36
N ARG G 278 -28.47 -3.20 -17.17
CA ARG G 278 -27.47 -4.14 -17.63
C ARG G 278 -26.94 -3.81 -19.03
N ILE G 279 -27.50 -2.79 -19.68
CA ILE G 279 -27.05 -2.45 -21.03
C ILE G 279 -25.67 -1.80 -20.93
N THR G 280 -24.67 -2.47 -21.49
CA THR G 280 -23.29 -2.02 -21.44
C THR G 280 -23.02 -0.99 -22.53
N LEU G 281 -21.86 -0.34 -22.42
CA LEU G 281 -21.44 0.56 -23.50
C LEU G 281 -21.22 -0.22 -24.79
N GLU G 282 -20.75 -1.47 -24.69
CA GLU G 282 -20.66 -2.33 -25.86
C GLU G 282 -22.05 -2.51 -26.50
N ASP G 283 -23.04 -2.89 -25.70
CA ASP G 283 -24.41 -2.92 -26.19
C ASP G 283 -24.73 -1.63 -26.94
N LEU G 284 -24.51 -0.49 -26.28
CA LEU G 284 -24.86 0.79 -26.86
C LEU G 284 -24.09 1.05 -28.14
N LYS G 285 -22.80 0.73 -28.15
CA LYS G 285 -22.03 0.90 -29.37
C LYS G 285 -22.49 -0.08 -30.44
N ASN G 286 -22.93 -1.27 -30.07
CA ASN G 286 -23.44 -2.19 -31.08
C ASN G 286 -24.76 -1.70 -31.64
N GLU G 287 -25.63 -1.14 -30.78
CA GLU G 287 -26.86 -0.55 -31.28
C GLU G 287 -26.57 0.64 -32.19
N GLU G 288 -25.48 1.38 -31.93
CA GLU G 288 -25.13 2.53 -32.75
C GLU G 288 -24.89 2.16 -34.21
N MET G 289 -24.60 0.88 -34.51
CA MET G 289 -24.30 0.50 -35.88
C MET G 289 -25.43 0.71 -36.87
N VAL G 290 -26.59 1.20 -36.43
CA VAL G 290 -27.59 1.61 -37.42
C VAL G 290 -27.04 2.77 -38.23
N THR G 291 -26.14 3.56 -37.62
CA THR G 291 -25.52 4.68 -38.32
C THR G 291 -24.82 4.20 -39.59
N ASN G 292 -24.10 3.08 -39.50
CA ASN G 292 -23.45 2.50 -40.67
C ASN G 292 -24.40 2.23 -41.82
N HIS G 293 -25.71 2.25 -41.58
CA HIS G 293 -26.72 2.12 -42.62
C HIS G 293 -27.37 3.46 -42.97
N MET G 294 -26.77 4.56 -42.56
CA MET G 294 -27.31 5.91 -42.75
C MET G 294 -26.40 6.73 -43.64
N GLU G 295 -26.94 7.86 -44.10
CA GLU G 295 -26.22 8.74 -45.01
C GLU G 295 -26.56 10.20 -44.73
N GLY G 296 -25.59 11.07 -45.03
CA GLY G 296 -25.87 12.49 -45.12
C GLY G 296 -26.12 13.13 -43.77
N GLU G 297 -27.08 14.05 -43.75
CA GLU G 297 -27.41 14.77 -42.52
C GLU G 297 -28.06 13.84 -41.50
N HIS G 298 -28.87 12.88 -41.97
CA HIS G 298 -29.47 11.92 -41.04
C HIS G 298 -28.41 11.22 -40.21
N LYS G 299 -27.32 10.76 -40.84
CA LYS G 299 -26.31 10.02 -40.11
C LYS G 299 -25.66 10.86 -39.01
N LYS G 300 -25.49 12.15 -39.23
CA LYS G 300 -24.84 12.96 -38.22
C LYS G 300 -25.79 13.21 -37.04
N LEU G 301 -27.06 13.50 -37.33
CA LEU G 301 -28.04 13.78 -36.28
C LEU G 301 -28.22 12.58 -35.37
N ALA G 302 -28.17 11.38 -35.93
CA ALA G 302 -28.39 10.17 -35.17
C ALA G 302 -27.16 9.77 -34.37
N GLU G 303 -25.97 9.95 -34.96
CA GLU G 303 -24.77 9.76 -34.16
C GLU G 303 -24.72 10.76 -33.02
N ALA G 304 -25.26 11.96 -33.24
CA ALA G 304 -25.38 12.92 -32.16
C ALA G 304 -26.20 12.34 -31.01
N ILE G 305 -27.44 11.91 -31.31
CA ILE G 305 -28.31 11.31 -30.29
C ILE G 305 -27.59 10.17 -29.60
N PHE G 306 -27.03 9.25 -30.39
CA PHE G 306 -26.36 8.07 -29.83
C PHE G 306 -25.21 8.45 -28.92
N LYS G 307 -24.33 9.36 -29.39
CA LYS G 307 -23.09 9.63 -28.69
C LYS G 307 -23.28 10.66 -27.57
N LEU G 308 -24.01 11.73 -27.87
CA LEU G 308 -24.09 12.88 -26.96
C LEU G 308 -25.24 12.80 -25.98
N THR G 309 -26.27 11.97 -26.24
CA THR G 309 -27.39 11.86 -25.32
C THR G 309 -27.68 10.44 -24.82
N TYR G 310 -27.34 9.40 -25.57
CA TYR G 310 -27.58 8.03 -25.10
C TYR G 310 -26.37 7.42 -24.41
N GLN G 311 -25.16 7.62 -24.94
CA GLN G 311 -24.00 7.10 -24.25
C GLN G 311 -23.22 8.19 -23.50
N ASN G 312 -23.86 9.33 -23.24
CA ASN G 312 -23.34 10.33 -22.32
C ASN G 312 -24.55 11.07 -21.76
N LYS G 313 -25.04 10.66 -20.60
CA LYS G 313 -26.36 11.09 -20.14
C LYS G 313 -26.22 11.86 -18.84
N VAL G 314 -26.80 13.06 -18.80
CA VAL G 314 -26.90 13.88 -17.60
C VAL G 314 -28.31 13.73 -17.08
N VAL G 315 -28.47 13.54 -15.77
CA VAL G 315 -29.77 13.25 -15.18
C VAL G 315 -30.00 14.17 -13.99
N ARG G 316 -31.25 14.59 -13.83
CA ARG G 316 -31.73 15.26 -12.64
C ARG G 316 -32.60 14.27 -11.89
N VAL G 317 -32.29 14.03 -10.63
CA VAL G 317 -33.10 13.11 -9.86
C VAL G 317 -33.19 13.65 -8.45
N GLN G 318 -34.37 13.54 -7.85
CA GLN G 318 -34.53 14.01 -6.50
C GLN G 318 -34.04 12.99 -5.48
N ARG G 319 -33.83 13.47 -4.27
CA ARG G 319 -33.28 12.71 -3.15
C ARG G 319 -33.62 13.42 -1.85
N PRO G 320 -34.13 12.70 -0.86
CA PRO G 320 -34.39 13.33 0.44
C PRO G 320 -33.09 13.54 1.21
N THR G 321 -33.07 14.63 1.97
CA THR G 321 -31.96 14.99 2.84
C THR G 321 -32.60 15.45 4.14
N PRO G 322 -31.82 15.53 5.22
CA PRO G 322 -32.38 16.10 6.46
C PRO G 322 -32.81 17.55 6.30
N ARG G 323 -32.19 18.30 5.38
CA ARG G 323 -32.54 19.68 5.10
C ARG G 323 -33.73 19.83 4.14
N GLY G 324 -34.27 18.71 3.62
CA GLY G 324 -35.36 18.73 2.66
C GLY G 324 -34.95 18.05 1.36
N THR G 325 -35.84 18.13 0.38
CA THR G 325 -35.57 17.46 -0.90
C THR G 325 -34.59 18.27 -1.74
N VAL G 326 -33.63 17.58 -2.34
CA VAL G 326 -32.70 18.23 -3.26
C VAL G 326 -32.81 17.57 -4.61
N MET G 327 -32.23 18.21 -5.62
CA MET G 327 -32.12 17.62 -6.95
C MET G 327 -30.65 17.39 -7.24
N ASP G 328 -30.28 16.13 -7.52
CA ASP G 328 -28.88 15.80 -7.83
C ASP G 328 -28.69 15.85 -9.34
N ILE G 329 -27.55 16.39 -9.76
CA ILE G 329 -27.16 16.34 -11.17
C ILE G 329 -26.12 15.26 -11.30
N ILE G 330 -26.47 14.13 -11.90
CA ILE G 330 -25.59 12.99 -12.01
C ILE G 330 -25.46 12.61 -13.47
N SER G 331 -24.47 11.78 -13.78
CA SER G 331 -24.25 11.38 -15.16
C SER G 331 -23.72 9.95 -15.22
N ARG G 332 -24.03 9.28 -16.34
CA ARG G 332 -23.70 7.88 -16.54
C ARG G 332 -23.63 7.62 -18.04
N ARG G 333 -22.65 6.86 -18.48
CA ARG G 333 -22.46 6.70 -19.92
C ARG G 333 -23.21 5.49 -20.47
N ASP G 334 -23.19 4.35 -19.76
CA ASP G 334 -23.87 3.16 -20.23
C ASP G 334 -25.28 3.15 -19.62
N GLN G 335 -25.95 1.99 -19.68
CA GLN G 335 -27.35 1.77 -19.29
C GLN G 335 -28.31 2.32 -20.35
N ARG G 336 -29.53 1.76 -20.39
CA ARG G 336 -30.60 2.28 -21.22
C ARG G 336 -31.36 3.35 -20.45
N GLY G 337 -31.59 4.49 -21.09
CA GLY G 337 -32.44 5.52 -20.50
C GLY G 337 -33.89 5.18 -20.74
N SER G 338 -34.47 4.35 -19.88
CA SER G 338 -35.82 3.88 -20.13
C SER G 338 -36.76 5.06 -20.24
N GLY G 339 -37.18 5.38 -21.46
CA GLY G 339 -37.90 6.60 -21.74
C GLY G 339 -37.44 7.26 -23.03
N GLN G 340 -36.38 6.73 -23.63
CA GLN G 340 -35.89 7.15 -24.93
C GLN G 340 -36.72 6.50 -26.03
N VAL G 341 -36.78 7.16 -27.19
CA VAL G 341 -37.63 6.69 -28.28
C VAL G 341 -37.24 5.30 -28.75
N VAL G 342 -36.00 4.87 -28.47
CA VAL G 342 -35.50 3.57 -28.90
C VAL G 342 -35.71 2.47 -27.86
N THR G 343 -36.35 2.76 -26.74
CA THR G 343 -36.31 1.83 -25.60
C THR G 343 -36.84 0.46 -25.96
N TYR G 344 -38.07 0.39 -26.47
CA TYR G 344 -38.63 -0.92 -26.81
C TYR G 344 -37.83 -1.59 -27.91
N GLY G 345 -37.58 -0.88 -29.01
CA GLY G 345 -36.97 -1.49 -30.18
C GLY G 345 -35.52 -1.91 -29.97
N LEU G 346 -34.75 -1.10 -29.26
CA LEU G 346 -33.36 -1.50 -29.06
C LEU G 346 -33.23 -2.56 -27.98
N ASN G 347 -34.14 -2.58 -27.00
CA ASN G 347 -34.18 -3.71 -26.08
C ASN G 347 -34.46 -4.99 -26.83
N THR G 348 -35.42 -4.95 -27.75
CA THR G 348 -35.65 -6.11 -28.59
C THR G 348 -34.40 -6.47 -29.39
N PHE G 349 -33.71 -5.47 -29.95
CA PHE G 349 -32.53 -5.72 -30.77
C PHE G 349 -31.42 -6.41 -29.97
N THR G 350 -31.06 -5.85 -28.82
CA THR G 350 -29.99 -6.48 -28.05
C THR G 350 -30.43 -7.82 -27.46
N ASN G 351 -31.73 -8.01 -27.22
CA ASN G 351 -32.16 -9.31 -26.75
C ASN G 351 -32.07 -10.35 -27.86
N MET G 352 -32.57 -10.03 -29.07
CA MET G 352 -32.34 -10.92 -30.21
C MET G 352 -30.87 -11.25 -30.39
N GLU G 353 -30.00 -10.26 -30.23
CA GLU G 353 -28.57 -10.53 -30.30
C GLU G 353 -28.13 -11.46 -29.19
N ALA G 354 -28.45 -11.13 -27.94
CA ALA G 354 -28.00 -11.96 -26.83
C ALA G 354 -28.54 -13.38 -26.90
N GLN G 355 -29.75 -13.57 -27.42
CA GLN G 355 -30.33 -14.91 -27.46
C GLN G 355 -29.73 -15.74 -28.60
N LEU G 356 -29.55 -15.13 -29.78
CA LEU G 356 -28.80 -15.81 -30.85
C LEU G 356 -27.44 -16.29 -30.35
N ILE G 357 -26.73 -15.44 -29.62
CA ILE G 357 -25.43 -15.83 -29.10
C ILE G 357 -25.54 -16.95 -28.08
N ARG G 358 -26.59 -16.93 -27.25
CA ARG G 358 -26.77 -18.05 -26.33
C ARG G 358 -27.01 -19.35 -27.07
N GLN G 359 -27.82 -19.31 -28.13
CA GLN G 359 -28.04 -20.49 -28.94
C GLN G 359 -26.73 -21.00 -29.52
N MET G 360 -25.89 -20.10 -30.06
CA MET G 360 -24.58 -20.51 -30.55
C MET G 360 -23.78 -21.20 -29.45
N GLU G 361 -23.72 -20.62 -28.25
CA GLU G 361 -22.99 -21.29 -27.17
C GLU G 361 -23.54 -22.69 -26.95
N GLY G 362 -24.87 -22.84 -26.98
CA GLY G 362 -25.47 -24.15 -26.77
C GLY G 362 -25.09 -25.14 -27.85
N GLU G 363 -25.27 -24.75 -29.12
CA GLU G 363 -24.88 -25.56 -30.26
C GLU G 363 -23.37 -25.67 -30.44
N GLY G 364 -22.58 -25.04 -29.56
CA GLY G 364 -21.14 -25.19 -29.57
C GLY G 364 -20.40 -24.54 -30.72
N VAL G 365 -20.92 -23.43 -31.26
CA VAL G 365 -20.28 -22.78 -32.40
C VAL G 365 -18.97 -22.12 -31.97
N PHE G 366 -18.87 -21.74 -30.72
CA PHE G 366 -17.64 -21.24 -30.15
C PHE G 366 -17.42 -21.94 -28.81
N LYS G 367 -16.19 -21.84 -28.28
CA LYS G 367 -15.83 -22.57 -27.07
C LYS G 367 -15.39 -21.70 -25.90
N SER G 368 -14.89 -20.49 -26.12
CA SER G 368 -14.48 -19.61 -25.03
C SER G 368 -14.93 -18.20 -25.32
N ILE G 369 -15.45 -17.53 -24.29
CA ILE G 369 -15.75 -16.10 -24.39
C ILE G 369 -14.52 -15.24 -24.15
N GLN G 370 -13.45 -15.84 -23.63
CA GLN G 370 -12.20 -15.10 -23.47
C GLN G 370 -11.64 -14.69 -24.82
N HIS G 371 -11.49 -15.64 -25.73
CA HIS G 371 -10.94 -15.35 -27.04
C HIS G 371 -11.66 -16.15 -28.12
N LEU G 372 -11.85 -15.52 -29.27
CA LEU G 372 -12.45 -16.16 -30.43
C LEU G 372 -11.37 -16.43 -31.46
N THR G 373 -11.10 -17.70 -31.74
CA THR G 373 -10.19 -18.04 -32.83
C THR G 373 -10.77 -17.58 -34.17
N VAL G 374 -9.89 -17.35 -35.14
CA VAL G 374 -10.35 -16.92 -36.47
C VAL G 374 -11.22 -17.99 -37.10
N THR G 375 -10.99 -19.25 -36.73
CA THR G 375 -11.86 -20.33 -37.20
C THR G 375 -13.23 -20.23 -36.56
N GLU G 376 -13.28 -19.94 -35.25
CA GLU G 376 -14.57 -19.77 -34.57
C GLU G 376 -15.33 -18.58 -35.16
N GLU G 377 -14.64 -17.51 -35.51
CA GLU G 377 -15.30 -16.34 -36.08
C GLU G 377 -15.93 -16.66 -37.43
N ILE G 378 -15.24 -17.47 -38.24
CA ILE G 378 -15.80 -17.92 -39.50
C ILE G 378 -17.02 -18.79 -39.26
N ALA G 379 -16.93 -19.68 -38.26
CA ALA G 379 -18.04 -20.55 -37.91
C ALA G 379 -19.27 -19.74 -37.53
N VAL G 380 -19.10 -18.75 -36.65
CA VAL G 380 -20.19 -17.87 -36.25
C VAL G 380 -20.81 -17.22 -37.47
N LYS G 381 -19.98 -16.62 -38.34
CA LYS G 381 -20.51 -15.91 -39.48
C LYS G 381 -21.23 -16.86 -40.45
N ASN G 382 -20.77 -18.11 -40.55
CA ASN G 382 -21.46 -19.09 -41.40
C ASN G 382 -22.81 -19.47 -40.79
N TRP G 383 -22.78 -19.92 -39.53
CA TRP G 383 -23.98 -20.19 -38.74
C TRP G 383 -25.07 -19.14 -38.96
N LEU G 384 -24.70 -17.87 -38.90
CA LEU G 384 -25.68 -16.80 -39.15
C LEU G 384 -26.27 -16.90 -40.55
N VAL G 385 -25.44 -17.16 -41.56
CA VAL G 385 -25.99 -17.11 -42.91
C VAL G 385 -26.80 -18.37 -43.22
N ARG G 386 -26.42 -19.53 -42.69
CA ARG G 386 -27.23 -20.70 -43.02
C ARG G 386 -28.44 -20.84 -42.08
N VAL G 387 -28.22 -20.82 -40.77
CA VAL G 387 -29.27 -21.12 -39.80
C VAL G 387 -29.79 -19.89 -39.07
N GLY G 388 -29.22 -18.71 -39.32
CA GLY G 388 -29.51 -17.56 -38.47
C GLY G 388 -30.97 -17.14 -38.49
N ARG G 389 -31.52 -16.93 -39.68
CA ARG G 389 -32.93 -16.58 -39.77
C ARG G 389 -33.81 -17.65 -39.13
N GLU G 390 -33.40 -18.92 -39.22
CA GLU G 390 -34.19 -19.97 -38.59
C GLU G 390 -34.13 -19.87 -37.06
N ARG G 391 -32.95 -19.63 -36.51
CA ARG G 391 -32.81 -19.51 -35.06
C ARG G 391 -33.54 -18.28 -34.51
N LEU G 392 -33.72 -17.24 -35.34
CA LEU G 392 -34.56 -16.13 -34.92
C LEU G 392 -36.02 -16.56 -34.79
N SER G 393 -36.54 -17.28 -35.78
CA SER G 393 -37.93 -17.72 -35.76
C SER G 393 -38.21 -18.70 -34.61
N ARG G 394 -37.20 -19.19 -33.93
CA ARG G 394 -37.38 -20.00 -32.73
C ARG G 394 -37.57 -19.15 -31.48
N MET G 395 -37.86 -17.85 -31.65
CA MET G 395 -37.87 -16.91 -30.55
C MET G 395 -39.06 -15.98 -30.66
N ALA G 396 -39.62 -15.63 -29.50
CA ALA G 396 -40.54 -14.50 -29.40
C ALA G 396 -39.98 -13.55 -28.35
N ILE G 397 -39.77 -12.30 -28.75
CA ILE G 397 -39.00 -11.35 -27.94
C ILE G 397 -39.73 -10.02 -27.95
N SER G 398 -40.01 -9.51 -26.74
CA SER G 398 -40.66 -8.23 -26.52
C SER G 398 -39.77 -7.49 -25.51
N GLY G 399 -38.82 -6.72 -26.04
CA GLY G 399 -37.80 -6.14 -25.21
C GLY G 399 -37.07 -7.20 -24.38
N ASP G 400 -37.06 -6.99 -23.07
CA ASP G 400 -36.37 -7.92 -22.18
C ASP G 400 -37.06 -9.28 -22.16
N ASP G 401 -38.32 -9.34 -22.55
CA ASP G 401 -39.06 -10.59 -22.40
C ASP G 401 -38.83 -11.48 -23.62
N CYS G 402 -38.35 -12.70 -23.37
CA CYS G 402 -38.02 -13.61 -24.47
C CYS G 402 -38.49 -15.02 -24.17
N VAL G 403 -38.93 -15.69 -25.22
CA VAL G 403 -39.15 -17.12 -25.21
C VAL G 403 -38.30 -17.71 -26.33
N VAL G 404 -37.52 -18.73 -25.99
CA VAL G 404 -36.56 -19.33 -26.91
C VAL G 404 -36.78 -20.84 -26.94
N LYS G 405 -37.12 -21.37 -28.11
CA LYS G 405 -37.12 -22.81 -28.28
C LYS G 405 -35.86 -23.21 -29.03
N PRO G 406 -34.80 -23.56 -28.32
CA PRO G 406 -33.53 -23.87 -28.96
C PRO G 406 -33.55 -25.23 -29.63
N LEU G 407 -32.54 -25.45 -30.47
CA LEU G 407 -32.34 -26.72 -31.14
C LEU G 407 -32.39 -27.88 -30.16
N ASP G 408 -31.71 -27.75 -29.04
CA ASP G 408 -31.70 -28.78 -28.02
C ASP G 408 -31.59 -28.09 -26.67
N ASP G 409 -31.56 -28.89 -25.60
CA ASP G 409 -31.55 -28.35 -24.25
C ASP G 409 -30.14 -28.09 -23.72
N ARG G 410 -29.12 -28.05 -24.58
CA ARG G 410 -27.80 -27.59 -24.15
C ARG G 410 -27.84 -26.10 -23.84
N PHE G 411 -28.71 -25.36 -24.51
CA PHE G 411 -29.09 -23.99 -24.20
C PHE G 411 -29.29 -23.76 -22.69
N ALA G 412 -29.94 -24.71 -22.01
CA ALA G 412 -30.19 -24.55 -20.57
C ALA G 412 -28.92 -24.22 -19.79
N SER G 413 -27.78 -24.72 -20.24
CA SER G 413 -26.53 -24.53 -19.51
C SER G 413 -25.57 -23.63 -20.26
N ALA G 414 -25.97 -23.07 -21.41
CA ALA G 414 -25.17 -22.08 -22.12
C ALA G 414 -25.38 -20.75 -21.42
N LEU G 415 -24.58 -20.54 -20.36
CA LEU G 415 -24.73 -19.38 -19.51
C LEU G 415 -23.53 -18.45 -19.51
N THR G 416 -22.41 -18.83 -20.12
CA THR G 416 -21.21 -18.01 -19.98
C THR G 416 -21.31 -16.73 -20.81
N ALA G 417 -21.75 -16.83 -22.07
CA ALA G 417 -21.91 -15.63 -22.87
C ALA G 417 -23.05 -14.75 -22.38
N LEU G 418 -24.09 -15.35 -21.79
CA LEU G 418 -25.18 -14.55 -21.24
C LEU G 418 -24.71 -13.76 -20.03
N ASN G 419 -24.08 -14.44 -19.05
CA ASN G 419 -23.63 -13.76 -17.85
C ASN G 419 -22.53 -12.74 -18.13
N ASP G 420 -21.81 -12.86 -19.25
CA ASP G 420 -20.71 -11.95 -19.54
C ASP G 420 -21.17 -10.75 -20.33
N MET G 421 -22.21 -10.89 -21.14
CA MET G 421 -22.82 -9.68 -21.68
C MET G 421 -23.56 -8.87 -20.64
N GLY G 422 -23.58 -9.34 -19.38
CA GLY G 422 -24.21 -8.63 -18.29
C GLY G 422 -25.70 -8.87 -18.14
N LYS G 423 -26.32 -9.69 -18.99
CA LYS G 423 -27.75 -9.96 -18.93
C LYS G 423 -28.01 -11.11 -17.96
N VAL G 424 -27.67 -10.86 -16.69
CA VAL G 424 -27.83 -11.86 -15.64
C VAL G 424 -29.29 -12.24 -15.47
N ARG G 425 -29.55 -13.54 -15.33
CA ARG G 425 -30.91 -14.00 -15.13
C ARG G 425 -31.39 -13.68 -13.72
N LYS G 426 -32.68 -13.44 -13.61
CA LYS G 426 -33.33 -13.08 -12.36
C LYS G 426 -33.69 -14.34 -11.58
N ASP G 427 -33.50 -14.28 -10.27
CA ASP G 427 -34.06 -15.27 -9.33
C ASP G 427 -33.55 -16.68 -9.59
N ILE G 428 -32.23 -16.80 -9.77
CA ILE G 428 -31.58 -18.08 -10.02
C ILE G 428 -30.08 -17.86 -9.87
N GLN G 429 -29.38 -18.83 -9.28
CA GLN G 429 -27.94 -18.69 -9.14
C GLN G 429 -27.32 -18.51 -10.52
N GLN G 430 -26.18 -17.82 -10.55
CA GLN G 430 -25.68 -17.38 -11.84
C GLN G 430 -25.33 -18.54 -12.75
N TRP G 431 -25.05 -19.71 -12.18
CA TRP G 431 -24.62 -20.86 -12.96
C TRP G 431 -25.54 -22.07 -12.80
N GLU G 432 -26.69 -21.90 -12.15
CA GLU G 432 -27.70 -22.94 -12.24
C GLU G 432 -28.24 -23.00 -13.67
N PRO G 433 -28.46 -24.20 -14.20
CA PRO G 433 -29.04 -24.30 -15.55
C PRO G 433 -30.43 -23.71 -15.56
N SER G 434 -30.74 -23.02 -16.66
CA SER G 434 -32.06 -22.46 -16.85
C SER G 434 -33.12 -23.57 -16.77
N ARG G 435 -34.32 -23.20 -16.36
CA ARG G 435 -35.42 -24.14 -16.27
C ARG G 435 -36.36 -23.91 -17.47
N GLY G 436 -36.64 -24.97 -18.21
CA GLY G 436 -37.44 -24.88 -19.41
C GLY G 436 -38.80 -25.54 -19.25
N TRP G 437 -39.65 -25.35 -20.25
CA TRP G 437 -41.01 -25.88 -20.25
C TRP G 437 -41.22 -26.72 -21.49
N ASN G 438 -41.79 -27.91 -21.32
CA ASN G 438 -42.15 -28.71 -22.48
C ASN G 438 -43.58 -28.49 -22.93
N ASP G 439 -44.37 -27.76 -22.16
CA ASP G 439 -45.72 -27.41 -22.56
C ASP G 439 -45.76 -25.89 -22.79
N TRP G 440 -45.95 -25.48 -24.04
CA TRP G 440 -45.97 -24.06 -24.34
C TRP G 440 -47.07 -23.35 -23.57
N THR G 441 -48.10 -24.08 -23.14
CA THR G 441 -49.16 -23.41 -22.41
C THR G 441 -48.75 -23.03 -21.00
N GLN G 442 -47.65 -23.55 -20.50
CA GLN G 442 -47.11 -23.14 -19.21
C GLN G 442 -46.06 -22.04 -19.32
N VAL G 443 -45.71 -21.60 -20.52
CA VAL G 443 -44.55 -20.72 -20.68
C VAL G 443 -44.98 -19.29 -20.33
N PRO G 444 -44.24 -18.60 -19.47
CA PRO G 444 -44.61 -17.21 -19.13
C PRO G 444 -44.05 -16.25 -20.15
N PHE G 445 -44.89 -15.30 -20.55
CA PHE G 445 -44.49 -14.33 -21.55
C PHE G 445 -45.35 -13.10 -21.34
N CYS G 446 -44.70 -11.94 -21.17
CA CYS G 446 -45.38 -10.69 -20.84
C CYS G 446 -46.36 -10.86 -19.68
N SER G 447 -45.90 -11.55 -18.64
CA SER G 447 -46.60 -11.72 -17.37
C SER G 447 -47.82 -12.64 -17.46
N HIS G 448 -47.98 -13.36 -18.57
CA HIS G 448 -49.09 -14.27 -18.74
C HIS G 448 -48.58 -15.62 -19.17
N HIS G 449 -49.44 -16.61 -19.05
CA HIS G 449 -49.37 -17.83 -19.84
C HIS G 449 -50.64 -17.89 -20.69
N PHE G 450 -50.76 -18.98 -21.45
CA PHE G 450 -51.85 -19.09 -22.39
C PHE G 450 -52.38 -20.52 -22.43
N HIS G 451 -53.69 -20.66 -22.44
CA HIS G 451 -54.34 -21.95 -22.50
C HIS G 451 -55.08 -22.08 -23.82
N GLU G 452 -55.08 -23.30 -24.35
CA GLU G 452 -56.05 -23.68 -25.37
C GLU G 452 -57.40 -23.94 -24.71
N LEU G 453 -58.44 -23.32 -25.26
CA LEU G 453 -59.77 -23.33 -24.69
C LEU G 453 -60.72 -23.74 -25.80
N ILE G 454 -61.30 -24.93 -25.69
CA ILE G 454 -62.18 -25.45 -26.73
C ILE G 454 -63.58 -24.93 -26.49
N MET G 455 -64.18 -24.27 -27.49
CA MET G 455 -65.52 -23.72 -27.30
C MET G 455 -66.56 -24.80 -27.55
N LYS G 456 -67.83 -24.43 -27.31
CA LYS G 456 -68.89 -25.42 -27.40
C LYS G 456 -69.03 -25.98 -28.81
N ASP G 457 -68.77 -25.15 -29.83
CA ASP G 457 -68.89 -25.57 -31.22
C ASP G 457 -67.64 -26.25 -31.76
N GLY G 458 -66.60 -26.46 -30.94
CA GLY G 458 -65.39 -27.13 -31.36
C GLY G 458 -64.24 -26.22 -31.74
N ARG G 459 -64.51 -24.93 -31.97
CA ARG G 459 -63.44 -24.00 -32.29
C ARG G 459 -62.50 -23.83 -31.10
N VAL G 460 -61.22 -23.63 -31.39
CA VAL G 460 -60.17 -23.63 -30.37
C VAL G 460 -59.58 -22.24 -30.27
N LEU G 461 -59.75 -21.63 -29.10
CA LEU G 461 -59.16 -20.36 -28.73
C LEU G 461 -57.84 -20.58 -28.00
N VAL G 462 -56.99 -19.55 -28.02
CA VAL G 462 -55.81 -19.47 -27.16
C VAL G 462 -55.96 -18.19 -26.36
N VAL G 463 -56.02 -18.33 -25.04
CA VAL G 463 -56.48 -17.23 -24.21
C VAL G 463 -55.42 -16.92 -23.18
N PRO G 464 -55.29 -15.67 -22.75
CA PRO G 464 -54.27 -15.32 -21.77
C PRO G 464 -54.75 -15.58 -20.35
N CYS G 465 -53.78 -15.89 -19.50
CA CYS G 465 -54.11 -16.23 -18.13
C CYS G 465 -52.96 -15.83 -17.23
N ARG G 466 -53.26 -15.53 -15.97
CA ARG G 466 -52.25 -15.35 -14.94
C ARG G 466 -52.87 -15.75 -13.62
N ASN G 467 -52.04 -15.84 -12.60
CA ASN G 467 -52.59 -16.14 -11.29
C ASN G 467 -53.64 -15.09 -10.96
N GLN G 468 -54.82 -15.56 -10.57
CA GLN G 468 -55.98 -14.69 -10.40
C GLN G 468 -55.81 -13.69 -9.27
N ASP G 469 -54.97 -13.98 -8.26
CA ASP G 469 -54.78 -13.02 -7.17
C ASP G 469 -54.22 -11.70 -7.70
N GLU G 470 -53.31 -11.78 -8.66
CA GLU G 470 -52.73 -10.57 -9.24
C GLU G 470 -53.81 -9.69 -9.87
N LEU G 471 -54.79 -10.31 -10.55
CA LEU G 471 -55.86 -9.55 -11.19
C LEU G 471 -56.77 -8.89 -10.15
N ILE G 472 -57.28 -9.68 -9.20
CA ILE G 472 -58.21 -9.12 -8.22
C ILE G 472 -57.52 -8.05 -7.39
N GLY G 473 -56.25 -8.29 -7.01
CA GLY G 473 -55.53 -7.32 -6.22
C GLY G 473 -55.30 -6.00 -6.94
N ARG G 474 -55.04 -6.07 -8.25
CA ARG G 474 -54.84 -4.85 -9.02
C ARG G 474 -56.13 -4.06 -9.17
N ALA G 475 -57.26 -4.75 -9.40
CA ALA G 475 -58.56 -4.10 -9.52
C ALA G 475 -59.06 -3.48 -8.22
N ARG G 476 -58.48 -3.80 -7.07
CA ARG G 476 -59.00 -3.26 -5.84
C ARG G 476 -58.37 -1.93 -5.45
N ILE G 477 -57.38 -1.46 -6.21
CA ILE G 477 -56.66 -0.23 -5.86
C ILE G 477 -56.43 0.62 -7.09
N SER G 478 -56.19 1.90 -6.86
CA SER G 478 -56.04 2.84 -7.94
C SER G 478 -55.07 3.93 -7.51
N GLN G 479 -54.65 4.73 -8.48
CA GLN G 479 -53.90 5.94 -8.14
C GLN G 479 -54.74 6.81 -7.21
N GLY G 480 -54.08 7.54 -6.31
CA GLY G 480 -54.82 8.41 -5.43
C GLY G 480 -54.52 8.13 -3.96
N ALA G 481 -55.37 8.62 -3.07
CA ALA G 481 -55.20 8.31 -1.67
C ALA G 481 -56.55 7.97 -1.07
N GLY G 482 -56.53 7.26 0.06
CA GLY G 482 -57.76 7.03 0.78
C GLY G 482 -58.71 6.03 0.15
N TRP G 483 -60.00 6.27 0.35
CA TRP G 483 -61.06 5.36 -0.02
C TRP G 483 -62.01 6.09 -0.93
N SER G 484 -62.52 5.39 -1.93
CA SER G 484 -63.50 5.99 -2.82
C SER G 484 -64.54 4.95 -3.22
N LEU G 485 -65.74 5.40 -3.51
CA LEU G 485 -66.81 4.49 -3.92
C LEU G 485 -67.41 4.98 -5.23
N ARG G 486 -68.17 6.07 -5.17
CA ARG G 486 -68.71 6.67 -6.39
C ARG G 486 -67.61 6.96 -7.41
N GLU G 487 -66.57 7.70 -7.00
CA GLU G 487 -65.58 8.21 -7.95
C GLU G 487 -64.88 7.10 -8.74
N THR G 488 -64.80 5.88 -8.21
CA THR G 488 -64.14 4.80 -8.94
C THR G 488 -65.09 3.67 -9.34
N ALA G 489 -66.40 3.88 -9.22
CA ALA G 489 -67.35 2.87 -9.66
C ALA G 489 -67.12 2.51 -11.14
N CYS G 490 -67.05 3.51 -12.03
CA CYS G 490 -66.80 3.20 -13.44
C CYS G 490 -65.44 2.55 -13.64
N LEU G 491 -64.44 2.97 -12.87
CA LEU G 491 -63.14 2.31 -12.97
C LEU G 491 -63.30 0.82 -12.72
N GLY G 492 -64.10 0.47 -11.69
CA GLY G 492 -64.39 -0.94 -11.44
C GLY G 492 -65.13 -1.60 -12.58
N LYS G 493 -66.07 -0.87 -13.20
CA LYS G 493 -66.74 -1.42 -14.38
C LYS G 493 -65.74 -1.63 -15.52
N SER G 494 -64.77 -0.71 -15.69
CA SER G 494 -63.73 -0.90 -16.69
C SER G 494 -62.96 -2.19 -16.43
N TYR G 495 -62.56 -2.43 -15.18
CA TYR G 495 -61.88 -3.67 -14.85
C TYR G 495 -62.76 -4.87 -15.19
N ALA G 496 -64.06 -4.80 -14.88
CA ALA G 496 -64.97 -5.89 -15.23
C ALA G 496 -64.99 -6.12 -16.74
N GLN G 497 -65.05 -5.04 -17.53
CA GLN G 497 -64.98 -5.19 -18.98
C GLN G 497 -63.71 -5.91 -19.41
N MET G 498 -62.57 -5.51 -18.84
CA MET G 498 -61.32 -6.19 -19.16
C MET G 498 -61.38 -7.66 -18.76
N TRP G 499 -61.94 -7.96 -17.58
CA TRP G 499 -62.01 -9.35 -17.13
C TRP G 499 -62.88 -10.17 -18.06
N SER G 500 -64.01 -9.62 -18.49
CA SER G 500 -64.91 -10.42 -19.31
C SER G 500 -64.36 -10.60 -20.73
N LEU G 501 -63.47 -9.73 -21.18
CA LEU G 501 -62.88 -9.87 -22.50
C LEU G 501 -61.65 -10.76 -22.51
N MET G 502 -60.73 -10.59 -21.55
CA MET G 502 -59.47 -11.31 -21.52
C MET G 502 -59.49 -12.53 -20.64
N TYR G 503 -60.30 -12.50 -19.59
CA TYR G 503 -60.27 -13.56 -18.58
C TYR G 503 -61.67 -14.10 -18.35
N PHE G 504 -62.46 -14.14 -19.42
CA PHE G 504 -63.82 -14.67 -19.34
C PHE G 504 -63.80 -16.11 -18.87
N HIS G 505 -62.72 -16.82 -19.15
CA HIS G 505 -62.58 -18.23 -18.87
C HIS G 505 -62.26 -18.53 -17.41
N ARG G 506 -62.17 -17.50 -16.56
CA ARG G 506 -61.92 -17.65 -15.14
C ARG G 506 -63.24 -17.48 -14.39
N ARG G 507 -63.67 -18.55 -13.69
CA ARG G 507 -65.01 -18.59 -13.09
C ARG G 507 -65.27 -17.42 -12.13
N ASP G 508 -64.32 -17.14 -11.23
CA ASP G 508 -64.53 -16.06 -10.27
C ASP G 508 -64.63 -14.70 -10.97
N LEU G 509 -63.76 -14.47 -11.96
CA LEU G 509 -63.70 -13.15 -12.58
C LEU G 509 -64.96 -12.87 -13.41
N ARG G 510 -65.48 -13.88 -14.10
CA ARG G 510 -66.74 -13.61 -14.79
C ARG G 510 -67.87 -13.35 -13.80
N LEU G 511 -67.89 -14.08 -12.68
CA LEU G 511 -68.87 -13.76 -11.65
C LEU G 511 -68.62 -12.36 -11.08
N ALA G 512 -67.39 -12.10 -10.63
CA ALA G 512 -67.10 -10.79 -10.04
C ALA G 512 -67.38 -9.65 -11.01
N ALA G 513 -67.10 -9.87 -12.31
CA ALA G 513 -67.35 -8.82 -13.31
C ALA G 513 -68.83 -8.48 -13.39
N ASN G 514 -69.67 -9.50 -13.50
CA ASN G 514 -71.09 -9.24 -13.57
C ASN G 514 -71.59 -8.59 -12.29
N ALA G 515 -71.13 -9.06 -11.14
CA ALA G 515 -71.55 -8.40 -9.92
C ALA G 515 -71.17 -6.92 -9.97
N ILE G 516 -69.92 -6.62 -10.35
CA ILE G 516 -69.46 -5.23 -10.39
C ILE G 516 -70.32 -4.42 -11.35
N CYS G 517 -70.49 -4.91 -12.58
CA CYS G 517 -71.40 -4.27 -13.52
C CYS G 517 -72.80 -4.13 -12.92
N SER G 518 -73.24 -5.12 -12.13
CA SER G 518 -74.58 -5.03 -11.57
C SER G 518 -74.69 -3.92 -10.52
N ALA G 519 -73.57 -3.56 -9.88
CA ALA G 519 -73.58 -2.58 -8.79
C ALA G 519 -73.23 -1.16 -9.23
N VAL G 520 -72.73 -0.99 -10.44
CA VAL G 520 -72.35 0.34 -10.89
C VAL G 520 -73.54 0.96 -11.61
N PRO G 521 -73.91 2.21 -11.31
CA PRO G 521 -75.01 2.85 -12.04
C PRO G 521 -74.82 2.73 -13.55
N SER G 522 -75.88 2.33 -14.25
CA SER G 522 -75.73 1.80 -15.60
C SER G 522 -75.66 2.88 -16.68
N HIS G 523 -75.96 4.14 -16.35
CA HIS G 523 -75.94 5.25 -17.29
C HIS G 523 -74.69 6.10 -17.14
N TRP G 524 -73.80 5.77 -16.22
CA TRP G 524 -72.58 6.53 -16.03
C TRP G 524 -71.53 6.12 -17.06
N VAL G 525 -70.83 7.10 -17.63
CA VAL G 525 -69.79 6.86 -18.61
C VAL G 525 -68.51 7.50 -18.09
N PRO G 526 -67.42 6.76 -17.90
CA PRO G 526 -66.18 7.36 -17.41
C PRO G 526 -65.63 8.38 -18.38
N THR G 527 -65.38 9.57 -17.87
CA THR G 527 -64.66 10.60 -18.59
C THR G 527 -63.20 10.72 -18.12
N SER G 528 -62.88 10.16 -16.95
CA SER G 528 -61.52 10.05 -16.43
C SER G 528 -61.56 8.99 -15.34
N ARG G 529 -60.44 8.80 -14.65
CA ARG G 529 -60.42 7.80 -13.59
C ARG G 529 -61.41 8.10 -12.48
N THR G 530 -61.78 9.37 -12.30
CA THR G 530 -62.63 9.72 -11.17
C THR G 530 -63.78 10.64 -11.56
N THR G 531 -64.11 10.75 -12.84
CA THR G 531 -65.20 11.62 -13.28
C THR G 531 -66.04 10.89 -14.32
N TRP G 532 -67.34 11.13 -14.29
CA TRP G 532 -68.25 10.45 -15.20
C TRP G 532 -69.30 11.42 -15.73
N SER G 533 -69.88 11.08 -16.87
CA SER G 533 -71.06 11.77 -17.36
C SER G 533 -72.23 10.79 -17.34
N ILE G 534 -73.44 11.32 -17.20
CA ILE G 534 -74.63 10.48 -17.12
C ILE G 534 -75.43 10.66 -18.43
N HIS G 535 -75.35 9.66 -19.31
CA HIS G 535 -76.14 9.62 -20.55
C HIS G 535 -77.50 9.01 -20.18
N ALA G 536 -78.46 9.85 -19.80
CA ALA G 536 -79.73 9.32 -19.30
C ALA G 536 -80.52 8.52 -20.33
N THR G 537 -80.15 8.54 -21.61
CA THR G 537 -80.86 7.83 -22.67
C THR G 537 -80.47 6.36 -22.78
N HIS G 538 -79.17 6.09 -22.93
CA HIS G 538 -78.68 4.77 -23.25
C HIS G 538 -77.84 4.22 -22.09
N GLU G 539 -77.68 2.90 -22.08
CA GLU G 539 -76.88 2.25 -21.06
C GLU G 539 -75.47 2.03 -21.58
N TRP G 540 -74.49 2.21 -20.70
CA TRP G 540 -73.09 2.01 -21.04
C TRP G 540 -72.71 0.53 -20.88
N MET G 541 -72.36 -0.11 -21.99
CA MET G 541 -71.76 -1.44 -22.00
C MET G 541 -72.66 -2.46 -21.30
N THR G 542 -73.77 -2.74 -21.94
CA THR G 542 -74.67 -3.76 -21.43
C THR G 542 -74.03 -5.13 -21.59
N THR G 543 -74.75 -6.16 -21.15
CA THR G 543 -74.29 -7.51 -21.39
C THR G 543 -74.06 -7.76 -22.87
N GLU G 544 -74.96 -7.25 -23.72
CA GLU G 544 -74.82 -7.47 -25.15
C GLU G 544 -73.65 -6.68 -25.72
N ASP G 545 -73.52 -5.40 -25.31
CA ASP G 545 -72.33 -4.62 -25.66
C ASP G 545 -71.04 -5.37 -25.33
N MET G 546 -71.01 -6.08 -24.21
CA MET G 546 -69.83 -6.86 -23.88
C MET G 546 -69.69 -8.06 -24.80
N LEU G 547 -70.79 -8.71 -25.15
CA LEU G 547 -70.69 -9.87 -26.02
C LEU G 547 -70.28 -9.46 -27.43
N THR G 548 -70.78 -8.32 -27.90
CA THR G 548 -70.38 -7.85 -29.21
C THR G 548 -68.87 -7.62 -29.24
N VAL G 549 -68.32 -6.98 -28.19
CA VAL G 549 -66.88 -6.80 -28.09
C VAL G 549 -66.16 -8.15 -28.11
N TRP G 550 -66.65 -9.11 -27.30
CA TRP G 550 -66.01 -10.42 -27.26
C TRP G 550 -65.94 -11.03 -28.64
N ASN G 551 -67.02 -10.89 -29.42
CA ASN G 551 -67.07 -11.50 -30.75
C ASN G 551 -66.16 -10.76 -31.73
N ARG G 552 -66.12 -9.44 -31.64
CA ARG G 552 -65.20 -8.66 -32.45
C ARG G 552 -63.76 -9.11 -32.23
N VAL G 553 -63.35 -9.26 -30.97
CA VAL G 553 -61.96 -9.54 -30.67
C VAL G 553 -61.61 -10.99 -30.98
N TRP G 554 -62.34 -11.96 -30.38
CA TRP G 554 -61.95 -13.35 -30.43
C TRP G 554 -62.43 -14.09 -31.68
N ILE G 555 -63.40 -13.54 -32.40
CA ILE G 555 -63.86 -14.21 -33.61
C ILE G 555 -63.55 -13.35 -34.83
N GLN G 556 -64.27 -12.24 -34.99
CA GLN G 556 -64.19 -11.44 -36.20
C GLN G 556 -62.74 -11.07 -36.54
N GLU G 557 -62.06 -10.39 -35.63
CA GLU G 557 -60.70 -9.93 -35.90
C GLU G 557 -59.62 -10.91 -35.45
N ASN G 558 -59.92 -12.19 -35.30
CA ASN G 558 -58.91 -13.08 -34.75
C ASN G 558 -58.29 -13.85 -35.89
N PRO G 559 -57.03 -13.60 -36.23
CA PRO G 559 -56.41 -14.27 -37.39
C PRO G 559 -56.30 -15.77 -37.25
N TRP G 560 -56.39 -16.32 -36.03
CA TRP G 560 -56.34 -17.77 -35.89
C TRP G 560 -57.71 -18.41 -35.71
N MET G 561 -58.80 -17.66 -35.98
CA MET G 561 -60.17 -18.18 -36.02
C MET G 561 -60.70 -18.10 -37.45
N GLU G 562 -60.60 -19.21 -38.19
CA GLU G 562 -61.12 -19.27 -39.56
C GLU G 562 -62.64 -19.09 -39.60
N ASP G 563 -63.36 -19.91 -38.85
CA ASP G 563 -64.82 -19.85 -38.83
C ASP G 563 -65.27 -18.62 -38.05
N LYS G 564 -65.96 -17.70 -38.72
CA LYS G 564 -66.31 -16.41 -38.14
C LYS G 564 -67.74 -16.38 -37.63
N THR G 565 -68.30 -17.53 -37.32
CA THR G 565 -69.63 -17.61 -36.72
C THR G 565 -69.64 -16.90 -35.37
N PRO G 566 -70.45 -15.86 -35.17
CA PRO G 566 -70.48 -15.19 -33.87
C PRO G 566 -71.06 -16.11 -32.81
N VAL G 567 -70.63 -15.89 -31.56
CA VAL G 567 -71.22 -16.58 -30.42
C VAL G 567 -72.40 -15.77 -29.95
N GLU G 568 -73.51 -16.44 -29.66
CA GLU G 568 -74.78 -15.75 -29.51
C GLU G 568 -75.14 -15.42 -28.06
N SER G 569 -74.50 -16.06 -27.08
CA SER G 569 -74.81 -15.82 -25.68
C SER G 569 -73.56 -16.05 -24.84
N TRP G 570 -73.52 -15.38 -23.69
CA TRP G 570 -72.41 -15.55 -22.76
C TRP G 570 -72.35 -16.96 -22.20
N GLU G 571 -73.49 -17.64 -22.10
CA GLU G 571 -73.47 -19.02 -21.63
C GLU G 571 -72.72 -19.94 -22.59
N GLU G 572 -72.65 -19.60 -23.88
CA GLU G 572 -71.92 -20.41 -24.84
C GLU G 572 -70.40 -20.28 -24.68
N ILE G 573 -69.92 -19.14 -24.21
CA ILE G 573 -68.46 -18.96 -24.07
C ILE G 573 -67.95 -19.81 -22.90
N PRO G 574 -66.96 -20.65 -23.12
CA PRO G 574 -66.57 -21.63 -22.12
C PRO G 574 -65.73 -21.02 -20.99
N TYR G 575 -65.40 -21.89 -20.02
CA TYR G 575 -64.50 -21.63 -18.92
C TYR G 575 -63.33 -22.58 -19.06
N LEU G 576 -62.20 -22.21 -18.46
CA LEU G 576 -61.15 -23.19 -18.23
C LEU G 576 -61.73 -24.41 -17.54
N GLY G 577 -61.10 -25.56 -17.76
CA GLY G 577 -61.42 -26.71 -16.93
C GLY G 577 -61.21 -26.40 -15.45
N LYS G 578 -62.03 -26.96 -14.55
CA LYS G 578 -61.93 -26.55 -13.15
C LYS G 578 -60.53 -26.80 -12.61
N ARG G 579 -59.88 -27.88 -13.05
CA ARG G 579 -58.50 -28.09 -12.64
C ARG G 579 -57.64 -26.87 -12.87
N GLU G 580 -57.68 -26.32 -14.09
CA GLU G 580 -56.75 -25.25 -14.42
C GLU G 580 -57.17 -23.94 -13.76
N ASP G 581 -58.48 -23.67 -13.74
CA ASP G 581 -58.99 -22.53 -12.98
C ASP G 581 -58.40 -22.52 -11.57
N GLN G 582 -58.41 -23.68 -10.90
CA GLN G 582 -57.90 -23.76 -9.54
C GLN G 582 -56.40 -23.60 -9.52
N TRP G 583 -55.72 -24.33 -10.40
CA TRP G 583 -54.27 -24.23 -10.49
C TRP G 583 -53.84 -22.78 -10.68
N CYS G 584 -54.59 -22.01 -11.46
CA CYS G 584 -54.28 -20.60 -11.66
C CYS G 584 -54.98 -19.71 -10.64
N GLY G 585 -55.32 -20.26 -9.47
CA GLY G 585 -55.69 -19.47 -8.32
C GLY G 585 -57.17 -19.25 -8.08
N SER G 586 -58.06 -19.98 -8.74
CA SER G 586 -59.49 -19.81 -8.46
C SER G 586 -59.82 -20.24 -7.02
N LEU G 587 -60.84 -19.58 -6.45
CA LEU G 587 -61.32 -19.95 -5.14
C LEU G 587 -62.52 -20.89 -5.19
N ILE G 588 -62.84 -21.47 -6.36
CA ILE G 588 -63.92 -22.44 -6.42
C ILE G 588 -63.56 -23.62 -5.53
N GLY G 589 -64.57 -24.15 -4.83
CA GLY G 589 -64.33 -25.17 -3.83
C GLY G 589 -64.12 -24.66 -2.41
N LEU G 590 -63.83 -23.38 -2.22
CA LEU G 590 -63.79 -22.82 -0.88
C LEU G 590 -65.21 -22.50 -0.45
N THR G 591 -65.46 -22.51 0.87
CA THR G 591 -66.79 -22.16 1.32
C THR G 591 -67.01 -20.66 1.33
N SER G 592 -65.98 -19.88 1.62
CA SER G 592 -66.09 -18.43 1.44
C SER G 592 -66.63 -18.12 0.04
N ARG G 593 -66.06 -18.76 -0.99
CA ARG G 593 -66.47 -18.44 -2.34
C ARG G 593 -67.90 -18.88 -2.60
N ALA G 594 -68.24 -20.09 -2.16
CA ALA G 594 -69.62 -20.57 -2.29
C ALA G 594 -70.60 -19.63 -1.59
N THR G 595 -70.29 -19.21 -0.37
CA THR G 595 -71.14 -18.24 0.32
C THR G 595 -71.24 -16.97 -0.50
N TRP G 596 -70.08 -16.38 -0.81
CA TRP G 596 -69.99 -15.18 -1.65
C TRP G 596 -70.92 -15.27 -2.85
N ALA G 597 -70.82 -16.37 -3.60
CA ALA G 597 -71.63 -16.47 -4.81
C ALA G 597 -73.11 -16.62 -4.50
N LYS G 598 -73.46 -17.43 -3.50
CA LYS G 598 -74.88 -17.59 -3.17
C LYS G 598 -75.52 -16.25 -2.88
N ASN G 599 -74.87 -15.45 -2.05
CA ASN G 599 -75.42 -14.21 -1.55
C ASN G 599 -75.03 -13.00 -2.37
N ILE G 600 -74.47 -13.20 -3.57
CA ILE G 600 -73.83 -12.10 -4.28
C ILE G 600 -74.81 -10.96 -4.50
N GLN G 601 -76.09 -11.26 -4.68
CA GLN G 601 -77.07 -10.19 -4.87
C GLN G 601 -77.19 -9.31 -3.63
N THR G 602 -76.97 -9.87 -2.44
CA THR G 602 -76.97 -9.02 -1.24
C THR G 602 -75.81 -8.03 -1.30
N ALA G 603 -74.63 -8.50 -1.68
CA ALA G 603 -73.51 -7.57 -1.78
C ALA G 603 -73.77 -6.50 -2.85
N ILE G 604 -74.35 -6.89 -3.98
CA ILE G 604 -74.70 -5.92 -5.02
C ILE G 604 -75.66 -4.87 -4.47
N ASN G 605 -76.76 -5.31 -3.84
CA ASN G 605 -77.68 -4.32 -3.29
C ASN G 605 -77.02 -3.46 -2.23
N GLN G 606 -76.03 -4.02 -1.53
CA GLN G 606 -75.34 -3.21 -0.54
C GLN G 606 -74.57 -2.07 -1.20
N VAL G 607 -73.88 -2.36 -2.30
CA VAL G 607 -73.12 -1.32 -2.98
C VAL G 607 -74.06 -0.29 -3.64
N ARG G 608 -75.18 -0.74 -4.21
CA ARG G 608 -76.14 0.21 -4.78
C ARG G 608 -76.65 1.17 -3.71
N SER G 609 -76.92 0.65 -2.52
CA SER G 609 -77.44 1.49 -1.46
C SER G 609 -76.44 2.57 -1.09
N LEU G 610 -75.15 2.24 -1.09
CA LEU G 610 -74.16 3.23 -0.70
C LEU G 610 -73.94 4.25 -1.79
N ILE G 611 -73.99 3.83 -3.04
CA ILE G 611 -73.76 4.75 -4.13
C ILE G 611 -74.89 5.78 -4.19
N GLY G 612 -76.13 5.31 -4.18
CA GLY G 612 -77.27 6.21 -4.13
C GLY G 612 -78.40 5.73 -5.02
N ASN G 613 -79.51 6.45 -5.03
CA ASN G 613 -80.62 6.10 -5.91
C ASN G 613 -80.22 6.47 -7.34
N GLU G 614 -79.91 5.47 -8.14
CA GLU G 614 -79.51 5.66 -9.52
C GLU G 614 -80.14 4.55 -10.31
N GLU G 615 -80.03 4.63 -11.63
CA GLU G 615 -80.57 3.57 -12.46
C GLU G 615 -79.53 2.45 -12.52
N TYR G 616 -79.93 1.26 -12.12
CA TYR G 616 -79.07 0.09 -12.16
C TYR G 616 -79.65 -0.94 -13.08
N THR G 617 -78.78 -1.82 -13.57
CA THR G 617 -79.15 -2.94 -14.42
C THR G 617 -78.55 -4.20 -13.80
N ASP G 618 -79.26 -5.31 -13.91
CA ASP G 618 -78.77 -6.56 -13.37
C ASP G 618 -78.04 -7.31 -14.48
N TYR G 619 -76.74 -7.55 -14.30
CA TYR G 619 -75.98 -8.31 -15.29
C TYR G 619 -75.83 -9.77 -14.92
N MET G 620 -76.29 -10.19 -13.74
CA MET G 620 -76.06 -11.56 -13.31
C MET G 620 -76.74 -12.60 -14.19
N PRO G 621 -77.96 -12.39 -14.74
CA PRO G 621 -78.60 -13.44 -15.54
C PRO G 621 -77.92 -13.73 -16.87
N SER G 622 -76.74 -13.16 -17.12
CA SER G 622 -75.93 -13.62 -18.23
C SER G 622 -75.27 -14.96 -17.93
N MET G 623 -75.41 -15.46 -16.70
CA MET G 623 -74.83 -16.71 -16.26
C MET G 623 -75.95 -17.71 -16.00
N LYS G 624 -75.70 -18.98 -16.36
CA LYS G 624 -76.67 -20.04 -16.12
C LYS G 624 -77.12 -20.07 -14.66
N ARG G 625 -76.18 -19.84 -13.73
CA ARG G 625 -76.47 -19.87 -12.30
C ARG G 625 -77.68 -19.00 -11.94
N PHE G 626 -77.82 -17.84 -12.58
CA PHE G 626 -78.89 -16.89 -12.25
C PHE G 626 -79.89 -16.67 -13.40
N ILE J 2 -59.14 -51.51 19.36
CA ILE J 2 -58.23 -51.86 18.27
C ILE J 2 -56.78 -51.75 18.74
N GLY J 3 -56.36 -50.54 19.14
CA GLY J 3 -54.96 -50.27 19.49
C GLY J 3 -54.72 -49.73 20.89
N ILE J 4 -53.46 -49.37 21.19
CA ILE J 4 -53.12 -48.87 22.53
C ILE J 4 -53.95 -47.64 22.85
N GLU J 5 -54.14 -46.76 21.87
CA GLU J 5 -54.83 -45.49 22.03
C GLU J 5 -56.34 -45.63 22.17
N SER J 6 -56.88 -46.83 22.05
CA SER J 6 -58.32 -47.03 22.02
C SER J 6 -58.95 -46.80 23.39
N GLU J 7 -60.12 -46.17 23.37
CA GLU J 7 -60.87 -45.87 24.58
C GLU J 7 -61.70 -47.08 25.00
N THR J 8 -61.68 -47.40 26.30
CA THR J 8 -62.54 -48.46 26.81
C THR J 8 -63.62 -47.88 27.72
N PRO J 9 -64.86 -47.78 27.26
CA PRO J 9 -65.90 -47.12 28.07
C PRO J 9 -66.41 -47.98 29.21
N ASN J 10 -66.56 -47.37 30.39
CA ASN J 10 -67.18 -48.10 31.50
C ASN J 10 -68.68 -48.10 31.22
N LEU J 11 -69.16 -49.15 30.57
CA LEU J 11 -70.57 -49.19 30.20
C LEU J 11 -71.47 -49.31 31.40
N ASP J 12 -70.97 -49.81 32.54
CA ASP J 12 -71.78 -49.80 33.75
C ASP J 12 -72.18 -48.37 34.13
N ILE J 13 -71.29 -47.40 33.89
CA ILE J 13 -71.52 -46.03 34.33
C ILE J 13 -72.23 -45.18 33.28
N ILE J 14 -71.94 -45.38 31.99
CA ILE J 14 -72.51 -44.56 30.92
C ILE J 14 -73.52 -45.30 30.05
N GLY J 15 -73.71 -46.60 30.28
CA GLY J 15 -74.61 -47.36 29.45
C GLY J 15 -76.02 -46.80 29.40
N LYS J 16 -76.62 -46.57 30.56
CA LYS J 16 -78.01 -46.11 30.56
C LYS J 16 -78.13 -44.76 29.87
N ARG J 17 -77.10 -43.90 29.96
CA ARG J 17 -77.15 -42.63 29.25
C ARG J 17 -77.19 -42.85 27.75
N ILE J 18 -76.37 -43.79 27.24
CA ILE J 18 -76.34 -44.01 25.81
C ILE J 18 -77.65 -44.61 25.33
N GLU J 19 -78.24 -45.52 26.12
CA GLU J 19 -79.50 -46.14 25.69
C GLU J 19 -80.62 -45.13 25.63
N LYS J 20 -80.62 -44.14 26.54
CA LYS J 20 -81.69 -43.14 26.52
C LYS J 20 -81.60 -42.28 25.25
N ILE J 21 -80.40 -41.84 24.88
CA ILE J 21 -80.23 -41.14 23.61
C ILE J 21 -80.70 -42.01 22.46
N LYS J 22 -80.28 -43.29 22.46
CA LYS J 22 -80.60 -44.18 21.37
C LYS J 22 -82.10 -44.40 21.27
N GLN J 23 -82.79 -44.55 22.41
CA GLN J 23 -84.24 -44.76 22.34
C GLN J 23 -84.96 -43.53 21.78
N GLU J 24 -84.50 -42.32 22.11
CA GLU J 24 -85.18 -41.12 21.65
C GLU J 24 -84.87 -40.77 20.20
N HIS J 25 -84.01 -41.54 19.53
CA HIS J 25 -83.65 -41.29 18.14
C HIS J 25 -83.56 -42.59 17.34
N GLU J 26 -84.42 -43.56 17.63
CA GLU J 26 -84.27 -44.89 17.05
C GLU J 26 -84.62 -44.93 15.56
N THR J 27 -85.41 -43.96 15.09
CA THR J 27 -85.74 -43.89 13.68
C THR J 27 -84.50 -43.71 12.81
N SER J 28 -83.53 -42.91 13.25
CA SER J 28 -82.32 -42.69 12.46
C SER J 28 -81.07 -43.24 13.12
N TRP J 29 -81.17 -43.83 14.29
CA TRP J 29 -79.99 -44.38 14.94
C TRP J 29 -79.30 -45.37 14.04
N HIS J 30 -78.00 -45.18 13.83
CA HIS J 30 -77.23 -46.10 13.02
C HIS J 30 -75.82 -46.14 13.55
N TYR J 31 -75.06 -47.13 13.10
CA TYR J 31 -73.65 -47.25 13.44
C TYR J 31 -72.86 -47.03 12.16
N ASP J 32 -72.09 -45.95 12.12
CA ASP J 32 -71.37 -45.49 10.93
C ASP J 32 -69.98 -46.11 10.94
N GLN J 33 -69.78 -47.12 10.08
CA GLN J 33 -68.47 -47.75 9.96
C GLN J 33 -67.37 -46.79 9.55
N ASP J 34 -67.71 -45.65 8.93
CA ASP J 34 -66.70 -44.70 8.50
C ASP J 34 -66.53 -43.52 9.46
N HIS J 35 -66.89 -43.68 10.74
CA HIS J 35 -66.62 -42.63 11.70
C HIS J 35 -65.12 -42.38 11.81
N PRO J 36 -64.71 -41.16 12.16
CA PRO J 36 -63.28 -40.82 12.25
C PRO J 36 -62.64 -40.99 13.61
N TYR J 37 -63.38 -41.41 14.63
CA TYR J 37 -62.86 -41.36 15.99
C TYR J 37 -61.82 -42.44 16.21
N LYS J 38 -60.69 -42.04 16.74
CA LYS J 38 -59.56 -42.94 16.94
C LYS J 38 -59.18 -43.15 18.40
N THR J 39 -59.38 -42.16 19.26
CA THR J 39 -59.03 -42.31 20.68
C THR J 39 -60.25 -42.11 21.57
N TRP J 40 -61.42 -41.99 20.97
CA TRP J 40 -62.70 -41.89 21.66
C TRP J 40 -63.51 -43.13 21.33
N ALA J 41 -64.25 -43.62 22.30
CA ALA J 41 -65.22 -44.67 22.03
C ALA J 41 -66.32 -44.13 21.15
N TYR J 42 -66.66 -44.82 20.07
CA TYR J 42 -67.74 -44.40 19.20
C TYR J 42 -68.93 -45.33 19.43
N HIS J 43 -70.13 -44.77 19.57
CA HIS J 43 -71.30 -45.57 19.92
C HIS J 43 -72.40 -45.57 18.87
N GLY J 44 -72.50 -44.55 18.04
CA GLY J 44 -73.55 -44.50 17.05
C GLY J 44 -73.84 -43.06 16.66
N SER J 45 -74.84 -42.92 15.80
CA SER J 45 -75.15 -41.62 15.22
C SER J 45 -76.60 -41.58 14.82
N TYR J 46 -77.09 -40.36 14.59
CA TYR J 46 -78.43 -40.13 14.09
C TYR J 46 -78.42 -38.81 13.34
N GLU J 47 -79.46 -38.56 12.55
CA GLU J 47 -79.44 -37.35 11.73
C GLU J 47 -79.82 -36.15 12.58
N THR J 48 -79.14 -35.03 12.33
CA THR J 48 -79.38 -33.79 13.02
C THR J 48 -79.22 -32.64 12.03
N LYS J 49 -79.69 -31.46 12.44
CA LYS J 49 -79.54 -30.27 11.62
C LYS J 49 -78.21 -29.61 11.94
N GLN J 50 -77.55 -29.11 10.91
CA GLN J 50 -76.29 -28.41 11.07
C GLN J 50 -76.44 -27.17 11.96
N THR J 51 -75.42 -26.92 12.78
CA THR J 51 -75.32 -25.68 13.54
C THR J 51 -73.90 -25.16 13.44
N GLY J 52 -73.75 -23.87 13.73
CA GLY J 52 -72.45 -23.22 13.68
C GLY J 52 -72.35 -22.33 12.46
N SER J 53 -71.18 -21.72 12.32
CA SER J 53 -70.94 -20.79 11.23
C SER J 53 -69.46 -20.72 10.92
N ALA J 54 -69.15 -20.33 9.68
CA ALA J 54 -67.78 -20.11 9.25
C ALA J 54 -67.56 -18.71 8.68
N SER J 55 -68.60 -17.90 8.62
CA SER J 55 -68.52 -16.60 7.96
C SER J 55 -68.06 -15.52 8.93
N SER J 56 -67.39 -14.52 8.38
CA SER J 56 -67.03 -13.34 9.14
C SER J 56 -67.70 -12.11 8.52
N MET J 57 -67.85 -11.07 9.32
CA MET J 57 -68.46 -9.84 8.84
C MET J 57 -67.49 -8.69 9.01
N VAL J 58 -67.39 -7.83 8.00
CA VAL J 58 -66.50 -6.66 8.06
C VAL J 58 -67.14 -5.58 8.91
N ASN J 59 -66.35 -5.00 9.82
CA ASN J 59 -66.76 -3.78 10.48
C ASN J 59 -66.30 -2.63 9.59
N GLY J 60 -67.22 -2.14 8.76
CA GLY J 60 -66.89 -1.08 7.83
C GLY J 60 -66.24 0.11 8.48
N VAL J 61 -66.79 0.57 9.61
CA VAL J 61 -66.28 1.79 10.22
C VAL J 61 -64.81 1.61 10.58
N VAL J 62 -64.47 0.50 11.24
CA VAL J 62 -63.09 0.33 11.67
C VAL J 62 -62.17 0.10 10.48
N ARG J 63 -62.64 -0.65 9.48
CA ARG J 63 -61.79 -0.87 8.32
C ARG J 63 -61.55 0.42 7.54
N LEU J 64 -62.61 1.20 7.30
CA LEU J 64 -62.47 2.48 6.60
C LEU J 64 -61.52 3.44 7.30
N LEU J 65 -61.29 3.26 8.61
CA LEU J 65 -60.48 4.20 9.37
C LEU J 65 -59.13 3.62 9.80
N THR J 66 -58.82 2.39 9.39
CA THR J 66 -57.53 1.78 9.65
C THR J 66 -56.85 1.40 8.33
N LYS J 67 -56.93 2.31 7.36
CA LYS J 67 -56.42 2.03 6.02
C LYS J 67 -54.97 1.58 5.96
N PRO J 68 -54.02 2.13 6.73
CA PRO J 68 -52.63 1.68 6.60
C PRO J 68 -52.46 0.20 6.89
N TRP J 69 -53.37 -0.39 7.67
CA TRP J 69 -53.31 -1.80 8.00
C TRP J 69 -53.94 -2.69 6.92
N ASP J 70 -54.49 -2.10 5.84
CA ASP J 70 -55.04 -2.91 4.76
C ASP J 70 -53.99 -3.79 4.09
N ILE J 71 -52.72 -3.40 4.12
CA ILE J 71 -51.67 -4.18 3.47
C ILE J 71 -50.85 -4.97 4.48
N ILE J 72 -51.37 -5.20 5.67
CA ILE J 72 -50.65 -5.90 6.71
C ILE J 72 -51.36 -7.22 6.95
N PRO J 73 -50.77 -8.35 6.55
CA PRO J 73 -51.53 -9.61 6.58
C PRO J 73 -51.83 -10.09 7.97
N MET J 74 -51.03 -9.73 8.96
CA MET J 74 -51.35 -10.10 10.34
C MET J 74 -52.62 -9.42 10.85
N VAL J 75 -53.16 -8.46 10.11
CA VAL J 75 -54.43 -7.83 10.40
C VAL J 75 -55.52 -8.36 9.50
N THR J 76 -55.26 -8.34 8.19
CA THR J 76 -56.32 -8.64 7.22
C THR J 76 -56.70 -10.10 7.19
N GLN J 77 -55.82 -11.00 7.65
CA GLN J 77 -56.15 -12.41 7.65
C GLN J 77 -56.97 -12.83 8.87
N MET J 78 -57.21 -11.93 9.83
CA MET J 78 -58.05 -12.27 10.96
C MET J 78 -59.46 -12.59 10.49
N ALA J 79 -60.07 -13.57 11.14
CA ALA J 79 -61.40 -14.04 10.76
C ALA J 79 -62.06 -14.75 11.95
N MET J 80 -63.38 -14.80 11.90
CA MET J 80 -64.12 -15.61 12.85
C MET J 80 -63.71 -17.07 12.70
N THR J 81 -63.76 -17.81 13.79
CA THR J 81 -63.45 -19.23 13.71
C THR J 81 -64.54 -19.93 12.91
N ASP J 82 -64.25 -21.19 12.57
CA ASP J 82 -65.18 -22.04 11.84
C ASP J 82 -65.84 -22.95 12.86
N THR J 83 -67.12 -22.73 13.16
CA THR J 83 -67.79 -23.56 14.15
C THR J 83 -68.85 -24.46 13.53
N THR J 84 -68.81 -24.67 12.21
CA THR J 84 -69.57 -25.71 11.56
C THR J 84 -69.09 -27.09 12.02
N PRO J 85 -69.86 -28.15 11.75
CA PRO J 85 -69.32 -29.49 11.98
C PRO J 85 -67.97 -29.72 11.32
N PHE J 86 -67.70 -29.06 10.19
CA PHE J 86 -66.39 -29.12 9.54
C PHE J 86 -65.30 -28.57 10.45
N GLY J 87 -65.51 -27.37 10.98
CA GLY J 87 -64.49 -26.78 11.84
C GLY J 87 -64.30 -27.54 13.12
N GLN J 88 -65.40 -27.95 13.75
CA GLN J 88 -65.31 -28.75 14.98
C GLN J 88 -64.54 -30.02 14.72
N GLN J 89 -65.00 -30.81 13.74
CA GLN J 89 -64.36 -32.08 13.40
C GLN J 89 -62.89 -31.90 13.11
N ARG J 90 -62.51 -30.78 12.50
CA ARG J 90 -61.10 -30.51 12.23
C ARG J 90 -60.34 -30.24 13.52
N VAL J 91 -60.95 -29.49 14.45
CA VAL J 91 -60.33 -29.32 15.76
C VAL J 91 -60.28 -30.66 16.49
N PHE J 92 -61.33 -31.45 16.36
CA PHE J 92 -61.32 -32.77 16.98
C PHE J 92 -60.13 -33.60 16.50
N LYS J 93 -59.96 -33.73 15.18
CA LYS J 93 -58.87 -34.56 14.68
C LYS J 93 -57.51 -34.08 15.15
N GLU J 94 -57.31 -32.76 15.22
CA GLU J 94 -55.98 -32.25 15.56
C GLU J 94 -55.69 -32.34 17.06
N LYS J 95 -56.69 -32.13 17.94
CA LYS J 95 -56.39 -32.05 19.37
C LYS J 95 -57.25 -32.94 20.27
N VAL J 96 -58.57 -32.87 20.13
CA VAL J 96 -59.43 -33.61 21.04
C VAL J 96 -59.27 -35.11 20.84
N ASP J 97 -59.10 -35.54 19.60
CA ASP J 97 -59.00 -36.96 19.31
C ASP J 97 -57.55 -37.43 19.39
N THR J 98 -56.91 -37.17 20.51
CA THR J 98 -55.57 -37.65 20.74
C THR J 98 -55.54 -38.36 22.08
N ARG J 99 -54.37 -38.89 22.41
CA ARG J 99 -54.22 -39.71 23.59
C ARG J 99 -52.89 -39.39 24.24
N THR J 100 -52.93 -39.20 25.55
CA THR J 100 -51.77 -38.89 26.36
C THR J 100 -51.35 -40.17 27.06
N GLN J 101 -50.06 -40.53 26.94
CA GLN J 101 -49.57 -41.73 27.60
C GLN J 101 -49.73 -41.58 29.10
N GLU J 102 -50.14 -42.67 29.75
CA GLU J 102 -50.26 -42.66 31.20
C GLU J 102 -48.96 -42.19 31.83
N PRO J 103 -49.00 -41.39 32.90
CA PRO J 103 -47.76 -41.01 33.57
C PRO J 103 -47.03 -42.26 34.08
N LYS J 104 -45.72 -42.13 34.24
CA LYS J 104 -44.98 -43.16 34.94
C LYS J 104 -45.34 -43.14 36.42
N GLU J 105 -44.92 -44.19 37.14
CA GLU J 105 -45.42 -44.42 38.50
C GLU J 105 -44.82 -43.46 39.52
N GLY J 106 -43.71 -42.82 39.21
CA GLY J 106 -43.10 -41.92 40.17
C GLY J 106 -43.71 -40.54 40.05
N THR J 107 -43.83 -40.08 38.81
CA THR J 107 -44.69 -38.94 38.52
C THR J 107 -46.03 -39.11 39.21
N LYS J 108 -46.67 -40.27 39.01
CA LYS J 108 -48.00 -40.48 39.58
C LYS J 108 -47.99 -40.30 41.08
N LYS J 109 -46.93 -40.74 41.75
CA LYS J 109 -46.85 -40.53 43.20
C LYS J 109 -46.63 -39.06 43.52
N LEU J 110 -45.69 -38.42 42.82
CA LEU J 110 -45.41 -36.99 43.02
C LEU J 110 -46.69 -36.17 42.99
N MET J 111 -47.49 -36.35 41.94
CA MET J 111 -48.73 -35.61 41.80
C MET J 111 -49.64 -35.84 42.98
N LYS J 112 -49.74 -37.08 43.46
CA LYS J 112 -50.65 -37.40 44.56
C LYS J 112 -50.24 -36.70 45.86
N ILE J 113 -48.94 -36.59 46.14
CA ILE J 113 -48.55 -35.92 47.39
C ILE J 113 -48.77 -34.42 47.27
N THR J 114 -48.27 -33.81 46.18
CA THR J 114 -48.48 -32.39 45.95
C THR J 114 -49.96 -32.03 46.00
N ALA J 115 -50.80 -32.83 45.36
CA ALA J 115 -52.22 -32.53 45.32
C ALA J 115 -52.83 -32.63 46.71
N GLU J 116 -52.30 -33.49 47.57
CA GLU J 116 -52.77 -33.57 48.95
C GLU J 116 -52.39 -32.30 49.71
N TRP J 117 -51.12 -31.92 49.62
CA TRP J 117 -50.65 -30.73 50.33
C TRP J 117 -51.41 -29.50 49.86
N LEU J 118 -51.50 -29.32 48.53
CA LEU J 118 -52.21 -28.20 47.95
C LEU J 118 -53.65 -28.13 48.43
N TRP J 119 -54.35 -29.26 48.39
CA TRP J 119 -55.74 -29.26 48.85
C TRP J 119 -55.83 -28.86 50.32
N LYS J 120 -54.85 -29.26 51.12
CA LYS J 120 -54.86 -28.84 52.53
C LYS J 120 -54.58 -27.35 52.65
N GLU J 121 -53.52 -26.89 51.98
CA GLU J 121 -53.22 -25.47 51.86
C GLU J 121 -54.46 -24.64 51.53
N LEU J 122 -55.05 -24.90 50.36
CA LEU J 122 -56.22 -24.13 49.92
C LEU J 122 -57.39 -24.27 50.88
N GLY J 123 -57.45 -25.38 51.63
CA GLY J 123 -58.53 -25.61 52.57
C GLY J 123 -58.35 -24.98 53.93
N LYS J 124 -57.19 -24.39 54.20
CA LYS J 124 -56.92 -23.78 55.49
C LYS J 124 -57.99 -22.75 55.84
N LYS J 125 -58.10 -21.71 55.03
CA LYS J 125 -59.00 -20.62 55.31
C LYS J 125 -60.37 -20.75 54.61
N LYS J 126 -60.69 -21.93 54.05
CA LYS J 126 -62.02 -22.11 53.44
C LYS J 126 -62.57 -23.49 53.75
N THR J 127 -63.87 -23.63 53.56
CA THR J 127 -64.54 -24.86 53.91
C THR J 127 -65.51 -25.29 52.81
N PRO J 128 -65.25 -26.44 52.17
CA PRO J 128 -66.16 -26.92 51.14
C PRO J 128 -67.59 -26.90 51.65
N ARG J 129 -68.52 -26.68 50.73
CA ARG J 129 -69.93 -26.57 51.08
C ARG J 129 -70.74 -26.59 49.81
N MET J 130 -71.96 -27.09 49.91
CA MET J 130 -72.85 -27.05 48.78
C MET J 130 -73.20 -25.61 48.42
N CYS J 131 -73.83 -25.46 47.25
CA CYS J 131 -74.44 -24.21 46.82
C CYS J 131 -75.92 -24.49 46.60
N THR J 132 -76.70 -23.43 46.52
CA THR J 132 -78.15 -23.52 46.66
C THR J 132 -78.85 -23.30 45.34
N ARG J 133 -80.01 -23.93 45.19
CA ARG J 133 -80.94 -23.52 44.16
C ARG J 133 -81.07 -22.00 44.11
N GLU J 134 -81.12 -21.36 45.28
CA GLU J 134 -81.19 -19.90 45.32
C GLU J 134 -79.91 -19.28 44.80
N GLU J 135 -78.76 -19.72 45.31
CA GLU J 135 -77.47 -19.21 44.87
C GLU J 135 -77.31 -19.27 43.35
N PHE J 136 -77.83 -20.35 42.74
CA PHE J 136 -77.69 -20.64 41.32
C PHE J 136 -78.64 -19.78 40.50
N THR J 137 -79.93 -19.83 40.85
CA THR J 137 -80.94 -18.96 40.23
C THR J 137 -80.46 -17.51 40.14
N ARG J 138 -79.75 -17.04 41.17
CA ARG J 138 -79.24 -15.68 41.12
C ARG J 138 -78.12 -15.55 40.10
N LYS J 139 -77.20 -16.53 40.04
CA LYS J 139 -76.03 -16.42 39.18
C LYS J 139 -76.36 -16.63 37.71
N VAL J 140 -77.28 -17.53 37.40
CA VAL J 140 -77.44 -17.95 36.01
C VAL J 140 -77.90 -16.78 35.15
N ARG J 141 -77.40 -16.72 33.92
CA ARG J 141 -77.91 -15.76 32.95
C ARG J 141 -79.27 -16.21 32.46
N SER J 142 -80.17 -15.25 32.29
CA SER J 142 -81.52 -15.61 31.84
C SER J 142 -81.47 -16.32 30.50
N ASN J 143 -80.51 -15.94 29.65
CA ASN J 143 -80.36 -16.51 28.32
C ASN J 143 -79.25 -17.56 28.25
N ALA J 144 -78.84 -18.11 29.39
CA ALA J 144 -77.86 -19.19 29.41
C ALA J 144 -78.46 -20.44 28.79
N ALA J 145 -77.58 -21.26 28.21
CA ALA J 145 -78.02 -22.35 27.35
C ALA J 145 -78.76 -23.40 28.15
N LEU J 146 -79.91 -23.83 27.63
CA LEU J 146 -80.59 -24.97 28.24
C LEU J 146 -79.83 -26.26 27.99
N GLY J 147 -79.25 -26.40 26.80
CA GLY J 147 -78.49 -27.60 26.46
C GLY J 147 -79.29 -28.87 26.50
N ALA J 148 -80.58 -28.79 26.19
CA ALA J 148 -81.46 -29.94 26.40
C ALA J 148 -81.01 -31.11 25.54
N ILE J 149 -80.69 -32.23 26.19
CA ILE J 149 -80.33 -33.45 25.46
C ILE J 149 -81.57 -34.33 25.21
N PHE J 150 -82.49 -34.41 26.16
CA PHE J 150 -83.61 -35.35 26.10
C PHE J 150 -84.93 -34.60 25.96
N THR J 151 -85.95 -35.30 25.47
CA THR J 151 -87.21 -34.62 25.16
C THR J 151 -87.84 -34.02 26.41
N ASP J 152 -87.80 -34.73 27.55
CA ASP J 152 -88.42 -34.20 28.77
C ASP J 152 -87.74 -32.95 29.26
N GLU J 153 -86.55 -32.64 28.76
CA GLU J 153 -85.85 -31.42 29.12
C GLU J 153 -86.12 -30.27 28.18
N ASN J 154 -86.67 -30.53 27.00
CA ASN J 154 -86.85 -29.49 25.99
C ASN J 154 -88.24 -28.87 26.09
N LYS J 155 -88.48 -28.19 27.21
CA LYS J 155 -89.79 -27.65 27.51
C LYS J 155 -89.75 -26.17 27.86
N TRP J 156 -88.59 -25.55 27.91
CA TRP J 156 -88.46 -24.16 28.34
C TRP J 156 -87.80 -23.33 27.25
N LYS J 157 -88.23 -22.07 27.16
CA LYS J 157 -87.70 -21.17 26.15
C LYS J 157 -86.44 -20.44 26.60
N SER J 158 -86.04 -20.56 27.86
CA SER J 158 -84.85 -19.88 28.34
C SER J 158 -84.49 -20.39 29.72
N ALA J 159 -83.26 -20.12 30.13
CA ALA J 159 -82.82 -20.54 31.45
C ALA J 159 -83.74 -19.99 32.52
N ARG J 160 -83.92 -18.65 32.51
CA ARG J 160 -84.77 -18.00 33.50
C ARG J 160 -86.14 -18.65 33.61
N GLU J 161 -86.73 -19.01 32.47
CA GLU J 161 -88.02 -19.67 32.50
C GLU J 161 -87.94 -21.03 33.18
N ALA J 162 -86.90 -21.82 32.87
CA ALA J 162 -86.77 -23.13 33.49
C ALA J 162 -86.52 -23.01 34.98
N VAL J 163 -85.62 -22.12 35.38
CA VAL J 163 -85.25 -22.01 36.77
C VAL J 163 -86.43 -21.58 37.65
N GLU J 164 -87.50 -21.06 37.04
CA GLU J 164 -88.72 -20.66 37.74
C GLU J 164 -89.84 -21.68 37.60
N ASP J 165 -89.58 -22.86 37.05
CA ASP J 165 -90.58 -23.89 36.91
C ASP J 165 -90.33 -25.00 37.91
N SER J 166 -91.38 -25.41 38.63
CA SER J 166 -91.25 -26.56 39.53
C SER J 166 -90.86 -27.81 38.75
N GLY J 167 -91.36 -27.93 37.51
CA GLY J 167 -91.05 -29.10 36.70
C GLY J 167 -89.58 -29.24 36.39
N PHE J 168 -88.88 -28.12 36.19
CA PHE J 168 -87.44 -28.20 35.99
C PHE J 168 -86.77 -28.81 37.21
N TRP J 169 -87.06 -28.28 38.40
CA TRP J 169 -86.44 -28.81 39.60
C TRP J 169 -86.90 -30.22 39.91
N GLU J 170 -88.11 -30.58 39.49
CA GLU J 170 -88.53 -31.98 39.56
C GLU J 170 -87.51 -32.86 38.84
N LEU J 171 -87.09 -32.47 37.62
CA LEU J 171 -86.14 -33.27 36.85
C LEU J 171 -84.78 -33.33 37.53
N VAL J 172 -84.30 -32.18 38.01
CA VAL J 172 -83.05 -32.13 38.75
C VAL J 172 -83.10 -33.08 39.93
N ASP J 173 -84.25 -33.09 40.63
CA ASP J 173 -84.36 -33.91 41.83
C ASP J 173 -84.20 -35.38 41.50
N LYS J 174 -84.86 -35.84 40.42
CA LYS J 174 -84.75 -37.24 40.03
C LYS J 174 -83.30 -37.65 39.81
N GLU J 175 -82.48 -36.76 39.19
CA GLU J 175 -81.09 -37.11 38.93
C GLU J 175 -80.23 -36.96 40.17
N ARG J 176 -80.50 -35.93 40.99
CA ARG J 176 -79.87 -35.79 42.30
C ARG J 176 -80.00 -37.08 43.12
N ASN J 177 -81.17 -37.70 43.10
CA ASN J 177 -81.33 -38.93 43.85
C ASN J 177 -80.44 -40.01 43.27
N LEU J 178 -80.45 -40.16 41.93
CA LEU J 178 -79.63 -41.16 41.27
C LEU J 178 -78.17 -40.94 41.58
N HIS J 179 -77.73 -39.68 41.59
CA HIS J 179 -76.34 -39.40 41.96
C HIS J 179 -76.05 -39.86 43.38
N LEU J 180 -77.01 -39.66 44.30
CA LEU J 180 -76.79 -40.04 45.69
C LEU J 180 -76.73 -41.55 45.84
N GLU J 181 -77.50 -42.28 45.03
CA GLU J 181 -77.33 -43.72 44.87
C GLU J 181 -76.13 -44.08 43.98
N GLY J 182 -75.32 -43.11 43.56
CA GLY J 182 -74.11 -43.39 42.78
C GLY J 182 -74.32 -43.78 41.32
N LYS J 183 -75.43 -43.37 40.71
CA LYS J 183 -75.76 -43.69 39.33
C LYS J 183 -76.10 -42.41 38.58
N CYS J 184 -75.86 -42.44 37.26
CA CYS J 184 -76.09 -41.28 36.41
C CYS J 184 -76.91 -41.70 35.21
N GLU J 185 -77.96 -40.95 34.92
CA GLU J 185 -78.82 -41.32 33.82
C GLU J 185 -79.00 -40.26 32.75
N THR J 186 -78.63 -38.99 33.00
CA THR J 186 -78.92 -37.95 32.03
C THR J 186 -77.84 -36.89 31.82
N CYS J 187 -76.68 -36.97 32.47
CA CYS J 187 -75.69 -35.90 32.36
C CYS J 187 -74.79 -36.17 31.15
N VAL J 188 -75.13 -35.50 30.03
CA VAL J 188 -74.47 -35.70 28.75
C VAL J 188 -74.03 -34.35 28.24
N TYR J 189 -72.82 -34.29 27.67
CA TYR J 189 -72.34 -33.04 27.11
C TYR J 189 -72.90 -32.81 25.71
N ASN J 190 -73.37 -31.59 25.47
CA ASN J 190 -73.36 -31.01 24.14
C ASN J 190 -71.95 -30.57 23.84
N MET J 191 -71.64 -30.46 22.56
CA MET J 191 -70.34 -29.95 22.14
C MET J 191 -70.58 -28.95 21.03
N MET J 192 -70.01 -27.76 21.19
CA MET J 192 -70.03 -26.73 20.17
C MET J 192 -68.61 -26.25 20.00
N GLY J 193 -68.37 -25.48 18.95
CA GLY J 193 -67.07 -24.87 18.73
C GLY J 193 -67.10 -23.44 19.22
N LYS J 194 -65.96 -22.94 19.66
CA LYS J 194 -65.90 -21.62 20.26
C LYS J 194 -65.89 -20.56 19.15
N ARG J 195 -66.90 -19.72 19.10
CA ARG J 195 -66.86 -18.57 18.20
C ARG J 195 -65.83 -17.56 18.70
N GLU J 196 -64.80 -17.32 17.90
CA GLU J 196 -63.60 -16.62 18.33
C GLU J 196 -62.98 -15.93 17.12
N LYS J 197 -61.99 -15.09 17.36
CA LYS J 197 -61.28 -14.38 16.31
C LYS J 197 -59.86 -14.96 16.21
N LYS J 198 -59.50 -15.45 15.01
CA LYS J 198 -58.27 -16.21 14.82
C LYS J 198 -57.76 -15.94 13.40
N LEU J 199 -56.44 -15.76 13.29
CA LEU J 199 -55.82 -15.66 11.97
C LEU J 199 -56.21 -16.86 11.12
N GLY J 200 -56.69 -16.56 9.89
CA GLY J 200 -56.97 -17.58 8.90
C GLY J 200 -55.72 -17.91 8.11
N GLU J 201 -55.84 -18.95 7.28
CA GLU J 201 -54.69 -19.36 6.49
C GLU J 201 -55.18 -19.98 5.18
N PHE J 202 -54.49 -19.65 4.08
CA PHE J 202 -54.82 -20.18 2.76
C PHE J 202 -56.29 -19.95 2.43
N GLY J 203 -56.78 -18.76 2.75
CA GLY J 203 -58.16 -18.39 2.45
C GLY J 203 -59.23 -19.04 3.29
N LYS J 204 -58.88 -19.69 4.40
CA LYS J 204 -59.87 -20.43 5.17
C LYS J 204 -59.87 -20.02 6.64
N ALA J 205 -61.07 -19.87 7.17
CA ALA J 205 -61.26 -19.78 8.61
C ALA J 205 -60.87 -21.10 9.25
N LYS J 206 -60.08 -21.02 10.31
CA LYS J 206 -59.77 -22.20 11.10
C LYS J 206 -60.76 -22.36 12.24
N GLY J 207 -60.92 -23.59 12.73
CA GLY J 207 -61.53 -23.79 14.04
C GLY J 207 -60.55 -23.42 15.14
N SER J 208 -61.00 -23.51 16.38
CA SER J 208 -60.06 -23.22 17.46
C SER J 208 -60.21 -24.16 18.66
N ARG J 209 -61.45 -24.49 19.08
CA ARG J 209 -61.53 -25.31 20.27
C ARG J 209 -62.94 -25.84 20.47
N ALA J 210 -63.02 -26.91 21.24
CA ALA J 210 -64.28 -27.54 21.61
C ALA J 210 -64.77 -26.95 22.94
N ILE J 211 -66.02 -26.57 22.97
CA ILE J 211 -66.69 -26.22 24.21
C ILE J 211 -67.66 -27.36 24.51
N TRP J 212 -67.58 -27.90 25.72
CA TRP J 212 -68.50 -28.92 26.20
C TRP J 212 -69.41 -28.32 27.26
N TYR J 213 -70.68 -28.70 27.25
CA TYR J 213 -71.58 -28.24 28.29
C TYR J 213 -72.73 -29.21 28.42
N MET J 214 -73.07 -29.56 29.66
CA MET J 214 -74.24 -30.37 29.93
C MET J 214 -75.48 -29.48 29.96
N TRP J 215 -76.64 -30.12 30.05
CA TRP J 215 -77.87 -29.34 30.12
C TRP J 215 -77.96 -28.59 31.45
N LEU J 216 -78.87 -27.62 31.50
CA LEU J 216 -78.90 -26.68 32.63
C LEU J 216 -79.02 -27.41 33.97
N GLY J 217 -79.92 -28.39 34.06
CA GLY J 217 -80.05 -29.14 35.30
C GLY J 217 -78.74 -29.76 35.76
N ALA J 218 -78.06 -30.44 34.84
CA ALA J 218 -76.76 -31.01 35.17
C ALA J 218 -75.77 -29.95 35.60
N ARG J 219 -75.89 -28.74 35.05
CA ARG J 219 -74.92 -27.70 35.40
C ARG J 219 -75.24 -27.12 36.76
N PHE J 220 -76.50 -27.17 37.17
CA PHE J 220 -76.79 -26.88 38.56
C PHE J 220 -76.15 -27.91 39.47
N LEU J 221 -76.27 -29.20 39.09
CA LEU J 221 -75.74 -30.25 39.96
C LEU J 221 -74.25 -30.10 40.16
N GLU J 222 -73.51 -29.78 39.11
CA GLU J 222 -72.10 -29.56 39.37
C GLU J 222 -71.90 -28.23 40.11
N PHE J 223 -72.79 -27.26 39.89
CA PHE J 223 -72.73 -26.03 40.68
C PHE J 223 -72.93 -26.35 42.16
N GLU J 224 -74.02 -27.05 42.46
CA GLU J 224 -74.34 -27.49 43.82
C GLU J 224 -73.15 -28.11 44.52
N ALA J 225 -72.50 -29.08 43.86
CA ALA J 225 -71.46 -29.83 44.56
C ALA J 225 -70.09 -29.16 44.48
N LEU J 226 -69.79 -28.41 43.41
CA LEU J 226 -68.43 -27.91 43.26
C LEU J 226 -68.35 -26.41 43.03
N GLY J 227 -69.47 -25.73 42.85
CA GLY J 227 -69.45 -24.27 42.71
C GLY J 227 -68.68 -23.56 43.80
N PHE J 228 -68.77 -24.06 45.05
CA PHE J 228 -68.08 -23.46 46.19
C PHE J 228 -66.65 -23.05 45.84
N LEU J 229 -66.03 -23.77 44.91
CA LEU J 229 -64.66 -23.45 44.53
C LEU J 229 -64.58 -22.09 43.86
N ASN J 230 -65.62 -21.70 43.13
CA ASN J 230 -65.62 -20.40 42.50
C ASN J 230 -66.27 -19.36 43.40
N GLU J 231 -67.37 -19.73 44.05
CA GLU J 231 -68.15 -18.75 44.80
C GLU J 231 -67.40 -18.28 46.05
N ASP J 232 -66.65 -19.16 46.69
CA ASP J 232 -65.84 -18.77 47.84
C ASP J 232 -64.39 -18.53 47.44
N HIS J 233 -64.09 -18.46 46.15
CA HIS J 233 -62.84 -17.88 45.65
C HIS J 233 -61.59 -18.59 46.15
N TRP J 234 -61.53 -19.90 45.93
CA TRP J 234 -60.38 -20.68 46.39
C TRP J 234 -59.09 -20.38 45.64
N PHE J 235 -59.14 -19.78 44.46
CA PHE J 235 -57.91 -19.56 43.70
C PHE J 235 -57.61 -18.07 43.57
N SER J 236 -57.81 -17.35 44.67
CA SER J 236 -57.87 -15.90 44.71
C SER J 236 -56.55 -15.24 45.04
N ARG J 237 -55.45 -15.98 44.99
CA ARG J 237 -54.11 -15.42 45.28
C ARG J 237 -53.96 -15.03 46.75
N GLU J 238 -54.89 -14.26 47.30
CA GLU J 238 -54.92 -14.11 48.74
C GLU J 238 -54.94 -15.48 49.42
N ASN J 239 -55.63 -16.44 48.81
CA ASN J 239 -55.66 -17.82 49.26
C ASN J 239 -54.71 -18.73 48.50
N SER J 240 -54.73 -18.74 47.17
CA SER J 240 -53.91 -19.74 46.47
C SER J 240 -52.46 -19.33 46.34
N LEU J 241 -52.11 -18.07 46.66
CA LEU J 241 -50.75 -17.54 46.64
C LEU J 241 -50.14 -17.53 45.24
N SER J 242 -50.63 -18.41 44.35
CA SER J 242 -50.21 -18.44 42.97
C SER J 242 -51.29 -18.02 41.98
N GLY J 243 -52.55 -18.14 42.36
CA GLY J 243 -53.63 -17.73 41.49
C GLY J 243 -53.66 -16.23 41.24
N VAL J 244 -54.65 -15.81 40.44
CA VAL J 244 -54.87 -14.42 40.09
C VAL J 244 -56.37 -14.22 39.89
N GLU J 245 -57.18 -15.16 40.37
CA GLU J 245 -58.63 -15.07 40.19
C GLU J 245 -59.14 -13.72 40.70
N GLY J 246 -60.17 -13.22 40.03
CA GLY J 246 -60.77 -11.95 40.39
C GLY J 246 -59.93 -10.73 40.11
N GLU J 247 -58.64 -10.88 39.79
CA GLU J 247 -57.87 -9.75 39.30
C GLU J 247 -58.16 -9.57 37.82
N GLY J 248 -58.41 -8.33 37.41
CA GLY J 248 -58.64 -8.07 36.01
C GLY J 248 -57.34 -8.15 35.22
N LEU J 249 -57.46 -7.99 33.91
CA LEU J 249 -56.27 -8.12 33.07
C LEU J 249 -55.29 -6.97 33.28
N HIS J 250 -55.79 -5.76 33.51
CA HIS J 250 -54.88 -4.61 33.54
C HIS J 250 -54.00 -4.61 34.77
N LYS J 251 -54.44 -5.27 35.84
CA LYS J 251 -53.63 -5.35 37.06
C LYS J 251 -52.48 -6.36 36.96
N LEU J 252 -52.62 -7.39 36.12
CA LEU J 252 -51.73 -8.54 36.20
C LEU J 252 -50.27 -8.14 36.08
N GLY J 253 -49.96 -7.08 35.34
CA GLY J 253 -48.58 -6.63 35.25
C GLY J 253 -48.03 -6.15 36.58
N TYR J 254 -48.90 -5.62 37.45
CA TYR J 254 -48.49 -5.29 38.80
C TYR J 254 -48.13 -6.55 39.60
N ILE J 255 -48.94 -7.59 39.46
CA ILE J 255 -48.63 -8.88 40.08
C ILE J 255 -47.34 -9.47 39.51
N LEU J 256 -47.12 -9.34 38.19
CA LEU J 256 -45.86 -9.82 37.66
C LEU J 256 -44.69 -9.04 38.23
N ARG J 257 -44.90 -7.77 38.57
CA ARG J 257 -43.79 -6.96 39.07
C ARG J 257 -43.35 -7.41 40.45
N ASP J 258 -44.33 -7.66 41.33
CA ASP J 258 -44.04 -8.20 42.65
C ASP J 258 -43.22 -9.48 42.55
N VAL J 259 -43.76 -10.47 41.84
CA VAL J 259 -43.06 -11.73 41.65
C VAL J 259 -41.62 -11.50 41.20
N SER J 260 -41.41 -10.56 40.27
CA SER J 260 -40.06 -10.31 39.77
C SER J 260 -39.10 -9.89 40.87
N LYS J 261 -39.62 -9.29 41.93
CA LYS J 261 -38.79 -8.82 43.04
C LYS J 261 -38.23 -9.95 43.89
N LYS J 262 -38.74 -11.17 43.77
CA LYS J 262 -38.09 -12.32 44.40
C LYS J 262 -36.73 -12.57 43.75
N GLU J 263 -35.87 -13.28 44.48
CA GLU J 263 -34.56 -13.66 43.97
C GLU J 263 -34.65 -15.03 43.31
N GLY J 264 -34.02 -15.17 42.16
CA GLY J 264 -34.07 -16.42 41.44
C GLY J 264 -33.54 -16.24 40.04
N GLY J 265 -33.84 -17.21 39.18
CA GLY J 265 -33.42 -17.16 37.80
C GLY J 265 -34.32 -16.27 36.97
N ALA J 266 -34.32 -16.54 35.66
CA ALA J 266 -35.23 -15.85 34.75
C ALA J 266 -36.69 -16.11 35.11
N MET J 267 -37.61 -15.46 34.42
CA MET J 267 -39.03 -15.75 34.53
C MET J 267 -39.45 -16.57 33.34
N TYR J 268 -40.24 -17.62 33.59
CA TYR J 268 -40.68 -18.51 32.55
C TYR J 268 -42.18 -18.44 32.43
N ALA J 269 -42.68 -18.61 31.21
CA ALA J 269 -44.12 -18.63 30.91
C ALA J 269 -44.30 -19.55 29.71
N ASP J 270 -44.20 -20.85 29.98
CA ASP J 270 -44.37 -21.84 28.93
C ASP J 270 -45.85 -22.15 28.79
N ASP J 271 -46.32 -22.21 27.55
CA ASP J 271 -47.72 -22.45 27.24
C ASP J 271 -47.90 -23.92 26.85
N THR J 272 -48.84 -24.60 27.48
CA THR J 272 -49.17 -25.95 27.06
C THR J 272 -50.04 -25.91 25.82
N ALA J 273 -49.72 -26.74 24.84
CA ALA J 273 -50.59 -26.90 23.68
C ALA J 273 -51.82 -27.72 24.09
N GLY J 274 -53.01 -27.20 23.82
CA GLY J 274 -54.26 -27.83 24.18
C GLY J 274 -54.31 -28.43 25.58
N TRP J 275 -54.26 -27.56 26.60
CA TRP J 275 -54.20 -28.02 27.98
C TRP J 275 -55.29 -29.02 28.33
N ASP J 276 -56.51 -28.76 27.89
CA ASP J 276 -57.62 -29.55 28.41
C ASP J 276 -57.61 -30.96 27.84
N THR J 277 -57.13 -31.13 26.61
CA THR J 277 -56.95 -32.46 26.04
C THR J 277 -55.80 -33.22 26.69
N ARG J 278 -54.94 -32.56 27.46
CA ARG J 278 -53.80 -33.20 28.10
C ARG J 278 -54.03 -33.44 29.58
N ILE J 279 -55.27 -33.33 30.06
CA ILE J 279 -55.56 -33.61 31.45
C ILE J 279 -55.85 -35.09 31.60
N THR J 280 -55.01 -35.79 32.34
CA THR J 280 -55.06 -37.24 32.42
C THR J 280 -56.01 -37.69 33.51
N LEU J 281 -56.47 -38.95 33.38
CA LEU J 281 -57.26 -39.57 34.42
C LEU J 281 -56.55 -39.50 35.77
N GLU J 282 -55.22 -39.48 35.78
CA GLU J 282 -54.52 -39.26 37.05
C GLU J 282 -54.78 -37.86 37.57
N ASP J 283 -54.67 -36.85 36.70
CA ASP J 283 -55.01 -35.47 37.07
C ASP J 283 -56.42 -35.40 37.63
N LEU J 284 -57.37 -36.09 36.98
CA LEU J 284 -58.75 -36.03 37.43
C LEU J 284 -58.91 -36.63 38.81
N LYS J 285 -58.27 -37.77 39.07
CA LYS J 285 -58.41 -38.38 40.41
C LYS J 285 -57.78 -37.46 41.44
N ASN J 286 -56.65 -36.85 41.10
CA ASN J 286 -56.00 -35.93 42.02
C ASN J 286 -56.86 -34.70 42.29
N GLU J 287 -57.61 -34.24 41.30
CA GLU J 287 -58.51 -33.12 41.57
C GLU J 287 -59.66 -33.56 42.45
N GLU J 288 -60.16 -34.78 42.29
CA GLU J 288 -61.30 -35.20 43.09
C GLU J 288 -60.94 -35.42 44.56
N MET J 289 -59.65 -35.42 44.91
CA MET J 289 -59.24 -35.55 46.31
C MET J 289 -59.80 -34.44 47.20
N VAL J 290 -60.50 -33.46 46.62
CA VAL J 290 -61.18 -32.48 47.44
C VAL J 290 -62.39 -33.08 48.16
N THR J 291 -62.87 -34.26 47.73
CA THR J 291 -63.96 -34.89 48.48
C THR J 291 -63.50 -35.38 49.84
N ASN J 292 -62.19 -35.66 50.00
CA ASN J 292 -61.65 -35.95 51.32
C ASN J 292 -62.04 -34.85 52.31
N HIS J 293 -61.80 -33.61 51.93
CA HIS J 293 -62.17 -32.46 52.75
C HIS J 293 -63.68 -32.16 52.75
N MET J 294 -64.53 -33.14 52.43
CA MET J 294 -65.97 -32.96 52.47
C MET J 294 -66.60 -34.00 53.39
N GLU J 295 -67.94 -33.97 53.44
CA GLU J 295 -68.66 -34.87 54.31
C GLU J 295 -70.14 -34.88 53.90
N GLY J 296 -70.77 -36.04 54.06
CA GLY J 296 -72.22 -36.07 54.05
C GLY J 296 -72.79 -36.16 52.65
N GLU J 297 -74.03 -35.67 52.51
CA GLU J 297 -74.68 -35.64 51.20
C GLU J 297 -73.82 -34.90 50.20
N HIS J 298 -73.27 -33.76 50.61
CA HIS J 298 -72.28 -33.05 49.81
C HIS J 298 -71.20 -34.01 49.30
N LYS J 299 -70.61 -34.81 50.19
CA LYS J 299 -69.54 -35.71 49.74
C LYS J 299 -70.04 -36.69 48.70
N LYS J 300 -71.24 -37.25 48.91
CA LYS J 300 -71.76 -38.19 47.92
C LYS J 300 -72.02 -37.48 46.58
N LEU J 301 -72.52 -36.24 46.64
CA LEU J 301 -72.94 -35.54 45.43
C LEU J 301 -71.75 -35.09 44.58
N ALA J 302 -70.68 -34.60 45.21
CA ALA J 302 -69.52 -34.21 44.43
C ALA J 302 -68.73 -35.42 43.96
N GLU J 303 -68.78 -36.53 44.70
CA GLU J 303 -68.19 -37.76 44.18
C GLU J 303 -68.94 -38.21 42.93
N ALA J 304 -70.26 -38.07 42.92
CA ALA J 304 -71.02 -38.47 41.74
C ALA J 304 -70.61 -37.65 40.52
N ILE J 305 -70.43 -36.34 40.70
CA ILE J 305 -70.09 -35.48 39.59
C ILE J 305 -68.69 -35.79 39.07
N PHE J 306 -67.72 -35.90 39.98
CA PHE J 306 -66.35 -36.23 39.58
C PHE J 306 -66.29 -37.57 38.86
N LYS J 307 -67.02 -38.55 39.37
CA LYS J 307 -66.88 -39.91 38.86
C LYS J 307 -67.78 -40.18 37.67
N LEU J 308 -69.06 -39.87 37.79
CA LEU J 308 -70.01 -40.27 36.77
C LEU J 308 -70.18 -39.26 35.64
N THR J 309 -69.68 -38.02 35.81
CA THR J 309 -69.80 -37.06 34.72
C THR J 309 -68.49 -36.38 34.33
N TYR J 310 -67.45 -36.42 35.15
CA TYR J 310 -66.17 -35.81 34.79
C TYR J 310 -65.15 -36.84 34.33
N GLN J 311 -65.20 -38.05 34.89
CA GLN J 311 -64.29 -39.11 34.53
C GLN J 311 -64.95 -40.18 33.67
N ASN J 312 -66.22 -40.00 33.31
CA ASN J 312 -66.90 -40.86 32.35
C ASN J 312 -67.87 -39.96 31.59
N LYS J 313 -67.40 -39.36 30.52
CA LYS J 313 -68.18 -38.36 29.80
C LYS J 313 -68.78 -38.95 28.54
N VAL J 314 -70.05 -38.71 28.32
CA VAL J 314 -70.74 -39.00 27.07
C VAL J 314 -70.93 -37.66 26.37
N VAL J 315 -70.65 -37.63 25.06
CA VAL J 315 -70.67 -36.38 24.30
C VAL J 315 -71.53 -36.56 23.06
N ARG J 316 -72.29 -35.51 22.73
CA ARG J 316 -72.96 -35.38 21.44
C ARG J 316 -72.19 -34.35 20.63
N VAL J 317 -71.73 -34.75 19.44
CA VAL J 317 -70.94 -33.84 18.60
C VAL J 317 -71.36 -34.03 17.15
N GLN J 318 -71.38 -32.92 16.41
CA GLN J 318 -71.86 -32.94 15.04
C GLN J 318 -70.75 -33.33 14.09
N ARG J 319 -71.15 -34.01 13.01
CA ARG J 319 -70.20 -34.45 11.98
C ARG J 319 -70.87 -34.30 10.60
N PRO J 320 -70.18 -33.71 9.62
CA PRO J 320 -70.74 -33.67 8.27
C PRO J 320 -70.53 -35.03 7.61
N THR J 321 -71.57 -35.51 6.94
CA THR J 321 -71.48 -36.73 6.15
C THR J 321 -72.05 -36.48 4.77
N PRO J 322 -71.73 -37.34 3.81
CA PRO J 322 -72.31 -37.17 2.47
C PRO J 322 -73.81 -37.09 2.45
N ARG J 323 -74.47 -37.80 3.36
CA ARG J 323 -75.92 -37.78 3.47
C ARG J 323 -76.42 -36.67 4.41
N GLY J 324 -75.58 -35.68 4.74
CA GLY J 324 -75.97 -34.56 5.61
C GLY J 324 -75.24 -34.59 6.95
N THR J 325 -75.77 -33.82 7.90
CA THR J 325 -75.14 -33.74 9.22
C THR J 325 -75.66 -34.86 10.11
N VAL J 326 -74.76 -35.55 10.79
CA VAL J 326 -75.19 -36.48 11.84
C VAL J 326 -74.70 -35.96 13.18
N MET J 327 -75.33 -36.47 14.23
CA MET J 327 -74.81 -36.30 15.58
C MET J 327 -74.19 -37.60 16.02
N ASP J 328 -72.94 -37.55 16.47
CA ASP J 328 -72.30 -38.71 17.06
C ASP J 328 -72.46 -38.76 18.57
N ILE J 329 -72.69 -39.96 19.08
CA ILE J 329 -72.56 -40.24 20.51
C ILE J 329 -71.22 -40.92 20.74
N ILE J 330 -70.28 -40.19 21.34
CA ILE J 330 -68.94 -40.70 21.64
C ILE J 330 -68.69 -40.52 23.13
N SER J 331 -67.68 -41.22 23.65
CA SER J 331 -67.40 -41.15 25.08
C SER J 331 -65.90 -41.16 25.34
N ARG J 332 -65.51 -40.46 26.40
CA ARG J 332 -64.11 -40.28 26.78
C ARG J 332 -64.01 -40.18 28.30
N ARG J 333 -62.96 -40.77 28.86
CA ARG J 333 -62.79 -40.79 30.31
C ARG J 333 -61.83 -39.74 30.82
N ASP J 334 -60.74 -39.44 30.12
CA ASP J 334 -59.86 -38.39 30.61
C ASP J 334 -60.19 -37.09 29.87
N GLN J 335 -59.28 -36.12 29.94
CA GLN J 335 -59.45 -34.75 29.45
C GLN J 335 -60.42 -33.93 30.31
N ARG J 336 -60.19 -32.62 30.31
CA ARG J 336 -61.11 -31.67 30.92
C ARG J 336 -62.22 -31.35 29.93
N GLY J 337 -63.47 -31.45 30.36
CA GLY J 337 -64.56 -30.91 29.58
C GLY J 337 -64.68 -29.40 29.75
N SER J 338 -63.81 -28.65 29.06
CA SER J 338 -63.80 -27.19 29.09
C SER J 338 -65.20 -26.65 28.86
N GLY J 339 -65.83 -26.20 29.95
CA GLY J 339 -67.25 -26.00 30.01
C GLY J 339 -67.82 -26.56 31.30
N GLN J 340 -67.00 -27.29 32.04
CA GLN J 340 -67.41 -27.73 33.37
C GLN J 340 -67.27 -26.57 34.34
N VAL J 341 -68.06 -26.62 35.42
CA VAL J 341 -68.00 -25.53 36.41
C VAL J 341 -66.61 -25.38 37.05
N VAL J 342 -65.79 -26.43 36.98
CA VAL J 342 -64.47 -26.47 37.58
C VAL J 342 -63.38 -26.14 36.60
N THR J 343 -63.71 -25.83 35.35
CA THR J 343 -62.72 -25.63 34.31
C THR J 343 -61.64 -24.65 34.76
N TYR J 344 -62.00 -23.38 34.95
CA TYR J 344 -60.98 -22.40 35.32
C TYR J 344 -60.31 -22.78 36.64
N GLY J 345 -61.10 -23.23 37.63
CA GLY J 345 -60.54 -23.48 38.95
C GLY J 345 -59.60 -24.69 38.98
N LEU J 346 -60.08 -25.84 38.49
CA LEU J 346 -59.24 -27.03 38.53
C LEU J 346 -58.11 -26.99 37.51
N ASN J 347 -58.24 -26.23 36.42
CA ASN J 347 -57.08 -26.00 35.58
C ASN J 347 -56.00 -25.25 36.34
N THR J 348 -56.40 -24.24 37.11
CA THR J 348 -55.45 -23.50 37.93
C THR J 348 -54.79 -24.41 38.98
N PHE J 349 -55.62 -25.21 39.67
CA PHE J 349 -55.11 -26.18 40.64
C PHE J 349 -54.04 -27.07 40.03
N THR J 350 -54.41 -27.82 38.99
CA THR J 350 -53.51 -28.81 38.41
C THR J 350 -52.27 -28.16 37.80
N ASN J 351 -52.37 -26.97 37.23
CA ASN J 351 -51.16 -26.30 36.75
C ASN J 351 -50.29 -25.79 37.92
N MET J 352 -50.91 -25.29 38.99
CA MET J 352 -50.15 -25.00 40.21
C MET J 352 -49.35 -26.23 40.62
N GLU J 353 -50.04 -27.36 40.73
CA GLU J 353 -49.39 -28.61 41.12
C GLU J 353 -48.28 -28.97 40.14
N ALA J 354 -48.57 -28.90 38.84
CA ALA J 354 -47.55 -29.23 37.85
C ALA J 354 -46.32 -28.37 38.00
N GLN J 355 -46.49 -27.05 38.14
CA GLN J 355 -45.31 -26.18 38.13
C GLN J 355 -44.56 -26.23 39.45
N LEU J 356 -45.23 -26.59 40.55
CA LEU J 356 -44.49 -26.98 41.74
C LEU J 356 -43.59 -28.18 41.46
N ILE J 357 -44.16 -29.23 40.87
CA ILE J 357 -43.37 -30.43 40.62
C ILE J 357 -42.25 -30.14 39.64
N ARG J 358 -42.44 -29.21 38.71
CA ARG J 358 -41.34 -28.79 37.84
C ARG J 358 -40.30 -27.99 38.60
N GLN J 359 -40.73 -27.29 39.66
CA GLN J 359 -39.77 -26.63 40.53
C GLN J 359 -38.89 -27.67 41.22
N MET J 360 -39.53 -28.61 41.95
CA MET J 360 -38.88 -29.79 42.49
C MET J 360 -37.78 -30.32 41.58
N GLU J 361 -38.15 -30.66 40.34
CA GLU J 361 -37.22 -31.31 39.41
C GLU J 361 -36.04 -30.40 39.10
N GLY J 362 -36.25 -29.08 39.05
CA GLY J 362 -35.12 -28.18 38.86
C GLY J 362 -34.19 -28.20 40.06
N GLU J 363 -34.75 -28.12 41.26
CA GLU J 363 -34.00 -28.24 42.50
C GLU J 363 -33.72 -29.70 42.88
N GLY J 364 -34.11 -30.66 42.03
CA GLY J 364 -33.70 -32.04 42.20
C GLY J 364 -34.20 -32.74 43.44
N VAL J 365 -35.21 -32.19 44.12
CA VAL J 365 -35.80 -32.79 45.31
C VAL J 365 -36.16 -34.25 45.01
N PHE J 366 -36.37 -34.57 43.73
CA PHE J 366 -36.49 -35.94 43.27
C PHE J 366 -35.64 -36.13 42.02
N LYS J 367 -35.22 -37.37 41.78
CA LYS J 367 -34.31 -37.66 40.68
C LYS J 367 -34.89 -38.60 39.64
N SER J 368 -35.96 -39.33 39.95
CA SER J 368 -36.49 -40.33 39.03
C SER J 368 -38.00 -40.19 38.92
N ILE J 369 -38.48 -40.04 37.68
CA ILE J 369 -39.92 -40.05 37.44
C ILE J 369 -40.47 -41.47 37.21
N GLN J 370 -39.60 -42.44 36.87
CA GLN J 370 -40.03 -43.83 36.79
C GLN J 370 -40.46 -44.36 38.15
N HIS J 371 -39.80 -43.92 39.22
CA HIS J 371 -40.07 -44.47 40.54
C HIS J 371 -39.53 -43.51 41.58
N LEU J 372 -40.28 -43.35 42.65
CA LEU J 372 -39.89 -42.49 43.76
C LEU J 372 -39.51 -43.37 44.93
N THR J 373 -38.31 -43.14 45.49
CA THR J 373 -37.94 -43.83 46.72
C THR J 373 -38.70 -43.23 47.89
N VAL J 374 -38.59 -43.88 49.06
CA VAL J 374 -39.14 -43.30 50.27
C VAL J 374 -38.34 -42.07 50.68
N THR J 375 -37.06 -42.04 50.32
CA THR J 375 -36.23 -40.88 50.59
C THR J 375 -36.71 -39.67 49.78
N GLU J 376 -36.83 -39.85 48.47
CA GLU J 376 -37.43 -38.82 47.62
C GLU J 376 -38.82 -38.44 48.11
N GLU J 377 -39.62 -39.44 48.50
CA GLU J 377 -40.97 -39.20 48.98
C GLU J 377 -40.98 -38.36 50.27
N ILE J 378 -40.07 -38.67 51.20
CA ILE J 378 -40.05 -37.89 52.42
C ILE J 378 -39.44 -36.51 52.17
N ALA J 379 -38.47 -36.43 51.24
CA ALA J 379 -37.93 -35.14 50.85
C ALA J 379 -39.03 -34.24 50.30
N VAL J 380 -39.78 -34.74 49.32
CA VAL J 380 -40.88 -33.98 48.71
C VAL J 380 -41.81 -33.44 49.78
N LYS J 381 -42.23 -34.30 50.72
CA LYS J 381 -43.16 -33.86 51.75
C LYS J 381 -42.59 -32.71 52.58
N ASN J 382 -41.31 -32.78 52.94
CA ASN J 382 -40.72 -31.72 53.77
C ASN J 382 -40.46 -30.44 52.97
N TRP J 383 -40.10 -30.58 51.68
CA TRP J 383 -39.96 -29.43 50.80
C TRP J 383 -41.26 -28.63 50.72
N LEU J 384 -42.40 -29.32 50.71
CA LEU J 384 -43.67 -28.62 50.65
C LEU J 384 -43.99 -27.92 51.96
N VAL J 385 -43.61 -28.53 53.08
CA VAL J 385 -43.87 -27.90 54.36
C VAL J 385 -42.85 -26.81 54.64
N ARG J 386 -41.64 -26.92 54.07
CA ARG J 386 -40.60 -25.93 54.33
C ARG J 386 -40.74 -24.72 53.41
N VAL J 387 -40.46 -24.91 52.11
CA VAL J 387 -40.41 -23.83 51.13
C VAL J 387 -41.62 -23.86 50.20
N GLY J 388 -42.63 -24.68 50.49
CA GLY J 388 -43.74 -24.89 49.58
C GLY J 388 -44.56 -23.65 49.31
N ARG J 389 -45.12 -23.06 50.38
CA ARG J 389 -45.94 -21.88 50.20
C ARG J 389 -45.20 -20.78 49.46
N GLU J 390 -43.90 -20.64 49.71
CA GLU J 390 -43.21 -19.55 49.09
C GLU J 390 -42.83 -19.88 47.66
N ARG J 391 -42.67 -21.17 47.34
CA ARG J 391 -42.53 -21.54 45.94
C ARG J 391 -43.79 -21.22 45.14
N LEU J 392 -44.95 -21.24 45.80
CA LEU J 392 -46.18 -20.80 45.16
C LEU J 392 -46.11 -19.32 44.81
N SER J 393 -45.73 -18.48 45.78
CA SER J 393 -45.67 -17.03 45.56
C SER J 393 -44.63 -16.61 44.54
N ARG J 394 -43.82 -17.52 43.98
CA ARG J 394 -43.04 -17.20 42.80
C ARG J 394 -43.83 -17.44 41.53
N MET J 395 -45.13 -17.68 41.63
CA MET J 395 -45.94 -18.05 40.49
C MET J 395 -47.19 -17.17 40.40
N ALA J 396 -47.55 -16.82 39.18
CA ALA J 396 -48.86 -16.30 38.85
C ALA J 396 -49.49 -17.26 37.86
N ILE J 397 -50.63 -17.82 38.22
CA ILE J 397 -51.22 -18.94 37.48
C ILE J 397 -52.66 -18.58 37.18
N SER J 398 -53.02 -18.60 35.89
CA SER J 398 -54.43 -18.50 35.50
C SER J 398 -54.71 -19.69 34.59
N GLY J 399 -55.32 -20.73 35.15
CA GLY J 399 -55.50 -21.97 34.40
C GLY J 399 -54.22 -22.44 33.74
N ASP J 400 -54.24 -22.64 32.42
CA ASP J 400 -53.07 -23.12 31.71
C ASP J 400 -51.96 -22.06 31.68
N ASP J 401 -52.32 -20.78 31.72
CA ASP J 401 -51.33 -19.71 31.64
C ASP J 401 -50.57 -19.58 32.96
N CYS J 402 -49.25 -19.49 32.88
CA CYS J 402 -48.44 -19.46 34.08
C CYS J 402 -47.18 -18.65 33.86
N VAL J 403 -46.82 -17.86 34.86
CA VAL J 403 -45.49 -17.28 34.96
C VAL J 403 -44.87 -17.79 36.25
N VAL J 404 -43.66 -18.34 36.15
CA VAL J 404 -42.94 -18.87 37.32
C VAL J 404 -41.57 -18.22 37.37
N LYS J 405 -41.17 -17.76 38.56
CA LYS J 405 -39.81 -17.26 38.81
C LYS J 405 -39.08 -18.24 39.71
N PRO J 406 -38.34 -19.22 39.13
CA PRO J 406 -37.76 -20.29 39.95
C PRO J 406 -36.64 -19.82 40.86
N LEU J 407 -36.02 -20.75 41.58
CA LEU J 407 -34.86 -20.41 42.38
C LEU J 407 -33.60 -20.27 41.53
N ASP J 408 -33.63 -20.77 40.30
CA ASP J 408 -32.57 -20.55 39.31
C ASP J 408 -32.95 -21.21 37.99
N ASP J 409 -32.00 -21.28 37.07
CA ASP J 409 -32.28 -21.65 35.69
C ASP J 409 -32.08 -23.14 35.41
N ARG J 410 -31.98 -23.98 36.45
CA ARG J 410 -32.12 -25.43 36.21
C ARG J 410 -33.50 -25.74 35.66
N PHE J 411 -34.53 -25.08 36.23
CA PHE J 411 -35.91 -25.08 35.74
C PHE J 411 -36.02 -25.07 34.22
N ALA J 412 -35.16 -24.31 33.53
CA ALA J 412 -35.26 -24.20 32.08
C ALA J 412 -35.11 -25.54 31.39
N SER J 413 -34.71 -26.58 32.11
CA SER J 413 -34.44 -27.89 31.51
C SER J 413 -35.06 -29.03 32.30
N ALA J 414 -35.68 -28.77 33.46
CA ALA J 414 -36.38 -29.77 34.25
C ALA J 414 -37.70 -30.13 33.58
N LEU J 415 -37.61 -30.91 32.50
CA LEU J 415 -38.77 -31.17 31.66
C LEU J 415 -39.35 -32.58 31.77
N THR J 416 -38.61 -33.53 32.33
CA THR J 416 -39.04 -34.92 32.24
C THR J 416 -40.37 -35.15 32.96
N ALA J 417 -40.50 -34.63 34.18
CA ALA J 417 -41.80 -34.74 34.87
C ALA J 417 -42.89 -33.98 34.14
N LEU J 418 -42.55 -32.82 33.57
CA LEU J 418 -43.53 -32.04 32.84
C LEU J 418 -44.07 -32.82 31.65
N ASN J 419 -43.17 -33.27 30.77
CA ASN J 419 -43.60 -34.03 29.60
C ASN J 419 -44.30 -35.33 29.99
N ASP J 420 -43.90 -35.93 31.11
CA ASP J 420 -44.51 -37.20 31.55
C ASP J 420 -45.92 -36.98 32.07
N MET J 421 -46.18 -35.83 32.69
CA MET J 421 -47.54 -35.49 33.11
C MET J 421 -48.46 -35.23 31.95
N GLY J 422 -47.95 -35.16 30.73
CA GLY J 422 -48.73 -34.86 29.55
C GLY J 422 -48.70 -33.42 29.12
N LYS J 423 -48.19 -32.53 29.97
CA LYS J 423 -48.25 -31.08 29.75
C LYS J 423 -47.09 -30.64 28.85
N VAL J 424 -47.12 -31.12 27.62
CA VAL J 424 -46.03 -30.81 26.71
C VAL J 424 -46.20 -29.39 26.19
N ARG J 425 -45.09 -28.68 26.09
CA ARG J 425 -45.09 -27.27 25.78
C ARG J 425 -45.29 -27.03 24.29
N LYS J 426 -45.94 -25.90 24.00
CA LYS J 426 -46.27 -25.49 22.65
C LYS J 426 -45.06 -24.83 21.98
N ASP J 427 -44.94 -25.03 20.66
CA ASP J 427 -43.88 -24.42 19.84
C ASP J 427 -42.49 -24.64 20.42
N ILE J 428 -42.16 -25.90 20.68
CA ILE J 428 -40.83 -26.25 21.17
C ILE J 428 -40.67 -27.77 21.11
N GLN J 429 -39.49 -28.23 20.70
CA GLN J 429 -39.20 -29.66 20.68
C GLN J 429 -39.21 -30.21 22.10
N GLN J 430 -39.65 -31.48 22.22
CA GLN J 430 -40.14 -32.02 23.48
C GLN J 430 -39.16 -31.86 24.64
N TRP J 431 -37.85 -31.71 24.38
CA TRP J 431 -36.88 -31.59 25.47
C TRP J 431 -35.90 -30.44 25.31
N GLU J 432 -35.98 -29.68 24.20
CA GLU J 432 -35.29 -28.41 24.13
C GLU J 432 -35.58 -27.61 25.40
N PRO J 433 -34.59 -26.92 25.96
CA PRO J 433 -34.82 -26.25 27.24
C PRO J 433 -35.68 -25.01 27.06
N SER J 434 -36.44 -24.69 28.11
CA SER J 434 -37.36 -23.56 28.05
C SER J 434 -36.59 -22.26 27.93
N ARG J 435 -37.19 -21.28 27.24
CA ARG J 435 -36.65 -19.94 27.16
C ARG J 435 -37.14 -19.11 28.35
N GLY J 436 -36.21 -18.42 29.00
CA GLY J 436 -36.54 -17.51 30.08
C GLY J 436 -36.57 -16.05 29.62
N TRP J 437 -37.15 -15.22 30.49
CA TRP J 437 -37.20 -13.78 30.30
C TRP J 437 -36.63 -13.14 31.56
N ASN J 438 -35.61 -12.29 31.38
CA ASN J 438 -34.99 -11.63 32.53
C ASN J 438 -35.66 -10.32 32.90
N ASP J 439 -36.24 -9.62 31.92
CA ASP J 439 -37.00 -8.40 32.15
C ASP J 439 -38.47 -8.77 32.21
N TRP J 440 -39.09 -8.60 33.37
CA TRP J 440 -40.47 -9.04 33.51
C TRP J 440 -41.40 -8.35 32.52
N THR J 441 -41.02 -7.17 32.01
CA THR J 441 -41.90 -6.46 31.11
C THR J 441 -41.98 -7.12 29.74
N GLN J 442 -41.15 -8.12 29.47
CA GLN J 442 -41.22 -8.91 28.25
C GLN J 442 -41.90 -10.26 28.46
N VAL J 443 -42.28 -10.60 29.69
CA VAL J 443 -42.90 -11.89 30.01
C VAL J 443 -44.32 -11.89 29.46
N PRO J 444 -44.69 -12.84 28.60
CA PRO J 444 -46.08 -12.95 28.17
C PRO J 444 -46.93 -13.66 29.22
N PHE J 445 -48.18 -13.22 29.30
CA PHE J 445 -49.11 -13.74 30.29
C PHE J 445 -50.49 -13.26 29.90
N CYS J 446 -51.45 -14.18 29.84
CA CYS J 446 -52.80 -13.88 29.39
C CYS J 446 -52.78 -13.04 28.10
N SER J 447 -52.03 -13.54 27.11
CA SER J 447 -51.92 -12.94 25.77
C SER J 447 -51.43 -11.50 25.83
N HIS J 448 -50.82 -11.07 26.93
CA HIS J 448 -50.25 -9.74 27.02
C HIS J 448 -48.84 -9.79 27.58
N HIS J 449 -48.11 -8.72 27.33
CA HIS J 449 -47.00 -8.30 28.19
C HIS J 449 -47.37 -6.95 28.80
N PHE J 450 -46.48 -6.42 29.63
CA PHE J 450 -46.85 -5.29 30.48
C PHE J 450 -45.68 -4.32 30.59
N HIS J 451 -45.95 -3.05 30.36
CA HIS J 451 -44.90 -2.02 30.38
C HIS J 451 -45.01 -1.17 31.64
N GLU J 452 -43.87 -0.64 32.06
CA GLU J 452 -43.83 0.40 33.07
C GLU J 452 -43.90 1.75 32.37
N LEU J 453 -44.89 2.55 32.72
CA LEU J 453 -45.15 3.82 32.03
C LEU J 453 -45.05 4.97 33.04
N ILE J 454 -44.02 5.80 32.88
CA ILE J 454 -43.83 6.97 33.73
C ILE J 454 -44.75 8.08 33.26
N MET J 455 -45.68 8.49 34.12
CA MET J 455 -46.53 9.64 33.79
C MET J 455 -45.71 10.93 33.78
N LYS J 456 -46.33 12.00 33.28
CA LYS J 456 -45.71 13.31 33.38
C LYS J 456 -45.58 13.75 34.84
N ASP J 457 -46.51 13.33 35.72
CA ASP J 457 -46.40 13.54 37.16
C ASP J 457 -45.15 12.94 37.79
N GLY J 458 -44.47 12.02 37.10
CA GLY J 458 -43.49 11.16 37.74
C GLY J 458 -44.06 9.89 38.34
N ARG J 459 -45.38 9.80 38.51
CA ARG J 459 -46.02 8.55 38.91
C ARG J 459 -45.83 7.49 37.84
N VAL J 460 -45.94 6.22 38.25
CA VAL J 460 -45.59 5.11 37.38
C VAL J 460 -46.77 4.13 37.30
N LEU J 461 -47.23 3.90 36.08
CA LEU J 461 -48.28 2.94 35.79
C LEU J 461 -47.64 1.67 35.21
N VAL J 462 -48.30 0.54 35.39
CA VAL J 462 -47.95 -0.68 34.65
C VAL J 462 -49.15 -1.03 33.78
N VAL J 463 -48.93 -1.05 32.46
CA VAL J 463 -50.04 -1.10 31.49
C VAL J 463 -50.04 -2.38 30.65
N PRO J 464 -51.21 -2.89 30.28
CA PRO J 464 -51.27 -4.04 29.37
C PRO J 464 -50.91 -3.66 27.95
N CYS J 465 -50.31 -4.61 27.24
CA CYS J 465 -49.83 -4.37 25.89
C CYS J 465 -49.76 -5.68 25.15
N ARG J 466 -50.07 -5.65 23.84
CA ARG J 466 -49.82 -6.76 22.93
C ARG J 466 -49.47 -6.17 21.59
N ASN J 467 -49.10 -7.04 20.66
CA ASN J 467 -48.81 -6.59 19.32
C ASN J 467 -50.05 -5.96 18.71
N GLN J 468 -49.88 -4.75 18.19
CA GLN J 468 -50.99 -3.91 17.72
C GLN J 468 -51.81 -4.59 16.64
N ASP J 469 -51.13 -5.23 15.68
CA ASP J 469 -51.83 -5.92 14.58
C ASP J 469 -52.92 -6.85 15.09
N GLU J 470 -52.67 -7.54 16.21
CA GLU J 470 -53.73 -8.38 16.79
C GLU J 470 -54.95 -7.55 17.16
N LEU J 471 -54.74 -6.38 17.77
CA LEU J 471 -55.87 -5.58 18.23
C LEU J 471 -56.64 -5.01 17.03
N ILE J 472 -55.90 -4.41 16.09
CA ILE J 472 -56.56 -3.81 14.94
C ILE J 472 -57.33 -4.85 14.17
N GLY J 473 -56.75 -6.06 14.02
CA GLY J 473 -57.40 -7.09 13.26
C GLY J 473 -58.70 -7.54 13.88
N ARG J 474 -58.75 -7.63 15.20
CA ARG J 474 -59.99 -8.08 15.83
C ARG J 474 -61.08 -7.02 15.72
N ALA J 475 -60.72 -5.74 15.81
CA ALA J 475 -61.72 -4.70 15.71
C ALA J 475 -62.31 -4.60 14.30
N ARG J 476 -61.65 -5.19 13.30
CA ARG J 476 -62.13 -5.06 11.94
C ARG J 476 -63.10 -6.14 11.52
N ILE J 477 -63.44 -7.08 12.40
CA ILE J 477 -64.35 -8.15 12.03
C ILE J 477 -65.33 -8.38 13.18
N SER J 478 -66.33 -9.19 12.89
CA SER J 478 -67.41 -9.49 13.83
C SER J 478 -68.16 -10.70 13.31
N GLN J 479 -68.91 -11.35 14.18
CA GLN J 479 -69.71 -12.45 13.68
C GLN J 479 -70.85 -11.94 12.81
N GLY J 480 -71.37 -12.82 11.96
CA GLY J 480 -72.29 -12.43 10.93
C GLY J 480 -71.71 -12.65 9.53
N ALA J 481 -72.26 -11.97 8.53
CA ALA J 481 -71.85 -12.23 7.16
C ALA J 481 -71.75 -10.94 6.37
N GLY J 482 -70.85 -10.93 5.39
CA GLY J 482 -70.82 -9.81 4.46
C GLY J 482 -70.22 -8.56 5.07
N TRP J 483 -70.78 -7.42 4.70
CA TRP J 483 -70.23 -6.12 5.03
C TRP J 483 -71.25 -5.36 5.85
N SER J 484 -70.78 -4.62 6.86
CA SER J 484 -71.71 -3.85 7.64
C SER J 484 -71.09 -2.50 7.94
N LEU J 485 -71.93 -1.47 7.98
CA LEU J 485 -71.47 -0.12 8.32
C LEU J 485 -72.25 0.40 9.53
N ARG J 486 -73.55 0.68 9.38
CA ARG J 486 -74.32 1.22 10.52
C ARG J 486 -74.49 0.17 11.61
N GLU J 487 -74.77 -1.07 11.22
CA GLU J 487 -75.08 -2.12 12.19
C GLU J 487 -73.94 -2.35 13.18
N THR J 488 -72.68 -2.02 12.84
CA THR J 488 -71.57 -2.22 13.75
C THR J 488 -70.79 -0.95 14.03
N ALA J 489 -71.36 0.21 13.73
CA ALA J 489 -70.75 1.47 14.12
C ALA J 489 -70.55 1.55 15.63
N CYS J 490 -71.56 1.17 16.41
CA CYS J 490 -71.40 1.25 17.85
C CYS J 490 -70.41 0.22 18.39
N LEU J 491 -70.41 -0.98 17.81
CA LEU J 491 -69.38 -1.96 18.12
C LEU J 491 -67.99 -1.40 17.85
N GLY J 492 -67.83 -0.63 16.77
CA GLY J 492 -66.57 0.06 16.56
C GLY J 492 -66.24 1.01 17.70
N LYS J 493 -67.20 1.85 18.10
CA LYS J 493 -66.99 2.72 19.25
C LYS J 493 -66.58 1.94 20.48
N SER J 494 -67.26 0.80 20.74
CA SER J 494 -66.88 -0.07 21.84
C SER J 494 -65.42 -0.44 21.78
N TYR J 495 -64.94 -0.83 20.59
CA TYR J 495 -63.53 -1.13 20.48
C TYR J 495 -62.68 0.09 20.77
N ALA J 496 -63.11 1.26 20.29
CA ALA J 496 -62.33 2.47 20.56
C ALA J 496 -62.23 2.77 22.05
N GLN J 497 -63.33 2.61 22.79
CA GLN J 497 -63.27 2.84 24.23
C GLN J 497 -62.28 1.89 24.88
N MET J 498 -62.35 0.61 24.53
CA MET J 498 -61.40 -0.36 25.04
C MET J 498 -59.98 0.08 24.72
N TRP J 499 -59.77 0.62 23.53
CA TRP J 499 -58.44 1.08 23.18
C TRP J 499 -58.03 2.26 24.05
N SER J 500 -58.98 3.14 24.37
CA SER J 500 -58.64 4.30 25.19
C SER J 500 -58.33 3.90 26.61
N LEU J 501 -59.06 2.93 27.16
CA LEU J 501 -58.83 2.48 28.52
C LEU J 501 -57.52 1.71 28.67
N MET J 502 -57.37 0.62 27.91
CA MET J 502 -56.26 -0.32 28.07
C MET J 502 -55.01 0.02 27.27
N TYR J 503 -55.16 0.68 26.11
CA TYR J 503 -54.04 0.81 25.20
C TYR J 503 -53.82 2.25 24.76
N PHE J 504 -54.28 3.19 25.60
CA PHE J 504 -54.03 4.61 25.38
C PHE J 504 -52.58 4.91 25.06
N HIS J 505 -51.66 4.10 25.58
CA HIS J 505 -50.23 4.35 25.45
C HIS J 505 -49.70 3.99 24.07
N ARG J 506 -50.54 3.49 23.17
CA ARG J 506 -50.15 3.18 21.80
C ARG J 506 -50.64 4.28 20.87
N ARG J 507 -49.71 4.99 20.24
CA ARG J 507 -50.07 6.13 19.42
C ARG J 507 -51.14 5.77 18.40
N ASP J 508 -50.86 4.77 17.55
CA ASP J 508 -51.79 4.41 16.49
C ASP J 508 -53.18 4.13 17.03
N LEU J 509 -53.26 3.43 18.16
CA LEU J 509 -54.58 3.06 18.66
C LEU J 509 -55.31 4.25 19.26
N ARG J 510 -54.58 5.17 19.89
CA ARG J 510 -55.30 6.32 20.46
C ARG J 510 -55.88 7.20 19.36
N LEU J 511 -55.06 7.51 18.35
CA LEU J 511 -55.58 8.27 17.20
C LEU J 511 -56.76 7.55 16.57
N ALA J 512 -56.61 6.26 16.24
CA ALA J 512 -57.68 5.50 15.63
C ALA J 512 -58.94 5.50 16.48
N ALA J 513 -58.79 5.33 17.80
CA ALA J 513 -59.97 5.32 18.68
C ALA J 513 -60.73 6.62 18.58
N ASN J 514 -60.01 7.74 18.63
CA ASN J 514 -60.65 9.04 18.47
C ASN J 514 -61.28 9.17 17.10
N ALA J 515 -60.61 8.68 16.07
CA ALA J 515 -61.17 8.72 14.71
C ALA J 515 -62.45 7.91 14.63
N ILE J 516 -62.45 6.68 15.15
CA ILE J 516 -63.68 5.89 15.16
C ILE J 516 -64.76 6.63 15.94
N CYS J 517 -64.39 7.17 17.11
CA CYS J 517 -65.38 7.88 17.92
C CYS J 517 -65.93 9.11 17.21
N SER J 518 -65.08 9.84 16.47
CA SER J 518 -65.64 10.99 15.75
C SER J 518 -66.32 10.60 14.44
N ALA J 519 -66.35 9.32 14.07
CA ALA J 519 -67.09 8.91 12.90
C ALA J 519 -68.44 8.28 13.24
N VAL J 520 -68.65 7.87 14.48
CA VAL J 520 -69.89 7.17 14.82
C VAL J 520 -70.86 8.21 15.40
N PRO J 521 -72.13 8.19 15.02
CA PRO J 521 -73.12 9.12 15.58
C PRO J 521 -73.04 9.15 17.09
N SER J 522 -72.94 10.37 17.66
CA SER J 522 -72.58 10.49 19.06
C SER J 522 -73.75 10.24 20.01
N HIS J 523 -74.98 10.15 19.52
CA HIS J 523 -76.11 9.86 20.37
C HIS J 523 -76.53 8.39 20.34
N TRP J 524 -75.90 7.59 19.47
CA TRP J 524 -76.24 6.17 19.36
C TRP J 524 -75.68 5.41 20.54
N VAL J 525 -76.50 4.57 21.15
CA VAL J 525 -76.09 3.78 22.30
C VAL J 525 -76.36 2.32 21.98
N PRO J 526 -75.39 1.44 22.15
CA PRO J 526 -75.57 0.04 21.73
C PRO J 526 -76.43 -0.75 22.70
N THR J 527 -77.34 -1.54 22.13
CA THR J 527 -78.20 -2.44 22.87
C THR J 527 -77.90 -3.91 22.60
N SER J 528 -77.21 -4.22 21.51
CA SER J 528 -76.65 -5.53 21.24
C SER J 528 -75.45 -5.31 20.32
N ARG J 529 -75.03 -6.35 19.60
CA ARG J 529 -73.93 -6.16 18.67
C ARG J 529 -74.37 -5.42 17.41
N THR J 530 -75.62 -5.60 16.98
CA THR J 530 -76.11 -5.00 15.75
C THR J 530 -77.31 -4.08 15.94
N THR J 531 -77.68 -3.76 17.17
CA THR J 531 -78.82 -2.90 17.46
C THR J 531 -78.38 -1.76 18.36
N TRP J 532 -79.13 -0.66 18.29
CA TRP J 532 -78.84 0.50 19.10
C TRP J 532 -80.11 1.32 19.24
N SER J 533 -80.15 2.13 20.29
CA SER J 533 -81.18 3.13 20.46
C SER J 533 -80.54 4.51 20.52
N ILE J 534 -81.35 5.54 20.26
CA ILE J 534 -80.87 6.92 20.20
C ILE J 534 -81.26 7.65 21.49
N HIS J 535 -80.29 8.37 22.09
CA HIS J 535 -80.47 9.10 23.33
C HIS J 535 -80.18 10.59 23.07
N ALA J 536 -81.22 11.41 22.84
CA ALA J 536 -80.98 12.83 22.55
C ALA J 536 -80.52 13.63 23.77
N THR J 537 -80.81 13.16 24.99
CA THR J 537 -80.45 13.91 26.18
C THR J 537 -78.94 14.17 26.25
N HIS J 538 -78.16 13.10 26.32
CA HIS J 538 -76.71 13.20 26.45
C HIS J 538 -76.05 12.38 25.35
N GLU J 539 -74.79 12.69 25.08
CA GLU J 539 -74.01 11.93 24.11
C GLU J 539 -73.29 10.80 24.78
N TRP J 540 -73.24 9.66 24.08
CA TRP J 540 -72.63 8.45 24.61
C TRP J 540 -71.11 8.56 24.66
N MET J 541 -70.56 8.46 25.85
CA MET J 541 -69.12 8.28 26.06
C MET J 541 -68.30 9.32 25.30
N THR J 542 -68.41 10.54 25.80
CA THR J 542 -67.68 11.67 25.26
C THR J 542 -66.23 11.61 25.69
N THR J 543 -65.41 12.47 25.11
CA THR J 543 -64.01 12.53 25.50
C THR J 543 -63.85 12.61 27.00
N GLU J 544 -64.69 13.42 27.66
CA GLU J 544 -64.54 13.60 29.09
C GLU J 544 -65.05 12.36 29.83
N ASP J 545 -66.20 11.83 29.41
CA ASP J 545 -66.66 10.53 29.91
C ASP J 545 -65.53 9.52 29.93
N MET J 546 -64.85 9.35 28.80
CA MET J 546 -63.76 8.39 28.71
C MET J 546 -62.60 8.77 29.62
N LEU J 547 -62.37 10.08 29.82
CA LEU J 547 -61.29 10.48 30.71
C LEU J 547 -61.63 10.18 32.17
N THR J 548 -62.89 10.28 32.56
CA THR J 548 -63.18 9.95 33.94
C THR J 548 -63.03 8.45 34.17
N VAL J 549 -63.47 7.65 33.19
CA VAL J 549 -63.26 6.20 33.29
C VAL J 549 -61.77 5.90 33.44
N TRP J 550 -60.95 6.46 32.55
CA TRP J 550 -59.50 6.27 32.65
C TRP J 550 -58.99 6.66 34.02
N ASN J 551 -59.42 7.82 34.52
CA ASN J 551 -59.06 8.21 35.87
C ASN J 551 -59.59 7.20 36.89
N ARG J 552 -60.80 6.70 36.67
CA ARG J 552 -61.38 5.77 37.63
C ARG J 552 -60.58 4.47 37.71
N VAL J 553 -60.19 3.90 36.57
CA VAL J 553 -59.55 2.59 36.66
C VAL J 553 -58.05 2.72 36.91
N TRP J 554 -57.41 3.75 36.40
CA TRP J 554 -55.96 3.75 36.52
C TRP J 554 -55.44 4.53 37.72
N ILE J 555 -56.30 5.31 38.36
CA ILE J 555 -55.90 6.10 39.52
C ILE J 555 -56.77 5.75 40.72
N GLN J 556 -58.06 6.10 40.66
CA GLN J 556 -58.94 5.95 41.81
C GLN J 556 -58.95 4.51 42.33
N GLU J 557 -59.27 3.55 41.46
CA GLU J 557 -59.39 2.15 41.89
C GLU J 557 -58.12 1.33 41.70
N ASN J 558 -57.02 1.95 41.29
CA ASN J 558 -55.80 1.17 41.08
C ASN J 558 -55.02 1.09 42.39
N PRO J 559 -55.06 -0.06 43.06
CA PRO J 559 -54.37 -0.18 44.35
C PRO J 559 -52.88 0.07 44.27
N TRP J 560 -52.27 -0.05 43.11
CA TRP J 560 -50.84 0.21 43.01
C TRP J 560 -50.53 1.67 42.69
N MET J 561 -51.54 2.55 42.75
CA MET J 561 -51.34 3.98 42.64
C MET J 561 -51.60 4.65 43.99
N GLU J 562 -50.54 5.18 44.61
CA GLU J 562 -50.69 5.83 45.93
C GLU J 562 -51.40 7.17 45.79
N ASP J 563 -50.76 8.10 45.07
CA ASP J 563 -51.31 9.43 44.81
C ASP J 563 -52.59 9.33 43.97
N LYS J 564 -53.74 9.64 44.57
CA LYS J 564 -55.01 9.58 43.87
C LYS J 564 -55.36 10.89 43.16
N THR J 565 -54.36 11.72 42.85
CA THR J 565 -54.59 12.92 42.04
C THR J 565 -55.11 12.52 40.67
N PRO J 566 -56.27 13.01 40.23
CA PRO J 566 -56.72 12.74 38.87
C PRO J 566 -55.81 13.39 37.84
N VAL J 567 -55.97 12.96 36.60
CA VAL J 567 -55.35 13.61 35.46
C VAL J 567 -56.40 14.50 34.81
N GLU J 568 -55.98 15.67 34.34
CA GLU J 568 -56.92 16.68 33.91
C GLU J 568 -57.28 16.55 32.43
N SER J 569 -56.38 16.04 31.59
CA SER J 569 -56.61 15.98 30.14
C SER J 569 -55.96 14.76 29.52
N TRP J 570 -56.57 14.29 28.42
CA TRP J 570 -55.99 13.21 27.63
C TRP J 570 -54.57 13.55 27.17
N GLU J 571 -54.32 14.81 26.80
CA GLU J 571 -52.95 15.22 26.45
C GLU J 571 -51.97 14.98 27.58
N GLU J 572 -52.44 14.89 28.84
CA GLU J 572 -51.52 14.65 29.94
C GLU J 572 -51.12 13.18 30.03
N ILE J 573 -51.96 12.27 29.57
CA ILE J 573 -51.69 10.84 29.69
C ILE J 573 -50.65 10.43 28.65
N PRO J 574 -49.58 9.76 29.04
CA PRO J 574 -48.44 9.58 28.13
C PRO J 574 -48.61 8.41 27.17
N TYR J 575 -47.67 8.33 26.24
CA TYR J 575 -47.46 7.19 25.37
C TYR J 575 -46.21 6.44 25.81
N LEU J 576 -46.12 5.17 25.40
CA LEU J 576 -44.83 4.51 25.46
C LEU J 576 -43.85 5.26 24.56
N GLY J 577 -42.56 4.96 24.73
CA GLY J 577 -41.56 5.58 23.89
C GLY J 577 -41.68 5.12 22.45
N LYS J 578 -41.24 5.98 21.52
CA LYS J 578 -41.42 5.66 20.11
C LYS J 578 -40.88 4.27 19.78
N ARG J 579 -39.60 4.02 20.13
CA ARG J 579 -39.02 2.72 19.75
C ARG J 579 -39.76 1.57 20.41
N GLU J 580 -40.26 1.79 21.63
CA GLU J 580 -41.02 0.75 22.31
C GLU J 580 -42.35 0.52 21.62
N ASP J 581 -43.08 1.61 21.32
CA ASP J 581 -44.29 1.53 20.52
C ASP J 581 -44.03 0.77 19.23
N GLN J 582 -42.89 1.05 18.60
CA GLN J 582 -42.60 0.42 17.33
C GLN J 582 -42.35 -1.08 17.51
N TRP J 583 -41.61 -1.46 18.56
CA TRP J 583 -41.31 -2.87 18.77
C TRP J 583 -42.58 -3.68 18.93
N CYS J 584 -43.59 -3.10 19.56
CA CYS J 584 -44.90 -3.73 19.68
C CYS J 584 -45.82 -3.45 18.51
N GLY J 585 -45.27 -3.02 17.38
CA GLY J 585 -46.00 -2.99 16.13
C GLY J 585 -46.61 -1.67 15.72
N SER J 586 -46.18 -0.55 16.31
CA SER J 586 -46.68 0.73 15.88
C SER J 586 -46.23 1.01 14.45
N LEU J 587 -47.12 1.60 13.67
CA LEU J 587 -46.76 2.07 12.33
C LEU J 587 -46.14 3.47 12.36
N ILE J 588 -46.01 4.08 13.54
CA ILE J 588 -45.36 5.39 13.66
C ILE J 588 -44.02 5.36 12.93
N GLY J 589 -43.79 6.36 12.07
CA GLY J 589 -42.60 6.43 11.25
C GLY J 589 -42.78 5.94 9.83
N LEU J 590 -43.91 5.35 9.51
CA LEU J 590 -44.19 4.90 8.15
C LEU J 590 -44.83 6.01 7.35
N THR J 591 -44.53 6.03 6.04
CA THR J 591 -45.20 6.98 5.15
C THR J 591 -46.71 6.83 5.21
N SER J 592 -47.19 5.59 5.08
CA SER J 592 -48.63 5.36 5.06
C SER J 592 -49.29 5.91 6.31
N ARG J 593 -48.64 5.73 7.47
CA ARG J 593 -49.19 6.21 8.74
C ARG J 593 -49.24 7.74 8.78
N ALA J 594 -48.20 8.41 8.27
CA ALA J 594 -48.17 9.86 8.23
C ALA J 594 -49.31 10.42 7.39
N THR J 595 -49.49 9.89 6.19
CA THR J 595 -50.60 10.29 5.34
C THR J 595 -51.94 9.99 6.01
N TRP J 596 -52.04 8.87 6.71
CA TRP J 596 -53.28 8.51 7.38
C TRP J 596 -53.59 9.50 8.49
N ALA J 597 -52.61 9.80 9.34
CA ALA J 597 -52.83 10.77 10.41
C ALA J 597 -53.15 12.15 9.83
N LYS J 598 -52.35 12.60 8.85
CA LYS J 598 -52.53 13.94 8.31
C LYS J 598 -53.93 14.11 7.70
N ASN J 599 -54.46 13.06 7.08
CA ASN J 599 -55.72 13.17 6.36
C ASN J 599 -56.87 12.52 7.09
N ILE J 600 -56.70 12.23 8.38
CA ILE J 600 -57.69 11.45 9.11
C ILE J 600 -59.08 12.02 8.93
N GLN J 601 -59.21 13.35 8.93
CA GLN J 601 -60.54 13.97 8.84
C GLN J 601 -61.23 13.69 7.50
N THR J 602 -60.48 13.49 6.43
CA THR J 602 -61.13 13.06 5.20
C THR J 602 -61.76 11.69 5.36
N ALA J 603 -61.07 10.77 6.04
CA ALA J 603 -61.63 9.44 6.25
C ALA J 603 -62.84 9.49 7.18
N ILE J 604 -62.75 10.26 8.26
CA ILE J 604 -63.88 10.40 9.17
C ILE J 604 -65.10 10.89 8.40
N ASN J 605 -64.93 11.95 7.61
CA ASN J 605 -66.09 12.52 6.92
C ASN J 605 -66.69 11.54 5.91
N GLN J 606 -65.85 10.74 5.24
CA GLN J 606 -66.40 9.71 4.36
C GLN J 606 -67.29 8.76 5.14
N VAL J 607 -66.82 8.31 6.31
CA VAL J 607 -67.62 7.40 7.12
C VAL J 607 -68.93 8.07 7.51
N ARG J 608 -68.85 9.32 8.02
CA ARG J 608 -70.07 10.05 8.37
C ARG J 608 -71.02 10.14 7.20
N SER J 609 -70.47 10.40 6.01
CA SER J 609 -71.31 10.56 4.84
C SER J 609 -72.00 9.25 4.48
N LEU J 610 -71.30 8.12 4.63
CA LEU J 610 -71.92 6.86 4.25
C LEU J 610 -72.98 6.45 5.26
N ILE J 611 -72.77 6.76 6.54
CA ILE J 611 -73.74 6.41 7.58
C ILE J 611 -75.03 7.23 7.40
N GLY J 612 -74.90 8.56 7.26
CA GLY J 612 -76.00 9.48 7.07
C GLY J 612 -75.88 10.68 7.98
N ASN J 613 -76.96 11.45 8.06
CA ASN J 613 -76.95 12.72 8.80
C ASN J 613 -77.53 12.52 10.19
N GLU J 614 -76.74 11.90 11.05
CA GLU J 614 -77.00 11.97 12.48
C GLU J 614 -76.07 13.03 13.04
N GLU J 615 -76.12 13.22 14.35
CA GLU J 615 -75.24 14.16 14.98
C GLU J 615 -73.91 13.50 15.26
N TYR J 616 -72.83 14.19 14.91
CA TYR J 616 -71.49 13.72 15.15
C TYR J 616 -70.77 14.73 16.03
N THR J 617 -69.70 14.26 16.63
CA THR J 617 -68.85 15.06 17.49
C THR J 617 -67.42 14.77 17.09
N ASP J 618 -66.55 15.77 17.20
CA ASP J 618 -65.15 15.59 16.88
C ASP J 618 -64.41 15.25 18.18
N TYR J 619 -63.89 14.03 18.27
CA TYR J 619 -63.03 13.66 19.40
C TYR J 619 -61.56 13.92 19.14
N MET J 620 -61.19 14.24 17.90
CA MET J 620 -59.77 14.39 17.59
C MET J 620 -59.06 15.50 18.37
N PRO J 621 -59.69 16.63 18.71
CA PRO J 621 -58.96 17.68 19.44
C PRO J 621 -58.48 17.27 20.82
N SER J 622 -58.95 16.16 21.38
CA SER J 622 -58.37 15.74 22.65
C SER J 622 -56.91 15.32 22.53
N MET J 623 -56.33 15.31 21.35
CA MET J 623 -54.93 15.00 21.13
C MET J 623 -54.17 16.27 20.77
N LYS J 624 -52.93 16.38 21.25
CA LYS J 624 -52.16 17.60 21.06
C LYS J 624 -52.18 18.06 19.60
N ARG J 625 -51.97 17.13 18.65
CA ARG J 625 -51.78 17.52 17.26
C ARG J 625 -53.06 18.09 16.62
N PHE J 626 -54.23 17.80 17.15
CA PHE J 626 -55.44 18.45 16.68
C PHE J 626 -56.00 19.42 17.75
N ILE M 4 43.44 -8.21 50.33
CA ILE M 4 42.15 -7.80 50.88
C ILE M 4 41.10 -8.90 50.64
N GLU M 5 40.99 -9.37 49.40
CA GLU M 5 40.02 -10.40 49.02
C GLU M 5 40.49 -11.81 49.35
N SER M 6 41.66 -11.96 49.95
CA SER M 6 42.14 -13.29 50.30
C SER M 6 41.22 -13.97 51.30
N GLU M 7 41.22 -15.28 51.23
CA GLU M 7 40.45 -16.10 52.14
C GLU M 7 41.35 -16.47 53.29
N THR M 8 40.82 -16.35 54.49
CA THR M 8 41.55 -16.79 55.66
C THR M 8 40.76 -17.93 56.31
N PRO M 9 41.20 -19.17 56.16
CA PRO M 9 40.43 -20.32 56.64
C PRO M 9 40.52 -20.48 58.14
N ASN M 10 39.45 -21.04 58.72
CA ASN M 10 39.40 -21.37 60.15
C ASN M 10 39.96 -22.78 60.30
N LEU M 11 41.26 -22.87 60.60
CA LEU M 11 41.87 -24.18 60.61
C LEU M 11 41.44 -25.01 61.79
N ASP M 12 40.94 -24.38 62.86
CA ASP M 12 40.49 -25.17 64.01
C ASP M 12 39.30 -26.04 63.65
N ILE M 13 38.45 -25.55 62.75
CA ILE M 13 37.27 -26.23 62.27
C ILE M 13 37.58 -27.16 61.08
N ILE M 14 38.35 -26.73 60.08
CA ILE M 14 38.54 -27.52 58.86
C ILE M 14 39.87 -28.26 58.82
N GLY M 15 40.69 -28.14 59.87
CA GLY M 15 42.03 -28.71 59.83
C GLY M 15 42.07 -30.23 59.80
N LYS M 16 41.14 -30.89 60.51
CA LYS M 16 41.20 -32.35 60.59
C LYS M 16 40.79 -32.98 59.27
N ARG M 17 39.83 -32.40 58.56
CA ARG M 17 39.53 -32.87 57.22
C ARG M 17 40.74 -32.74 56.31
N ILE M 18 41.26 -31.52 56.14
CA ILE M 18 42.39 -31.32 55.22
C ILE M 18 43.51 -32.30 55.55
N GLU M 19 43.73 -32.56 56.84
CA GLU M 19 44.82 -33.45 57.23
C GLU M 19 44.51 -34.91 56.92
N LYS M 20 43.23 -35.31 57.03
CA LYS M 20 42.84 -36.67 56.66
C LYS M 20 43.01 -36.88 55.15
N ILE M 21 42.66 -35.87 54.35
CA ILE M 21 42.88 -35.98 52.91
C ILE M 21 44.37 -36.16 52.63
N LYS M 22 45.20 -35.31 53.24
CA LYS M 22 46.63 -35.37 53.01
C LYS M 22 47.19 -36.74 53.36
N GLN M 23 46.73 -37.33 54.47
CA GLN M 23 47.29 -38.62 54.90
C GLN M 23 46.93 -39.75 53.92
N GLU M 24 45.74 -39.70 53.31
CA GLU M 24 45.37 -40.75 52.37
C GLU M 24 45.99 -40.56 51.01
N HIS M 25 46.55 -39.39 50.71
CA HIS M 25 47.22 -39.16 49.43
C HIS M 25 48.66 -38.74 49.65
N GLU M 26 49.25 -39.18 50.76
CA GLU M 26 50.61 -38.76 51.11
C GLU M 26 51.59 -39.02 49.97
N THR M 27 51.31 -40.04 49.17
CA THR M 27 52.27 -40.49 48.17
C THR M 27 52.56 -39.41 47.12
N SER M 28 51.53 -38.64 46.69
CA SER M 28 51.72 -37.59 45.68
C SER M 28 51.28 -36.21 46.12
N TRP M 29 50.86 -36.04 47.36
CA TRP M 29 50.54 -34.71 47.87
C TRP M 29 51.69 -33.73 47.66
N HIS M 30 51.35 -32.48 47.33
CA HIS M 30 52.36 -31.47 47.11
C HIS M 30 51.69 -30.10 47.07
N TYR M 31 52.50 -29.05 47.23
CA TYR M 31 52.02 -27.68 47.19
C TYR M 31 52.36 -27.07 45.83
N ASP M 32 51.34 -26.79 45.03
CA ASP M 32 51.54 -26.30 43.69
C ASP M 32 51.63 -24.78 43.73
N GLN M 33 52.86 -24.27 43.67
CA GLN M 33 53.11 -22.84 43.70
C GLN M 33 52.46 -22.10 42.54
N ASP M 34 51.96 -22.81 41.52
CA ASP M 34 51.29 -22.19 40.38
C ASP M 34 49.77 -22.36 40.41
N HIS M 35 49.19 -22.64 41.57
CA HIS M 35 47.75 -22.76 41.65
C HIS M 35 47.10 -21.45 41.25
N PRO M 36 45.92 -21.48 40.64
CA PRO M 36 45.27 -20.24 40.16
C PRO M 36 44.40 -19.53 41.18
N TYR M 37 44.25 -20.03 42.39
CA TYR M 37 43.19 -19.56 43.27
C TYR M 37 43.57 -18.24 43.90
N LYS M 38 42.69 -17.26 43.73
CA LYS M 38 42.90 -15.89 44.18
C LYS M 38 42.15 -15.55 45.46
N THR M 39 40.87 -15.94 45.56
CA THR M 39 40.04 -15.62 46.71
C THR M 39 39.59 -16.87 47.46
N TRP M 40 40.26 -17.98 47.26
CA TRP M 40 40.00 -19.23 47.97
C TRP M 40 41.29 -19.64 48.64
N ALA M 41 41.19 -20.22 49.83
CA ALA M 41 42.41 -20.75 50.42
C ALA M 41 42.83 -21.97 49.63
N TYR M 42 44.10 -22.07 49.32
CA TYR M 42 44.61 -23.23 48.63
C TYR M 42 45.50 -23.99 49.60
N HIS M 43 45.25 -25.28 49.75
CA HIS M 43 45.97 -26.07 50.74
C HIS M 43 46.94 -27.10 50.14
N GLY M 44 46.68 -27.58 48.93
CA GLY M 44 47.55 -28.59 48.36
C GLY M 44 46.87 -29.34 47.23
N SER M 45 47.64 -30.27 46.66
CA SER M 45 47.20 -30.99 45.48
C SER M 45 47.78 -32.39 45.48
N TYR M 46 47.10 -33.29 44.76
CA TYR M 46 47.59 -34.63 44.54
C TYR M 46 47.09 -35.12 43.19
N GLU M 47 47.64 -36.25 42.73
CA GLU M 47 47.36 -36.74 41.38
C GLU M 47 46.03 -37.48 41.34
N THR M 48 45.24 -37.17 40.32
CA THR M 48 43.93 -37.78 40.11
C THR M 48 43.76 -38.04 38.62
N LYS M 49 42.69 -38.74 38.24
CA LYS M 49 42.39 -39.02 36.84
C LYS M 49 41.38 -38.00 36.31
N GLN M 50 41.57 -37.58 35.07
CA GLN M 50 40.64 -36.62 34.47
C GLN M 50 39.22 -37.19 34.44
N THR M 51 38.25 -36.31 34.62
CA THR M 51 36.85 -36.70 34.63
C THR M 51 36.07 -35.62 33.91
N GLY M 52 34.87 -35.95 33.47
CA GLY M 52 34.04 -35.01 32.73
C GLY M 52 34.23 -35.17 31.24
N SER M 53 33.57 -34.28 30.49
CA SER M 53 33.50 -34.40 29.05
C SER M 53 33.38 -33.00 28.45
N ALA M 54 33.74 -32.89 27.17
CA ALA M 54 33.55 -31.67 26.37
C ALA M 54 32.82 -31.90 25.06
N SER M 55 32.55 -33.15 24.68
CA SER M 55 31.92 -33.46 23.42
C SER M 55 30.39 -33.37 23.51
N SER M 56 29.76 -33.18 22.35
CA SER M 56 28.31 -33.25 22.19
C SER M 56 28.00 -34.30 21.13
N MET M 57 26.80 -34.87 21.17
CA MET M 57 26.39 -35.80 20.14
C MET M 57 25.22 -35.22 19.37
N VAL M 58 25.21 -35.43 18.06
CA VAL M 58 24.09 -34.99 17.24
C VAL M 58 22.92 -35.97 17.37
N ASN M 59 21.72 -35.41 17.50
CA ASN M 59 20.49 -36.18 17.42
C ASN M 59 20.08 -36.12 15.96
N GLY M 60 20.56 -37.13 15.20
CA GLY M 60 20.35 -37.14 13.77
C GLY M 60 18.89 -37.04 13.39
N VAL M 61 18.01 -37.79 14.09
CA VAL M 61 16.58 -37.72 13.79
C VAL M 61 16.10 -36.27 13.82
N VAL M 62 16.32 -35.58 14.95
CA VAL M 62 15.82 -34.22 15.08
C VAL M 62 16.48 -33.28 14.07
N ARG M 63 17.79 -33.42 13.85
CA ARG M 63 18.43 -32.48 12.93
C ARG M 63 17.97 -32.68 11.49
N LEU M 64 17.75 -33.93 11.09
CA LEU M 64 17.27 -34.20 9.73
C LEU M 64 15.87 -33.64 9.51
N LEU M 65 15.06 -33.51 10.55
CA LEU M 65 13.71 -33.01 10.39
C LEU M 65 13.56 -31.54 10.74
N THR M 66 14.64 -30.85 11.07
CA THR M 66 14.53 -29.42 11.32
C THR M 66 15.50 -28.66 10.42
N LYS M 67 15.50 -29.00 9.13
CA LYS M 67 16.44 -28.42 8.17
C LYS M 67 16.44 -26.89 8.14
N PRO M 68 15.31 -26.18 8.14
CA PRO M 68 15.37 -24.71 8.06
C PRO M 68 16.21 -24.08 9.16
N TRP M 69 16.43 -24.77 10.29
CA TRP M 69 17.21 -24.26 11.42
C TRP M 69 18.69 -24.53 11.29
N ASP M 70 19.11 -25.30 10.26
CA ASP M 70 20.53 -25.49 9.99
C ASP M 70 21.26 -24.16 9.83
N ILE M 71 20.55 -23.14 9.35
CA ILE M 71 21.15 -21.88 8.96
C ILE M 71 21.07 -20.82 10.08
N ILE M 72 20.49 -21.16 11.22
CA ILE M 72 20.27 -20.22 12.32
C ILE M 72 21.28 -20.51 13.41
N PRO M 73 22.24 -19.61 13.67
CA PRO M 73 23.33 -19.96 14.60
C PRO M 73 22.88 -20.13 16.03
N MET M 74 21.82 -19.45 16.46
CA MET M 74 21.34 -19.64 17.83
C MET M 74 20.78 -21.03 18.03
N VAL M 75 20.45 -21.73 16.94
CA VAL M 75 20.19 -23.15 17.01
C VAL M 75 21.50 -23.93 16.96
N THR M 76 22.29 -23.70 15.91
CA THR M 76 23.34 -24.68 15.60
C THR M 76 24.57 -24.54 16.46
N GLN M 77 24.70 -23.47 17.24
CA GLN M 77 25.82 -23.31 18.15
C GLN M 77 25.54 -23.92 19.52
N MET M 78 24.36 -24.47 19.74
CA MET M 78 24.11 -25.21 20.98
C MET M 78 25.08 -26.38 21.11
N ALA M 79 25.58 -26.60 22.33
CA ALA M 79 26.47 -27.70 22.62
C ALA M 79 26.33 -28.12 24.08
N MET M 80 26.82 -29.31 24.37
CA MET M 80 26.97 -29.74 25.75
C MET M 80 28.01 -28.87 26.44
N THR M 81 27.83 -28.64 27.72
CA THR M 81 28.85 -27.86 28.41
C THR M 81 30.13 -28.68 28.58
N ASP M 82 31.24 -27.97 28.76
CA ASP M 82 32.55 -28.60 28.97
C ASP M 82 32.70 -28.83 30.46
N THR M 83 32.62 -30.09 30.89
CA THR M 83 32.74 -30.41 32.31
C THR M 83 34.07 -31.06 32.64
N THR M 84 35.04 -30.98 31.73
CA THR M 84 36.40 -31.42 32.02
C THR M 84 37.02 -30.45 33.02
N PRO M 85 38.17 -30.79 33.62
CA PRO M 85 38.88 -29.78 34.43
C PRO M 85 39.04 -28.44 33.73
N PHE M 86 39.33 -28.44 32.43
CA PHE M 86 39.46 -27.17 31.70
C PHE M 86 38.19 -26.34 31.82
N GLY M 87 37.02 -26.97 31.59
CA GLY M 87 35.76 -26.25 31.70
C GLY M 87 35.43 -25.85 33.13
N GLN M 88 35.72 -26.72 34.09
CA GLN M 88 35.49 -26.34 35.48
C GLN M 88 36.36 -25.16 35.86
N GLN M 89 37.67 -25.28 35.63
CA GLN M 89 38.59 -24.21 36.01
C GLN M 89 38.25 -22.91 35.29
N ARG M 90 37.69 -23.01 34.10
CA ARG M 90 37.33 -21.78 33.41
C ARG M 90 36.15 -21.11 34.10
N VAL M 91 35.16 -21.88 34.54
CA VAL M 91 34.04 -21.30 35.26
C VAL M 91 34.48 -20.83 36.65
N PHE M 92 35.36 -21.60 37.28
CA PHE M 92 35.88 -21.21 38.58
C PHE M 92 36.50 -19.83 38.54
N LYS M 93 37.51 -19.66 37.69
CA LYS M 93 38.22 -18.39 37.55
C LYS M 93 37.24 -17.24 37.29
N GLU M 94 36.25 -17.46 36.44
CA GLU M 94 35.39 -16.35 36.05
C GLU M 94 34.34 -16.06 37.11
N LYS M 95 33.75 -17.10 37.70
CA LYS M 95 32.53 -16.91 38.48
C LYS M 95 32.71 -17.30 39.94
N VAL M 96 33.36 -18.41 40.23
CA VAL M 96 33.41 -18.89 41.60
C VAL M 96 34.56 -18.27 42.39
N ASP M 97 35.67 -17.95 41.74
CA ASP M 97 36.82 -17.40 42.44
C ASP M 97 36.76 -15.87 42.47
N THR M 98 35.68 -15.37 43.07
CA THR M 98 35.47 -13.94 43.24
C THR M 98 35.15 -13.68 44.69
N ARG M 99 34.93 -12.42 45.03
CA ARG M 99 34.77 -12.03 46.42
C ARG M 99 33.72 -10.93 46.48
N THR M 100 32.76 -11.09 47.38
CA THR M 100 31.76 -10.07 47.61
C THR M 100 32.16 -9.27 48.83
N GLN M 101 32.03 -7.95 48.75
CA GLN M 101 32.38 -7.07 49.86
C GLN M 101 31.37 -7.24 50.99
N GLU M 102 31.88 -7.25 52.21
CA GLU M 102 31.00 -7.30 53.37
C GLU M 102 30.04 -6.11 53.39
N PRO M 103 28.76 -6.32 53.64
CA PRO M 103 27.81 -5.20 53.63
C PRO M 103 28.04 -4.26 54.80
N LYS M 104 27.36 -3.12 54.74
CA LYS M 104 27.49 -2.13 55.79
C LYS M 104 26.57 -2.46 56.97
N GLU M 105 26.79 -1.74 58.07
CA GLU M 105 26.07 -2.03 59.31
C GLU M 105 24.57 -1.85 59.13
N GLY M 106 24.14 -0.82 58.42
CA GLY M 106 22.72 -0.63 58.20
C GLY M 106 22.11 -1.77 57.43
N THR M 107 22.78 -2.17 56.35
CA THR M 107 22.32 -3.30 55.55
C THR M 107 22.31 -4.58 56.38
N LYS M 108 23.35 -4.81 57.18
CA LYS M 108 23.39 -5.98 58.04
C LYS M 108 22.23 -5.98 59.02
N LYS M 109 21.89 -4.81 59.56
CA LYS M 109 20.73 -4.72 60.46
C LYS M 109 19.44 -4.98 59.71
N LEU M 110 19.28 -4.44 58.51
CA LEU M 110 18.06 -4.70 57.75
C LEU M 110 17.90 -6.18 57.48
N MET M 111 19.02 -6.88 57.40
CA MET M 111 18.96 -8.28 57.02
C MET M 111 18.56 -9.14 58.22
N LYS M 112 19.21 -8.93 59.38
CA LYS M 112 18.83 -9.67 60.59
C LYS M 112 17.36 -9.43 60.94
N ILE M 113 16.94 -8.17 60.99
CA ILE M 113 15.53 -7.84 61.27
C ILE M 113 14.61 -8.59 60.33
N THR M 114 14.87 -8.53 59.03
CA THR M 114 13.93 -9.11 58.08
C THR M 114 13.99 -10.63 58.12
N ALA M 115 15.19 -11.18 58.29
CA ALA M 115 15.31 -12.63 58.42
C ALA M 115 14.59 -13.12 59.67
N GLU M 116 14.83 -12.48 60.82
CA GLU M 116 14.13 -12.84 62.04
C GLU M 116 12.62 -12.80 61.82
N TRP M 117 12.13 -11.70 61.25
CA TRP M 117 10.70 -11.63 60.96
C TRP M 117 10.27 -12.73 60.01
N LEU M 118 11.12 -13.08 59.03
CA LEU M 118 10.71 -14.01 57.98
C LEU M 118 10.68 -15.44 58.50
N TRP M 119 11.63 -15.82 59.35
CA TRP M 119 11.61 -17.16 59.92
C TRP M 119 10.44 -17.34 60.88
N LYS M 120 9.99 -16.28 61.54
CA LYS M 120 8.78 -16.42 62.35
C LYS M 120 7.56 -16.59 61.47
N GLU M 121 7.47 -15.86 60.35
CA GLU M 121 6.29 -16.01 59.50
C GLU M 121 6.22 -17.40 58.90
N LEU M 122 7.35 -17.89 58.41
CA LEU M 122 7.37 -19.21 57.79
C LEU M 122 7.08 -20.28 58.82
N GLY M 123 7.42 -20.00 60.08
CA GLY M 123 7.27 -20.97 61.15
C GLY M 123 5.93 -20.94 61.85
N LYS M 124 5.03 -20.03 61.48
CA LYS M 124 3.72 -19.97 62.12
C LYS M 124 3.00 -21.30 61.97
N LYS M 125 2.81 -21.75 60.73
CA LYS M 125 2.10 -22.99 60.45
C LYS M 125 3.04 -24.17 60.24
N LYS M 126 4.30 -24.07 60.68
CA LYS M 126 5.27 -25.16 60.46
C LYS M 126 6.17 -25.31 61.67
N THR M 127 6.72 -26.51 61.84
CA THR M 127 7.58 -26.72 62.98
C THR M 127 8.80 -27.56 62.61
N PRO M 128 10.00 -27.04 62.82
CA PRO M 128 11.20 -27.80 62.46
C PRO M 128 11.21 -29.16 63.13
N ARG M 129 11.86 -30.13 62.48
CA ARG M 129 11.93 -31.51 62.93
C ARG M 129 13.08 -32.20 62.20
N MET M 130 13.70 -33.16 62.88
CA MET M 130 14.65 -34.00 62.18
C MET M 130 13.93 -34.90 61.19
N CYS M 131 14.65 -35.31 60.17
CA CYS M 131 14.21 -36.36 59.29
C CYS M 131 14.97 -37.63 59.65
N THR M 132 14.49 -38.74 59.12
CA THR M 132 14.91 -40.03 59.62
C THR M 132 15.67 -40.78 58.55
N ARG M 133 16.49 -41.72 59.02
CA ARG M 133 17.16 -42.64 58.13
C ARG M 133 16.18 -43.34 57.20
N GLU M 134 14.97 -43.64 57.68
CA GLU M 134 13.98 -44.28 56.82
C GLU M 134 13.47 -43.31 55.77
N GLU M 135 13.21 -42.06 56.18
CA GLU M 135 12.80 -41.03 55.22
C GLU M 135 13.87 -40.83 54.15
N PHE M 136 15.14 -40.82 54.54
CA PHE M 136 16.24 -40.67 53.60
C PHE M 136 16.30 -41.85 52.63
N THR M 137 16.28 -43.08 53.17
CA THR M 137 16.32 -44.29 52.35
C THR M 137 15.25 -44.30 51.29
N ARG M 138 14.01 -43.97 51.67
CA ARG M 138 12.95 -43.89 50.67
C ARG M 138 13.27 -42.85 49.59
N LYS M 139 13.72 -41.66 50.02
CA LYS M 139 13.88 -40.54 49.10
C LYS M 139 15.05 -40.74 48.15
N VAL M 140 16.18 -41.26 48.66
CA VAL M 140 17.40 -41.26 47.87
C VAL M 140 17.28 -42.18 46.65
N ARG M 141 17.84 -41.74 45.53
CA ARG M 141 17.92 -42.58 44.34
C ARG M 141 18.93 -43.69 44.55
N SER M 142 18.61 -44.88 44.05
CA SER M 142 19.54 -45.99 44.19
C SER M 142 20.89 -45.68 43.56
N ASN M 143 20.90 -44.88 42.50
CA ASN M 143 22.13 -44.54 41.80
C ASN M 143 22.65 -43.15 42.12
N ALA M 144 22.23 -42.58 43.26
CA ALA M 144 22.75 -41.30 43.72
C ALA M 144 24.24 -41.43 44.03
N ALA M 145 24.98 -40.37 43.73
CA ALA M 145 26.42 -40.39 43.87
C ALA M 145 26.81 -40.80 45.28
N LEU M 146 27.81 -41.68 45.37
CA LEU M 146 28.38 -41.95 46.67
C LEU M 146 29.21 -40.76 47.11
N GLY M 147 29.96 -40.17 46.19
CA GLY M 147 30.78 -39.01 46.52
C GLY M 147 31.85 -39.35 47.51
N ALA M 148 32.34 -40.58 47.50
CA ALA M 148 33.29 -41.02 48.51
C ALA M 148 34.58 -40.21 48.43
N ILE M 149 34.94 -39.58 49.55
CA ILE M 149 36.21 -38.84 49.67
C ILE M 149 37.30 -39.68 50.29
N PHE M 150 37.01 -40.40 51.36
CA PHE M 150 37.99 -41.20 52.08
C PHE M 150 37.81 -42.67 51.76
N THR M 151 38.87 -43.46 51.99
CA THR M 151 38.85 -44.87 51.60
C THR M 151 37.76 -45.64 52.36
N ASP M 152 37.55 -45.33 53.63
CA ASP M 152 36.51 -46.01 54.40
C ASP M 152 35.12 -45.81 53.81
N GLU M 153 34.94 -44.81 52.97
CA GLU M 153 33.64 -44.52 52.38
C GLU M 153 33.47 -45.13 51.01
N ASN M 154 34.52 -45.69 50.44
CA ASN M 154 34.45 -46.20 49.08
C ASN M 154 34.23 -47.70 49.05
N LYS M 155 33.26 -48.19 49.81
CA LYS M 155 33.06 -49.62 49.97
C LYS M 155 31.79 -50.11 49.30
N TRP M 156 31.10 -49.28 48.54
CA TRP M 156 29.81 -49.64 47.99
C TRP M 156 29.76 -49.28 46.51
N LYS M 157 28.95 -50.00 45.76
CA LYS M 157 28.84 -49.76 44.33
C LYS M 157 27.62 -48.93 43.98
N SER M 158 26.82 -48.54 44.97
CA SER M 158 25.61 -47.78 44.73
C SER M 158 25.10 -47.24 46.06
N ALA M 159 24.27 -46.20 45.95
CA ALA M 159 23.68 -45.62 47.14
C ALA M 159 22.81 -46.64 47.84
N ARG M 160 22.06 -47.43 47.07
CA ARG M 160 21.17 -48.43 47.65
C ARG M 160 21.94 -49.51 48.39
N GLU M 161 23.05 -49.98 47.82
CA GLU M 161 23.89 -50.94 48.53
C GLU M 161 24.43 -50.36 49.82
N ALA M 162 24.73 -49.06 49.83
CA ALA M 162 25.30 -48.45 51.03
C ALA M 162 24.23 -48.20 52.09
N VAL M 163 23.04 -47.81 51.67
CA VAL M 163 22.02 -47.48 52.65
C VAL M 163 21.51 -48.75 53.33
N GLU M 164 21.58 -49.88 52.64
CA GLU M 164 21.22 -51.17 53.20
C GLU M 164 22.31 -51.80 54.05
N ASP M 165 23.50 -51.20 54.11
CA ASP M 165 24.61 -51.75 54.86
C ASP M 165 24.71 -51.06 56.21
N SER M 166 24.77 -51.84 57.28
CA SER M 166 25.01 -51.25 58.59
C SER M 166 26.37 -50.58 58.65
N GLY M 167 27.33 -51.01 57.81
CA GLY M 167 28.63 -50.41 57.84
C GLY M 167 28.60 -48.93 57.48
N PHE M 168 27.82 -48.58 56.46
CA PHE M 168 27.66 -47.18 56.10
C PHE M 168 27.02 -46.40 57.25
N TRP M 169 26.00 -46.95 57.88
CA TRP M 169 25.37 -46.22 58.97
C TRP M 169 26.28 -46.13 60.19
N GLU M 170 27.28 -47.00 60.30
CA GLU M 170 28.27 -46.82 61.36
C GLU M 170 29.07 -45.55 61.13
N LEU M 171 29.63 -45.39 59.93
CA LEU M 171 30.35 -44.18 59.55
C LEU M 171 29.52 -42.93 59.85
N VAL M 172 28.28 -42.88 59.34
CA VAL M 172 27.41 -41.74 59.63
C VAL M 172 27.33 -41.48 61.12
N ASP M 173 27.27 -42.55 61.92
CA ASP M 173 27.11 -42.38 63.36
C ASP M 173 28.39 -41.87 64.01
N LYS M 174 29.56 -42.29 63.51
CA LYS M 174 30.80 -41.74 64.04
C LYS M 174 30.90 -40.25 63.78
N GLU M 175 30.37 -39.79 62.65
CA GLU M 175 30.45 -38.38 62.36
C GLU M 175 29.32 -37.62 63.04
N ARG M 176 28.10 -38.17 63.01
CA ARG M 176 27.00 -37.59 63.78
C ARG M 176 27.39 -37.35 65.24
N ASN M 177 28.22 -38.22 65.81
CA ASN M 177 28.60 -37.97 67.19
C ASN M 177 29.62 -36.86 67.29
N LEU M 178 30.47 -36.71 66.28
CA LEU M 178 31.36 -35.56 66.27
C LEU M 178 30.58 -34.25 66.13
N HIS M 179 29.53 -34.23 65.30
CA HIS M 179 28.71 -33.01 65.15
C HIS M 179 28.06 -32.60 66.46
N LEU M 180 27.58 -33.57 67.24
CA LEU M 180 26.98 -33.24 68.53
C LEU M 180 28.02 -32.63 69.47
N GLU M 181 29.28 -33.05 69.36
CA GLU M 181 30.38 -32.40 70.07
C GLU M 181 30.92 -31.21 69.30
N GLY M 182 30.23 -30.76 68.24
CA GLY M 182 30.65 -29.60 67.49
C GLY M 182 31.96 -29.72 66.72
N LYS M 183 32.36 -30.93 66.34
CA LYS M 183 33.54 -31.18 65.52
C LYS M 183 33.12 -31.84 64.22
N CYS M 184 33.75 -31.45 63.13
CA CYS M 184 33.55 -32.10 61.84
C CYS M 184 34.84 -32.78 61.44
N GLU M 185 34.73 -33.94 60.82
CA GLU M 185 35.94 -34.65 60.41
C GLU M 185 35.88 -35.29 59.04
N THR M 186 34.73 -35.37 58.37
CA THR M 186 34.68 -36.01 57.08
C THR M 186 33.77 -35.33 56.08
N CYS M 187 33.10 -34.23 56.43
CA CYS M 187 32.18 -33.58 55.49
C CYS M 187 33.01 -32.71 54.54
N VAL M 188 33.27 -33.24 53.34
CA VAL M 188 34.13 -32.60 52.35
C VAL M 188 33.38 -32.59 51.01
N TYR M 189 33.35 -31.44 50.34
CA TYR M 189 32.66 -31.31 49.06
C TYR M 189 33.48 -31.86 47.89
N ASN M 190 32.80 -32.63 47.03
CA ASN M 190 33.23 -32.97 45.68
C ASN M 190 32.79 -31.83 44.79
N MET M 191 33.58 -31.49 43.79
CA MET M 191 33.14 -30.47 42.86
C MET M 191 33.21 -31.06 41.44
N MET M 192 32.21 -30.71 40.65
CA MET M 192 32.06 -31.20 39.29
C MET M 192 31.29 -30.14 38.54
N GLY M 193 31.44 -30.13 37.22
CA GLY M 193 30.73 -29.16 36.42
C GLY M 193 29.35 -29.67 36.07
N LYS M 194 28.41 -28.74 35.88
CA LYS M 194 27.05 -29.13 35.53
C LYS M 194 26.98 -29.46 34.04
N ARG M 195 26.57 -30.68 33.71
CA ARG M 195 26.33 -31.05 32.32
C ARG M 195 24.98 -30.48 31.87
N GLU M 196 24.99 -29.54 30.96
CA GLU M 196 23.76 -29.03 30.39
C GLU M 196 24.08 -28.52 28.99
N LYS M 197 23.10 -27.91 28.35
CA LYS M 197 23.21 -27.46 26.98
C LYS M 197 23.22 -25.94 26.96
N LYS M 198 24.36 -25.36 26.55
CA LYS M 198 24.53 -23.90 26.44
C LYS M 198 25.09 -23.58 25.05
N LEU M 199 24.81 -22.35 24.58
CA LEU M 199 25.40 -21.89 23.34
C LEU M 199 26.92 -21.85 23.44
N GLY M 200 27.60 -22.52 22.50
CA GLY M 200 29.04 -22.40 22.38
C GLY M 200 29.43 -21.11 21.68
N GLU M 201 30.74 -20.83 21.66
CA GLU M 201 31.28 -19.65 20.97
C GLU M 201 32.63 -19.98 20.37
N PHE M 202 32.91 -19.39 19.20
CA PHE M 202 34.24 -19.50 18.58
C PHE M 202 34.68 -20.95 18.48
N GLY M 203 33.72 -21.83 18.18
CA GLY M 203 33.99 -23.24 17.99
C GLY M 203 34.24 -24.04 19.25
N LYS M 204 33.98 -23.47 20.43
CA LYS M 204 34.31 -24.12 21.69
C LYS M 204 33.09 -24.21 22.60
N ALA M 205 32.93 -25.36 23.24
CA ALA M 205 31.91 -25.48 24.27
C ALA M 205 32.32 -24.66 25.48
N LYS M 206 31.33 -24.08 26.15
CA LYS M 206 31.53 -23.31 27.38
C LYS M 206 31.13 -24.14 28.59
N GLY M 207 31.93 -24.09 29.66
CA GLY M 207 31.45 -24.57 30.97
C GLY M 207 30.29 -23.74 31.48
N SER M 208 29.51 -24.33 32.37
CA SER M 208 28.24 -23.74 32.82
C SER M 208 28.29 -23.21 34.25
N ARG M 209 28.61 -24.08 35.22
CA ARG M 209 28.48 -23.76 36.63
C ARG M 209 29.08 -24.90 37.42
N ALA M 210 29.41 -24.60 38.69
CA ALA M 210 30.00 -25.57 39.60
C ALA M 210 28.89 -26.24 40.43
N ILE M 211 29.02 -27.55 40.63
CA ILE M 211 28.09 -28.34 41.44
C ILE M 211 28.90 -28.94 42.57
N TRP M 212 28.45 -28.74 43.80
CA TRP M 212 29.17 -29.22 44.96
C TRP M 212 28.31 -30.26 45.68
N TYR M 213 28.93 -31.34 46.12
CA TYR M 213 28.17 -32.34 46.83
C TYR M 213 29.07 -33.11 47.78
N MET M 214 28.59 -33.34 48.99
CA MET M 214 29.37 -34.12 49.93
C MET M 214 29.08 -35.59 49.70
N TRP M 215 29.80 -36.46 50.40
CA TRP M 215 29.54 -37.88 50.24
C TRP M 215 28.18 -38.23 50.85
N LEU M 216 27.70 -39.43 50.50
CA LEU M 216 26.32 -39.83 50.84
C LEU M 216 26.04 -39.67 52.32
N GLY M 217 26.97 -40.11 53.18
CA GLY M 217 26.77 -39.97 54.62
C GLY M 217 26.58 -38.54 55.07
N ALA M 218 27.40 -37.63 54.55
CA ALA M 218 27.24 -36.23 54.89
C ALA M 218 25.94 -35.68 54.35
N ARG M 219 25.54 -36.11 53.15
CA ARG M 219 24.27 -35.64 52.61
C ARG M 219 23.11 -36.13 53.48
N PHE M 220 23.22 -37.35 54.01
CA PHE M 220 22.23 -37.76 55.00
C PHE M 220 22.22 -36.81 56.20
N LEU M 221 23.40 -36.53 56.77
CA LEU M 221 23.42 -35.64 57.93
C LEU M 221 22.78 -34.31 57.62
N GLU M 222 22.97 -33.80 56.40
CA GLU M 222 22.28 -32.59 55.97
C GLU M 222 20.78 -32.78 56.01
N PHE M 223 20.32 -33.87 55.40
CA PHE M 223 18.90 -34.15 55.31
C PHE M 223 18.30 -34.31 56.69
N GLU M 224 19.01 -35.03 57.56
CA GLU M 224 18.54 -35.18 58.92
C GLU M 224 18.25 -33.83 59.57
N ALA M 225 19.19 -32.88 59.48
CA ALA M 225 19.03 -31.66 60.25
C ALA M 225 18.20 -30.60 59.54
N LEU M 226 18.26 -30.54 58.22
CA LEU M 226 17.65 -29.44 57.51
C LEU M 226 16.66 -29.86 56.43
N GLY M 227 16.63 -31.13 56.06
CA GLY M 227 15.69 -31.61 55.06
C GLY M 227 14.26 -31.17 55.29
N PHE M 228 13.88 -30.93 56.55
CA PHE M 228 12.50 -30.55 56.84
C PHE M 228 12.05 -29.35 56.02
N LEU M 229 12.98 -28.45 55.62
CA LEU M 229 12.57 -27.30 54.83
C LEU M 229 11.91 -27.72 53.53
N ASN M 230 12.36 -28.83 52.96
CA ASN M 230 11.78 -29.39 51.73
C ASN M 230 10.68 -30.40 52.01
N GLU M 231 10.89 -31.31 52.98
CA GLU M 231 9.91 -32.35 53.23
C GLU M 231 8.58 -31.79 53.71
N ASP M 232 8.59 -30.77 54.58
CA ASP M 232 7.35 -30.13 55.02
C ASP M 232 7.00 -28.88 54.20
N HIS M 233 7.69 -28.61 53.09
CA HIS M 233 7.26 -27.61 52.11
C HIS M 233 7.20 -26.19 52.69
N TRP M 234 8.24 -25.83 53.43
CA TRP M 234 8.29 -24.48 53.98
C TRP M 234 8.15 -23.38 52.92
N PHE M 235 8.48 -23.65 51.65
CA PHE M 235 8.45 -22.58 50.67
C PHE M 235 7.40 -22.82 49.61
N SER M 236 6.39 -23.61 49.94
CA SER M 236 5.18 -23.65 49.15
C SER M 236 4.58 -22.24 49.12
N ARG M 237 3.77 -21.98 48.09
CA ARG M 237 3.24 -20.62 47.94
C ARG M 237 2.30 -20.27 49.09
N GLU M 238 1.50 -21.21 49.56
CA GLU M 238 0.61 -20.83 50.65
C GLU M 238 1.34 -20.67 51.99
N ASN M 239 2.47 -21.34 52.20
CA ASN M 239 3.20 -21.09 53.44
C ASN M 239 4.06 -19.84 53.36
N SER M 240 4.63 -19.52 52.19
CA SER M 240 5.58 -18.41 52.13
C SER M 240 5.05 -17.21 51.36
N LEU M 241 3.87 -17.33 50.73
CA LEU M 241 3.23 -16.24 49.98
C LEU M 241 4.04 -15.86 48.74
N SER M 242 5.36 -15.82 48.86
CA SER M 242 6.26 -15.52 47.76
C SER M 242 6.63 -16.76 46.94
N GLY M 243 6.91 -17.88 47.58
CA GLY M 243 7.46 -19.04 46.92
C GLY M 243 6.52 -19.64 45.88
N VAL M 244 7.02 -20.68 45.22
CA VAL M 244 6.31 -21.41 44.18
C VAL M 244 6.71 -22.88 44.24
N GLU M 245 7.42 -23.28 45.30
CA GLU M 245 7.87 -24.66 45.44
C GLU M 245 6.76 -25.66 45.16
N GLY M 246 7.01 -26.59 44.24
CA GLY M 246 6.06 -27.61 43.85
C GLY M 246 5.01 -27.19 42.85
N GLU M 247 5.11 -25.99 42.28
CA GLU M 247 4.04 -25.56 41.38
C GLU M 247 4.17 -26.16 40.00
N GLY M 248 5.38 -26.36 39.50
CA GLY M 248 5.46 -26.86 38.15
C GLY M 248 5.47 -25.72 37.13
N LEU M 249 6.37 -25.83 36.15
CA LEU M 249 6.62 -24.72 35.23
C LEU M 249 5.35 -24.24 34.55
N HIS M 250 4.52 -25.15 34.03
CA HIS M 250 3.40 -24.69 33.23
C HIS M 250 2.40 -23.90 34.07
N LYS M 251 2.35 -24.13 35.38
CA LYS M 251 1.43 -23.41 36.25
C LYS M 251 1.86 -21.97 36.54
N LEU M 252 3.16 -21.64 36.44
CA LEU M 252 3.66 -20.37 36.96
C LEU M 252 3.06 -19.15 36.24
N GLY M 253 2.62 -19.32 34.99
CA GLY M 253 1.99 -18.20 34.32
C GLY M 253 0.70 -17.75 34.99
N TYR M 254 -0.01 -18.71 35.61
CA TYR M 254 -1.24 -18.36 36.32
C TYR M 254 -0.92 -17.57 37.58
N ILE M 255 0.17 -17.94 38.25
CA ILE M 255 0.64 -17.19 39.39
C ILE M 255 1.02 -15.78 38.99
N LEU M 256 1.77 -15.64 37.89
CA LEU M 256 2.20 -14.30 37.46
C LEU M 256 1.00 -13.42 37.13
N ARG M 257 -0.04 -14.01 36.52
CA ARG M 257 -1.25 -13.26 36.22
C ARG M 257 -1.98 -12.82 37.50
N ASP M 258 -1.95 -13.66 38.54
CA ASP M 258 -2.58 -13.26 39.79
C ASP M 258 -1.79 -12.14 40.47
N VAL M 259 -0.47 -12.27 40.51
CA VAL M 259 0.34 -11.19 41.09
C VAL M 259 0.08 -9.88 40.38
N SER M 260 -0.22 -9.95 39.08
CA SER M 260 -0.45 -8.75 38.27
C SER M 260 -1.75 -8.04 38.63
N LYS M 261 -2.72 -8.76 39.21
CA LYS M 261 -3.97 -8.14 39.60
C LYS M 261 -3.79 -7.14 40.76
N LYS M 262 -2.72 -7.28 41.54
CA LYS M 262 -2.48 -6.34 42.62
C LYS M 262 -2.18 -4.96 42.05
N GLU M 263 -2.52 -3.92 42.81
CA GLU M 263 -2.26 -2.56 42.36
C GLU M 263 -0.81 -2.20 42.64
N GLY M 264 -0.18 -1.53 41.68
CA GLY M 264 1.21 -1.15 41.86
C GLY M 264 1.85 -0.74 40.55
N GLY M 265 3.18 -0.68 40.57
CA GLY M 265 3.95 -0.25 39.41
C GLY M 265 4.04 -1.34 38.36
N ALA M 266 5.18 -1.37 37.68
CA ALA M 266 5.49 -2.41 36.72
C ALA M 266 5.89 -3.69 37.44
N MET M 267 5.94 -4.80 36.69
CA MET M 267 6.56 -6.02 37.18
C MET M 267 8.04 -6.04 36.82
N TYR M 268 8.87 -6.43 37.77
CA TYR M 268 10.31 -6.43 37.63
C TYR M 268 10.81 -7.85 37.86
N ALA M 269 11.84 -8.24 37.11
CA ALA M 269 12.37 -9.59 37.19
C ALA M 269 13.86 -9.53 36.95
N ASP M 270 14.57 -8.93 37.88
CA ASP M 270 16.00 -8.76 37.74
C ASP M 270 16.72 -10.04 38.12
N ASP M 271 17.57 -10.51 37.23
CA ASP M 271 18.37 -11.69 37.48
C ASP M 271 19.67 -11.27 38.15
N THR M 272 20.07 -12.00 39.17
CA THR M 272 21.36 -11.81 39.80
C THR M 272 22.41 -12.59 39.02
N ALA M 273 23.59 -12.02 38.90
CA ALA M 273 24.68 -12.71 38.24
C ALA M 273 25.37 -13.63 39.23
N GLY M 274 25.25 -14.94 39.01
CA GLY M 274 25.97 -15.93 39.78
C GLY M 274 25.57 -15.97 41.25
N TRP M 275 24.26 -16.04 41.49
CA TRP M 275 23.68 -15.92 42.84
C TRP M 275 24.47 -16.67 43.90
N ASP M 276 24.74 -17.96 43.68
CA ASP M 276 25.31 -18.75 44.75
C ASP M 276 26.69 -18.24 45.13
N THR M 277 27.44 -17.70 44.18
CA THR M 277 28.74 -17.14 44.51
C THR M 277 28.63 -15.82 45.28
N ARG M 278 27.50 -15.12 45.17
CA ARG M 278 27.29 -13.82 45.79
C ARG M 278 26.67 -13.91 47.18
N ILE M 279 26.70 -15.10 47.80
CA ILE M 279 26.02 -15.37 49.06
C ILE M 279 27.02 -15.16 50.19
N THR M 280 26.79 -14.15 51.01
CA THR M 280 27.80 -13.69 51.94
C THR M 280 27.74 -14.45 53.24
N LEU M 281 28.83 -14.36 54.02
CA LEU M 281 28.81 -14.97 55.34
C LEU M 281 27.68 -14.39 56.19
N GLU M 282 27.28 -13.15 55.90
CA GLU M 282 26.13 -12.55 56.55
C GLU M 282 24.84 -13.27 56.16
N ASP M 283 24.62 -13.47 54.86
CA ASP M 283 23.52 -14.31 54.39
C ASP M 283 23.50 -15.66 55.07
N LEU M 284 24.65 -16.33 55.13
CA LEU M 284 24.71 -17.68 55.66
C LEU M 284 24.29 -17.72 57.12
N LYS M 285 24.65 -16.69 57.89
CA LYS M 285 24.26 -16.60 59.29
C LYS M 285 22.80 -16.22 59.47
N ASN M 286 22.23 -15.37 58.61
CA ASN M 286 20.81 -15.12 58.76
C ASN M 286 19.98 -16.36 58.40
N GLU M 287 20.40 -17.12 57.41
CA GLU M 287 19.78 -18.42 57.18
C GLU M 287 19.85 -19.29 58.43
N GLU M 288 21.02 -19.30 59.11
CA GLU M 288 21.21 -20.20 60.25
C GLU M 288 20.27 -19.88 61.42
N MET M 289 19.62 -18.70 61.44
CA MET M 289 18.73 -18.36 62.54
C MET M 289 17.51 -19.27 62.63
N VAL M 290 17.26 -20.11 61.63
CA VAL M 290 16.21 -21.11 61.72
C VAL M 290 16.45 -22.03 62.92
N THR M 291 17.71 -22.18 63.36
CA THR M 291 17.98 -23.01 64.51
C THR M 291 17.43 -22.40 65.79
N ASN M 292 17.06 -21.12 65.78
CA ASN M 292 16.47 -20.54 66.97
C ASN M 292 15.10 -21.12 67.25
N HIS M 293 14.41 -21.58 66.21
CA HIS M 293 13.11 -22.23 66.36
C HIS M 293 13.25 -23.73 66.55
N MET M 294 14.40 -24.17 67.06
CA MET M 294 14.80 -25.55 67.18
C MET M 294 15.14 -25.82 68.63
N GLU M 295 15.28 -27.10 68.96
CA GLU M 295 15.48 -27.50 70.34
C GLU M 295 16.33 -28.76 70.39
N GLY M 296 17.07 -28.91 71.48
CA GLY M 296 17.57 -30.22 71.83
C GLY M 296 18.63 -30.71 70.87
N GLU M 297 18.49 -31.99 70.49
CA GLU M 297 19.48 -32.67 69.69
C GLU M 297 19.43 -32.21 68.23
N HIS M 298 18.24 -31.82 67.76
CA HIS M 298 18.09 -31.31 66.41
C HIS M 298 18.85 -30.00 66.24
N LYS M 299 18.70 -29.09 67.19
CA LYS M 299 19.41 -27.82 67.13
C LYS M 299 20.92 -28.04 67.12
N LYS M 300 21.43 -28.94 67.97
CA LYS M 300 22.87 -29.16 67.94
C LYS M 300 23.30 -29.70 66.57
N LEU M 301 22.47 -30.53 65.95
CA LEU M 301 22.83 -31.14 64.67
C LEU M 301 22.77 -30.12 63.54
N ALA M 302 21.77 -29.23 63.57
CA ALA M 302 21.63 -28.24 62.50
C ALA M 302 22.72 -27.18 62.59
N GLU M 303 23.05 -26.75 63.82
CA GLU M 303 24.12 -25.81 63.99
C GLU M 303 25.44 -26.40 63.52
N ALA M 304 25.60 -27.73 63.59
CA ALA M 304 26.81 -28.32 63.05
C ALA M 304 26.84 -28.20 61.54
N ILE M 305 25.74 -28.58 60.87
CA ILE M 305 25.67 -28.45 59.42
C ILE M 305 25.93 -27.01 59.00
N PHE M 306 25.30 -26.04 59.66
CA PHE M 306 25.48 -24.66 59.26
C PHE M 306 26.91 -24.20 59.51
N LYS M 307 27.40 -24.32 60.73
CA LYS M 307 28.70 -23.75 61.06
C LYS M 307 29.87 -24.58 60.53
N LEU M 308 29.74 -25.91 60.46
CA LEU M 308 30.90 -26.76 60.20
C LEU M 308 31.02 -27.23 58.74
N THR M 309 29.93 -27.25 57.99
CA THR M 309 30.02 -27.71 56.62
C THR M 309 29.44 -26.72 55.62
N TYR M 310 28.66 -25.75 56.05
CA TYR M 310 28.08 -24.77 55.15
C TYR M 310 28.84 -23.46 55.15
N GLN M 311 29.45 -23.12 56.29
CA GLN M 311 30.18 -21.87 56.50
C GLN M 311 31.67 -22.10 56.61
N ASN M 312 32.14 -23.34 56.45
CA ASN M 312 33.53 -23.69 56.49
C ASN M 312 33.68 -24.89 55.54
N LYS M 313 33.56 -24.64 54.25
CA LYS M 313 33.50 -25.70 53.27
C LYS M 313 34.91 -26.06 52.82
N VAL M 314 35.24 -27.34 52.84
CA VAL M 314 36.45 -27.86 52.21
C VAL M 314 36.01 -28.53 50.91
N VAL M 315 36.73 -28.26 49.82
CA VAL M 315 36.30 -28.65 48.49
C VAL M 315 37.42 -29.37 47.76
N ARG M 316 37.07 -30.42 47.02
CA ARG M 316 37.97 -31.13 46.13
C ARG M 316 37.60 -30.74 44.71
N VAL M 317 38.54 -30.22 43.95
CA VAL M 317 38.26 -29.82 42.58
C VAL M 317 39.43 -30.18 41.70
N GLN M 318 39.13 -30.55 40.46
CA GLN M 318 40.13 -31.06 39.53
C GLN M 318 40.71 -29.90 38.74
N ARG M 319 42.01 -29.96 38.47
CA ARG M 319 42.67 -28.95 37.66
C ARG M 319 43.64 -29.58 36.68
N PRO M 320 43.66 -29.10 35.43
CA PRO M 320 44.68 -29.57 34.48
C PRO M 320 46.04 -28.95 34.79
N THR M 321 47.07 -29.77 34.78
CA THR M 321 48.44 -29.31 34.83
C THR M 321 49.23 -29.90 33.67
N PRO M 322 50.33 -29.26 33.30
CA PRO M 322 51.20 -29.87 32.28
C PRO M 322 51.62 -31.30 32.61
N ARG M 323 51.68 -31.67 33.89
CA ARG M 323 52.04 -33.03 34.25
C ARG M 323 50.82 -33.94 34.43
N GLY M 324 49.63 -33.51 33.99
CA GLY M 324 48.44 -34.32 34.14
C GLY M 324 47.32 -33.61 34.88
N THR M 325 46.39 -34.36 35.46
CA THR M 325 45.32 -33.75 36.23
C THR M 325 45.65 -33.86 37.72
N VAL M 326 45.41 -32.78 38.45
CA VAL M 326 45.53 -32.84 39.90
C VAL M 326 44.18 -32.56 40.52
N MET M 327 44.01 -33.07 41.72
CA MET M 327 42.93 -32.66 42.60
C MET M 327 43.49 -31.60 43.53
N ASP M 328 42.85 -30.44 43.57
CA ASP M 328 43.20 -29.35 44.48
C ASP M 328 42.31 -29.39 45.71
N ILE M 329 42.92 -29.24 46.88
CA ILE M 329 42.19 -29.13 48.14
C ILE M 329 42.11 -27.65 48.48
N ILE M 330 40.93 -27.05 48.28
CA ILE M 330 40.69 -25.63 48.56
C ILE M 330 39.59 -25.51 49.61
N SER M 331 39.41 -24.28 50.11
CA SER M 331 38.40 -24.04 51.16
C SER M 331 37.90 -22.62 51.08
N ARG M 332 36.63 -22.43 51.46
CA ARG M 332 35.98 -21.14 51.35
C ARG M 332 34.83 -21.09 52.33
N ARG M 333 34.63 -19.94 52.96
CA ARG M 333 33.62 -19.83 54.02
C ARG M 333 32.28 -19.31 53.56
N ASP M 334 32.23 -18.25 52.73
CA ASP M 334 30.94 -17.79 52.20
C ASP M 334 30.59 -18.56 50.93
N GLN M 335 29.57 -18.06 50.21
CA GLN M 335 28.97 -18.69 49.01
C GLN M 335 28.09 -19.86 49.40
N ARG M 336 27.04 -20.08 48.60
CA ARG M 336 26.25 -21.30 48.69
C ARG M 336 26.94 -22.42 47.93
N GLY M 337 27.07 -23.58 48.57
CA GLY M 337 27.58 -24.78 47.91
C GLY M 337 26.46 -25.44 47.14
N SER M 338 26.15 -24.89 45.96
CA SER M 338 25.04 -25.35 45.13
C SER M 338 25.09 -26.86 45.02
N GLY M 339 24.15 -27.53 45.68
CA GLY M 339 24.26 -28.96 45.84
C GLY M 339 24.00 -29.39 47.26
N GLN M 340 23.96 -28.43 48.17
CA GLN M 340 23.54 -28.71 49.53
C GLN M 340 22.04 -29.03 49.56
N VAL M 341 21.61 -29.67 50.66
CA VAL M 341 20.17 -29.98 50.77
C VAL M 341 19.33 -28.72 50.82
N VAL M 342 19.90 -27.62 51.32
CA VAL M 342 19.16 -26.37 51.44
C VAL M 342 19.20 -25.49 50.20
N THR M 343 19.86 -25.92 49.11
CA THR M 343 20.14 -25.00 48.00
C THR M 343 18.89 -24.26 47.54
N TYR M 344 17.90 -24.98 47.02
CA TYR M 344 16.69 -24.30 46.54
C TYR M 344 16.03 -23.49 47.65
N GLY M 345 15.92 -24.05 48.87
CA GLY M 345 15.10 -23.40 49.88
C GLY M 345 15.72 -22.12 50.43
N LEU M 346 16.98 -22.21 50.85
CA LEU M 346 17.64 -21.04 51.43
C LEU M 346 17.91 -19.95 50.36
N ASN M 347 18.09 -20.33 49.09
CA ASN M 347 18.09 -19.31 48.05
C ASN M 347 16.77 -18.57 48.02
N THR M 348 15.66 -19.31 48.00
CA THR M 348 14.35 -18.69 48.04
C THR M 348 14.18 -17.82 49.29
N PHE M 349 14.59 -18.32 50.46
CA PHE M 349 14.54 -17.51 51.66
C PHE M 349 15.29 -16.19 51.45
N THR M 350 16.60 -16.29 51.21
CA THR M 350 17.42 -15.09 51.12
C THR M 350 16.96 -14.16 49.98
N ASN M 351 16.38 -14.71 48.92
CA ASN M 351 15.86 -13.83 47.89
C ASN M 351 14.60 -13.12 48.37
N MET M 352 13.73 -13.83 49.11
CA MET M 352 12.58 -13.17 49.70
C MET M 352 13.01 -12.02 50.58
N GLU M 353 13.98 -12.26 51.45
CA GLU M 353 14.49 -11.21 52.32
C GLU M 353 15.02 -10.03 51.51
N ALA M 354 15.87 -10.31 50.51
CA ALA M 354 16.45 -9.24 49.71
C ALA M 354 15.37 -8.43 48.99
N GLN M 355 14.38 -9.11 48.40
CA GLN M 355 13.35 -8.34 47.68
C GLN M 355 12.47 -7.54 48.63
N LEU M 356 12.19 -8.06 49.83
CA LEU M 356 11.47 -7.28 50.85
C LEU M 356 12.24 -6.00 51.18
N ILE M 357 13.55 -6.15 51.44
CA ILE M 357 14.42 -5.03 51.78
C ILE M 357 14.49 -4.02 50.64
N ARG M 358 14.57 -4.51 49.39
CA ARG M 358 14.49 -3.59 48.28
C ARG M 358 13.15 -2.88 48.25
N GLN M 359 12.06 -3.60 48.51
CA GLN M 359 10.74 -2.97 48.52
C GLN M 359 10.67 -1.88 49.60
N MET M 360 11.34 -2.11 50.75
CA MET M 360 11.35 -1.11 51.80
C MET M 360 12.08 0.14 51.36
N GLU M 361 13.32 -0.03 50.86
CA GLU M 361 14.10 1.09 50.37
C GLU M 361 13.32 1.89 49.33
N GLY M 362 12.56 1.22 48.48
CA GLY M 362 11.78 1.93 47.48
C GLY M 362 10.64 2.72 48.08
N GLU M 363 10.09 2.25 49.19
CA GLU M 363 9.05 2.94 49.92
C GLU M 363 9.59 3.94 50.94
N GLY M 364 10.90 3.99 51.13
CA GLY M 364 11.48 4.96 52.06
C GLY M 364 11.31 4.60 53.51
N VAL M 365 11.18 3.31 53.83
CA VAL M 365 11.12 2.90 55.23
C VAL M 365 12.43 3.21 55.95
N PHE M 366 13.52 3.28 55.21
CA PHE M 366 14.82 3.64 55.76
C PHE M 366 15.53 4.49 54.73
N LYS M 367 16.47 5.31 55.20
CA LYS M 367 17.08 6.34 54.36
C LYS M 367 18.43 5.89 53.81
N SER M 368 19.35 5.51 54.68
CA SER M 368 20.69 5.11 54.33
C SER M 368 20.95 3.68 54.77
N ILE M 369 21.88 3.03 54.08
CA ILE M 369 22.31 1.69 54.44
C ILE M 369 23.63 1.69 55.21
N GLN M 370 24.23 2.86 55.40
CA GLN M 370 25.45 2.93 56.22
C GLN M 370 25.14 2.67 57.68
N HIS M 371 23.96 3.07 58.14
CA HIS M 371 23.55 2.86 59.52
C HIS M 371 22.06 3.08 59.62
N LEU M 372 21.43 2.33 60.53
CA LEU M 372 20.00 2.43 60.79
C LEU M 372 19.79 3.09 62.14
N THR M 373 19.12 4.24 62.14
CA THR M 373 18.68 4.83 63.39
C THR M 373 17.69 3.92 64.10
N VAL M 374 17.65 4.03 65.43
CA VAL M 374 16.70 3.24 66.21
C VAL M 374 15.28 3.51 65.74
N THR M 375 14.99 4.76 65.34
CA THR M 375 13.69 5.07 64.77
C THR M 375 13.44 4.27 63.49
N GLU M 376 14.49 4.08 62.68
CA GLU M 376 14.32 3.34 61.44
C GLU M 376 14.08 1.86 61.72
N GLU M 377 14.80 1.29 62.69
CA GLU M 377 14.54 -0.10 63.10
C GLU M 377 13.09 -0.31 63.50
N ILE M 378 12.49 0.65 64.20
CA ILE M 378 11.09 0.52 64.59
C ILE M 378 10.19 0.59 63.35
N ALA M 379 10.43 1.58 62.49
CA ALA M 379 9.67 1.68 61.25
C ALA M 379 9.77 0.39 60.44
N VAL M 380 10.97 -0.21 60.39
CA VAL M 380 11.13 -1.45 59.65
C VAL M 380 10.26 -2.54 60.27
N LYS M 381 10.43 -2.78 61.57
CA LYS M 381 9.64 -3.81 62.23
C LYS M 381 8.15 -3.55 62.11
N ASN M 382 7.74 -2.27 62.05
CA ASN M 382 6.32 -1.98 61.94
C ASN M 382 5.80 -2.22 60.52
N TRP M 383 6.63 -1.89 59.52
CA TRP M 383 6.29 -2.18 58.14
C TRP M 383 6.09 -3.68 57.95
N LEU M 384 7.02 -4.48 58.49
CA LEU M 384 6.93 -5.93 58.32
C LEU M 384 5.66 -6.47 58.93
N VAL M 385 5.32 -6.01 60.15
CA VAL M 385 4.12 -6.49 60.80
C VAL M 385 2.87 -5.94 60.12
N ARG M 386 2.94 -4.73 59.59
CA ARG M 386 1.72 -4.13 59.07
C ARG M 386 1.42 -4.58 57.65
N VAL M 387 2.44 -4.68 56.79
CA VAL M 387 2.17 -4.93 55.36
C VAL M 387 3.07 -6.04 54.81
N GLY M 388 4.01 -6.50 55.63
CA GLY M 388 5.01 -7.46 55.15
C GLY M 388 4.42 -8.64 54.40
N ARG M 389 3.39 -9.26 54.94
CA ARG M 389 2.78 -10.42 54.27
C ARG M 389 2.14 -10.03 52.95
N GLU M 390 1.61 -8.81 52.88
CA GLU M 390 1.06 -8.34 51.61
C GLU M 390 2.18 -8.10 50.61
N ARG M 391 3.33 -7.67 51.10
CA ARG M 391 4.49 -7.48 50.24
C ARG M 391 4.98 -8.81 49.68
N LEU M 392 5.08 -9.84 50.53
CA LEU M 392 5.47 -11.16 50.05
C LEU M 392 4.53 -11.67 48.98
N SER M 393 3.25 -11.31 49.04
CA SER M 393 2.29 -11.79 48.05
C SER M 393 2.38 -11.04 46.72
N ARG M 394 3.20 -9.99 46.64
CA ARG M 394 3.44 -9.29 45.39
C ARG M 394 4.59 -9.91 44.60
N MET M 395 5.13 -11.03 45.07
CA MET M 395 6.30 -11.66 44.49
C MET M 395 6.06 -13.13 44.22
N ALA M 396 6.73 -13.63 43.18
CA ALA M 396 6.89 -15.06 42.92
C ALA M 396 8.38 -15.29 42.82
N ILE M 397 8.90 -16.18 43.65
CA ILE M 397 10.34 -16.30 43.84
C ILE M 397 10.67 -17.77 43.84
N SER M 398 11.56 -18.17 42.93
CA SER M 398 12.03 -19.55 42.82
C SER M 398 13.53 -19.48 42.95
N GLY M 399 14.02 -19.63 44.17
CA GLY M 399 15.43 -19.44 44.46
C GLY M 399 15.88 -18.08 44.00
N ASP M 400 16.80 -18.05 43.04
CA ASP M 400 17.34 -16.77 42.58
C ASP M 400 16.35 -16.02 41.69
N ASP M 401 15.55 -16.72 40.91
CA ASP M 401 14.56 -16.06 40.08
C ASP M 401 13.53 -15.34 40.92
N CYS M 402 13.19 -14.13 40.53
CA CYS M 402 12.14 -13.40 41.21
C CYS M 402 11.39 -12.55 40.19
N VAL M 403 10.08 -12.45 40.41
CA VAL M 403 9.25 -11.40 39.84
C VAL M 403 8.68 -10.63 41.03
N VAL M 404 8.79 -9.31 40.98
CA VAL M 404 8.24 -8.45 42.03
C VAL M 404 7.37 -7.41 41.37
N LYS M 405 6.12 -7.29 41.85
CA LYS M 405 5.29 -6.15 41.47
C LYS M 405 5.24 -5.20 42.65
N PRO M 406 6.11 -4.20 42.72
CA PRO M 406 6.18 -3.37 43.94
C PRO M 406 5.02 -2.41 44.05
N LEU M 407 4.95 -1.66 45.16
CA LEU M 407 3.86 -0.72 45.39
C LEU M 407 3.84 0.38 44.33
N ASP M 408 5.00 0.84 43.90
CA ASP M 408 5.14 1.82 42.83
C ASP M 408 6.58 1.77 42.33
N ASP M 409 6.83 2.46 41.23
CA ASP M 409 8.07 2.25 40.51
C ASP M 409 9.29 2.91 41.15
N ARG M 410 9.24 3.39 42.39
CA ARG M 410 10.50 3.81 43.04
C ARG M 410 11.41 2.60 43.27
N PHE M 411 10.82 1.40 43.20
CA PHE M 411 11.57 0.15 43.30
C PHE M 411 12.72 0.08 42.30
N ALA M 412 12.48 0.55 41.06
CA ALA M 412 13.49 0.47 40.03
C ALA M 412 14.76 1.20 40.41
N SER M 413 14.64 2.27 41.19
CA SER M 413 15.77 3.09 41.60
C SER M 413 16.33 2.72 42.96
N ALA M 414 15.64 1.86 43.71
CA ALA M 414 16.03 1.49 45.08
C ALA M 414 17.10 0.41 45.00
N LEU M 415 18.35 0.81 44.89
CA LEU M 415 19.40 -0.11 44.54
C LEU M 415 20.53 -0.17 45.54
N THR M 416 20.57 0.69 46.54
CA THR M 416 21.73 0.71 47.42
C THR M 416 21.79 -0.56 48.27
N ALA M 417 20.63 -1.06 48.71
CA ALA M 417 20.67 -2.25 49.55
C ALA M 417 20.95 -3.49 48.72
N LEU M 418 20.30 -3.61 47.55
CA LEU M 418 20.54 -4.75 46.66
C LEU M 418 22.03 -4.87 46.32
N ASN M 419 22.68 -3.76 45.95
CA ASN M 419 24.10 -3.82 45.62
C ASN M 419 24.93 -4.11 46.84
N ASP M 420 24.63 -3.47 47.97
CA ASP M 420 25.42 -3.66 49.18
C ASP M 420 25.29 -5.08 49.74
N MET M 421 24.13 -5.71 49.55
CA MET M 421 24.01 -7.12 49.91
C MET M 421 24.80 -8.02 48.97
N GLY M 422 25.30 -7.48 47.86
CA GLY M 422 26.07 -8.25 46.90
C GLY M 422 25.25 -8.85 45.79
N LYS M 423 23.96 -8.60 45.76
CA LYS M 423 23.07 -9.24 44.79
C LYS M 423 22.98 -8.39 43.52
N VAL M 424 24.14 -8.19 42.90
CA VAL M 424 24.29 -7.31 41.74
C VAL M 424 23.51 -7.82 40.55
N ARG M 425 22.68 -6.95 39.97
CA ARG M 425 21.85 -7.36 38.84
C ARG M 425 22.71 -7.71 37.62
N LYS M 426 22.15 -8.55 36.77
CA LYS M 426 22.82 -8.94 35.54
C LYS M 426 22.38 -8.05 34.39
N ASP M 427 23.31 -7.81 33.45
CA ASP M 427 23.00 -7.14 32.17
C ASP M 427 22.46 -5.71 32.35
N ILE M 428 23.02 -4.98 33.30
CA ILE M 428 22.66 -3.58 33.52
C ILE M 428 23.78 -2.95 34.32
N GLN M 429 23.94 -1.63 34.19
CA GLN M 429 24.94 -0.93 34.96
C GLN M 429 24.51 -0.82 36.42
N GLN M 430 25.49 -0.95 37.32
CA GLN M 430 25.27 -1.01 38.76
C GLN M 430 24.13 -0.11 39.25
N TRP M 431 24.15 1.16 38.85
CA TRP M 431 23.29 2.19 39.43
C TRP M 431 22.22 2.66 38.47
N GLU M 432 21.97 1.91 37.42
CA GLU M 432 20.92 2.33 36.50
C GLU M 432 19.59 1.70 36.91
N PRO M 433 18.49 2.43 36.80
CA PRO M 433 17.19 1.86 37.23
C PRO M 433 16.89 0.56 36.51
N SER M 434 16.26 -0.35 37.22
CA SER M 434 15.80 -1.58 36.60
C SER M 434 14.73 -1.25 35.57
N ARG M 435 14.60 -2.12 34.58
CA ARG M 435 13.59 -1.99 33.55
C ARG M 435 12.54 -3.05 33.81
N GLY M 436 11.30 -2.63 33.89
CA GLY M 436 10.24 -3.56 34.20
C GLY M 436 9.26 -3.69 33.06
N TRP M 437 8.18 -4.39 33.30
CA TRP M 437 7.22 -4.65 32.24
C TRP M 437 5.85 -4.28 32.75
N ASN M 438 5.04 -3.69 31.89
CA ASN M 438 3.66 -3.38 32.23
C ASN M 438 2.70 -4.39 31.62
N ASP M 439 3.22 -5.51 31.16
CA ASP M 439 2.42 -6.64 30.71
C ASP M 439 3.00 -7.89 31.36
N TRP M 440 2.21 -8.59 32.16
CA TRP M 440 2.74 -9.75 32.85
C TRP M 440 3.11 -10.86 31.88
N THR M 441 2.48 -10.89 30.69
CA THR M 441 2.78 -11.91 29.69
C THR M 441 4.16 -11.76 29.07
N GLN M 442 4.86 -10.66 29.35
CA GLN M 442 6.20 -10.46 28.87
C GLN M 442 7.24 -10.66 29.96
N VAL M 443 6.83 -10.99 31.18
CA VAL M 443 7.77 -11.06 32.28
C VAL M 443 8.52 -12.39 32.22
N PRO M 444 9.86 -12.38 32.19
CA PRO M 444 10.60 -13.64 32.18
C PRO M 444 10.63 -14.20 33.59
N PHE M 445 10.20 -15.45 33.73
CA PHE M 445 10.29 -16.18 34.98
C PHE M 445 10.61 -17.63 34.64
N CYS M 446 11.66 -18.16 35.26
CA CYS M 446 12.10 -19.53 35.04
C CYS M 446 12.29 -19.79 33.54
N SER M 447 13.05 -18.90 32.91
CA SER M 447 13.47 -18.98 31.51
C SER M 447 12.29 -19.02 30.56
N HIS M 448 11.10 -18.67 31.01
CA HIS M 448 9.93 -18.58 30.14
C HIS M 448 9.20 -17.27 30.37
N HIS M 449 8.34 -16.94 29.42
CA HIS M 449 7.25 -16.02 29.62
C HIS M 449 5.95 -16.80 29.38
N PHE M 450 4.81 -16.12 29.51
CA PHE M 450 3.54 -16.83 29.53
C PHE M 450 2.51 -16.06 28.73
N HIS M 451 1.80 -16.76 27.85
CA HIS M 451 0.77 -16.12 27.03
C HIS M 451 -0.60 -16.60 27.50
N GLU M 452 -1.57 -15.68 27.42
CA GLU M 452 -2.96 -16.05 27.54
C GLU M 452 -3.45 -16.54 26.19
N LEU M 453 -3.92 -17.78 26.14
CA LEU M 453 -4.30 -18.45 24.89
C LEU M 453 -5.78 -18.79 24.92
N ILE M 454 -6.53 -18.29 23.94
CA ILE M 454 -7.98 -18.47 23.92
C ILE M 454 -8.32 -19.71 23.12
N MET M 455 -8.91 -20.70 23.78
CA MET M 455 -9.31 -21.91 23.08
C MET M 455 -10.51 -21.62 22.18
N LYS M 456 -10.78 -22.55 21.27
CA LYS M 456 -11.97 -22.44 20.45
C LYS M 456 -13.23 -22.53 21.30
N ASP M 457 -13.15 -23.17 22.47
CA ASP M 457 -14.26 -23.20 23.42
C ASP M 457 -14.56 -21.84 24.00
N GLY M 458 -13.62 -20.90 23.93
CA GLY M 458 -13.70 -19.68 24.68
C GLY M 458 -12.96 -19.70 25.99
N ARG M 459 -12.63 -20.89 26.51
CA ARG M 459 -11.85 -20.97 27.74
C ARG M 459 -10.44 -20.43 27.50
N VAL M 460 -9.84 -19.92 28.57
CA VAL M 460 -8.57 -19.21 28.50
C VAL M 460 -7.49 -20.02 29.21
N LEU M 461 -6.44 -20.35 28.48
CA LEU M 461 -5.27 -20.99 29.05
C LEU M 461 -4.14 -19.97 29.23
N VAL M 462 -3.23 -20.27 30.14
CA VAL M 462 -2.00 -19.54 30.30
C VAL M 462 -0.87 -20.54 30.11
N VAL M 463 -0.08 -20.34 29.07
CA VAL M 463 0.87 -21.37 28.60
C VAL M 463 2.29 -20.83 28.64
N PRO M 464 3.27 -21.69 28.92
CA PRO M 464 4.67 -21.24 28.93
C PRO M 464 5.20 -21.11 27.51
N CYS M 465 6.25 -20.31 27.39
CA CYS M 465 6.76 -19.98 26.07
C CYS M 465 8.18 -19.45 26.22
N ARG M 466 9.01 -19.75 25.23
CA ARG M 466 10.36 -19.21 25.14
C ARG M 466 10.71 -19.08 23.68
N ASN M 467 11.84 -18.43 23.41
CA ASN M 467 12.30 -18.35 22.02
C ASN M 467 12.57 -19.74 21.48
N GLN M 468 12.02 -20.03 20.30
CA GLN M 468 11.97 -21.44 19.91
C GLN M 468 13.30 -21.94 19.37
N ASP M 469 14.21 -21.04 19.01
CA ASP M 469 15.55 -21.51 18.67
C ASP M 469 16.19 -22.25 19.83
N GLU M 470 15.94 -21.81 21.07
CA GLU M 470 16.50 -22.51 22.22
C GLU M 470 15.95 -23.93 22.33
N LEU M 471 14.66 -24.11 22.04
CA LEU M 471 14.08 -25.43 22.13
C LEU M 471 14.65 -26.34 21.04
N ILE M 472 14.65 -25.86 19.78
CA ILE M 472 15.11 -26.67 18.66
C ILE M 472 16.58 -27.01 18.82
N GLY M 473 17.38 -26.05 19.25
CA GLY M 473 18.79 -26.33 19.41
C GLY M 473 19.07 -27.33 20.51
N ARG M 474 18.25 -27.34 21.55
CA ARG M 474 18.50 -28.29 22.63
C ARG M 474 18.13 -29.71 22.22
N ALA M 475 17.01 -29.86 21.52
CA ALA M 475 16.61 -31.18 21.03
C ALA M 475 17.59 -31.76 20.00
N ARG M 476 18.42 -30.93 19.37
CA ARG M 476 19.28 -31.42 18.30
C ARG M 476 20.56 -32.04 18.79
N ILE M 477 20.85 -32.00 20.08
CA ILE M 477 22.10 -32.53 20.64
C ILE M 477 21.79 -33.30 21.92
N SER M 478 22.81 -33.99 22.41
CA SER M 478 22.71 -34.75 23.64
C SER M 478 24.12 -35.12 24.08
N GLN M 479 24.20 -35.64 25.31
CA GLN M 479 25.44 -36.17 25.86
C GLN M 479 26.05 -37.20 24.91
N GLY M 480 27.38 -37.24 24.89
CA GLY M 480 28.12 -38.23 24.13
C GLY M 480 29.02 -37.57 23.09
N ALA M 481 29.29 -38.31 22.02
CA ALA M 481 30.18 -37.82 20.99
C ALA M 481 29.70 -38.31 19.64
N GLY M 482 30.07 -37.55 18.60
CA GLY M 482 29.80 -37.97 17.24
C GLY M 482 28.37 -37.73 16.84
N TRP M 483 27.85 -38.65 16.03
CA TRP M 483 26.55 -38.50 15.41
C TRP M 483 25.73 -39.75 15.75
N SER M 484 24.42 -39.58 15.90
CA SER M 484 23.60 -40.71 16.30
C SER M 484 22.28 -40.62 15.58
N LEU M 485 21.66 -41.77 15.39
CA LEU M 485 20.39 -41.80 14.68
C LEU M 485 19.44 -42.79 15.35
N ARG M 486 19.79 -44.08 15.39
CA ARG M 486 18.92 -45.02 16.09
C ARG M 486 18.98 -44.81 17.59
N GLU M 487 20.17 -44.54 18.12
CA GLU M 487 20.35 -44.51 19.57
C GLU M 487 19.59 -43.37 20.23
N THR M 488 19.36 -42.25 19.55
CA THR M 488 18.63 -41.12 20.14
C THR M 488 17.31 -40.86 19.45
N ALA M 489 16.78 -41.85 18.73
CA ALA M 489 15.46 -41.68 18.10
C ALA M 489 14.37 -41.44 19.14
N CYS M 490 14.31 -42.27 20.18
CA CYS M 490 13.25 -42.07 21.18
C CYS M 490 13.48 -40.77 21.94
N LEU M 491 14.76 -40.41 22.14
CA LEU M 491 15.06 -39.10 22.73
C LEU M 491 14.42 -38.00 21.90
N GLY M 492 14.52 -38.10 20.58
CA GLY M 492 13.80 -37.15 19.74
C GLY M 492 12.31 -37.20 19.97
N LYS M 493 11.74 -38.41 19.97
CA LYS M 493 10.34 -38.57 20.34
C LYS M 493 10.02 -37.96 21.71
N SER M 494 10.90 -38.15 22.69
CA SER M 494 10.67 -37.55 23.99
C SER M 494 10.54 -36.03 23.90
N TYR M 495 11.45 -35.39 23.15
CA TYR M 495 11.38 -33.93 22.98
C TYR M 495 10.06 -33.53 22.34
N ALA M 496 9.61 -34.33 21.37
CA ALA M 496 8.35 -34.02 20.69
C ALA M 496 7.17 -34.10 21.63
N GLN M 497 7.15 -35.11 22.50
CA GLN M 497 6.07 -35.17 23.47
C GLN M 497 6.11 -33.97 24.37
N MET M 498 7.30 -33.59 24.83
CA MET M 498 7.45 -32.39 25.64
C MET M 498 6.96 -31.16 24.88
N TRP M 499 7.36 -31.03 23.61
CA TRP M 499 6.92 -29.87 22.82
C TRP M 499 5.41 -29.84 22.68
N SER M 500 4.79 -30.99 22.42
CA SER M 500 3.38 -30.97 22.12
C SER M 500 2.52 -30.86 23.37
N LEU M 501 3.10 -31.10 24.55
CA LEU M 501 2.40 -30.87 25.81
C LEU M 501 2.55 -29.42 26.27
N MET M 502 3.77 -28.87 26.21
CA MET M 502 4.09 -27.53 26.70
C MET M 502 4.05 -26.45 25.63
N TYR M 503 4.43 -26.77 24.39
CA TYR M 503 4.61 -25.78 23.35
C TYR M 503 3.74 -26.06 22.13
N PHE M 504 2.66 -26.81 22.33
CA PHE M 504 1.67 -27.10 21.30
C PHE M 504 1.20 -25.83 20.61
N HIS M 505 1.33 -24.69 21.25
CA HIS M 505 0.79 -23.47 20.69
C HIS M 505 1.76 -22.79 19.73
N ARG M 506 2.94 -23.38 19.54
CA ARG M 506 3.93 -22.90 18.56
C ARG M 506 3.78 -23.75 17.30
N ARG M 507 3.46 -23.10 16.18
CA ARG M 507 3.23 -23.81 14.93
C ARG M 507 4.39 -24.75 14.55
N ASP M 508 5.62 -24.24 14.51
CA ASP M 508 6.72 -25.06 14.01
C ASP M 508 6.97 -26.24 14.91
N LEU M 509 6.81 -26.06 16.22
CA LEU M 509 7.09 -27.16 17.15
C LEU M 509 6.05 -28.26 17.05
N ARG M 510 4.78 -27.90 16.82
CA ARG M 510 3.79 -28.96 16.69
C ARG M 510 4.00 -29.78 15.42
N LEU M 511 4.32 -29.10 14.32
CA LEU M 511 4.65 -29.80 13.08
C LEU M 511 5.89 -30.67 13.26
N ALA M 512 6.98 -30.10 13.80
CA ALA M 512 8.20 -30.88 13.95
C ALA M 512 7.99 -32.03 14.93
N ALA M 513 7.29 -31.78 16.04
CA ALA M 513 6.94 -32.87 16.97
C ALA M 513 6.24 -34.00 16.22
N ASN M 514 5.32 -33.66 15.33
CA ASN M 514 4.60 -34.72 14.63
C ASN M 514 5.46 -35.37 13.56
N ALA M 515 6.36 -34.63 12.93
CA ALA M 515 7.28 -35.25 11.99
C ALA M 515 8.21 -36.23 12.71
N ILE M 516 8.74 -35.82 13.86
CA ILE M 516 9.65 -36.70 14.60
C ILE M 516 8.93 -37.97 15.03
N CYS M 517 7.69 -37.83 15.49
CA CYS M 517 6.92 -39.02 15.86
C CYS M 517 6.65 -39.91 14.64
N SER M 518 6.44 -39.32 13.47
CA SER M 518 6.26 -40.07 12.24
C SER M 518 7.51 -40.79 11.77
N ALA M 519 8.68 -40.43 12.28
CA ALA M 519 9.91 -41.02 11.76
C ALA M 519 10.55 -41.97 12.74
N VAL M 520 10.17 -41.94 14.00
CA VAL M 520 10.75 -42.84 14.98
C VAL M 520 9.90 -44.11 14.95
N PRO M 521 10.52 -45.28 14.96
CA PRO M 521 9.75 -46.54 15.06
C PRO M 521 8.74 -46.45 16.19
N SER M 522 7.47 -46.75 15.87
CA SER M 522 6.38 -46.44 16.78
C SER M 522 6.21 -47.43 17.92
N HIS M 523 6.97 -48.53 17.92
CA HIS M 523 6.90 -49.54 18.96
C HIS M 523 8.11 -49.55 19.86
N TRP M 524 9.10 -48.71 19.59
CA TRP M 524 10.26 -48.59 20.48
C TRP M 524 9.86 -47.82 21.73
N VAL M 525 10.39 -48.22 22.88
CA VAL M 525 10.10 -47.58 24.15
C VAL M 525 11.42 -47.28 24.84
N PRO M 526 11.74 -46.02 25.14
CA PRO M 526 13.03 -45.70 25.76
C PRO M 526 13.16 -46.32 27.13
N THR M 527 14.28 -46.98 27.36
CA THR M 527 14.66 -47.45 28.68
C THR M 527 15.77 -46.63 29.31
N SER M 528 16.43 -45.78 28.51
CA SER M 528 17.38 -44.76 28.95
C SER M 528 17.59 -43.81 27.78
N ARG M 529 18.63 -42.99 27.83
CA ARG M 529 18.86 -42.04 26.73
C ARG M 529 19.30 -42.73 25.44
N THR M 530 19.92 -43.89 25.53
CA THR M 530 20.47 -44.50 24.34
C THR M 530 20.01 -45.94 24.16
N THR M 531 19.13 -46.43 25.02
CA THR M 531 18.65 -47.80 24.93
C THR M 531 17.13 -47.81 24.94
N TRP M 532 16.56 -48.76 24.22
CA TRP M 532 15.12 -48.92 24.15
C TRP M 532 14.80 -50.39 24.10
N SER M 533 13.53 -50.69 24.25
CA SER M 533 13.00 -52.02 24.00
C SER M 533 11.88 -51.89 23.00
N ILE M 534 11.65 -52.95 22.23
CA ILE M 534 10.53 -52.98 21.30
C ILE M 534 9.34 -53.65 21.98
N HIS M 535 8.22 -52.93 22.11
CA HIS M 535 6.96 -53.48 22.61
C HIS M 535 6.14 -53.93 21.40
N ALA M 536 6.18 -55.24 21.10
CA ALA M 536 5.65 -55.78 19.83
C ALA M 536 4.17 -55.43 19.59
N THR M 537 3.37 -55.31 20.63
CA THR M 537 1.93 -55.29 20.43
C THR M 537 1.32 -53.91 20.43
N HIS M 538 1.86 -52.99 21.22
CA HIS M 538 1.29 -51.66 21.37
C HIS M 538 2.30 -50.61 20.92
N GLU M 539 1.80 -49.52 20.35
CA GLU M 539 2.64 -48.39 20.00
C GLU M 539 2.82 -47.46 21.20
N TRP M 540 4.02 -46.92 21.33
CA TRP M 540 4.34 -45.94 22.36
C TRP M 540 3.81 -44.57 21.95
N MET M 541 2.94 -44.00 22.79
CA MET M 541 2.53 -42.61 22.72
C MET M 541 2.01 -42.22 21.33
N THR M 542 0.81 -42.71 21.03
CA THR M 542 0.10 -42.32 19.84
C THR M 542 -0.36 -40.87 19.96
N THR M 543 -0.84 -40.29 18.85
CA THR M 543 -1.49 -38.99 18.96
C THR M 543 -2.62 -39.03 19.97
N GLU M 544 -3.35 -40.15 20.01
CA GLU M 544 -4.43 -40.32 20.97
C GLU M 544 -3.90 -40.26 22.40
N ASP M 545 -2.82 -41.01 22.68
CA ASP M 545 -2.23 -40.95 24.02
C ASP M 545 -1.75 -39.54 24.36
N MET M 546 -1.11 -38.84 23.41
CA MET M 546 -0.62 -37.49 23.67
C MET M 546 -1.77 -36.52 23.93
N LEU M 547 -2.88 -36.69 23.23
CA LEU M 547 -4.03 -35.82 23.51
C LEU M 547 -4.59 -36.13 24.89
N THR M 548 -4.50 -37.38 25.33
CA THR M 548 -4.92 -37.72 26.69
C THR M 548 -4.06 -36.97 27.69
N VAL M 549 -2.74 -37.04 27.51
CA VAL M 549 -1.82 -36.30 28.36
C VAL M 549 -2.18 -34.82 28.38
N TRP M 550 -2.39 -34.25 27.19
CA TRP M 550 -2.72 -32.83 27.12
C TRP M 550 -3.94 -32.52 27.96
N ASN M 551 -5.06 -33.20 27.68
CA ASN M 551 -6.30 -33.02 28.45
C ASN M 551 -6.07 -33.16 29.95
N ARG M 552 -5.31 -34.20 30.35
CA ARG M 552 -4.99 -34.37 31.76
C ARG M 552 -4.29 -33.15 32.34
N VAL M 553 -3.28 -32.63 31.66
CA VAL M 553 -2.48 -31.58 32.27
C VAL M 553 -3.19 -30.23 32.18
N TRP M 554 -3.79 -29.92 31.03
CA TRP M 554 -4.31 -28.57 30.86
C TRP M 554 -5.78 -28.43 31.25
N ILE M 555 -6.50 -29.54 31.44
CA ILE M 555 -7.90 -29.45 31.81
C ILE M 555 -8.14 -30.20 33.12
N GLN M 556 -8.07 -31.53 33.08
CA GLN M 556 -8.38 -32.34 34.26
C GLN M 556 -7.70 -31.79 35.51
N GLU M 557 -6.37 -31.75 35.51
CA GLU M 557 -5.59 -31.44 36.70
C GLU M 557 -5.18 -29.98 36.77
N ASN M 558 -5.88 -29.10 36.04
CA ASN M 558 -5.49 -27.69 36.01
C ASN M 558 -6.39 -26.91 36.97
N PRO M 559 -5.87 -26.48 38.13
CA PRO M 559 -6.71 -25.71 39.07
C PRO M 559 -7.35 -24.47 38.47
N TRP M 560 -6.70 -23.83 37.52
CA TRP M 560 -7.28 -22.62 36.95
C TRP M 560 -8.22 -22.90 35.79
N MET M 561 -8.57 -24.16 35.54
CA MET M 561 -9.52 -24.51 34.49
C MET M 561 -10.80 -25.02 35.18
N GLU M 562 -11.83 -24.17 35.26
CA GLU M 562 -13.03 -24.54 35.99
C GLU M 562 -13.84 -25.59 35.23
N ASP M 563 -14.12 -25.32 33.96
CA ASP M 563 -14.87 -26.23 33.09
C ASP M 563 -13.96 -27.36 32.62
N LYS M 564 -14.28 -28.60 33.00
CA LYS M 564 -13.45 -29.77 32.73
C LYS M 564 -13.80 -30.50 31.43
N THR M 565 -14.58 -29.88 30.54
CA THR M 565 -14.83 -30.48 29.23
C THR M 565 -13.53 -30.79 28.50
N PRO M 566 -13.21 -32.06 28.28
CA PRO M 566 -12.01 -32.39 27.53
C PRO M 566 -12.09 -31.79 26.14
N VAL M 567 -10.94 -31.76 25.47
CA VAL M 567 -10.83 -31.40 24.06
C VAL M 567 -10.79 -32.69 23.25
N GLU M 568 -11.50 -32.71 22.13
CA GLU M 568 -11.76 -33.96 21.44
C GLU M 568 -10.74 -34.29 20.34
N SER M 569 -9.93 -33.32 19.91
CA SER M 569 -8.99 -33.57 18.83
C SER M 569 -7.91 -32.51 18.85
N TRP M 570 -6.76 -32.85 18.24
CA TRP M 570 -5.64 -31.90 18.23
C TRP M 570 -5.95 -30.65 17.42
N GLU M 571 -6.71 -30.78 16.34
CA GLU M 571 -7.10 -29.61 15.55
C GLU M 571 -7.86 -28.60 16.39
N GLU M 572 -8.59 -29.06 17.41
CA GLU M 572 -9.34 -28.17 18.28
C GLU M 572 -8.42 -27.25 19.08
N ILE M 573 -7.24 -27.73 19.48
CA ILE M 573 -6.28 -26.98 20.29
C ILE M 573 -5.61 -25.87 19.49
N PRO M 574 -5.71 -24.63 19.92
CA PRO M 574 -5.27 -23.51 19.08
C PRO M 574 -3.76 -23.27 19.16
N TYR M 575 -3.32 -22.26 18.41
CA TYR M 575 -1.96 -21.78 18.39
C TYR M 575 -1.95 -20.34 18.89
N LEU M 576 -0.77 -19.82 19.21
CA LEU M 576 -0.62 -18.39 19.34
C LEU M 576 -1.05 -17.69 18.05
N GLY M 577 -1.36 -16.40 18.17
CA GLY M 577 -1.52 -15.59 16.96
C GLY M 577 -0.23 -15.61 16.14
N LYS M 578 -0.39 -15.71 14.81
CA LYS M 578 0.77 -15.84 13.91
C LYS M 578 1.86 -14.82 14.20
N ARG M 579 1.46 -13.58 14.52
CA ARG M 579 2.46 -12.55 14.80
C ARG M 579 3.16 -12.83 16.13
N GLU M 580 2.43 -13.35 17.12
CA GLU M 580 3.06 -13.68 18.40
C GLU M 580 3.98 -14.87 18.25
N ASP M 581 3.54 -15.90 17.55
CA ASP M 581 4.43 -17.00 17.21
C ASP M 581 5.72 -16.50 16.56
N GLN M 582 5.60 -15.54 15.65
CA GLN M 582 6.79 -15.01 15.00
C GLN M 582 7.66 -14.24 15.99
N TRP M 583 7.04 -13.37 16.80
CA TRP M 583 7.84 -12.57 17.72
C TRP M 583 8.64 -13.44 18.70
N CYS M 584 8.17 -14.66 18.99
CA CYS M 584 8.88 -15.60 19.83
C CYS M 584 9.68 -16.63 19.04
N GLY M 585 9.92 -16.39 17.74
CA GLY M 585 10.95 -17.08 16.99
C GLY M 585 10.49 -18.01 15.88
N SER M 586 9.20 -18.02 15.56
CA SER M 586 8.69 -18.92 14.55
C SER M 586 9.23 -18.54 13.19
N LEU M 587 9.44 -19.56 12.34
CA LEU M 587 9.80 -19.33 10.95
C LEU M 587 8.60 -19.28 10.03
N ILE M 588 7.36 -19.39 10.54
CA ILE M 588 6.19 -19.34 9.67
C ILE M 588 6.19 -18.00 8.93
N GLY M 589 6.12 -18.06 7.60
CA GLY M 589 6.33 -16.91 6.75
C GLY M 589 7.59 -16.95 5.93
N LEU M 590 8.54 -17.81 6.29
CA LEU M 590 9.78 -17.98 5.56
C LEU M 590 9.62 -19.03 4.47
N THR M 591 10.29 -18.81 3.33
CA THR M 591 10.31 -19.80 2.25
C THR M 591 10.87 -21.13 2.71
N SER M 592 12.01 -21.09 3.41
CA SER M 592 12.59 -22.33 3.89
C SER M 592 11.57 -23.10 4.72
N ARG M 593 10.85 -22.40 5.60
CA ARG M 593 9.85 -23.06 6.43
C ARG M 593 8.74 -23.67 5.58
N ALA M 594 8.23 -22.92 4.60
CA ALA M 594 7.17 -23.43 3.75
C ALA M 594 7.62 -24.65 2.94
N THR M 595 8.82 -24.59 2.37
CA THR M 595 9.34 -25.74 1.65
C THR M 595 9.45 -26.94 2.57
N TRP M 596 9.88 -26.72 3.81
CA TRP M 596 9.99 -27.78 4.79
C TRP M 596 8.63 -28.38 5.12
N ALA M 597 7.64 -27.53 5.37
CA ALA M 597 6.32 -28.06 5.68
C ALA M 597 5.79 -28.89 4.53
N LYS M 598 5.88 -28.35 3.31
CA LYS M 598 5.28 -29.04 2.16
C LYS M 598 5.94 -30.38 1.92
N ASN M 599 7.26 -30.47 2.01
CA ASN M 599 7.95 -31.70 1.68
C ASN M 599 8.30 -32.53 2.90
N ILE M 600 7.60 -32.32 4.02
CA ILE M 600 8.02 -32.92 5.27
C ILE M 600 7.99 -34.45 5.19
N GLN M 601 7.04 -35.02 4.42
CA GLN M 601 6.98 -36.47 4.34
C GLN M 601 8.19 -37.05 3.64
N THR M 602 8.78 -36.30 2.71
CA THR M 602 10.04 -36.71 2.11
C THR M 602 11.12 -36.90 3.17
N ALA M 603 11.27 -35.91 4.05
CA ALA M 603 12.26 -36.01 5.11
C ALA M 603 11.93 -37.13 6.09
N ILE M 604 10.65 -37.32 6.41
CA ILE M 604 10.30 -38.41 7.31
C ILE M 604 10.71 -39.73 6.70
N ASN M 605 10.48 -39.88 5.39
CA ASN M 605 10.78 -41.14 4.71
C ASN M 605 12.27 -41.38 4.62
N GLN M 606 13.07 -40.32 4.43
CA GLN M 606 14.51 -40.50 4.47
C GLN M 606 14.97 -40.99 5.84
N VAL M 607 14.42 -40.40 6.91
CA VAL M 607 14.79 -40.84 8.26
C VAL M 607 14.31 -42.28 8.50
N ARG M 608 13.10 -42.63 8.07
CA ARG M 608 12.66 -44.02 8.19
C ARG M 608 13.61 -44.96 7.46
N SER M 609 14.06 -44.54 6.28
CA SER M 609 14.89 -45.41 5.47
C SER M 609 16.28 -45.56 6.07
N LEU M 610 16.82 -44.52 6.69
CA LEU M 610 18.12 -44.65 7.36
C LEU M 610 18.00 -45.53 8.59
N ILE M 611 16.90 -45.40 9.35
CA ILE M 611 16.73 -46.18 10.57
C ILE M 611 16.60 -47.66 10.25
N GLY M 612 15.76 -47.99 9.27
CA GLY M 612 15.64 -49.35 8.80
C GLY M 612 14.20 -49.76 8.76
N ASN M 613 13.98 -51.05 8.52
CA ASN M 613 12.63 -51.56 8.36
C ASN M 613 12.09 -51.81 9.76
N GLU M 614 11.24 -50.90 10.22
CA GLU M 614 10.56 -51.02 11.49
C GLU M 614 9.12 -50.59 11.26
N GLU M 615 8.28 -50.71 12.30
CA GLU M 615 6.91 -50.22 12.17
C GLU M 615 6.88 -48.73 12.49
N TYR M 616 6.29 -47.96 11.58
CA TYR M 616 6.11 -46.54 11.74
C TYR M 616 4.63 -46.22 11.66
N THR M 617 4.25 -45.17 12.35
CA THR M 617 2.91 -44.62 12.27
C THR M 617 3.03 -43.19 11.74
N ASP M 618 2.05 -42.80 10.94
CA ASP M 618 1.97 -41.42 10.52
C ASP M 618 1.30 -40.62 11.62
N TYR M 619 1.99 -39.61 12.15
CA TYR M 619 1.33 -38.72 13.09
C TYR M 619 0.90 -37.42 12.43
N MET M 620 1.31 -37.18 11.20
CA MET M 620 1.04 -35.89 10.56
C MET M 620 -0.43 -35.55 10.43
N PRO M 621 -1.36 -36.49 10.16
CA PRO M 621 -2.75 -36.07 9.91
C PRO M 621 -3.50 -35.58 11.13
N SER M 622 -2.90 -35.56 12.30
CA SER M 622 -3.55 -34.85 13.40
C SER M 622 -3.51 -33.34 13.22
N MET M 623 -3.00 -32.86 12.09
CA MET M 623 -3.02 -31.45 11.75
C MET M 623 -3.95 -31.24 10.56
N LYS M 624 -4.71 -30.13 10.59
CA LYS M 624 -5.64 -29.87 9.49
C LYS M 624 -4.90 -29.85 8.16
N ARG M 625 -3.65 -29.36 8.16
CA ARG M 625 -2.87 -29.25 6.93
C ARG M 625 -2.66 -30.59 6.25
N PHE M 626 -2.66 -31.70 7.01
CA PHE M 626 -2.40 -33.01 6.45
C PHE M 626 -3.63 -33.91 6.50
N ARG M 627 -4.78 -33.34 6.88
CA ARG M 627 -6.12 -33.95 6.84
C ARG M 627 -6.38 -34.78 8.10
N GLU P 5 59.11 13.59 -36.03
CA GLU P 5 58.19 14.51 -36.69
C GLU P 5 58.53 15.97 -36.40
N SER P 6 59.82 16.31 -36.46
CA SER P 6 60.29 17.67 -36.30
C SER P 6 60.50 18.32 -37.67
N GLU P 7 60.79 19.62 -37.67
CA GLU P 7 60.96 20.41 -38.89
C GLU P 7 62.41 20.41 -39.34
N THR P 8 62.61 20.28 -40.65
CA THR P 8 63.95 20.28 -41.24
C THR P 8 64.20 21.61 -41.95
N PRO P 9 64.84 22.59 -41.30
CA PRO P 9 64.92 23.94 -41.88
C PRO P 9 65.83 23.99 -43.10
N ASN P 10 65.32 24.55 -44.19
CA ASN P 10 66.13 24.86 -45.37
C ASN P 10 66.88 26.17 -45.11
N LEU P 11 67.89 26.08 -44.24
CA LEU P 11 68.67 27.23 -43.84
C LEU P 11 69.30 27.94 -45.03
N ASP P 12 69.29 27.28 -46.20
CA ASP P 12 69.86 27.91 -47.39
C ASP P 12 69.01 29.08 -47.84
N ILE P 13 67.68 28.93 -47.86
CA ILE P 13 66.83 29.98 -48.39
C ILE P 13 66.20 30.82 -47.28
N ILE P 14 66.69 30.70 -46.05
CA ILE P 14 66.04 31.31 -44.90
C ILE P 14 67.08 32.05 -44.05
N GLY P 15 68.33 31.59 -44.10
CA GLY P 15 69.33 32.07 -43.16
C GLY P 15 69.63 33.56 -43.26
N LYS P 16 69.41 34.15 -44.44
CA LYS P 16 69.73 35.58 -44.60
C LYS P 16 68.71 36.43 -43.87
N ARG P 17 67.43 36.09 -44.00
CA ARG P 17 66.39 36.77 -43.24
C ARG P 17 66.66 36.65 -41.74
N ILE P 18 67.00 35.45 -41.27
CA ILE P 18 67.26 35.25 -39.84
C ILE P 18 68.40 36.14 -39.37
N GLU P 19 69.54 36.10 -40.07
CA GLU P 19 70.68 36.89 -39.63
C GLU P 19 70.37 38.38 -39.68
N LYS P 20 69.55 38.80 -40.65
CA LYS P 20 69.11 40.19 -40.71
C LYS P 20 68.32 40.57 -39.46
N ILE P 21 67.51 39.64 -38.94
CA ILE P 21 66.80 39.89 -37.69
C ILE P 21 67.77 39.89 -36.51
N LYS P 22 68.58 38.84 -36.39
CA LYS P 22 69.54 38.74 -35.30
C LYS P 22 70.43 39.97 -35.23
N GLN P 23 70.84 40.50 -36.39
CA GLN P 23 71.72 41.66 -36.41
C GLN P 23 71.01 42.91 -35.88
N GLU P 24 69.76 43.14 -36.30
CA GLU P 24 69.08 44.40 -36.00
C GLU P 24 68.72 44.54 -34.52
N HIS P 25 68.47 43.42 -33.84
CA HIS P 25 68.19 43.42 -32.41
C HIS P 25 69.11 42.39 -31.75
N GLU P 26 70.40 42.72 -31.71
CA GLU P 26 71.42 41.88 -31.11
C GLU P 26 71.74 42.28 -29.68
N THR P 27 71.18 43.37 -29.17
CA THR P 27 71.50 43.83 -27.83
C THR P 27 71.07 42.82 -26.76
N SER P 28 69.98 42.10 -26.99
CA SER P 28 69.52 41.08 -26.06
C SER P 28 68.99 39.88 -26.82
N TRP P 29 69.75 39.43 -27.83
CA TRP P 29 69.42 38.18 -28.50
C TRP P 29 69.98 37.03 -27.69
N HIS P 30 69.29 35.89 -27.75
CA HIS P 30 69.71 34.70 -27.02
C HIS P 30 69.06 33.48 -27.64
N TYR P 31 69.34 32.31 -27.08
CA TYR P 31 68.70 31.05 -27.45
C TYR P 31 68.11 30.45 -26.20
N ASP P 32 66.78 30.38 -26.15
CA ASP P 32 66.07 29.81 -25.00
C ASP P 32 65.96 28.30 -25.20
N GLN P 33 66.65 27.54 -24.35
CA GLN P 33 66.53 26.09 -24.41
C GLN P 33 65.15 25.64 -23.93
N ASP P 34 64.51 26.44 -23.08
CA ASP P 34 63.17 26.14 -22.59
C ASP P 34 62.11 26.60 -23.58
N HIS P 35 62.46 26.61 -24.87
CA HIS P 35 61.49 26.98 -25.90
C HIS P 35 60.48 25.85 -26.10
N PRO P 36 59.24 26.19 -26.44
CA PRO P 36 58.17 25.18 -26.51
C PRO P 36 58.00 24.51 -27.87
N TYR P 37 58.75 24.93 -28.89
CA TYR P 37 58.38 24.62 -30.26
C TYR P 37 58.75 23.17 -30.58
N LYS P 38 57.72 22.33 -30.67
CA LYS P 38 57.90 20.91 -30.93
C LYS P 38 58.16 20.67 -32.41
N THR P 39 57.23 21.05 -33.28
CA THR P 39 57.32 20.77 -34.71
C THR P 39 57.66 22.01 -35.53
N TRP P 40 58.33 22.98 -34.91
CA TRP P 40 58.73 24.22 -35.56
C TRP P 40 60.20 24.46 -35.30
N ALA P 41 60.92 24.91 -36.33
CA ALA P 41 62.33 25.21 -36.20
C ALA P 41 62.52 26.49 -35.37
N TYR P 42 63.28 26.40 -34.28
CA TYR P 42 63.50 27.54 -33.41
C TYR P 42 64.91 28.08 -33.60
N HIS P 43 65.02 29.39 -33.85
CA HIS P 43 66.30 29.99 -34.20
C HIS P 43 66.84 30.98 -33.17
N GLY P 44 66.02 31.52 -32.28
CA GLY P 44 66.51 32.46 -31.29
C GLY P 44 65.44 33.42 -30.86
N SER P 45 65.78 34.22 -29.85
CA SER P 45 64.79 35.09 -29.21
C SER P 45 65.44 36.39 -28.76
N TYR P 46 64.63 37.43 -28.66
CA TYR P 46 65.08 38.72 -28.15
C TYR P 46 63.94 39.38 -27.38
N GLU P 47 64.32 40.31 -26.51
CA GLU P 47 63.36 40.98 -25.63
C GLU P 47 62.41 41.85 -26.44
N THR P 48 61.12 41.75 -26.13
CA THR P 48 60.08 42.52 -26.81
C THR P 48 59.05 42.98 -25.80
N LYS P 49 58.20 43.91 -26.22
CA LYS P 49 57.12 44.41 -25.37
C LYS P 49 55.82 43.70 -25.73
N GLN P 50 54.96 43.53 -24.73
CA GLN P 50 53.74 42.78 -24.91
C GLN P 50 52.77 43.52 -25.82
N THR P 51 52.10 42.76 -26.69
CA THR P 51 51.02 43.31 -27.48
C THR P 51 49.81 42.37 -27.39
N GLY P 52 48.62 42.97 -27.50
CA GLY P 52 47.38 42.23 -27.47
C GLY P 52 46.56 42.55 -26.25
N SER P 53 45.37 41.94 -26.20
CA SER P 53 44.43 42.18 -25.11
C SER P 53 43.65 40.91 -24.84
N ALA P 54 43.26 40.75 -23.56
CA ALA P 54 42.32 39.71 -23.16
C ALA P 54 41.02 40.28 -22.61
N SER P 55 40.87 41.59 -22.56
CA SER P 55 39.71 42.22 -21.96
C SER P 55 38.55 42.39 -22.96
N SER P 56 37.35 42.48 -22.40
CA SER P 56 36.15 42.75 -23.17
C SER P 56 35.42 43.89 -22.51
N MET P 57 34.56 44.56 -23.28
CA MET P 57 33.78 45.68 -22.79
C MET P 57 32.31 45.31 -22.85
N VAL P 58 31.57 45.68 -21.80
CA VAL P 58 30.13 45.46 -21.79
C VAL P 58 29.48 46.53 -22.65
N ASN P 59 28.52 46.11 -23.46
CA ASN P 59 27.68 47.07 -24.17
C ASN P 59 26.45 47.31 -23.32
N GLY P 60 26.50 48.39 -22.54
CA GLY P 60 25.45 48.64 -21.55
C GLY P 60 24.05 48.59 -22.13
N VAL P 61 23.84 49.29 -23.24
CA VAL P 61 22.50 49.36 -23.83
C VAL P 61 21.97 47.98 -24.16
N VAL P 62 22.80 47.13 -24.76
CA VAL P 62 22.26 45.85 -25.22
C VAL P 62 22.00 44.91 -24.06
N ARG P 63 22.94 44.82 -23.11
CA ARG P 63 22.71 43.99 -21.92
C ARG P 63 21.48 44.45 -21.14
N LEU P 64 21.33 45.77 -20.95
CA LEU P 64 20.15 46.29 -20.27
C LEU P 64 18.85 45.92 -21.00
N LEU P 65 18.89 45.76 -22.32
CA LEU P 65 17.67 45.51 -23.05
C LEU P 65 17.44 44.05 -23.37
N THR P 66 18.37 43.18 -22.99
CA THR P 66 18.17 41.76 -23.21
C THR P 66 18.27 40.99 -21.89
N LYS P 67 17.55 41.47 -20.87
CA LYS P 67 17.58 40.86 -19.54
C LYS P 67 17.39 39.35 -19.53
N PRO P 68 16.36 38.77 -20.20
CA PRO P 68 16.15 37.31 -20.05
C PRO P 68 17.34 36.47 -20.48
N TRP P 69 18.29 37.00 -21.24
CA TRP P 69 19.48 36.24 -21.58
C TRP P 69 20.58 36.34 -20.53
N ASP P 70 20.32 37.02 -19.40
CA ASP P 70 21.34 37.13 -18.35
C ASP P 70 21.61 35.78 -17.69
N ILE P 71 20.64 34.87 -17.67
CA ILE P 71 20.85 33.57 -17.03
C ILE P 71 21.18 32.47 -18.04
N ILE P 72 21.48 32.84 -19.28
CA ILE P 72 21.79 31.87 -20.31
C ILE P 72 23.30 31.92 -20.57
N PRO P 73 24.05 30.90 -20.14
CA PRO P 73 25.53 30.98 -20.24
C PRO P 73 26.06 31.04 -21.67
N MET P 74 25.36 30.44 -22.64
CA MET P 74 25.78 30.57 -24.03
C MET P 74 25.80 32.02 -24.47
N VAL P 75 24.96 32.85 -23.87
CA VAL P 75 25.06 34.28 -24.10
C VAL P 75 26.15 34.88 -23.23
N THR P 76 26.10 34.64 -21.92
CA THR P 76 26.89 35.45 -20.98
C THR P 76 28.35 35.06 -20.94
N GLN P 77 28.69 33.88 -21.42
CA GLN P 77 30.11 33.54 -21.49
C GLN P 77 30.81 34.04 -22.77
N MET P 78 30.13 34.79 -23.64
CA MET P 78 30.80 35.40 -24.79
C MET P 78 31.86 36.38 -24.32
N ALA P 79 32.98 36.43 -25.02
CA ALA P 79 34.02 37.40 -24.69
C ALA P 79 34.93 37.58 -25.91
N MET P 80 35.67 38.69 -25.90
CA MET P 80 36.73 38.86 -26.87
C MET P 80 37.78 37.79 -26.66
N THR P 81 38.54 37.52 -27.71
CA THR P 81 39.55 36.48 -27.66
C THR P 81 40.80 37.00 -26.96
N ASP P 82 41.62 36.06 -26.53
CA ASP P 82 42.91 36.37 -25.91
C ASP P 82 43.98 36.48 -26.99
N THR P 83 44.54 37.68 -27.14
CA THR P 83 45.48 38.01 -28.21
C THR P 83 46.89 38.31 -27.69
N THR P 84 47.07 38.37 -26.37
CA THR P 84 48.35 38.55 -25.71
C THR P 84 49.25 37.35 -25.97
N PRO P 85 50.55 37.43 -25.66
CA PRO P 85 51.44 36.27 -25.88
C PRO P 85 50.94 34.98 -25.27
N PHE P 86 50.30 35.06 -24.09
CA PHE P 86 49.73 33.88 -23.44
C PHE P 86 48.72 33.21 -24.34
N GLY P 87 47.74 33.98 -24.83
CA GLY P 87 46.72 33.42 -25.68
C GLY P 87 47.28 32.90 -26.99
N GLN P 88 48.21 33.65 -27.58
CA GLN P 88 48.85 33.22 -28.82
C GLN P 88 49.54 31.87 -28.64
N GLN P 89 50.31 31.73 -27.55
CA GLN P 89 51.02 30.48 -27.30
C GLN P 89 50.06 29.31 -27.11
N ARG P 90 48.91 29.55 -26.48
CA ARG P 90 47.95 28.47 -26.30
C ARG P 90 47.35 28.02 -27.62
N VAL P 91 47.17 28.93 -28.58
CA VAL P 91 46.72 28.54 -29.91
C VAL P 91 47.77 27.68 -30.60
N PHE P 92 49.04 28.12 -30.53
CA PHE P 92 50.19 27.36 -31.01
C PHE P 92 50.14 25.94 -30.48
N LYS P 93 50.39 25.78 -29.17
CA LYS P 93 50.38 24.47 -28.54
C LYS P 93 49.17 23.65 -28.91
N GLU P 94 48.03 24.29 -29.06
CA GLU P 94 46.81 23.53 -29.32
C GLU P 94 46.69 23.10 -30.78
N LYS P 95 47.02 24.01 -31.72
CA LYS P 95 46.64 23.85 -33.14
C LYS P 95 47.81 24.05 -34.11
N VAL P 96 48.69 25.01 -33.86
CA VAL P 96 49.71 25.35 -34.85
C VAL P 96 50.96 24.48 -34.69
N ASP P 97 51.34 24.13 -33.47
CA ASP P 97 52.52 23.32 -33.23
C ASP P 97 52.25 21.84 -33.42
N THR P 98 51.60 21.48 -34.53
CA THR P 98 51.32 20.09 -34.87
C THR P 98 51.86 19.81 -36.26
N ARG P 99 51.85 18.54 -36.64
CA ARG P 99 52.34 18.14 -37.95
C ARG P 99 51.41 17.12 -38.56
N THR P 100 50.99 17.36 -39.80
CA THR P 100 50.20 16.37 -40.52
C THR P 100 51.14 15.38 -41.21
N GLN P 101 50.64 14.15 -41.37
CA GLN P 101 51.48 13.05 -41.86
C GLN P 101 51.57 13.07 -43.38
N GLU P 102 52.77 12.85 -43.90
CA GLU P 102 53.01 12.87 -45.35
C GLU P 102 52.04 11.92 -46.04
N PRO P 103 51.22 12.39 -46.98
CA PRO P 103 50.22 11.52 -47.61
C PRO P 103 50.87 10.38 -48.38
N LYS P 104 50.09 9.32 -48.58
CA LYS P 104 50.55 8.21 -49.41
C LYS P 104 50.76 8.69 -50.83
N GLU P 105 51.68 8.02 -51.54
CA GLU P 105 51.95 8.38 -52.94
C GLU P 105 50.75 8.15 -53.84
N GLY P 106 49.76 7.37 -53.38
CA GLY P 106 48.51 7.29 -54.10
C GLY P 106 47.69 8.56 -53.96
N THR P 107 47.58 9.07 -52.73
CA THR P 107 46.95 10.38 -52.53
C THR P 107 47.69 11.46 -53.32
N LYS P 108 49.02 11.52 -53.16
CA LYS P 108 49.83 12.52 -53.85
C LYS P 108 49.55 12.52 -55.36
N LYS P 109 49.27 11.35 -55.93
CA LYS P 109 48.93 11.28 -57.34
C LYS P 109 47.50 11.73 -57.60
N LEU P 110 46.56 11.28 -56.75
CA LEU P 110 45.19 11.76 -56.84
C LEU P 110 45.12 13.27 -56.71
N MET P 111 46.01 13.85 -55.89
CA MET P 111 46.07 15.29 -55.77
C MET P 111 46.56 15.94 -57.06
N LYS P 112 47.74 15.51 -57.55
CA LYS P 112 48.38 16.18 -58.68
C LYS P 112 47.53 16.09 -59.96
N ILE P 113 46.79 14.99 -60.14
CA ILE P 113 45.94 14.86 -61.31
C ILE P 113 44.74 15.80 -61.22
N THR P 114 44.00 15.74 -60.11
CA THR P 114 42.82 16.56 -59.95
C THR P 114 43.17 18.05 -59.89
N ALA P 115 44.35 18.39 -59.35
CA ALA P 115 44.77 19.78 -59.32
C ALA P 115 45.02 20.31 -60.73
N GLU P 116 45.60 19.49 -61.61
CA GLU P 116 45.93 19.95 -62.96
C GLU P 116 44.68 20.15 -63.80
N TRP P 117 43.68 19.27 -63.64
CA TRP P 117 42.40 19.51 -64.30
C TRP P 117 41.75 20.78 -63.79
N LEU P 118 41.79 20.99 -62.47
CA LEU P 118 41.17 22.17 -61.87
C LEU P 118 41.87 23.44 -62.35
N TRP P 119 43.20 23.49 -62.23
CA TRP P 119 43.93 24.63 -62.76
C TRP P 119 43.64 24.85 -64.23
N LYS P 120 43.44 23.79 -65.00
CA LYS P 120 43.09 23.94 -66.41
C LYS P 120 41.66 24.42 -66.58
N GLU P 121 40.73 23.83 -65.83
CA GLU P 121 39.31 24.16 -66.01
C GLU P 121 38.99 25.56 -65.53
N LEU P 122 39.70 26.06 -64.51
CA LEU P 122 39.54 27.46 -64.10
C LEU P 122 40.33 28.40 -64.99
N GLY P 123 41.40 27.90 -65.61
CA GLY P 123 42.14 28.63 -66.60
C GLY P 123 41.49 28.70 -67.97
N LYS P 124 40.31 28.09 -68.13
CA LYS P 124 39.59 28.17 -69.39
C LYS P 124 39.33 29.62 -69.73
N LYS P 125 38.39 30.27 -69.03
CA LYS P 125 38.00 31.64 -69.32
C LYS P 125 38.75 32.66 -68.47
N LYS P 126 39.99 32.36 -68.10
CA LYS P 126 40.77 33.25 -67.26
C LYS P 126 42.24 33.01 -67.53
N THR P 127 43.06 34.06 -67.37
CA THR P 127 44.48 33.95 -67.61
C THR P 127 45.29 34.69 -66.55
N PRO P 128 46.36 34.09 -66.03
CA PRO P 128 47.22 34.78 -65.06
C PRO P 128 47.67 36.15 -65.52
N ARG P 129 47.56 37.13 -64.63
CA ARG P 129 47.93 38.50 -64.89
C ARG P 129 48.79 38.99 -63.74
N MET P 130 49.98 39.52 -64.06
CA MET P 130 50.70 40.29 -63.05
C MET P 130 49.87 41.52 -62.67
N CYS P 131 49.72 41.76 -61.38
CA CYS P 131 49.11 42.99 -60.91
C CYS P 131 50.20 44.02 -60.68
N THR P 132 49.80 45.29 -60.69
CA THR P 132 50.72 46.41 -60.75
C THR P 132 50.59 47.28 -59.52
N ARG P 133 51.59 48.15 -59.35
CA ARG P 133 51.62 49.06 -58.22
C ARG P 133 50.33 49.87 -58.12
N GLU P 134 49.70 50.18 -59.25
CA GLU P 134 48.54 51.07 -59.22
C GLU P 134 47.30 50.36 -58.69
N GLU P 135 47.08 49.10 -59.08
CA GLU P 135 45.97 48.36 -58.48
C GLU P 135 46.16 48.25 -56.97
N PHE P 136 47.40 48.03 -56.55
CA PHE P 136 47.74 47.96 -55.13
C PHE P 136 47.41 49.26 -54.43
N THR P 137 47.94 50.38 -54.93
CA THR P 137 47.65 51.68 -54.35
C THR P 137 46.14 51.93 -54.28
N ARG P 138 45.39 51.43 -55.26
CA ARG P 138 43.94 51.63 -55.27
C ARG P 138 43.25 50.75 -54.24
N LYS P 139 43.77 49.55 -53.99
CA LYS P 139 43.10 48.57 -53.13
C LYS P 139 43.44 48.71 -51.66
N VAL P 140 44.66 49.13 -51.31
CA VAL P 140 45.05 49.15 -49.90
C VAL P 140 44.20 50.14 -49.13
N ARG P 141 44.10 49.91 -47.82
CA ARG P 141 43.52 50.87 -46.90
C ARG P 141 44.64 51.74 -46.34
N SER P 142 44.29 52.99 -46.01
CA SER P 142 45.29 53.90 -45.47
C SER P 142 45.84 53.40 -44.15
N ASN P 143 44.97 52.86 -43.30
CA ASN P 143 45.37 52.33 -42.01
C ASN P 143 45.81 50.88 -42.09
N ALA P 144 46.14 50.39 -43.29
CA ALA P 144 46.63 49.01 -43.45
C ALA P 144 47.99 48.85 -42.79
N ALA P 145 48.24 47.63 -42.31
CA ALA P 145 49.35 47.39 -41.39
C ALA P 145 50.67 47.33 -42.12
N LEU P 146 51.66 48.06 -41.60
CA LEU P 146 52.93 48.17 -42.30
C LEU P 146 53.80 46.94 -42.12
N GLY P 147 53.65 46.21 -41.03
CA GLY P 147 54.50 45.06 -40.83
C GLY P 147 55.85 45.43 -40.26
N ALA P 148 56.66 46.17 -41.01
CA ALA P 148 57.90 46.75 -40.49
C ALA P 148 58.75 45.78 -39.65
N ILE P 149 59.27 44.72 -40.27
CA ILE P 149 60.11 43.78 -39.53
C ILE P 149 61.51 44.35 -39.33
N PHE P 150 61.99 45.14 -40.28
CA PHE P 150 63.36 45.65 -40.30
C PHE P 150 63.36 47.16 -40.20
N THR P 151 64.44 47.70 -39.62
CA THR P 151 64.49 49.12 -39.32
C THR P 151 64.27 49.98 -40.56
N ASP P 152 64.87 49.58 -41.68
CA ASP P 152 64.66 50.27 -42.95
C ASP P 152 63.17 50.34 -43.30
N GLU P 153 62.38 49.36 -42.88
CA GLU P 153 60.95 49.31 -43.20
C GLU P 153 60.11 50.16 -42.26
N ASN P 154 60.66 50.62 -41.14
CA ASN P 154 59.94 51.52 -40.24
C ASN P 154 60.34 52.95 -40.57
N LYS P 155 59.75 53.46 -41.65
CA LYS P 155 59.92 54.84 -42.04
C LYS P 155 58.60 55.58 -42.19
N TRP P 156 57.47 54.88 -42.25
CA TRP P 156 56.19 55.50 -42.57
C TRP P 156 55.17 55.23 -41.47
N LYS P 157 54.35 56.24 -41.18
CA LYS P 157 53.33 56.12 -40.15
C LYS P 157 52.06 55.48 -40.70
N SER P 158 51.67 55.83 -41.92
CA SER P 158 50.50 55.28 -42.58
C SER P 158 50.92 54.45 -43.79
N ALA P 159 50.05 53.53 -44.20
CA ALA P 159 50.31 52.78 -45.41
C ALA P 159 50.27 53.70 -46.63
N ARG P 160 49.32 54.64 -46.64
CA ARG P 160 49.24 55.57 -47.77
C ARG P 160 50.44 56.51 -47.78
N GLU P 161 51.01 56.82 -46.62
CA GLU P 161 52.24 57.60 -46.59
C GLU P 161 53.41 56.81 -47.18
N ALA P 162 53.39 55.49 -47.06
CA ALA P 162 54.46 54.68 -47.65
C ALA P 162 54.21 54.45 -49.13
N VAL P 163 52.96 54.21 -49.52
CA VAL P 163 52.60 54.01 -50.91
C VAL P 163 52.93 55.25 -51.76
N GLU P 164 53.16 56.40 -51.11
CA GLU P 164 53.54 57.62 -51.79
C GLU P 164 54.91 58.11 -51.34
N ASP P 165 55.87 57.19 -51.18
CA ASP P 165 57.24 57.52 -50.79
C ASP P 165 58.20 56.79 -51.70
N SER P 166 59.26 57.49 -52.13
CA SER P 166 60.22 56.88 -53.03
C SER P 166 60.96 55.73 -52.37
N GLY P 167 61.28 55.88 -51.08
CA GLY P 167 62.03 54.85 -50.38
C GLY P 167 61.26 53.55 -50.23
N PHE P 168 59.94 53.64 -50.02
CA PHE P 168 59.13 52.43 -49.95
C PHE P 168 59.29 51.61 -51.21
N TRP P 169 58.90 52.17 -52.35
CA TRP P 169 59.00 51.43 -53.60
C TRP P 169 60.45 51.17 -54.01
N GLU P 170 61.40 51.96 -53.52
CA GLU P 170 62.80 51.63 -53.70
C GLU P 170 63.15 50.34 -52.96
N LEU P 171 62.66 50.20 -51.73
CA LEU P 171 62.89 48.98 -50.96
C LEU P 171 62.13 47.82 -51.56
N VAL P 172 60.92 48.05 -52.07
CA VAL P 172 60.19 47.01 -52.80
C VAL P 172 61.00 46.57 -54.01
N ASP P 173 61.57 47.53 -54.74
CA ASP P 173 62.35 47.19 -55.93
C ASP P 173 63.58 46.38 -55.54
N LYS P 174 64.35 46.87 -54.56
CA LYS P 174 65.57 46.19 -54.15
C LYS P 174 65.32 44.70 -53.91
N GLU P 175 64.14 44.36 -53.40
CA GLU P 175 63.77 42.99 -53.08
C GLU P 175 63.23 42.25 -54.30
N ARG P 176 62.36 42.92 -55.06
CA ARG P 176 61.80 42.31 -56.27
C ARG P 176 62.88 41.74 -57.17
N ASN P 177 64.01 42.44 -57.26
CA ASN P 177 65.15 41.91 -58.00
C ASN P 177 65.67 40.63 -57.34
N LEU P 178 65.75 40.62 -56.01
CA LEU P 178 66.24 39.44 -55.30
C LEU P 178 65.31 38.26 -55.54
N HIS P 179 64.00 38.50 -55.63
CA HIS P 179 63.08 37.42 -55.96
C HIS P 179 63.25 36.96 -57.41
N LEU P 180 63.52 37.90 -58.32
CA LEU P 180 63.76 37.53 -59.71
C LEU P 180 65.02 36.68 -59.85
N GLU P 181 66.07 37.01 -59.08
CA GLU P 181 67.27 36.19 -59.02
C GLU P 181 67.11 34.94 -58.16
N GLY P 182 65.96 34.79 -57.51
CA GLY P 182 65.71 33.61 -56.70
C GLY P 182 66.29 33.64 -55.30
N LYS P 183 66.29 34.79 -54.65
CA LYS P 183 66.74 34.92 -53.27
C LYS P 183 65.68 35.65 -52.46
N CYS P 184 65.87 35.70 -51.13
CA CYS P 184 64.95 36.38 -50.24
C CYS P 184 65.71 36.99 -49.07
N GLU P 185 65.39 38.24 -48.75
CA GLU P 185 66.11 38.94 -47.68
C GLU P 185 65.23 39.77 -46.75
N THR P 186 63.93 39.91 -47.02
CA THR P 186 63.08 40.71 -46.15
C THR P 186 61.69 40.13 -45.90
N CYS P 187 61.31 39.02 -46.54
CA CYS P 187 59.94 38.51 -46.48
C CYS P 187 59.79 37.64 -45.23
N VAL P 188 59.41 38.30 -44.12
CA VAL P 188 59.28 37.68 -42.82
C VAL P 188 57.87 37.92 -42.32
N TYR P 189 57.27 36.91 -41.68
CA TYR P 189 55.91 37.03 -41.19
C TYR P 189 55.82 37.70 -39.83
N ASN P 190 54.84 38.56 -39.69
CA ASN P 190 54.43 39.07 -38.39
C ASN P 190 53.30 38.21 -37.89
N MET P 191 53.23 37.98 -36.58
CA MET P 191 52.16 37.17 -36.01
C MET P 191 51.41 37.89 -34.91
N MET P 192 50.10 37.68 -34.91
CA MET P 192 49.18 38.27 -33.95
C MET P 192 47.99 37.34 -33.87
N GLY P 193 47.26 37.45 -32.78
CA GLY P 193 46.05 36.68 -32.61
C GLY P 193 44.89 37.39 -33.26
N LYS P 194 43.99 36.61 -33.86
CA LYS P 194 42.76 37.16 -34.41
C LYS P 194 41.85 37.66 -33.27
N ARG P 195 41.62 38.97 -33.23
CA ARG P 195 40.69 39.57 -32.29
C ARG P 195 39.25 39.33 -32.78
N GLU P 196 38.51 38.47 -32.10
CA GLU P 196 37.11 38.22 -32.45
C GLU P 196 36.35 37.81 -31.18
N LYS P 197 35.12 37.36 -31.34
CA LYS P 197 34.26 37.02 -30.22
C LYS P 197 34.07 35.51 -30.16
N LYS P 198 34.49 34.91 -29.05
CA LYS P 198 34.38 33.47 -28.81
C LYS P 198 33.97 33.23 -27.36
N LEU P 199 33.19 32.17 -27.15
CA LEU P 199 32.72 31.82 -25.82
C LEU P 199 33.92 31.52 -24.92
N GLY P 200 34.04 32.26 -23.82
CA GLY P 200 35.07 31.95 -22.85
C GLY P 200 34.77 30.67 -22.12
N GLU P 201 35.75 30.21 -21.34
CA GLU P 201 35.61 29.01 -20.53
C GLU P 201 36.37 29.21 -19.23
N PHE P 202 35.77 28.70 -18.14
CA PHE P 202 36.36 28.80 -16.80
C PHE P 202 36.78 30.24 -16.49
N GLY P 203 35.92 31.19 -16.82
CA GLY P 203 36.20 32.57 -16.46
C GLY P 203 37.44 33.16 -17.09
N LYS P 204 37.85 32.67 -18.26
CA LYS P 204 38.98 33.22 -18.99
C LYS P 204 38.66 33.30 -20.47
N ALA P 205 39.10 34.37 -21.11
CA ALA P 205 38.99 34.50 -22.55
C ALA P 205 39.90 33.49 -23.22
N LYS P 206 39.36 32.77 -24.21
CA LYS P 206 40.13 31.79 -24.96
C LYS P 206 40.72 32.40 -26.23
N GLY P 207 41.86 31.86 -26.66
CA GLY P 207 42.38 32.20 -27.97
C GLY P 207 41.55 31.61 -29.09
N SER P 208 41.68 32.19 -30.28
CA SER P 208 40.91 31.73 -31.44
C SER P 208 41.79 31.12 -32.52
N ARG P 209 42.73 31.89 -33.08
CA ARG P 209 43.52 31.47 -34.23
C ARG P 209 44.67 32.46 -34.42
N ALA P 210 45.64 32.04 -35.22
CA ALA P 210 46.80 32.88 -35.48
C ALA P 210 46.66 33.52 -36.86
N ILE P 211 47.26 34.69 -37.01
CA ILE P 211 47.15 35.51 -38.20
C ILE P 211 48.55 35.91 -38.59
N TRP P 212 48.99 35.50 -39.78
CA TRP P 212 50.33 35.78 -40.27
C TRP P 212 50.24 36.86 -41.31
N TYR P 213 51.11 37.87 -41.20
CA TYR P 213 51.14 38.92 -42.21
C TYR P 213 52.57 39.46 -42.33
N MET P 214 53.06 39.50 -43.57
CA MET P 214 54.36 40.11 -43.82
C MET P 214 54.19 41.62 -43.97
N TRP P 215 55.31 42.33 -44.05
CA TRP P 215 55.24 43.78 -44.18
C TRP P 215 54.59 44.18 -45.52
N LEU P 216 54.36 45.49 -45.68
CA LEU P 216 53.54 45.97 -46.79
C LEU P 216 54.22 45.74 -48.14
N GLY P 217 55.53 46.00 -48.23
CA GLY P 217 56.23 45.69 -49.47
C GLY P 217 56.07 44.25 -49.88
N ALA P 218 56.33 43.32 -48.96
CA ALA P 218 56.16 41.90 -49.26
C ALA P 218 54.72 41.59 -49.64
N ARG P 219 53.77 42.29 -49.05
CA ARG P 219 52.39 42.02 -49.42
C ARG P 219 52.05 42.59 -50.79
N PHE P 220 52.82 43.57 -51.27
CA PHE P 220 52.66 43.95 -52.68
C PHE P 220 53.16 42.84 -53.60
N LEU P 221 54.35 42.30 -53.30
CA LEU P 221 54.92 41.26 -54.14
C LEU P 221 53.94 40.10 -54.31
N GLU P 222 53.37 39.63 -53.20
CA GLU P 222 52.30 38.64 -53.26
C GLU P 222 51.17 39.13 -54.16
N PHE P 223 50.82 40.40 -54.03
CA PHE P 223 49.70 40.94 -54.79
C PHE P 223 50.01 40.92 -56.28
N GLU P 224 51.20 41.40 -56.67
CA GLU P 224 51.60 41.35 -58.07
C GLU P 224 51.52 39.91 -58.59
N ALA P 225 52.21 39.00 -57.91
CA ALA P 225 52.37 37.66 -58.47
C ALA P 225 51.07 36.86 -58.46
N LEU P 226 50.26 36.97 -57.41
CA LEU P 226 49.10 36.12 -57.31
C LEU P 226 47.78 36.87 -57.13
N GLY P 227 47.82 38.19 -56.98
CA GLY P 227 46.59 38.93 -56.79
C GLY P 227 45.52 38.63 -57.82
N PHE P 228 45.95 38.20 -59.01
CA PHE P 228 45.01 37.94 -60.10
C PHE P 228 43.95 36.93 -59.70
N LEU P 229 44.24 36.05 -58.73
CA LEU P 229 43.26 35.04 -58.34
C LEU P 229 42.02 35.67 -57.72
N ASN P 230 42.19 36.73 -56.94
CA ASN P 230 41.05 37.43 -56.33
C ASN P 230 40.54 38.56 -57.22
N GLU P 231 41.46 39.40 -57.71
CA GLU P 231 41.11 40.55 -58.53
C GLU P 231 40.40 40.14 -59.82
N ASP P 232 40.60 38.90 -60.30
CA ASP P 232 39.89 38.37 -61.46
C ASP P 232 38.78 37.40 -61.10
N HIS P 233 38.51 37.16 -59.82
CA HIS P 233 37.35 36.36 -59.39
C HIS P 233 37.43 34.96 -59.98
N TRP P 234 38.65 34.42 -59.97
CA TRP P 234 38.88 33.04 -60.39
C TRP P 234 37.94 32.08 -59.71
N PHE P 235 37.63 32.33 -58.44
CA PHE P 235 36.86 31.39 -57.66
C PHE P 235 35.40 31.81 -57.51
N SER P 236 34.94 32.75 -58.32
CA SER P 236 33.51 33.02 -58.42
C SER P 236 32.75 31.76 -58.77
N ARG P 237 31.42 31.78 -58.67
CA ARG P 237 30.68 30.57 -59.00
C ARG P 237 30.59 30.37 -60.50
N GLU P 238 30.67 31.45 -61.28
CA GLU P 238 30.68 31.33 -62.73
C GLU P 238 31.91 30.58 -63.22
N ASN P 239 33.08 30.92 -62.68
CA ASN P 239 34.33 30.32 -63.14
C ASN P 239 34.63 28.98 -62.47
N SER P 240 34.33 28.83 -61.19
CA SER P 240 34.70 27.61 -60.47
C SER P 240 33.55 26.64 -60.31
N LEU P 241 32.30 27.08 -60.48
CA LEU P 241 31.12 26.22 -60.44
C LEU P 241 30.79 25.69 -59.03
N SER P 242 31.79 25.64 -58.14
CA SER P 242 31.53 25.30 -56.73
C SER P 242 31.96 26.40 -55.78
N GLY P 243 32.48 27.53 -56.27
CA GLY P 243 32.83 28.65 -55.42
C GLY P 243 31.63 29.53 -55.13
N VAL P 244 31.86 30.52 -54.26
CA VAL P 244 30.82 31.47 -53.87
C VAL P 244 31.40 32.86 -53.69
N GLU P 245 32.68 33.05 -54.04
CA GLU P 245 33.32 34.34 -53.89
C GLU P 245 32.44 35.44 -54.46
N GLY P 246 32.26 36.50 -53.67
CA GLY P 246 31.42 37.63 -54.01
C GLY P 246 29.95 37.48 -53.67
N GLU P 247 29.45 36.25 -53.58
CA GLU P 247 28.09 36.06 -53.09
C GLU P 247 28.07 36.33 -51.60
N GLY P 248 27.10 37.12 -51.15
CA GLY P 248 27.02 37.48 -49.75
C GLY P 248 26.28 36.44 -48.92
N LEU P 249 26.56 36.45 -47.60
CA LEU P 249 26.00 35.44 -46.71
C LEU P 249 24.48 35.31 -46.83
N HIS P 250 23.78 36.41 -47.10
CA HIS P 250 22.31 36.31 -47.15
C HIS P 250 21.83 35.55 -48.38
N LYS P 251 22.61 35.57 -49.47
CA LYS P 251 22.28 34.85 -50.69
C LYS P 251 22.73 33.39 -50.67
N LEU P 252 23.65 33.02 -49.76
CA LEU P 252 24.23 31.68 -49.80
C LEU P 252 23.19 30.59 -49.64
N GLY P 253 22.08 30.89 -48.98
CA GLY P 253 21.06 29.86 -48.83
C GLY P 253 20.27 29.62 -50.09
N TYR P 254 20.28 30.57 -51.01
CA TYR P 254 19.70 30.35 -52.33
C TYR P 254 20.52 29.33 -53.11
N ILE P 255 21.84 29.50 -53.09
CA ILE P 255 22.77 28.55 -53.70
C ILE P 255 22.52 27.13 -53.19
N LEU P 256 22.34 26.99 -51.87
CA LEU P 256 22.09 25.67 -51.29
C LEU P 256 20.78 25.08 -51.78
N ARG P 257 19.75 25.93 -51.91
CA ARG P 257 18.51 25.49 -52.51
C ARG P 257 18.74 25.02 -53.95
N ASP P 258 19.66 25.66 -54.68
CA ASP P 258 19.99 25.20 -56.03
C ASP P 258 20.55 23.78 -56.00
N VAL P 259 21.57 23.55 -55.16
CA VAL P 259 22.15 22.22 -55.05
C VAL P 259 21.14 21.19 -54.52
N SER P 260 20.06 21.64 -53.88
CA SER P 260 19.02 20.70 -53.45
C SER P 260 18.28 20.09 -54.63
N LYS P 261 18.12 20.85 -55.73
CA LYS P 261 17.37 20.38 -56.88
C LYS P 261 18.08 19.22 -57.57
N LYS P 262 19.42 19.19 -57.54
CA LYS P 262 20.18 18.06 -58.10
C LYS P 262 19.86 16.78 -57.32
N GLU P 263 19.46 15.73 -58.05
CA GLU P 263 19.16 14.46 -57.41
C GLU P 263 20.43 13.77 -56.94
N GLY P 264 20.30 12.87 -55.96
CA GLY P 264 21.46 12.17 -55.44
C GLY P 264 21.39 11.81 -53.97
N MET P 267 23.09 15.89 -48.26
CA MET P 267 24.02 17.01 -48.18
C MET P 267 24.97 16.87 -47.01
N TYR P 268 26.26 17.02 -47.28
CA TYR P 268 27.29 16.81 -46.29
C TYR P 268 28.04 18.11 -46.08
N ALA P 269 28.20 18.51 -44.82
CA ALA P 269 28.78 19.80 -44.51
C ALA P 269 29.85 19.65 -43.45
N ASP P 270 30.85 18.80 -43.70
CA ASP P 270 31.86 18.57 -42.68
C ASP P 270 32.85 19.72 -42.63
N ASP P 271 33.40 19.93 -41.45
CA ASP P 271 34.31 21.02 -41.17
C ASP P 271 35.64 20.41 -40.75
N THR P 272 36.74 20.95 -41.28
CA THR P 272 38.07 20.50 -40.93
C THR P 272 38.58 21.27 -39.72
N ALA P 273 39.17 20.58 -38.77
CA ALA P 273 39.73 21.25 -37.60
C ALA P 273 41.05 21.90 -37.97
N GLY P 274 41.12 23.22 -37.86
CA GLY P 274 42.35 23.95 -38.12
C GLY P 274 42.89 23.74 -39.53
N TRP P 275 42.12 24.18 -40.52
CA TRP P 275 42.44 23.90 -41.93
C TRP P 275 43.83 24.43 -42.31
N ASP P 276 44.13 25.67 -41.96
CA ASP P 276 45.41 26.25 -42.36
C ASP P 276 46.60 25.52 -41.73
N THR P 277 46.40 24.87 -40.59
CA THR P 277 47.47 24.09 -39.97
C THR P 277 47.58 22.68 -40.54
N ARG P 278 46.55 22.20 -41.24
CA ARG P 278 46.53 20.88 -41.85
C ARG P 278 46.79 20.94 -43.36
N ILE P 279 47.57 21.92 -43.82
CA ILE P 279 47.90 22.10 -45.22
C ILE P 279 49.29 21.54 -45.45
N THR P 280 49.37 20.58 -46.38
CA THR P 280 50.57 19.80 -46.65
C THR P 280 51.46 20.47 -47.71
N LEU P 281 52.77 20.20 -47.62
CA LEU P 281 53.67 20.66 -48.67
C LEU P 281 53.24 20.12 -50.04
N GLU P 282 52.65 18.94 -50.06
CA GLU P 282 52.07 18.40 -51.29
C GLU P 282 50.93 19.28 -51.78
N ASP P 283 50.06 19.72 -50.88
CA ASP P 283 48.98 20.61 -51.28
C ASP P 283 49.51 21.99 -51.68
N LEU P 284 50.56 22.45 -51.01
CA LEU P 284 51.17 23.73 -51.37
C LEU P 284 51.79 23.67 -52.76
N LYS P 285 52.49 22.59 -53.07
CA LYS P 285 53.08 22.43 -54.39
C LYS P 285 52.03 22.24 -55.47
N ASN P 286 50.89 21.60 -55.15
CA ASN P 286 49.84 21.45 -56.15
C ASN P 286 49.20 22.78 -56.51
N GLU P 287 49.01 23.64 -55.54
CA GLU P 287 48.70 25.03 -55.86
C GLU P 287 49.83 25.66 -56.64
N GLU P 288 51.06 25.19 -56.43
CA GLU P 288 52.19 25.77 -57.16
C GLU P 288 52.09 25.53 -58.65
N MET P 289 51.31 24.53 -59.05
CA MET P 289 51.09 24.20 -60.45
C MET P 289 50.28 25.29 -61.15
N VAL P 290 50.02 26.42 -60.48
CA VAL P 290 49.61 27.60 -61.22
C VAL P 290 50.70 28.00 -62.20
N THR P 291 51.93 28.16 -61.69
CA THR P 291 53.06 28.73 -62.44
C THR P 291 53.32 28.05 -63.79
N ASN P 292 52.72 26.88 -64.04
CA ASN P 292 52.84 26.26 -65.35
C ASN P 292 52.05 27.01 -66.41
N HIS P 293 50.96 27.68 -66.04
CA HIS P 293 50.13 28.42 -66.98
C HIS P 293 50.57 29.87 -67.17
N MET P 294 51.68 30.28 -66.56
CA MET P 294 52.29 31.59 -66.82
C MET P 294 53.68 31.42 -67.40
N GLU P 295 54.20 32.52 -67.95
CA GLU P 295 55.57 32.56 -68.43
C GLU P 295 56.09 33.98 -68.30
N GLY P 296 57.40 34.12 -68.38
CA GLY P 296 58.04 35.42 -68.29
C GLY P 296 58.58 35.70 -66.90
N GLU P 297 58.71 37.00 -66.60
CA GLU P 297 59.05 37.43 -65.25
C GLU P 297 57.93 37.11 -64.28
N HIS P 298 56.71 36.91 -64.78
CA HIS P 298 55.58 36.51 -63.95
C HIS P 298 55.87 35.17 -63.27
N LYS P 299 56.08 34.11 -64.06
CA LYS P 299 56.30 32.78 -63.50
C LYS P 299 57.52 32.75 -62.57
N LYS P 300 58.52 33.60 -62.83
CA LYS P 300 59.70 33.63 -61.97
C LYS P 300 59.45 34.40 -60.68
N LEU P 301 58.61 35.43 -60.74
CA LEU P 301 58.25 36.18 -59.53
C LEU P 301 57.23 35.41 -58.69
N ALA P 302 56.24 34.81 -59.34
CA ALA P 302 55.24 34.00 -58.63
C ALA P 302 55.89 32.79 -57.97
N GLU P 303 56.66 32.02 -58.74
CA GLU P 303 57.35 30.87 -58.15
C GLU P 303 58.26 31.30 -57.00
N ALA P 304 58.73 32.55 -57.01
CA ALA P 304 59.52 33.05 -55.89
C ALA P 304 58.70 33.10 -54.62
N ILE P 305 57.49 33.66 -54.71
CA ILE P 305 56.60 33.72 -53.56
C ILE P 305 56.18 32.32 -53.15
N PHE P 306 55.67 31.56 -54.12
CA PHE P 306 55.18 30.21 -53.85
C PHE P 306 56.21 29.34 -53.16
N LYS P 307 57.50 29.58 -53.40
CA LYS P 307 58.55 28.71 -52.89
C LYS P 307 59.41 29.36 -51.81
N LEU P 308 59.89 30.57 -52.04
CA LEU P 308 60.80 31.20 -51.09
C LEU P 308 60.08 31.79 -49.88
N THR P 309 58.75 31.76 -49.82
CA THR P 309 58.07 32.40 -48.70
C THR P 309 56.70 31.80 -48.34
N TYR P 310 56.05 31.08 -49.24
CA TYR P 310 54.84 30.34 -48.87
C TYR P 310 55.15 28.93 -48.43
N GLN P 311 56.29 28.38 -48.83
CA GLN P 311 56.69 27.03 -48.50
C GLN P 311 57.95 27.04 -47.65
N ASN P 312 58.36 28.21 -47.20
CA ASN P 312 59.56 28.37 -46.38
C ASN P 312 59.37 29.70 -45.65
N LYS P 313 58.74 29.63 -44.47
CA LYS P 313 58.25 30.82 -43.79
C LYS P 313 59.07 31.12 -42.55
N VAL P 314 59.40 32.38 -42.37
CA VAL P 314 60.03 32.86 -41.15
C VAL P 314 59.01 33.70 -40.40
N VAL P 315 58.71 33.31 -39.17
CA VAL P 315 57.65 33.90 -38.37
C VAL P 315 58.26 34.42 -37.09
N ARG P 316 57.90 35.65 -36.70
CA ARG P 316 58.23 36.14 -35.38
C ARG P 316 56.95 36.24 -34.56
N VAL P 317 56.96 35.61 -33.38
CA VAL P 317 55.80 35.53 -32.49
C VAL P 317 56.27 35.79 -31.07
N GLN P 318 55.38 36.37 -30.25
CA GLN P 318 55.75 36.67 -28.86
C GLN P 318 55.48 35.48 -27.96
N ARG P 319 56.25 35.40 -26.87
CA ARG P 319 56.15 34.34 -25.91
C ARG P 319 56.30 34.99 -24.54
N PRO P 320 55.50 34.59 -23.57
CA PRO P 320 55.71 35.09 -22.20
C PRO P 320 56.85 34.36 -21.51
N THR P 321 57.67 35.12 -20.80
CA THR P 321 58.80 34.52 -20.12
C THR P 321 58.84 34.98 -18.67
N PRO P 322 59.44 34.17 -17.82
CA PRO P 322 59.63 34.59 -16.42
C PRO P 322 60.34 35.93 -16.32
N ARG P 323 61.05 36.33 -17.37
CA ARG P 323 61.83 37.57 -17.35
C ARG P 323 61.31 38.61 -18.34
N GLY P 324 59.98 38.66 -18.54
CA GLY P 324 59.38 39.62 -19.45
C GLY P 324 58.72 38.95 -20.63
N THR P 325 58.54 39.69 -21.73
CA THR P 325 58.06 39.12 -22.98
C THR P 325 59.20 39.12 -23.99
N VAL P 326 59.25 38.07 -24.82
CA VAL P 326 60.29 37.95 -25.83
C VAL P 326 59.65 37.67 -27.18
N MET P 327 60.41 37.92 -28.23
CA MET P 327 60.04 37.54 -29.58
C MET P 327 60.86 36.33 -30.01
N ASP P 328 60.18 35.29 -30.47
CA ASP P 328 60.82 34.09 -30.99
C ASP P 328 60.85 34.18 -32.51
N ILE P 329 62.02 33.95 -33.09
CA ILE P 329 62.15 33.86 -34.53
C ILE P 329 62.15 32.39 -34.88
N ILE P 330 61.05 31.94 -35.47
CA ILE P 330 60.83 30.53 -35.73
C ILE P 330 60.47 30.37 -37.19
N SER P 331 60.40 29.12 -37.65
CA SER P 331 60.24 28.87 -39.08
C SER P 331 59.61 27.51 -39.31
N ARG P 332 58.91 27.38 -40.44
CA ARG P 332 58.18 26.17 -40.75
C ARG P 332 57.91 26.10 -42.25
N ARG P 333 58.02 24.89 -42.81
CA ARG P 333 57.89 24.72 -44.25
C ARG P 333 56.43 24.70 -44.69
N ASP P 334 55.66 23.74 -44.21
CA ASP P 334 54.29 23.54 -44.69
C ASP P 334 53.33 24.46 -43.93
N GLN P 335 52.03 24.16 -44.00
CA GLN P 335 50.94 24.95 -43.42
C GLN P 335 50.66 26.23 -44.21
N ARG P 336 49.42 26.71 -44.16
CA ARG P 336 49.06 28.00 -44.73
C ARG P 336 49.30 29.10 -43.71
N GLY P 337 49.86 30.20 -44.19
CA GLY P 337 50.02 31.35 -43.32
C GLY P 337 48.84 32.28 -43.46
N SER P 338 47.72 31.94 -42.81
CA SER P 338 46.50 32.72 -42.96
C SER P 338 46.79 34.21 -42.79
N GLY P 339 46.41 34.98 -43.79
CA GLY P 339 46.87 36.35 -43.96
C GLY P 339 47.62 36.60 -45.25
N GLN P 340 48.03 35.54 -45.96
CA GLN P 340 48.65 35.71 -47.27
C GLN P 340 47.57 36.10 -48.28
N VAL P 341 48.01 36.72 -49.37
CA VAL P 341 47.06 37.25 -50.35
C VAL P 341 46.17 36.15 -50.93
N VAL P 342 46.63 34.91 -50.90
CA VAL P 342 45.92 33.81 -51.55
C VAL P 342 45.08 33.01 -50.57
N THR P 343 45.02 33.44 -49.30
CA THR P 343 44.46 32.63 -48.23
C THR P 343 43.07 32.12 -48.60
N TYR P 344 42.14 33.02 -48.91
CA TYR P 344 40.81 32.56 -49.28
C TYR P 344 40.84 31.72 -50.55
N GLY P 345 41.59 32.16 -51.57
CA GLY P 345 41.51 31.50 -52.86
C GLY P 345 42.05 30.08 -52.84
N LEU P 346 43.26 29.92 -52.33
CA LEU P 346 43.92 28.63 -52.40
C LEU P 346 43.31 27.63 -51.41
N ASN P 347 42.72 28.11 -50.31
CA ASN P 347 41.91 27.23 -49.47
C ASN P 347 40.70 26.75 -50.26
N THR P 348 40.06 27.64 -51.01
CA THR P 348 38.92 27.21 -51.81
C THR P 348 39.36 26.27 -52.92
N PHE P 349 40.57 26.49 -53.47
CA PHE P 349 41.11 25.57 -54.46
C PHE P 349 41.42 24.22 -53.84
N THR P 350 42.33 24.20 -52.86
CA THR P 350 42.77 22.94 -52.28
C THR P 350 41.61 22.14 -51.70
N ASN P 351 40.57 22.82 -51.21
CA ASN P 351 39.39 22.13 -50.71
C ASN P 351 38.49 21.64 -51.82
N MET P 352 38.41 22.40 -52.91
CA MET P 352 37.71 21.93 -54.09
C MET P 352 38.29 20.61 -54.55
N GLU P 353 39.62 20.50 -54.52
CA GLU P 353 40.29 19.28 -54.95
C GLU P 353 40.09 18.16 -53.95
N ALA P 354 40.25 18.46 -52.65
CA ALA P 354 40.10 17.44 -51.62
C ALA P 354 38.69 16.89 -51.58
N GLN P 355 37.68 17.76 -51.73
CA GLN P 355 36.31 17.28 -51.74
C GLN P 355 35.96 16.61 -53.06
N LEU P 356 36.68 16.93 -54.14
CA LEU P 356 36.42 16.31 -55.42
C LEU P 356 36.87 14.86 -55.43
N ILE P 357 38.13 14.61 -55.04
CA ILE P 357 38.64 13.25 -54.96
C ILE P 357 37.76 12.40 -54.05
N ARG P 358 37.17 13.01 -53.01
CA ARG P 358 36.34 12.24 -52.09
C ARG P 358 35.00 11.89 -52.70
N GLN P 359 34.47 12.74 -53.58
CA GLN P 359 33.32 12.35 -54.39
C GLN P 359 33.65 11.13 -55.24
N MET P 360 34.88 11.08 -55.77
CA MET P 360 35.32 9.95 -56.58
C MET P 360 35.54 8.72 -55.74
N GLU P 361 36.14 8.88 -54.57
CA GLU P 361 36.41 7.74 -53.71
C GLU P 361 35.14 6.97 -53.39
N GLY P 362 34.06 7.69 -53.05
CA GLY P 362 32.78 7.02 -52.85
C GLY P 362 32.19 6.48 -54.13
N GLU P 363 32.52 7.10 -55.27
CA GLU P 363 32.08 6.63 -56.58
C GLU P 363 32.86 5.43 -57.08
N GLY P 364 33.85 4.96 -56.32
CA GLY P 364 34.60 3.79 -56.70
C GLY P 364 35.57 3.98 -57.83
N VAL P 365 35.83 5.22 -58.24
CA VAL P 365 36.82 5.48 -59.30
C VAL P 365 38.12 4.79 -58.96
N PHE P 366 38.72 5.15 -57.83
CA PHE P 366 39.84 4.41 -57.27
C PHE P 366 39.35 3.55 -56.11
N LYS P 367 40.26 2.74 -55.56
CA LYS P 367 39.94 1.94 -54.39
C LYS P 367 41.12 1.78 -53.43
N SER P 368 42.32 2.24 -53.78
CA SER P 368 43.51 2.04 -52.94
C SER P 368 44.18 3.39 -52.71
N ILE P 369 44.31 3.77 -51.44
CA ILE P 369 45.05 4.99 -51.11
C ILE P 369 46.55 4.82 -51.27
N GLN P 370 47.01 3.60 -51.57
CA GLN P 370 48.44 3.29 -51.66
C GLN P 370 49.00 3.55 -53.05
N HIS P 371 48.34 3.06 -54.09
CA HIS P 371 48.83 3.25 -55.46
C HIS P 371 47.68 3.30 -56.47
N GLU P 376 44.38 3.16 -62.47
CA GLU P 376 43.23 3.96 -62.11
C GLU P 376 43.32 5.37 -62.71
N GLU P 377 44.55 5.76 -63.07
CA GLU P 377 44.81 7.12 -63.54
C GLU P 377 43.86 7.52 -64.67
N ILE P 378 43.67 6.62 -65.64
CA ILE P 378 42.81 6.94 -66.78
C ILE P 378 41.38 7.16 -66.33
N ALA P 379 40.89 6.35 -65.38
CA ALA P 379 39.51 6.46 -64.94
C ALA P 379 39.24 7.81 -64.30
N VAL P 380 40.07 8.20 -63.32
CA VAL P 380 39.89 9.50 -62.66
C VAL P 380 40.00 10.63 -63.67
N LYS P 381 40.95 10.52 -64.61
CA LYS P 381 41.10 11.56 -65.63
C LYS P 381 39.90 11.60 -66.55
N ASN P 382 39.24 10.45 -66.76
CA ASN P 382 38.03 10.43 -67.59
C ASN P 382 36.84 11.04 -66.85
N TRP P 383 36.71 10.72 -65.55
CA TRP P 383 35.65 11.31 -64.73
C TRP P 383 35.85 12.82 -64.60
N LEU P 384 37.10 13.26 -64.38
CA LEU P 384 37.43 14.69 -64.44
C LEU P 384 36.94 15.30 -65.75
N VAL P 385 37.29 14.69 -66.88
CA VAL P 385 37.01 15.29 -68.18
C VAL P 385 35.53 15.19 -68.53
N ARG P 386 34.79 14.27 -67.92
CA ARG P 386 33.36 14.11 -68.19
C ARG P 386 32.61 14.61 -67.01
N VAL P 387 32.15 13.73 -66.10
CA VAL P 387 31.26 14.07 -64.99
C VAL P 387 31.82 15.17 -64.09
N GLY P 388 33.12 15.47 -64.22
CA GLY P 388 33.79 16.31 -63.24
C GLY P 388 33.15 17.66 -63.05
N ARG P 389 32.62 18.25 -64.12
CA ARG P 389 31.98 19.55 -64.00
C ARG P 389 30.68 19.47 -63.20
N GLU P 390 29.95 18.35 -63.33
CA GLU P 390 28.72 18.22 -62.55
C GLU P 390 29.00 17.89 -61.08
N ARG P 391 30.07 17.14 -60.81
CA ARG P 391 30.50 16.94 -59.43
C ARG P 391 30.99 18.24 -58.82
N LEU P 392 31.76 19.03 -59.58
CA LEU P 392 32.12 20.42 -59.28
C LEU P 392 30.93 21.38 -59.36
N SER P 393 29.70 20.86 -59.47
CA SER P 393 28.50 21.67 -59.39
C SER P 393 27.57 21.24 -58.25
N ARG P 394 27.76 20.05 -57.71
CA ARG P 394 27.01 19.61 -56.54
C ARG P 394 27.76 19.92 -55.23
N MET P 395 28.56 20.98 -55.22
CA MET P 395 29.27 21.44 -54.04
C MET P 395 29.14 22.95 -53.92
N ALA P 396 29.28 23.46 -52.69
CA ALA P 396 29.41 24.89 -52.42
C ALA P 396 30.54 25.05 -51.42
N ILE P 397 31.56 25.85 -51.76
CA ILE P 397 32.81 25.85 -51.01
C ILE P 397 33.28 27.28 -50.86
N SER P 398 33.56 27.67 -49.61
CA SER P 398 34.15 28.97 -49.29
C SER P 398 35.30 28.70 -48.33
N GLY P 399 36.51 28.60 -48.85
CA GLY P 399 37.62 28.13 -48.04
C GLY P 399 37.35 26.72 -47.55
N ASP P 400 37.37 26.56 -46.22
CA ASP P 400 37.21 25.26 -45.59
C ASP P 400 35.75 24.81 -45.54
N ASP P 401 34.82 25.75 -45.36
CA ASP P 401 33.41 25.38 -45.34
C ASP P 401 33.01 24.79 -46.67
N CYS P 402 32.28 23.68 -46.63
CA CYS P 402 31.88 23.00 -47.86
C CYS P 402 30.62 22.19 -47.64
N VAL P 403 29.59 22.49 -48.41
CA VAL P 403 28.41 21.66 -48.53
C VAL P 403 28.56 20.84 -49.80
N VAL P 404 28.32 19.53 -49.72
CA VAL P 404 28.44 18.64 -50.87
C VAL P 404 27.21 17.76 -50.93
N LYS P 405 26.58 17.67 -52.10
CA LYS P 405 25.50 16.71 -52.34
C LYS P 405 26.02 15.68 -53.33
N PRO P 406 26.64 14.58 -52.86
CA PRO P 406 27.17 13.57 -53.79
C PRO P 406 26.05 12.73 -54.40
N LEU P 407 26.39 12.07 -55.51
CA LEU P 407 25.40 11.34 -56.29
C LEU P 407 24.80 10.15 -55.55
N ASP P 408 25.43 9.65 -54.48
CA ASP P 408 24.99 8.36 -53.97
C ASP P 408 25.09 8.18 -52.45
N ASP P 409 25.25 9.25 -51.67
CA ASP P 409 25.33 9.14 -50.20
C ASP P 409 26.33 8.05 -49.76
N ARG P 410 27.32 7.78 -50.61
CA ARG P 410 28.46 6.97 -50.21
C ARG P 410 29.63 7.82 -49.76
N PHE P 411 29.51 9.14 -49.92
CA PHE P 411 30.47 10.07 -49.34
C PHE P 411 30.65 9.84 -47.85
N ALA P 412 29.56 9.46 -47.18
CA ALA P 412 29.58 9.29 -45.73
C ALA P 412 30.64 8.29 -45.30
N SER P 413 30.96 7.32 -46.15
CA SER P 413 31.95 6.31 -45.81
C SER P 413 33.28 6.53 -46.53
N ALA P 414 33.40 7.59 -47.31
CA ALA P 414 34.57 7.81 -48.16
C ALA P 414 35.62 8.64 -47.43
N LEU P 415 36.02 8.15 -46.26
CA LEU P 415 36.90 8.89 -45.36
C LEU P 415 38.36 8.52 -45.50
N THR P 416 38.72 7.60 -46.40
CA THR P 416 40.08 7.10 -46.46
C THR P 416 41.05 8.17 -46.95
N ALA P 417 40.74 8.82 -48.07
CA ALA P 417 41.66 9.79 -48.63
C ALA P 417 41.63 11.12 -47.88
N LEU P 418 40.47 11.51 -47.35
CA LEU P 418 40.38 12.74 -46.57
C LEU P 418 41.36 12.70 -45.41
N ASN P 419 41.31 11.63 -44.60
CA ASN P 419 42.21 11.50 -43.45
C ASN P 419 43.67 11.38 -43.90
N ASP P 420 43.89 10.82 -45.09
CA ASP P 420 45.26 10.72 -45.61
C ASP P 420 45.79 12.07 -46.09
N MET P 421 44.91 12.94 -46.60
CA MET P 421 45.34 14.26 -47.07
C MET P 421 45.66 15.23 -45.95
N GLY P 422 45.26 14.93 -44.72
CA GLY P 422 45.45 15.81 -43.59
C GLY P 422 44.20 16.56 -43.18
N LYS P 423 43.15 16.54 -44.00
CA LYS P 423 41.93 17.30 -43.75
C LYS P 423 41.06 16.56 -42.71
N VAL P 424 41.56 16.55 -41.47
CA VAL P 424 40.93 15.79 -40.39
C VAL P 424 39.66 16.50 -39.95
N ARG P 425 38.51 15.86 -40.16
CA ARG P 425 37.23 16.46 -39.79
C ARG P 425 37.16 16.69 -38.28
N LYS P 426 36.33 17.67 -37.91
CA LYS P 426 36.22 18.10 -36.53
C LYS P 426 34.98 17.49 -35.87
N ASP P 427 35.08 17.22 -34.57
CA ASP P 427 33.98 16.73 -33.75
C ASP P 427 33.46 15.39 -34.28
N ILE P 428 34.38 14.49 -34.62
CA ILE P 428 34.05 13.13 -35.05
C ILE P 428 35.33 12.31 -35.07
N GLN P 429 35.24 11.04 -34.70
CA GLN P 429 36.38 10.15 -34.79
C GLN P 429 36.73 9.92 -36.25
N GLN P 430 38.03 9.76 -36.51
CA GLN P 430 38.55 9.87 -37.87
C GLN P 430 37.81 8.98 -38.86
N TRP P 431 37.23 7.86 -38.40
CA TRP P 431 36.54 6.96 -39.30
C TRP P 431 35.06 6.78 -38.93
N GLU P 432 34.56 7.58 -38.00
CA GLU P 432 33.12 7.65 -37.79
C GLU P 432 32.48 8.33 -38.99
N PRO P 433 31.51 7.69 -39.66
CA PRO P 433 30.95 8.25 -40.91
C PRO P 433 30.36 9.64 -40.68
N SER P 434 30.08 10.32 -41.80
CA SER P 434 29.62 11.71 -41.77
C SER P 434 28.12 11.80 -41.57
N ARG P 435 27.69 12.92 -40.98
CA ARG P 435 26.31 13.18 -40.58
C ARG P 435 25.36 13.07 -41.78
N GLY P 436 25.42 14.04 -42.69
CA GLY P 436 24.57 14.00 -43.86
C GLY P 436 23.14 14.44 -43.59
N TRP P 437 22.76 15.58 -44.15
CA TRP P 437 21.45 16.18 -43.93
C TRP P 437 20.56 15.96 -45.15
N ASN P 438 19.30 15.62 -44.89
CA ASN P 438 18.35 15.40 -45.97
C ASN P 438 17.60 16.66 -46.37
N ASP P 439 17.49 17.66 -45.49
CA ASP P 439 16.93 18.94 -45.82
C ASP P 439 18.04 19.97 -45.95
N TRP P 440 17.91 20.88 -46.92
CA TRP P 440 18.92 21.89 -47.12
C TRP P 440 18.81 23.04 -46.12
N THR P 441 17.60 23.27 -45.59
CA THR P 441 17.43 24.31 -44.58
C THR P 441 18.21 24.00 -43.31
N GLN P 442 18.47 22.74 -43.01
CA GLN P 442 19.21 22.39 -41.81
C GLN P 442 20.69 22.19 -42.07
N VAL P 443 21.20 22.63 -43.21
CA VAL P 443 22.59 22.41 -43.59
C VAL P 443 23.41 23.59 -43.10
N PRO P 444 24.40 23.36 -42.22
CA PRO P 444 25.26 24.45 -41.75
C PRO P 444 26.27 24.82 -42.82
N PHE P 445 26.20 26.05 -43.30
CA PHE P 445 27.19 26.57 -44.22
C PHE P 445 27.55 27.98 -43.78
N CYS P 446 28.84 28.21 -43.53
CA CYS P 446 29.35 29.52 -43.15
C CYS P 446 28.72 30.02 -41.85
N SER P 447 28.64 29.14 -40.86
CA SER P 447 28.12 29.41 -39.52
C SER P 447 26.63 29.74 -39.51
N HIS P 448 25.92 29.56 -40.63
CA HIS P 448 24.49 29.80 -40.66
C HIS P 448 23.78 28.60 -41.25
N HIS P 449 22.46 28.63 -41.16
CA HIS P 449 21.63 27.80 -42.01
C HIS P 449 20.58 28.75 -42.59
N PHE P 450 19.59 28.21 -43.29
CA PHE P 450 18.78 29.05 -44.16
C PHE P 450 17.38 28.47 -44.24
N HIS P 451 16.37 29.24 -43.89
CA HIS P 451 15.00 28.77 -43.96
C HIS P 451 14.32 29.32 -45.21
N GLU P 452 13.33 28.58 -45.68
CA GLU P 452 12.42 29.08 -46.70
C GLU P 452 11.30 29.82 -45.98
N LEU P 453 11.16 31.11 -46.25
CA LEU P 453 10.21 31.97 -45.55
C LEU P 453 9.15 32.43 -46.54
N ILE P 454 7.92 31.97 -46.37
CA ILE P 454 6.81 32.32 -47.26
C ILE P 454 6.20 33.63 -46.76
N MET P 455 6.35 34.71 -47.53
CA MET P 455 5.80 36.00 -47.15
C MET P 455 4.28 35.97 -47.15
N LYS P 456 3.68 37.12 -46.80
CA LYS P 456 2.23 37.28 -46.85
C LYS P 456 1.73 37.50 -48.28
N ASP P 457 2.63 37.81 -49.22
CA ASP P 457 2.31 37.96 -50.64
C ASP P 457 2.46 36.68 -51.42
N GLY P 458 2.57 35.54 -50.74
CA GLY P 458 2.83 34.29 -51.40
C GLY P 458 4.27 34.06 -51.83
N ARG P 459 5.05 35.13 -52.01
CA ARG P 459 6.44 35.01 -52.44
C ARG P 459 7.26 34.22 -51.40
N VAL P 460 8.42 33.75 -51.83
CA VAL P 460 9.28 32.94 -50.98
C VAL P 460 10.64 33.60 -50.87
N LEU P 461 11.22 33.55 -49.67
CA LEU P 461 12.54 34.10 -49.39
C LEU P 461 13.39 33.03 -48.74
N VAL P 462 14.66 33.02 -49.06
CA VAL P 462 15.64 32.23 -48.33
C VAL P 462 16.45 33.17 -47.48
N VAL P 463 16.49 32.92 -46.17
CA VAL P 463 16.99 33.91 -45.23
C VAL P 463 17.97 33.26 -44.25
N PRO P 464 19.04 33.94 -43.85
CA PRO P 464 20.03 33.33 -42.97
C PRO P 464 19.60 33.33 -41.51
N CYS P 465 20.11 32.32 -40.79
CA CYS P 465 19.63 32.06 -39.43
C CYS P 465 20.67 31.22 -38.69
N ARG P 466 20.90 31.56 -37.41
CA ARG P 466 21.74 30.76 -36.53
C ARG P 466 21.08 30.66 -35.16
N ASN P 467 21.75 29.98 -34.24
CA ASN P 467 21.26 29.95 -32.86
C ASN P 467 21.25 31.37 -32.29
N GLN P 468 20.10 31.76 -31.74
CA GLN P 468 19.92 33.12 -31.25
C GLN P 468 20.94 33.49 -30.17
N ASP P 469 21.37 32.52 -29.34
CA ASP P 469 22.28 32.84 -28.24
C ASP P 469 23.62 33.38 -28.75
N GLU P 470 24.13 32.83 -29.84
CA GLU P 470 25.36 33.38 -30.42
C GLU P 470 25.18 34.84 -30.83
N LEU P 471 23.97 35.19 -31.29
CA LEU P 471 23.72 36.54 -31.77
C LEU P 471 23.63 37.53 -30.61
N ILE P 472 22.80 37.22 -29.61
CA ILE P 472 22.69 38.12 -28.46
C ILE P 472 24.02 38.20 -27.72
N GLY P 473 24.73 37.08 -27.61
CA GLY P 473 26.00 37.09 -26.91
C GLY P 473 27.01 38.03 -27.54
N ARG P 474 27.03 38.09 -28.87
CA ARG P 474 28.01 38.94 -29.53
C ARG P 474 27.64 40.41 -29.46
N ALA P 475 26.35 40.71 -29.50
CA ALA P 475 25.90 42.10 -29.38
C ALA P 475 26.22 42.70 -28.01
N ARG P 476 26.18 41.88 -26.95
CA ARG P 476 26.36 42.42 -25.61
C ARG P 476 27.79 42.74 -25.25
N ILE P 477 28.78 42.44 -26.09
CA ILE P 477 30.17 42.74 -25.76
C ILE P 477 30.81 43.48 -26.93
N SER P 478 32.03 43.95 -26.68
CA SER P 478 32.74 44.79 -27.60
C SER P 478 34.21 44.80 -27.19
N GLN P 479 35.05 45.33 -28.08
CA GLN P 479 36.46 45.47 -27.73
C GLN P 479 36.63 46.61 -26.74
N GLY P 480 37.72 46.55 -26.00
CA GLY P 480 37.95 47.45 -24.88
C GLY P 480 37.81 46.75 -23.54
N ALA P 481 37.72 47.57 -22.49
CA ALA P 481 37.69 47.06 -21.13
C ALA P 481 36.58 47.74 -20.35
N GLY P 482 36.01 47.01 -19.40
CA GLY P 482 35.06 47.58 -18.48
C GLY P 482 33.64 47.59 -18.99
N TRP P 483 32.93 48.66 -18.64
CA TRP P 483 31.52 48.84 -18.93
C TRP P 483 31.36 50.12 -19.77
N SER P 484 30.29 50.18 -20.55
CA SER P 484 30.05 51.37 -21.33
C SER P 484 28.56 51.43 -21.63
N LEU P 485 28.06 52.66 -21.76
CA LEU P 485 26.65 52.85 -22.06
C LEU P 485 26.54 53.80 -23.24
N ARG P 486 27.01 55.02 -23.05
CA ARG P 486 26.90 56.01 -24.11
C ARG P 486 27.80 55.63 -25.27
N GLU P 487 29.05 55.25 -24.95
CA GLU P 487 30.07 55.05 -25.96
C GLU P 487 29.72 53.94 -26.92
N THR P 488 28.87 52.99 -26.54
CA THR P 488 28.50 51.93 -27.47
C THR P 488 27.01 51.88 -27.70
N ALA P 489 26.32 52.99 -27.47
CA ALA P 489 24.90 53.05 -27.81
C ALA P 489 24.71 52.86 -29.33
N CYS P 490 25.49 53.57 -30.14
CA CYS P 490 25.36 53.40 -31.58
C CYS P 490 25.80 52.01 -32.02
N LEU P 491 26.91 51.50 -31.46
CA LEU P 491 27.29 50.13 -31.71
C LEU P 491 26.12 49.19 -31.47
N GLY P 492 25.35 49.43 -30.40
CA GLY P 492 24.18 48.60 -30.17
C GLY P 492 23.13 48.82 -31.24
N LYS P 493 23.01 50.06 -31.73
CA LYS P 493 22.10 50.33 -32.85
C LYS P 493 22.55 49.60 -34.12
N SER P 494 23.86 49.63 -34.43
CA SER P 494 24.38 48.85 -35.55
C SER P 494 23.91 47.40 -35.48
N TYR P 495 24.13 46.75 -34.34
CA TYR P 495 23.68 45.37 -34.19
C TYR P 495 22.19 45.23 -34.41
N ALA P 496 21.40 46.18 -33.90
CA ALA P 496 19.95 46.11 -34.10
C ALA P 496 19.59 46.22 -35.58
N GLN P 497 20.28 47.09 -36.32
CA GLN P 497 20.08 47.13 -37.76
C GLN P 497 20.36 45.79 -38.39
N MET P 498 21.52 45.18 -38.09
CA MET P 498 21.78 43.89 -38.70
C MET P 498 20.64 42.91 -38.40
N TRP P 499 20.13 42.93 -37.18
CA TRP P 499 19.07 41.98 -36.83
C TRP P 499 17.83 42.28 -37.64
N SER P 500 17.56 43.56 -37.87
CA SER P 500 16.43 43.96 -38.71
C SER P 500 16.61 43.43 -40.13
N LEU P 501 17.79 43.64 -40.72
CA LEU P 501 18.06 43.22 -42.10
C LEU P 501 18.14 41.71 -42.24
N MET P 502 19.02 41.05 -41.47
CA MET P 502 19.31 39.63 -41.70
C MET P 502 18.42 38.68 -40.92
N TYR P 503 17.92 39.07 -39.73
CA TYR P 503 17.23 38.10 -38.88
C TYR P 503 15.89 38.61 -38.37
N PHE P 504 15.28 39.56 -39.08
CA PHE P 504 13.91 40.03 -38.84
C PHE P 504 12.93 38.90 -38.54
N HIS P 505 13.22 37.69 -38.99
CA HIS P 505 12.27 36.59 -38.85
C HIS P 505 12.35 35.91 -37.50
N ARG P 506 13.31 36.29 -36.66
CA ARG P 506 13.40 35.84 -35.28
C ARG P 506 12.56 36.77 -34.42
N ARG P 507 11.51 36.24 -33.78
CA ARG P 507 10.63 37.11 -33.02
C ARG P 507 11.39 37.90 -31.96
N ASP P 508 12.30 37.24 -31.22
CA ASP P 508 12.99 37.93 -30.13
C ASP P 508 13.92 38.99 -30.67
N LEU P 509 14.55 38.74 -31.82
CA LEU P 509 15.54 39.68 -32.30
C LEU P 509 14.88 40.93 -32.86
N ARG P 510 13.68 40.81 -33.42
CA ARG P 510 13.07 42.03 -33.94
C ARG P 510 12.57 42.90 -32.82
N LEU P 511 11.95 42.29 -31.82
CA LEU P 511 11.57 43.00 -30.60
C LEU P 511 12.79 43.66 -29.96
N ALA P 512 13.88 42.91 -29.79
CA ALA P 512 15.07 43.47 -29.18
C ALA P 512 15.64 44.60 -30.03
N ALA P 513 15.60 44.45 -31.36
CA ALA P 513 16.17 45.45 -32.24
C ALA P 513 15.40 46.76 -32.15
N ASN P 514 14.07 46.68 -32.08
CA ASN P 514 13.27 47.88 -31.87
C ASN P 514 13.47 48.49 -30.49
N ALA P 515 13.64 47.68 -29.45
CA ALA P 515 13.96 48.25 -28.14
C ALA P 515 15.30 48.98 -28.15
N ILE P 516 16.34 48.36 -28.70
CA ILE P 516 17.64 49.01 -28.73
C ILE P 516 17.57 50.33 -29.50
N CYS P 517 16.87 50.33 -30.64
CA CYS P 517 16.76 51.55 -31.41
C CYS P 517 15.95 52.61 -30.68
N SER P 518 14.94 52.17 -29.90
CA SER P 518 14.14 53.07 -29.07
C SER P 518 14.91 53.64 -27.89
N ALA P 519 16.01 53.03 -27.47
CA ALA P 519 16.77 53.50 -26.33
C ALA P 519 18.01 54.29 -26.70
N VAL P 520 18.46 54.23 -27.94
CA VAL P 520 19.64 54.99 -28.32
C VAL P 520 19.18 56.33 -28.87
N PRO P 521 19.89 57.41 -28.58
CA PRO P 521 19.53 58.73 -29.14
C PRO P 521 19.45 58.66 -30.65
N SER P 522 18.34 59.18 -31.21
CA SER P 522 18.06 58.95 -32.62
C SER P 522 18.78 59.92 -33.54
N HIS P 523 19.39 60.98 -33.03
CA HIS P 523 20.18 61.90 -33.85
C HIS P 523 21.67 61.63 -33.72
N TRP P 524 22.05 60.48 -33.18
CA TRP P 524 23.46 60.10 -33.01
C TRP P 524 23.89 59.26 -34.21
N VAL P 525 25.05 59.59 -34.77
CA VAL P 525 25.56 58.90 -35.95
C VAL P 525 26.98 58.45 -35.64
N PRO P 526 27.27 57.15 -35.70
CA PRO P 526 28.59 56.64 -35.29
C PRO P 526 29.70 57.03 -36.25
N THR P 527 30.79 57.55 -35.68
CA THR P 527 32.02 57.86 -36.40
C THR P 527 33.08 56.78 -36.23
N SER P 528 33.07 56.08 -35.11
CA SER P 528 33.85 54.86 -34.90
C SER P 528 33.00 53.96 -34.03
N ARG P 529 33.62 52.99 -33.34
CA ARG P 529 32.77 52.20 -32.45
C ARG P 529 32.59 52.88 -31.10
N THR P 530 33.44 53.85 -30.76
CA THR P 530 33.29 54.60 -29.52
C THR P 530 32.96 56.07 -29.72
N THR P 531 33.05 56.61 -30.93
CA THR P 531 32.78 58.01 -31.18
C THR P 531 31.51 58.18 -32.00
N TRP P 532 30.94 59.39 -31.94
CA TRP P 532 29.70 59.67 -32.66
C TRP P 532 29.57 61.17 -32.82
N SER P 533 28.70 61.57 -33.75
CA SER P 533 28.38 62.97 -34.01
C SER P 533 26.88 63.20 -33.86
N ILE P 534 26.52 64.34 -33.29
CA ILE P 534 25.13 64.74 -33.21
C ILE P 534 24.72 65.36 -34.54
N HIS P 535 23.64 64.84 -35.12
CA HIS P 535 23.03 65.37 -36.35
C HIS P 535 21.77 66.12 -35.92
N ALA P 536 21.89 67.44 -35.68
CA ALA P 536 20.78 68.19 -35.08
C ALA P 536 19.50 68.07 -35.89
N THR P 537 19.62 67.92 -37.20
CA THR P 537 18.49 68.13 -38.09
C THR P 537 17.77 66.83 -38.45
N HIS P 538 18.52 65.78 -38.75
CA HIS P 538 17.93 64.55 -39.27
C HIS P 538 18.14 63.40 -38.30
N GLU P 539 17.21 62.45 -38.34
CA GLU P 539 17.30 61.25 -37.53
C GLU P 539 18.04 60.15 -38.28
N TRP P 540 18.84 59.38 -37.55
CA TRP P 540 19.67 58.34 -38.14
C TRP P 540 18.92 57.00 -38.15
N MET P 541 18.68 56.47 -39.35
CA MET P 541 18.12 55.14 -39.57
C MET P 541 16.81 54.95 -38.81
N THR P 542 15.79 55.66 -39.29
CA THR P 542 14.45 55.46 -38.79
C THR P 542 13.93 54.08 -39.21
N THR P 543 12.72 53.74 -38.77
CA THR P 543 12.12 52.49 -39.24
C THR P 543 11.87 52.53 -40.73
N GLU P 544 11.53 53.71 -41.27
CA GLU P 544 11.45 53.87 -42.71
C GLU P 544 12.79 53.57 -43.35
N ASP P 545 13.84 54.27 -42.89
CA ASP P 545 15.18 53.99 -43.38
C ASP P 545 15.52 52.51 -43.33
N MET P 546 15.13 51.82 -42.26
CA MET P 546 15.39 50.39 -42.16
C MET P 546 14.49 49.59 -43.10
N LEU P 547 13.26 50.06 -43.33
CA LEU P 547 12.38 49.34 -44.23
C LEU P 547 12.87 49.43 -45.68
N THR P 548 13.34 50.61 -46.08
CA THR P 548 13.84 50.75 -47.45
C THR P 548 15.06 49.86 -47.68
N VAL P 549 15.97 49.81 -46.70
CA VAL P 549 17.13 48.94 -46.80
C VAL P 549 16.70 47.49 -46.93
N TRP P 550 15.69 47.08 -46.15
CA TRP P 550 15.21 45.72 -46.24
C TRP P 550 14.64 45.43 -47.62
N ASN P 551 13.86 46.37 -48.18
CA ASN P 551 13.36 46.19 -49.53
C ASN P 551 14.51 46.16 -50.54
N ARG P 552 15.52 47.01 -50.33
CA ARG P 552 16.64 47.08 -51.25
C ARG P 552 17.41 45.78 -51.31
N VAL P 553 17.44 45.01 -50.22
CA VAL P 553 18.28 43.83 -50.14
C VAL P 553 17.52 42.55 -50.49
N TRP P 554 16.30 42.42 -49.98
CA TRP P 554 15.51 41.21 -50.18
C TRP P 554 14.56 41.29 -51.36
N ILE P 555 14.40 42.47 -51.96
CA ILE P 555 13.44 42.63 -53.06
C ILE P 555 14.13 43.31 -54.23
N GLN P 556 14.36 44.61 -54.11
CA GLN P 556 14.83 45.40 -55.25
C GLN P 556 16.10 44.83 -55.86
N GLU P 557 17.01 44.29 -55.05
CA GLU P 557 18.30 43.82 -55.55
C GLU P 557 18.51 42.34 -55.28
N ASN P 558 17.43 41.58 -55.16
CA ASN P 558 17.54 40.17 -54.84
C ASN P 558 17.34 39.35 -56.11
N PRO P 559 18.40 38.85 -56.74
CA PRO P 559 18.24 38.06 -57.97
C PRO P 559 17.16 36.99 -57.89
N TRP P 560 16.99 36.34 -56.74
CA TRP P 560 16.01 35.26 -56.66
C TRP P 560 14.60 35.77 -56.38
N MET P 561 14.36 37.07 -56.61
CA MET P 561 13.06 37.69 -56.40
C MET P 561 12.65 38.36 -57.70
N GLU P 562 11.76 37.70 -58.44
CA GLU P 562 11.29 38.26 -59.70
C GLU P 562 10.25 39.35 -59.49
N ASP P 563 9.51 39.29 -58.37
CA ASP P 563 8.34 40.14 -58.22
C ASP P 563 8.71 41.62 -58.07
N LYS P 564 9.79 41.92 -57.34
CA LYS P 564 10.33 43.27 -57.18
C LYS P 564 9.33 44.27 -56.58
N THR P 565 8.22 43.82 -56.03
CA THR P 565 7.22 44.71 -55.43
C THR P 565 7.60 45.03 -53.99
N PRO P 566 7.75 46.30 -53.62
CA PRO P 566 8.17 46.63 -52.24
C PRO P 566 7.10 46.26 -51.22
N VAL P 567 7.55 45.98 -50.01
CA VAL P 567 6.64 45.79 -48.88
C VAL P 567 6.44 47.12 -48.19
N GLU P 568 5.22 47.37 -47.74
CA GLU P 568 4.84 48.71 -47.30
C GLU P 568 5.04 48.93 -45.81
N SER P 569 4.89 47.91 -44.99
CA SER P 569 5.02 48.05 -43.55
C SER P 569 5.83 46.90 -42.96
N TRP P 570 6.47 47.16 -41.82
CA TRP P 570 7.18 46.10 -41.12
C TRP P 570 6.24 44.98 -40.71
N GLU P 571 4.98 45.31 -40.38
CA GLU P 571 4.03 44.29 -39.95
C GLU P 571 3.75 43.25 -41.03
N GLU P 572 4.03 43.56 -42.29
CA GLU P 572 3.84 42.59 -43.36
C GLU P 572 5.02 41.64 -43.51
N ILE P 573 6.20 42.03 -43.04
CA ILE P 573 7.40 41.19 -43.00
C ILE P 573 7.12 40.04 -42.05
N PRO P 574 7.24 38.80 -42.49
CA PRO P 574 6.85 37.66 -41.65
C PRO P 574 7.95 37.20 -40.68
N TYR P 575 7.55 36.31 -39.78
CA TYR P 575 8.44 35.62 -38.85
C TYR P 575 8.55 34.17 -39.26
N LEU P 576 9.55 33.47 -38.73
CA LEU P 576 9.57 32.02 -38.86
C LEU P 576 8.37 31.43 -38.15
N GLY P 577 8.22 30.10 -38.20
CA GLY P 577 7.22 29.45 -37.37
C GLY P 577 7.60 29.57 -35.90
N LYS P 578 6.60 29.53 -35.03
CA LYS P 578 6.92 29.51 -33.60
C LYS P 578 7.84 28.33 -33.30
N ARG P 579 7.46 27.12 -33.72
CA ARG P 579 8.29 25.95 -33.46
C ARG P 579 9.66 26.07 -34.14
N GLU P 580 9.72 26.70 -35.31
CA GLU P 580 11.02 26.97 -35.95
C GLU P 580 11.85 27.92 -35.10
N ASP P 581 11.29 29.09 -34.77
CA ASP P 581 11.98 30.09 -33.94
C ASP P 581 12.51 29.46 -32.66
N GLN P 582 11.69 28.66 -31.98
CA GLN P 582 12.11 28.04 -30.74
C GLN P 582 13.15 26.96 -30.98
N TRP P 583 13.12 26.29 -32.13
CA TRP P 583 14.17 25.32 -32.38
C TRP P 583 15.52 26.00 -32.54
N CYS P 584 15.54 27.20 -33.10
CA CYS P 584 16.78 27.90 -33.34
C CYS P 584 17.13 28.86 -32.19
N GLY P 585 16.43 28.77 -31.06
CA GLY P 585 16.89 29.38 -29.82
C GLY P 585 15.98 30.43 -29.24
N SER P 586 14.81 30.67 -29.81
CA SER P 586 13.94 31.75 -29.34
C SER P 586 13.39 31.44 -27.94
N LEU P 587 13.10 32.50 -27.20
CA LEU P 587 12.63 32.39 -25.83
C LEU P 587 11.11 32.50 -25.69
N ILE P 588 10.38 32.64 -26.80
CA ILE P 588 8.93 32.73 -26.70
C ILE P 588 8.38 31.51 -26.00
N GLY P 589 7.43 31.73 -25.11
CA GLY P 589 6.91 30.66 -24.27
C GLY P 589 7.44 30.81 -22.87
N LEU P 590 8.69 31.23 -22.75
CA LEU P 590 9.27 31.47 -21.44
C LEU P 590 8.64 32.69 -20.81
N THR P 591 8.22 32.54 -19.54
CA THR P 591 7.58 33.66 -18.84
C THR P 591 8.54 34.83 -18.68
N SER P 592 9.85 34.56 -18.58
CA SER P 592 10.82 35.66 -18.55
C SER P 592 10.76 36.48 -19.83
N ARG P 593 10.51 35.81 -20.97
CA ARG P 593 10.32 36.51 -22.23
C ARG P 593 9.00 37.28 -22.23
N ALA P 594 7.95 36.68 -21.69
CA ALA P 594 6.66 37.37 -21.63
C ALA P 594 6.77 38.66 -20.81
N THR P 595 7.45 38.60 -19.66
CA THR P 595 7.62 39.79 -18.83
C THR P 595 8.47 40.83 -19.52
N TRP P 596 9.58 40.38 -20.11
CA TRP P 596 10.48 41.27 -20.84
C TRP P 596 9.72 42.04 -21.92
N ALA P 597 8.90 41.34 -22.69
CA ALA P 597 8.14 42.00 -23.75
C ALA P 597 7.11 42.96 -23.17
N LYS P 598 6.25 42.47 -22.27
CA LYS P 598 5.22 43.30 -21.66
C LYS P 598 5.79 44.58 -21.08
N ASN P 599 6.96 44.49 -20.45
CA ASN P 599 7.52 45.64 -19.75
C ASN P 599 8.66 46.30 -20.52
N ILE P 600 8.72 46.12 -21.84
CA ILE P 600 9.89 46.58 -22.58
C ILE P 600 10.01 48.09 -22.51
N GLN P 601 8.89 48.80 -22.40
CA GLN P 601 8.96 50.26 -22.36
C GLN P 601 9.60 50.75 -21.06
N THR P 602 9.45 50.00 -19.96
CA THR P 602 10.10 50.37 -18.71
C THR P 602 11.61 50.28 -18.82
N ALA P 603 12.11 49.22 -19.45
CA ALA P 603 13.55 49.09 -19.62
C ALA P 603 14.08 50.15 -20.59
N ILE P 604 13.31 50.48 -21.63
CA ILE P 604 13.77 51.47 -22.59
C ILE P 604 13.94 52.82 -21.90
N ASN P 605 12.93 53.23 -21.13
CA ASN P 605 13.01 54.50 -20.41
C ASN P 605 14.16 54.51 -19.41
N GLN P 606 14.46 53.36 -18.81
CA GLN P 606 15.60 53.29 -17.90
C GLN P 606 16.91 53.60 -18.62
N VAL P 607 17.14 52.94 -19.78
CA VAL P 607 18.35 53.23 -20.56
C VAL P 607 18.36 54.68 -21.01
N ARG P 608 17.22 55.17 -21.49
CA ARG P 608 17.12 56.60 -21.83
C ARG P 608 17.55 57.48 -20.66
N SER P 609 17.02 57.18 -19.46
CA SER P 609 17.36 57.97 -18.29
C SER P 609 18.85 57.94 -18.00
N LEU P 610 19.46 56.76 -18.07
CA LEU P 610 20.88 56.65 -17.76
C LEU P 610 21.73 57.35 -18.78
N ILE P 611 21.34 57.25 -20.06
CA ILE P 611 22.11 57.90 -21.13
C ILE P 611 22.10 59.42 -20.94
N GLY P 612 20.93 60.00 -20.75
CA GLY P 612 20.79 61.43 -20.56
C GLY P 612 19.51 61.92 -21.22
N ASN P 613 19.43 63.24 -21.43
CA ASN P 613 18.30 63.80 -22.18
C ASN P 613 18.78 64.17 -23.58
N GLU P 614 18.37 63.36 -24.56
CA GLU P 614 18.49 63.68 -25.98
C GLU P 614 17.17 63.36 -26.65
N GLU P 615 17.10 63.63 -27.94
CA GLU P 615 15.93 63.23 -28.69
C GLU P 615 15.96 61.72 -28.86
N TYR P 616 14.92 61.06 -28.38
CA TYR P 616 14.71 59.64 -28.61
C TYR P 616 13.52 59.49 -29.55
N THR P 617 13.42 58.32 -30.14
CA THR P 617 12.29 57.97 -31.00
C THR P 617 11.82 56.59 -30.60
N ASP P 618 10.51 56.37 -30.67
CA ASP P 618 9.96 55.06 -30.33
C ASP P 618 9.86 54.23 -31.60
N TYR P 619 10.85 53.35 -31.83
CA TYR P 619 10.80 52.40 -32.95
C TYR P 619 9.82 51.26 -32.70
N MET P 620 9.09 51.29 -31.59
CA MET P 620 8.32 50.14 -31.12
C MET P 620 6.97 49.95 -31.81
N PRO P 621 6.24 51.01 -32.18
CA PRO P 621 4.94 50.79 -32.87
C PRO P 621 5.07 50.06 -34.20
N SER P 622 6.28 49.80 -34.67
CA SER P 622 6.48 49.05 -35.90
C SER P 622 5.89 47.67 -35.80
N MET P 623 5.78 47.13 -34.60
CA MET P 623 5.28 45.79 -34.38
C MET P 623 3.78 45.82 -34.08
N LYS P 624 3.11 44.69 -34.36
CA LYS P 624 1.67 44.61 -34.12
C LYS P 624 1.34 44.93 -32.67
N ARG P 625 2.01 44.26 -31.71
CA ARG P 625 1.71 44.45 -30.30
C ARG P 625 1.67 45.91 -29.91
N PHE P 626 2.61 46.71 -30.41
CA PHE P 626 2.71 48.10 -30.04
C PHE P 626 2.14 48.99 -31.15
#